data_5T0O
#
_entry.id   5T0O
#
_cell.length_a   300.71
_cell.length_b   147.538
_cell.length_c   120.027
_cell.angle_alpha   90
_cell.angle_beta   99.87
_cell.angle_gamma   90
#
_symmetry.space_group_name_H-M   'C 1 2 1'
#
loop_
_entity.id
_entity.type
_entity.pdbx_description
1 polymer CmeB
2 water water
#
_entity_poly.entity_id   1
_entity_poly.type   'polypeptide(L)'
_entity_poly.pdbx_seq_one_letter_code
;MFSKFFIERPVFASVVAIIISLAGAIGLTNLPIEQYPSLTPPTVKVSATYTGADAQTIASTVASPIEDAINGADNMIYMD
STSSSSGTMSLTVYFDIGTDPDQATIDVNNRISAATAKMPDAVKKLGVTVRKTSSTTLAAISMYSSDGSMSAVDVYNYIT
LNVLDELKRVPGVGDANAIGNRNYSLRIWLKPDLLNKFGITATDVISAVNDQNAQYATGKIGEEPVTQKSPYVYSITMQG
RLQNPSEFENIILRTNNDGSFLRLKDVADVEIGSQQYSSQGRLNGNDAVPIMINLQSGANALHTAELVQAKMQELSKNFP
KGLTYKIPYDTTKFVIESIKEVVKTFVEALILVIIVMYMFLKNFRATLIPMIAVPVSLLGTFAGLYVLGFSINLLTLFAL
ILAIGIVVDDAIIVVENIDRILHENEQISVKDAAIQAMQEVSSPVISIVLVLCAVFVPVSFISGFVGEIQRQFALTLAIS
VTISGFVALTLTPSLCALFLRRNEGEPFKFVKKFNDFFDWSTSVFSAGVAYILKRTIRFVLIFCIMLGAIFYLYKAVPNS
LVPEEDQGLMISIINLPSASALHRTISEVDHISQEVLKTNGVKDAMAMIGFDLFTSSLKENAAAMFIGLQDWKDRNVSAD
QIIAELNKKFAFDRNASSVFIGLPPIPGLSITGGFEMYVQNKSGKSYDEIQKDVNKLVAAANQRKELSRVRTTLDTTFPQ
YKLIIDRDKLKHYNLNMQDVFNTMNATIGTYYVNDFSMLGKNFQVNIRAKGDFRNTQDALKNIFVRSNDGKMIPLDSFLT
LQRSSGPDDVKRFNLFPAAQVQGQPAPGYTSGQAIEAIAQVAKETLGDDYSIAWSGSAYQEVSSKGTASYAFALGMIFVF
LILAAQYERWLIPLAVVTAVPFAVFGSFLLVYLRGFSNDIYFQTGLLLLIGLSAKNAILIVEFAMEERFKKGKGVFEAAV
AAAKLRFRPIIMTSLAFTFGVLPMIFATGAGSASRHSLGTGLIGGMIAASTLAIFFVPLFFYLLENFNEWLDKKRGKVHE
;
_entity_poly.pdbx_strand_id   A,B,C
#
# COMPACT_ATOMS: atom_id res chain seq x y z
N MET A 1 3.29 44.65 20.74
CA MET A 1 4.32 45.43 20.08
C MET A 1 4.73 44.72 18.79
N PHE A 2 4.28 43.47 18.69
CA PHE A 2 4.35 42.68 17.46
C PHE A 2 4.05 43.54 16.24
N SER A 3 2.83 44.09 16.18
CA SER A 3 2.37 44.81 15.01
C SER A 3 3.30 45.98 14.66
N LYS A 4 3.84 46.65 15.68
CA LYS A 4 4.67 47.83 15.42
C LYS A 4 5.89 47.50 14.59
N PHE A 5 6.43 46.28 14.74
CA PHE A 5 7.58 45.88 13.93
C PHE A 5 7.27 45.97 12.44
N PHE A 6 6.06 45.56 12.04
CA PHE A 6 5.69 45.58 10.63
C PHE A 6 5.22 46.96 10.18
N ILE A 7 4.54 47.70 11.06
CA ILE A 7 4.19 49.08 10.73
C ILE A 7 5.42 49.84 10.25
N GLU A 8 6.54 49.66 10.95
CA GLU A 8 7.79 50.30 10.54
C GLU A 8 8.37 49.67 9.27
N ARG A 9 8.04 48.41 8.99
CA ARG A 9 8.67 47.65 7.91
C ARG A 9 7.63 47.21 6.89
N PRO A 10 7.23 48.10 5.98
CA PRO A 10 6.22 47.69 4.98
C PRO A 10 6.75 46.72 3.96
N VAL A 11 7.98 46.93 3.48
CA VAL A 11 8.51 46.08 2.43
C VAL A 11 8.64 44.64 2.91
N PHE A 12 8.80 44.45 4.23
CA PHE A 12 8.86 43.11 4.80
C PHE A 12 7.48 42.50 4.93
N ALA A 13 6.49 43.28 5.39
CA ALA A 13 5.13 42.75 5.48
C ALA A 13 4.60 42.36 4.10
N SER A 14 4.93 43.16 3.08
CA SER A 14 4.43 42.89 1.74
C SER A 14 5.01 41.61 1.17
N VAL A 15 6.32 41.39 1.36
CA VAL A 15 6.97 40.21 0.81
C VAL A 15 6.32 38.94 1.35
N VAL A 16 6.13 38.87 2.67
CA VAL A 16 5.43 37.74 3.27
C VAL A 16 4.09 37.52 2.59
N ALA A 17 3.27 38.58 2.52
CA ALA A 17 1.98 38.50 1.85
C ALA A 17 2.13 38.06 0.40
N ILE A 18 3.17 38.56 -0.29
CA ILE A 18 3.43 38.12 -1.66
C ILE A 18 3.79 36.65 -1.68
N ILE A 19 4.77 36.25 -0.86
CA ILE A 19 5.20 34.85 -0.83
C ILE A 19 4.04 33.94 -0.45
N ILE A 20 3.25 34.34 0.55
CA ILE A 20 2.06 33.57 0.91
C ILE A 20 1.15 33.41 -0.30
N SER A 21 0.91 34.51 -1.02
CA SER A 21 0.03 34.46 -2.19
C SER A 21 0.66 33.66 -3.31
N LEU A 22 1.89 34.01 -3.69
CA LEU A 22 2.61 33.27 -4.73
C LEU A 22 2.65 31.78 -4.44
N ALA A 23 2.89 31.42 -3.18
CA ALA A 23 2.92 29.99 -2.82
C ALA A 23 1.57 29.34 -3.04
N GLY A 24 0.49 29.98 -2.55
CA GLY A 24 -0.83 29.40 -2.73
C GLY A 24 -1.27 29.36 -4.18
N ALA A 25 -0.79 30.30 -5.00
CA ALA A 25 -1.10 30.27 -6.42
C ALA A 25 -0.49 29.02 -7.07
N ILE A 26 0.80 28.80 -6.86
CA ILE A 26 1.45 27.59 -7.37
C ILE A 26 0.71 26.35 -6.87
N GLY A 27 0.30 26.35 -5.60
CA GLY A 27 -0.44 25.22 -5.08
C GLY A 27 -1.80 25.06 -5.74
N LEU A 28 -2.48 26.17 -6.00
CA LEU A 28 -3.77 26.11 -6.71
C LEU A 28 -3.63 25.36 -8.03
N THR A 29 -2.49 25.52 -8.70
CA THR A 29 -2.27 24.83 -9.97
C THR A 29 -2.24 23.32 -9.79
N ASN A 30 -1.50 22.85 -8.80
CA ASN A 30 -1.23 21.43 -8.66
C ASN A 30 -2.19 20.72 -7.72
N LEU A 31 -3.33 21.33 -7.39
CA LEU A 31 -4.36 20.63 -6.63
C LEU A 31 -5.22 19.80 -7.57
N PRO A 32 -5.67 18.62 -7.13
CA PRO A 32 -6.51 17.77 -7.98
C PRO A 32 -7.95 18.26 -7.94
N ILE A 33 -8.48 18.62 -9.10
CA ILE A 33 -9.84 19.15 -9.17
C ILE A 33 -10.82 17.98 -9.21
N GLU A 34 -11.79 17.99 -8.30
CA GLU A 34 -12.83 16.99 -8.23
C GLU A 34 -14.19 17.65 -8.19
N GLN A 35 -15.26 16.86 -8.02
CA GLN A 35 -16.59 17.42 -7.75
C GLN A 35 -16.87 17.44 -6.25
N TYR A 36 -16.90 16.27 -5.63
CA TYR A 36 -16.99 16.15 -4.19
C TYR A 36 -15.71 15.47 -3.72
N PRO A 37 -15.43 15.42 -2.42
CA PRO A 37 -14.34 14.54 -1.95
C PRO A 37 -14.71 13.08 -2.12
N SER A 38 -13.99 12.17 -1.45
CA SER A 38 -14.33 10.76 -1.48
C SER A 38 -15.49 10.54 -0.52
N LEU A 39 -16.71 10.65 -1.05
CA LEU A 39 -17.92 10.61 -0.23
C LEU A 39 -18.72 9.33 -0.42
N THR A 40 -18.28 8.43 -1.30
CA THR A 40 -19.00 7.20 -1.53
C THR A 40 -18.22 6.01 -1.02
N PRO A 41 -18.90 5.00 -0.48
CA PRO A 41 -18.21 3.77 -0.07
C PRO A 41 -17.59 3.07 -1.27
N PRO A 42 -16.34 2.64 -1.15
CA PRO A 42 -15.72 1.87 -2.24
C PRO A 42 -16.21 0.43 -2.28
N THR A 43 -16.33 -0.10 -3.48
CA THR A 43 -16.97 -1.37 -3.71
C THR A 43 -16.03 -2.37 -4.39
N VAL A 44 -16.26 -3.64 -4.08
CA VAL A 44 -15.53 -4.77 -4.69
C VAL A 44 -16.58 -5.80 -5.08
N LYS A 45 -16.59 -6.18 -6.36
CA LYS A 45 -17.63 -7.03 -6.92
C LYS A 45 -17.05 -8.38 -7.32
N VAL A 46 -17.37 -9.41 -6.54
CA VAL A 46 -16.99 -10.80 -6.83
C VAL A 46 -18.07 -11.40 -7.72
N SER A 47 -17.66 -12.11 -8.76
CA SER A 47 -18.59 -12.68 -9.72
C SER A 47 -18.32 -14.17 -9.89
N ALA A 48 -19.39 -14.91 -10.14
CA ALA A 48 -19.32 -16.37 -10.28
C ALA A 48 -20.44 -16.82 -11.21
N THR A 49 -20.31 -18.05 -11.70
CA THR A 49 -21.30 -18.61 -12.61
C THR A 49 -21.43 -20.10 -12.38
N TYR A 50 -22.68 -20.57 -12.26
CA TYR A 50 -23.06 -21.98 -12.25
C TYR A 50 -24.17 -22.11 -13.28
N THR A 51 -23.80 -22.11 -14.55
CA THR A 51 -24.77 -22.21 -15.64
C THR A 51 -25.69 -23.41 -15.45
N GLY A 52 -26.99 -23.15 -15.40
CA GLY A 52 -28.00 -24.16 -15.27
C GLY A 52 -28.71 -24.17 -13.94
N ALA A 53 -28.05 -23.70 -12.89
CA ALA A 53 -28.63 -23.76 -11.56
C ALA A 53 -29.59 -22.60 -11.32
N ASP A 54 -30.64 -22.87 -10.55
CA ASP A 54 -31.61 -21.84 -10.21
C ASP A 54 -31.02 -20.86 -9.19
N ALA A 55 -31.69 -19.71 -9.07
CA ALA A 55 -31.25 -18.69 -8.13
C ALA A 55 -31.13 -19.23 -6.71
N GLN A 56 -32.10 -20.05 -6.30
CA GLN A 56 -32.15 -20.52 -4.92
C GLN A 56 -30.93 -21.36 -4.56
N THR A 57 -30.48 -22.21 -5.47
CA THR A 57 -29.32 -23.05 -5.18
C THR A 57 -28.02 -22.27 -5.27
N ILE A 58 -27.86 -21.44 -6.31
CA ILE A 58 -26.68 -20.60 -6.43
C ILE A 58 -26.51 -19.71 -5.20
N ALA A 59 -27.63 -19.17 -4.71
CA ALA A 59 -27.56 -18.33 -3.51
C ALA A 59 -27.06 -19.10 -2.30
N SER A 60 -27.37 -20.38 -2.21
CA SER A 60 -27.06 -21.14 -1.00
C SER A 60 -25.72 -21.85 -1.05
N THR A 61 -25.24 -22.24 -2.24
CA THR A 61 -23.98 -22.97 -2.33
C THR A 61 -22.88 -22.25 -3.09
N VAL A 62 -23.16 -21.11 -3.73
CA VAL A 62 -22.15 -20.27 -4.33
C VAL A 62 -22.03 -18.93 -3.60
N ALA A 63 -23.16 -18.26 -3.37
CA ALA A 63 -23.13 -16.92 -2.81
C ALA A 63 -22.64 -16.93 -1.37
N SER A 64 -23.18 -17.81 -0.53
CA SER A 64 -22.90 -17.77 0.90
C SER A 64 -21.48 -18.24 1.23
N PRO A 65 -20.93 -19.27 0.58
CA PRO A 65 -19.50 -19.57 0.78
C PRO A 65 -18.62 -18.34 0.63
N ILE A 66 -18.83 -17.58 -0.45
CA ILE A 66 -18.04 -16.38 -0.70
C ILE A 66 -18.29 -15.34 0.39
N GLU A 67 -19.55 -15.19 0.81
CA GLU A 67 -19.88 -14.19 1.82
C GLU A 67 -19.23 -14.52 3.16
N ASP A 68 -19.45 -15.74 3.65
CA ASP A 68 -18.86 -16.14 4.93
C ASP A 68 -17.35 -15.98 4.92
N ALA A 69 -16.72 -16.18 3.75
CA ALA A 69 -15.31 -15.87 3.63
C ALA A 69 -15.05 -14.37 3.72
N ILE A 70 -15.64 -13.60 2.79
CA ILE A 70 -15.40 -12.16 2.74
C ILE A 70 -15.82 -11.47 4.03
N ASN A 71 -16.85 -11.98 4.68
CA ASN A 71 -17.29 -11.40 5.95
C ASN A 71 -16.14 -11.41 6.94
N GLY A 72 -15.94 -10.28 7.62
CA GLY A 72 -14.75 -10.04 8.40
C GLY A 72 -13.69 -9.22 7.69
N ALA A 73 -14.02 -8.63 6.55
CA ALA A 73 -13.07 -7.81 5.82
C ALA A 73 -12.70 -6.56 6.63
N ASP A 74 -11.60 -5.93 6.22
CA ASP A 74 -11.15 -4.70 6.86
C ASP A 74 -12.00 -3.54 6.34
N ASN A 75 -12.80 -2.94 7.23
CA ASN A 75 -13.55 -1.70 6.98
C ASN A 75 -14.78 -1.90 6.09
N MET A 76 -15.35 -3.09 6.04
CA MET A 76 -16.53 -3.30 5.20
C MET A 76 -17.79 -2.96 5.98
N ILE A 77 -18.72 -2.29 5.31
CA ILE A 77 -19.95 -1.86 5.98
C ILE A 77 -21.09 -2.84 5.71
N TYR A 78 -21.23 -3.35 4.49
CA TYR A 78 -22.25 -4.34 4.19
C TYR A 78 -21.91 -4.99 2.85
N MET A 79 -22.77 -5.91 2.41
CA MET A 79 -22.61 -6.49 1.08
C MET A 79 -23.94 -7.07 0.62
N ASP A 80 -24.34 -6.70 -0.60
CA ASP A 80 -25.49 -7.27 -1.26
C ASP A 80 -25.07 -8.43 -2.16
N SER A 81 -25.97 -9.40 -2.33
CA SER A 81 -25.71 -10.57 -3.15
C SER A 81 -26.97 -10.88 -3.94
N THR A 82 -26.83 -10.99 -5.26
CA THR A 82 -27.96 -11.33 -6.13
C THR A 82 -27.59 -12.56 -6.96
N SER A 83 -28.27 -13.68 -6.68
CA SER A 83 -28.09 -14.93 -7.41
C SER A 83 -29.24 -15.10 -8.39
N SER A 84 -28.91 -15.52 -9.61
CA SER A 84 -29.83 -15.40 -10.72
C SER A 84 -30.16 -16.77 -11.33
N SER A 85 -31.36 -16.85 -11.91
CA SER A 85 -31.76 -18.03 -12.66
C SER A 85 -30.94 -18.21 -13.93
N SER A 86 -30.32 -17.15 -14.42
CA SER A 86 -29.43 -17.21 -15.57
C SER A 86 -28.04 -17.74 -15.21
N GLY A 87 -27.91 -18.38 -14.05
CA GLY A 87 -26.66 -19.02 -13.66
C GLY A 87 -25.57 -18.07 -13.21
N THR A 88 -25.92 -16.87 -12.75
CA THR A 88 -24.94 -15.86 -12.39
C THR A 88 -25.11 -15.43 -10.94
N MET A 89 -24.02 -15.41 -10.20
CA MET A 89 -23.96 -14.85 -8.86
C MET A 89 -23.22 -13.52 -8.91
N SER A 90 -23.75 -12.52 -8.22
CA SER A 90 -23.12 -11.20 -8.16
C SER A 90 -23.11 -10.74 -6.70
N LEU A 91 -21.92 -10.65 -6.12
CA LEU A 91 -21.72 -10.20 -4.76
C LEU A 91 -20.97 -8.88 -4.77
N THR A 92 -21.43 -7.93 -3.96
CA THR A 92 -20.87 -6.58 -3.93
C THR A 92 -20.57 -6.20 -2.49
N VAL A 93 -19.28 -6.11 -2.15
CA VAL A 93 -18.85 -5.71 -0.81
C VAL A 93 -18.69 -4.20 -0.79
N TYR A 94 -19.23 -3.57 0.24
CA TYR A 94 -19.15 -2.12 0.44
C TYR A 94 -18.24 -1.83 1.62
N PHE A 95 -17.34 -0.87 1.45
CA PHE A 95 -16.38 -0.52 2.48
C PHE A 95 -16.63 0.89 3.00
N ASP A 96 -16.09 1.17 4.18
CA ASP A 96 -16.38 2.41 4.87
C ASP A 96 -15.93 3.61 4.04
N ILE A 97 -16.57 4.75 4.29
CA ILE A 97 -16.32 5.94 3.49
C ILE A 97 -14.88 6.39 3.71
N GLY A 98 -14.16 6.62 2.62
CA GLY A 98 -12.75 6.89 2.75
C GLY A 98 -12.01 5.66 3.23
N THR A 99 -11.72 4.77 2.28
CA THR A 99 -11.03 3.51 2.53
C THR A 99 -10.26 3.20 1.26
N ASP A 100 -9.05 2.66 1.39
CA ASP A 100 -8.28 2.39 0.19
C ASP A 100 -9.05 1.41 -0.70
N PRO A 101 -9.41 1.80 -1.91
CA PRO A 101 -10.12 0.87 -2.81
C PRO A 101 -9.26 -0.34 -3.15
N ASP A 102 -8.08 -0.08 -3.72
CA ASP A 102 -7.21 -1.14 -4.22
C ASP A 102 -6.74 -2.06 -3.11
N GLN A 103 -6.68 -1.55 -1.88
CA GLN A 103 -6.37 -2.40 -0.74
C GLN A 103 -7.53 -3.37 -0.47
N ALA A 104 -8.78 -2.89 -0.56
CA ALA A 104 -9.91 -3.79 -0.36
C ALA A 104 -10.01 -4.83 -1.48
N THR A 105 -9.64 -4.45 -2.69
CA THR A 105 -9.71 -5.38 -3.82
C THR A 105 -8.76 -6.56 -3.62
N ILE A 106 -7.54 -6.31 -3.17
CA ILE A 106 -6.62 -7.41 -2.89
C ILE A 106 -6.98 -8.09 -1.58
N ASP A 107 -7.47 -7.31 -0.59
CA ASP A 107 -8.01 -7.89 0.64
C ASP A 107 -9.08 -8.92 0.33
N VAL A 108 -10.02 -8.57 -0.55
CA VAL A 108 -11.06 -9.50 -0.95
C VAL A 108 -10.47 -10.66 -1.73
N ASN A 109 -9.70 -10.36 -2.78
CA ASN A 109 -9.14 -11.39 -3.64
C ASN A 109 -8.36 -12.43 -2.85
N ASN A 110 -7.83 -12.04 -1.67
CA ASN A 110 -7.19 -12.99 -0.77
C ASN A 110 -8.18 -14.02 -0.27
N ARG A 111 -9.18 -13.58 0.51
CA ARG A 111 -10.14 -14.51 1.10
C ARG A 111 -10.87 -15.35 0.05
N ILE A 112 -10.89 -14.91 -1.21
CA ILE A 112 -11.66 -15.60 -2.23
C ILE A 112 -11.02 -16.93 -2.58
N SER A 113 -9.68 -16.96 -2.68
CA SER A 113 -9.00 -18.21 -2.98
C SER A 113 -9.09 -19.20 -1.84
N ALA A 114 -9.33 -18.74 -0.61
CA ALA A 114 -9.61 -19.66 0.48
C ALA A 114 -10.97 -20.33 0.31
N ALA A 115 -11.96 -19.55 -0.14
CA ALA A 115 -13.31 -20.08 -0.34
C ALA A 115 -13.45 -20.85 -1.66
N THR A 116 -12.53 -20.66 -2.60
CA THR A 116 -12.60 -21.32 -3.90
C THR A 116 -12.63 -22.83 -3.78
N ALA A 117 -12.13 -23.38 -2.66
CA ALA A 117 -12.13 -24.83 -2.46
C ALA A 117 -13.48 -25.37 -2.00
N LYS A 118 -14.31 -24.55 -1.35
CA LYS A 118 -15.63 -24.98 -0.94
C LYS A 118 -16.68 -24.78 -2.03
N MET A 119 -16.27 -24.30 -3.20
CA MET A 119 -17.21 -24.08 -4.29
C MET A 119 -17.63 -25.42 -4.90
N PRO A 120 -18.78 -25.45 -5.57
CA PRO A 120 -19.13 -26.63 -6.36
C PRO A 120 -18.16 -26.79 -7.53
N ASP A 121 -17.94 -28.06 -7.92
CA ASP A 121 -16.94 -28.37 -8.92
C ASP A 121 -17.20 -27.61 -10.23
N ALA A 122 -18.47 -27.42 -10.58
CA ALA A 122 -18.78 -26.72 -11.82
C ALA A 122 -18.37 -25.25 -11.76
N VAL A 123 -18.34 -24.66 -10.57
CA VAL A 123 -18.04 -23.23 -10.44
C VAL A 123 -16.57 -22.98 -10.72
N LYS A 124 -15.69 -23.71 -10.01
CA LYS A 124 -14.24 -23.55 -10.21
C LYS A 124 -13.87 -23.72 -11.68
N LYS A 125 -14.54 -24.65 -12.37
CA LYS A 125 -14.26 -25.02 -13.74
C LYS A 125 -14.07 -23.84 -14.70
N LEU A 126 -14.91 -22.82 -14.56
CA LEU A 126 -14.79 -21.63 -15.38
C LEU A 126 -14.48 -20.38 -14.57
N GLY A 127 -14.08 -20.54 -13.32
CA GLY A 127 -13.45 -19.47 -12.56
C GLY A 127 -14.44 -18.65 -11.74
N VAL A 128 -13.86 -17.88 -10.81
CA VAL A 128 -14.59 -16.90 -10.00
C VAL A 128 -13.72 -15.65 -9.91
N THR A 129 -14.25 -14.52 -10.39
CA THR A 129 -13.45 -13.33 -10.65
C THR A 129 -13.94 -12.15 -9.82
N VAL A 130 -13.00 -11.45 -9.18
CA VAL A 130 -13.27 -10.31 -8.31
C VAL A 130 -12.51 -9.11 -8.85
N ARG A 131 -13.12 -7.92 -8.75
CA ARG A 131 -12.52 -6.71 -9.26
C ARG A 131 -13.24 -5.50 -8.67
N LYS A 132 -12.52 -4.38 -8.57
CA LYS A 132 -13.10 -3.14 -8.07
C LYS A 132 -13.86 -2.43 -9.19
N THR A 133 -15.01 -1.86 -8.84
CA THR A 133 -15.85 -1.17 -9.82
C THR A 133 -16.89 -0.34 -9.08
N SER A 134 -17.37 0.70 -9.76
CA SER A 134 -18.29 1.68 -9.19
C SER A 134 -19.57 1.74 -9.99
N SER A 135 -20.68 1.99 -9.29
CA SER A 135 -21.99 2.16 -9.94
C SER A 135 -22.23 3.64 -10.21
N THR A 136 -21.47 4.16 -11.21
CA THR A 136 -21.45 5.58 -11.54
C THR A 136 -21.45 5.74 -13.07
N THR A 137 -22.60 5.49 -13.70
CA THR A 137 -22.70 5.64 -15.15
C THR A 137 -22.75 7.13 -15.49
N LEU A 138 -21.77 7.58 -16.29
CA LEU A 138 -21.57 9.01 -16.52
C LEU A 138 -22.12 9.50 -17.86
N ALA A 139 -22.41 8.60 -18.79
CA ALA A 139 -22.88 9.01 -20.10
C ALA A 139 -23.55 7.81 -20.77
N ALA A 140 -24.35 8.11 -21.79
CA ALA A 140 -25.03 7.08 -22.56
C ALA A 140 -25.25 7.60 -23.98
N ILE A 141 -24.56 6.99 -24.93
CA ILE A 141 -24.62 7.40 -26.33
C ILE A 141 -25.78 6.69 -27.01
N SER A 142 -26.38 7.35 -28.00
CA SER A 142 -27.39 6.75 -28.86
C SER A 142 -26.91 6.77 -30.30
N MET A 143 -26.97 5.61 -30.95
CA MET A 143 -26.62 5.46 -32.36
C MET A 143 -27.84 4.96 -33.12
N TYR A 144 -28.12 5.58 -34.26
CA TYR A 144 -29.34 5.29 -34.99
C TYR A 144 -29.13 5.62 -36.46
N SER A 145 -29.97 5.04 -37.30
CA SER A 145 -29.93 5.24 -38.75
C SER A 145 -30.99 6.29 -39.11
N SER A 146 -30.53 7.49 -39.44
CA SER A 146 -31.45 8.61 -39.65
C SER A 146 -32.36 8.39 -40.85
N ASP A 147 -31.89 7.63 -41.85
CA ASP A 147 -32.68 7.38 -43.06
C ASP A 147 -33.12 5.92 -43.18
N GLY A 148 -33.30 5.24 -42.04
CA GLY A 148 -33.88 3.91 -42.02
C GLY A 148 -33.17 2.87 -42.83
N SER A 149 -31.91 3.10 -43.20
CA SER A 149 -31.18 2.17 -44.04
C SER A 149 -30.45 1.10 -43.22
N MET A 150 -29.89 1.47 -42.06
CA MET A 150 -29.12 0.56 -41.23
C MET A 150 -29.98 -0.15 -40.19
N SER A 151 -31.30 -0.15 -40.38
CA SER A 151 -32.28 -1.01 -39.69
C SER A 151 -32.15 -0.74 -38.19
N ALA A 152 -32.02 -1.75 -37.32
CA ALA A 152 -31.67 -1.65 -35.89
C ALA A 152 -30.62 -2.69 -35.51
N VAL A 153 -30.26 -3.59 -36.43
CA VAL A 153 -29.27 -4.61 -36.15
C VAL A 153 -28.04 -4.49 -37.04
N ASP A 154 -28.14 -3.83 -38.20
CA ASP A 154 -26.93 -3.39 -38.90
C ASP A 154 -26.18 -2.34 -38.08
N VAL A 155 -26.92 -1.48 -37.38
CA VAL A 155 -26.32 -0.49 -36.50
C VAL A 155 -25.56 -1.19 -35.37
N TYR A 156 -26.26 -2.05 -34.63
CA TYR A 156 -25.64 -2.81 -33.56
C TYR A 156 -24.37 -3.51 -34.02
N ASN A 157 -24.40 -4.06 -35.24
CA ASN A 157 -23.22 -4.72 -35.79
C ASN A 157 -22.07 -3.75 -36.01
N TYR A 158 -22.37 -2.50 -36.35
CA TYR A 158 -21.30 -1.54 -36.59
C TYR A 158 -20.68 -1.05 -35.28
N ILE A 159 -21.49 -0.87 -34.24
CA ILE A 159 -20.95 -0.45 -32.94
C ILE A 159 -20.01 -1.51 -32.39
N THR A 160 -20.36 -2.79 -32.54
CA THR A 160 -19.53 -3.86 -31.99
C THR A 160 -18.13 -3.84 -32.58
N LEU A 161 -18.04 -3.78 -33.91
CA LEU A 161 -16.75 -3.97 -34.56
C LEU A 161 -15.86 -2.75 -34.39
N ASN A 162 -16.41 -1.56 -34.64
CA ASN A 162 -15.58 -0.36 -34.75
C ASN A 162 -15.71 0.59 -33.57
N VAL A 163 -16.90 0.76 -33.00
CA VAL A 163 -17.14 1.85 -32.06
C VAL A 163 -16.87 1.41 -30.62
N LEU A 164 -17.43 0.26 -30.21
CA LEU A 164 -17.36 -0.13 -28.80
C LEU A 164 -15.93 -0.30 -28.33
N ASP A 165 -15.03 -0.73 -29.22
CA ASP A 165 -13.62 -0.88 -28.84
C ASP A 165 -12.94 0.47 -28.70
N GLU A 166 -13.24 1.40 -29.62
CA GLU A 166 -12.63 2.73 -29.57
C GLU A 166 -13.06 3.49 -28.33
N LEU A 167 -14.25 3.23 -27.81
CA LEU A 167 -14.72 3.89 -26.59
C LEU A 167 -14.22 3.18 -25.34
N LYS A 168 -14.11 1.85 -25.39
CA LYS A 168 -13.48 1.12 -24.29
C LYS A 168 -12.05 1.55 -24.07
N ARG A 169 -11.40 2.10 -25.10
CA ARG A 169 -10.02 2.56 -25.05
C ARG A 169 -9.86 3.69 -24.05
N VAL A 170 -10.41 4.83 -24.44
CA VAL A 170 -10.33 6.15 -23.82
C VAL A 170 -10.28 6.06 -22.28
N PRO A 171 -9.35 6.78 -21.64
CA PRO A 171 -9.06 6.49 -20.23
C PRO A 171 -10.18 6.93 -19.29
N GLY A 172 -10.21 6.27 -18.13
CA GLY A 172 -11.20 6.56 -17.12
C GLY A 172 -12.54 5.87 -17.30
N VAL A 173 -12.79 5.27 -18.46
CA VAL A 173 -14.02 4.54 -18.68
C VAL A 173 -13.82 3.09 -18.23
N GLY A 174 -14.65 2.65 -17.30
CA GLY A 174 -14.63 1.27 -16.89
C GLY A 174 -15.28 0.41 -17.97
N ASP A 175 -16.59 0.24 -17.87
CA ASP A 175 -17.34 -0.44 -18.90
C ASP A 175 -17.64 0.51 -20.06
N ALA A 176 -18.12 -0.07 -21.16
CA ALA A 176 -18.56 0.67 -22.33
C ALA A 176 -19.37 -0.26 -23.22
N ASN A 177 -20.58 -0.61 -22.78
CA ASN A 177 -21.32 -1.74 -23.32
C ASN A 177 -22.56 -1.28 -24.08
N ALA A 178 -22.79 -1.90 -25.23
CA ALA A 178 -24.09 -1.84 -25.85
C ALA A 178 -25.03 -2.81 -25.16
N ILE A 179 -26.27 -2.39 -24.95
CA ILE A 179 -27.23 -3.21 -24.20
C ILE A 179 -27.52 -4.48 -24.99
N GLY A 180 -27.23 -5.63 -24.39
CA GLY A 180 -27.46 -6.90 -25.04
C GLY A 180 -26.25 -7.80 -25.09
N ASN A 181 -25.83 -8.17 -26.31
CA ASN A 181 -24.81 -9.19 -26.50
C ASN A 181 -23.49 -8.81 -25.83
N ARG A 182 -22.75 -9.83 -25.40
CA ARG A 182 -21.34 -9.68 -25.08
C ARG A 182 -20.56 -10.01 -26.36
N ASN A 183 -19.95 -8.98 -26.95
CA ASN A 183 -19.42 -9.07 -28.31
C ASN A 183 -20.56 -9.54 -29.22
N TYR A 184 -20.28 -10.43 -30.16
CA TYR A 184 -21.35 -11.21 -30.79
C TYR A 184 -20.75 -12.47 -31.40
N SER A 185 -21.59 -13.50 -31.49
CA SER A 185 -21.15 -14.86 -31.76
C SER A 185 -21.60 -15.33 -33.13
N LEU A 186 -20.76 -16.15 -33.76
CA LEU A 186 -21.22 -16.96 -34.89
C LEU A 186 -22.32 -17.90 -34.41
N ARG A 187 -23.52 -17.71 -34.91
CA ARG A 187 -24.67 -18.49 -34.47
C ARG A 187 -24.99 -19.54 -35.52
N ILE A 188 -25.14 -20.78 -35.08
CA ILE A 188 -25.50 -21.91 -35.94
C ILE A 188 -26.91 -22.32 -35.53
N TRP A 189 -27.88 -21.95 -36.35
CA TRP A 189 -29.30 -22.12 -36.03
C TRP A 189 -29.76 -23.48 -36.56
N LEU A 190 -30.00 -24.42 -35.65
CA LEU A 190 -30.42 -25.75 -36.05
C LEU A 190 -31.83 -25.72 -36.62
N LYS A 191 -32.00 -26.30 -37.81
CA LYS A 191 -33.33 -26.40 -38.41
C LYS A 191 -33.85 -27.81 -38.19
N PRO A 192 -34.69 -28.05 -37.18
CA PRO A 192 -34.99 -29.44 -36.78
C PRO A 192 -35.69 -30.25 -37.85
N ASP A 193 -36.43 -29.61 -38.75
CA ASP A 193 -37.10 -30.30 -39.82
C ASP A 193 -36.08 -31.02 -40.70
N LEU A 194 -35.22 -30.25 -41.36
CA LEU A 194 -34.16 -30.84 -42.18
C LEU A 194 -33.20 -31.69 -41.36
N LEU A 195 -33.12 -31.45 -40.05
CA LEU A 195 -32.31 -32.31 -39.18
C LEU A 195 -32.83 -33.74 -39.19
N ASN A 196 -34.10 -33.93 -38.84
CA ASN A 196 -34.70 -35.25 -38.89
C ASN A 196 -34.81 -35.77 -40.32
N LYS A 197 -34.97 -34.86 -41.28
CA LYS A 197 -35.02 -35.26 -42.68
C LYS A 197 -33.76 -35.99 -43.10
N PHE A 198 -32.60 -35.53 -42.62
CA PHE A 198 -31.32 -36.18 -42.91
C PHE A 198 -30.83 -37.07 -41.77
N GLY A 199 -31.60 -37.20 -40.69
CA GLY A 199 -31.21 -38.09 -39.61
C GLY A 199 -29.93 -37.68 -38.90
N ILE A 200 -29.69 -36.37 -38.79
CA ILE A 200 -28.56 -35.83 -38.04
C ILE A 200 -29.09 -35.33 -36.71
N THR A 201 -28.44 -35.73 -35.62
CA THR A 201 -28.81 -35.19 -34.33
C THR A 201 -27.94 -33.98 -33.97
N ALA A 202 -28.43 -33.19 -33.02
CA ALA A 202 -27.70 -32.01 -32.58
C ALA A 202 -26.29 -32.37 -32.12
N THR A 203 -26.16 -33.49 -31.41
CA THR A 203 -24.84 -33.92 -30.96
C THR A 203 -23.89 -34.16 -32.12
N ASP A 204 -24.40 -34.63 -33.26
CA ASP A 204 -23.56 -34.75 -34.45
C ASP A 204 -23.05 -33.39 -34.88
N VAL A 205 -23.91 -32.36 -34.84
CA VAL A 205 -23.50 -31.02 -35.23
C VAL A 205 -22.51 -30.45 -34.21
N ILE A 206 -22.82 -30.61 -32.92
CA ILE A 206 -21.87 -30.30 -31.85
C ILE A 206 -20.52 -30.95 -32.14
N SER A 207 -20.55 -32.27 -32.35
CA SER A 207 -19.31 -33.03 -32.52
C SER A 207 -18.54 -32.58 -33.75
N ALA A 208 -19.23 -32.17 -34.81
CA ALA A 208 -18.56 -31.78 -36.04
C ALA A 208 -17.99 -30.36 -35.96
N VAL A 209 -18.80 -29.41 -35.48
CA VAL A 209 -18.30 -28.06 -35.25
C VAL A 209 -17.14 -28.06 -34.27
N ASN A 210 -17.12 -29.04 -33.36
CA ASN A 210 -16.09 -29.07 -32.32
C ASN A 210 -14.72 -29.41 -32.90
N ASP A 211 -14.63 -30.49 -33.68
CA ASP A 211 -13.34 -30.96 -34.15
C ASP A 211 -13.14 -30.80 -35.66
N GLN A 212 -13.89 -29.90 -36.28
CA GLN A 212 -13.49 -29.36 -37.59
C GLN A 212 -13.07 -27.91 -37.52
N ASN A 213 -13.36 -27.22 -36.42
CA ASN A 213 -12.83 -25.89 -36.14
C ASN A 213 -11.80 -26.04 -35.02
N ALA A 214 -10.60 -26.52 -35.39
CA ALA A 214 -9.58 -26.87 -34.42
C ALA A 214 -8.62 -25.71 -34.17
N GLN A 215 -7.33 -26.02 -34.03
CA GLN A 215 -6.36 -25.01 -33.64
C GLN A 215 -5.20 -24.90 -34.65
N TYR A 216 -3.97 -24.97 -34.16
CA TYR A 216 -2.80 -24.68 -34.98
C TYR A 216 -1.69 -25.68 -34.69
N ALA A 217 -0.88 -25.93 -35.72
CA ALA A 217 0.36 -26.67 -35.59
C ALA A 217 1.47 -25.85 -36.21
N THR A 218 2.67 -25.95 -35.63
CA THR A 218 3.83 -25.21 -36.12
C THR A 218 5.06 -26.10 -36.03
N GLY A 219 6.01 -25.86 -36.94
CA GLY A 219 7.28 -26.53 -36.90
C GLY A 219 8.29 -25.74 -37.69
N LYS A 220 9.45 -26.36 -37.90
CA LYS A 220 10.51 -25.77 -38.71
C LYS A 220 11.19 -26.87 -39.51
N ILE A 221 11.72 -26.50 -40.67
CA ILE A 221 12.61 -27.35 -41.45
C ILE A 221 14.02 -26.79 -41.33
N GLY A 222 14.94 -27.61 -40.81
CA GLY A 222 16.28 -27.15 -40.53
C GLY A 222 16.44 -26.81 -39.06
N GLU A 223 15.82 -27.59 -38.19
CA GLU A 223 16.02 -27.41 -36.75
C GLU A 223 17.27 -28.13 -36.29
N GLU A 224 17.36 -29.43 -36.55
CA GLU A 224 18.55 -30.18 -36.18
C GLU A 224 19.72 -29.77 -37.08
N PRO A 225 20.91 -29.58 -36.51
CA PRO A 225 22.06 -29.14 -37.31
C PRO A 225 22.72 -30.23 -38.13
N VAL A 226 22.15 -31.43 -38.21
CA VAL A 226 22.86 -32.57 -38.76
C VAL A 226 22.74 -32.71 -40.27
N THR A 227 21.50 -32.83 -40.77
CA THR A 227 21.25 -33.51 -42.04
C THR A 227 22.11 -33.02 -43.20
N GLN A 228 21.99 -31.75 -43.57
CA GLN A 228 22.68 -31.24 -44.76
C GLN A 228 22.78 -29.72 -44.65
N LYS A 229 23.64 -29.14 -45.49
CA LYS A 229 24.06 -27.75 -45.31
C LYS A 229 23.19 -26.81 -46.13
N SER A 230 21.91 -26.81 -45.81
CA SER A 230 20.99 -25.82 -46.35
C SER A 230 21.27 -24.47 -45.71
N PRO A 231 21.58 -23.42 -46.49
CA PRO A 231 21.80 -22.10 -45.90
C PRO A 231 20.55 -21.47 -45.30
N TYR A 232 19.40 -22.14 -45.37
CA TYR A 232 18.11 -21.52 -45.13
C TYR A 232 17.32 -22.33 -44.11
N VAL A 233 16.51 -21.62 -43.32
CA VAL A 233 15.65 -22.21 -42.31
C VAL A 233 14.28 -21.58 -42.42
N TYR A 234 13.25 -22.38 -42.63
CA TYR A 234 11.88 -21.95 -42.78
C TYR A 234 11.04 -22.48 -41.63
N SER A 235 9.78 -22.04 -41.58
CA SER A 235 8.86 -22.42 -40.49
C SER A 235 7.53 -22.81 -41.09
N ILE A 236 7.11 -24.06 -40.85
CA ILE A 236 5.88 -24.62 -41.41
C ILE A 236 4.76 -24.48 -40.39
N THR A 237 3.53 -24.26 -40.90
CA THR A 237 2.37 -24.07 -40.05
C THR A 237 1.14 -24.70 -40.69
N MET A 238 0.39 -25.46 -39.90
CA MET A 238 -0.95 -25.90 -40.27
C MET A 238 -1.98 -25.09 -39.50
N GLN A 239 -3.00 -24.61 -40.19
CA GLN A 239 -4.09 -23.86 -39.58
C GLN A 239 -5.40 -24.61 -39.84
N GLY A 240 -5.97 -25.19 -38.78
CA GLY A 240 -7.23 -25.88 -38.89
C GLY A 240 -8.34 -25.12 -38.18
N ARG A 241 -8.29 -23.80 -38.28
CA ARG A 241 -9.25 -22.92 -37.65
C ARG A 241 -10.03 -22.17 -38.72
N LEU A 242 -11.34 -22.09 -38.54
CA LEU A 242 -12.18 -21.36 -39.47
C LEU A 242 -12.05 -19.87 -39.23
N GLN A 243 -12.28 -19.10 -40.29
CA GLN A 243 -12.11 -17.65 -40.22
C GLN A 243 -13.23 -16.87 -40.91
N ASN A 244 -14.32 -17.52 -41.27
CA ASN A 244 -15.46 -16.83 -41.88
C ASN A 244 -16.69 -17.71 -41.74
N PRO A 245 -17.89 -17.13 -41.80
CA PRO A 245 -19.11 -17.96 -41.72
C PRO A 245 -19.20 -19.02 -42.80
N SER A 246 -18.60 -18.80 -43.97
CA SER A 246 -18.74 -19.75 -45.07
C SER A 246 -17.99 -21.04 -44.83
N GLU A 247 -16.95 -21.03 -43.99
CA GLU A 247 -16.26 -22.26 -43.66
C GLU A 247 -17.01 -23.08 -42.61
N PHE A 248 -17.76 -22.40 -41.74
CA PHE A 248 -18.67 -23.12 -40.86
C PHE A 248 -19.83 -23.73 -41.65
N GLU A 249 -20.38 -22.98 -42.60
CA GLU A 249 -21.43 -23.49 -43.47
C GLU A 249 -21.00 -24.80 -44.13
N ASN A 250 -19.79 -24.82 -44.67
CA ASN A 250 -19.27 -25.98 -45.39
C ASN A 250 -18.55 -26.96 -44.49
N ILE A 251 -18.70 -26.86 -43.17
CA ILE A 251 -18.42 -27.98 -42.29
C ILE A 251 -19.26 -29.14 -42.75
N ILE A 252 -18.63 -30.27 -43.06
CA ILE A 252 -19.32 -31.38 -43.72
C ILE A 252 -19.80 -32.37 -42.68
N LEU A 253 -21.12 -32.60 -42.67
CA LEU A 253 -21.78 -33.35 -41.62
C LEU A 253 -21.70 -34.85 -41.86
N ARG A 254 -22.10 -35.30 -43.04
CA ARG A 254 -22.03 -36.71 -43.38
C ARG A 254 -21.35 -36.88 -44.73
N THR A 255 -20.48 -37.88 -44.80
CA THR A 255 -19.88 -38.33 -46.05
C THR A 255 -20.79 -39.34 -46.73
N ASN A 256 -21.10 -39.10 -48.00
CA ASN A 256 -22.09 -39.87 -48.71
C ASN A 256 -21.44 -40.99 -49.53
N ASN A 257 -22.25 -41.71 -50.30
CA ASN A 257 -21.75 -42.74 -51.19
C ASN A 257 -21.57 -42.24 -52.62
N ASP A 258 -22.21 -41.14 -53.00
CA ASP A 258 -21.86 -40.49 -54.26
C ASP A 258 -20.45 -39.92 -54.23
N GLY A 259 -19.90 -39.65 -53.05
CA GLY A 259 -18.77 -38.78 -52.91
C GLY A 259 -19.15 -37.34 -52.65
N SER A 260 -20.45 -37.01 -52.67
CA SER A 260 -20.92 -35.70 -52.25
C SER A 260 -20.83 -35.57 -50.74
N PHE A 261 -21.30 -34.45 -50.21
CA PHE A 261 -21.24 -34.20 -48.79
C PHE A 261 -22.50 -33.52 -48.31
N LEU A 262 -22.99 -33.95 -47.15
CA LEU A 262 -23.94 -33.15 -46.39
C LEU A 262 -23.16 -32.15 -45.56
N ARG A 263 -23.51 -30.88 -45.70
CA ARG A 263 -22.79 -29.82 -45.02
C ARG A 263 -23.72 -29.12 -44.04
N LEU A 264 -23.11 -28.44 -43.06
CA LEU A 264 -23.88 -27.85 -41.96
C LEU A 264 -24.94 -26.88 -42.46
N LYS A 265 -24.66 -26.18 -43.57
CA LYS A 265 -25.62 -25.24 -44.13
C LYS A 265 -26.91 -25.92 -44.59
N ASP A 266 -26.86 -27.23 -44.87
CA ASP A 266 -28.04 -27.94 -45.34
C ASP A 266 -29.01 -28.29 -44.22
N VAL A 267 -28.57 -28.23 -42.96
CA VAL A 267 -29.45 -28.46 -41.82
C VAL A 267 -29.42 -27.31 -40.82
N ALA A 268 -28.68 -26.24 -41.09
CA ALA A 268 -28.54 -25.13 -40.16
C ALA A 268 -28.25 -23.86 -40.94
N ASP A 269 -28.45 -22.73 -40.27
CA ASP A 269 -28.20 -21.41 -40.83
C ASP A 269 -27.10 -20.74 -40.03
N VAL A 270 -25.98 -20.42 -40.68
CA VAL A 270 -24.82 -19.83 -40.05
C VAL A 270 -24.88 -18.33 -40.30
N GLU A 271 -25.41 -17.57 -39.34
CA GLU A 271 -25.40 -16.12 -39.38
C GLU A 271 -24.51 -15.61 -38.25
N ILE A 272 -23.83 -14.51 -38.51
CA ILE A 272 -22.66 -14.06 -37.74
C ILE A 272 -23.09 -12.90 -36.86
N GLY A 273 -23.44 -13.21 -35.62
CA GLY A 273 -23.67 -12.23 -34.56
C GLY A 273 -25.01 -11.56 -34.49
N SER A 274 -24.98 -10.25 -34.24
CA SER A 274 -26.14 -9.38 -34.43
C SER A 274 -27.36 -9.85 -33.66
N GLN A 275 -27.18 -10.52 -32.53
CA GLN A 275 -28.34 -11.12 -31.87
C GLN A 275 -29.02 -10.09 -30.99
N GLN A 276 -30.20 -9.65 -31.42
CA GLN A 276 -31.12 -8.86 -30.61
C GLN A 276 -32.35 -9.73 -30.29
N TYR A 277 -33.57 -9.17 -30.41
CA TYR A 277 -34.80 -9.78 -29.93
C TYR A 277 -34.60 -10.33 -28.52
N SER A 278 -33.68 -9.72 -27.78
CA SER A 278 -33.57 -9.82 -26.34
C SER A 278 -33.51 -8.45 -25.68
N SER A 279 -33.24 -7.40 -26.44
CA SER A 279 -33.20 -6.02 -25.98
C SER A 279 -33.48 -5.12 -27.18
N GLN A 280 -34.25 -4.07 -26.96
CA GLN A 280 -34.46 -3.03 -27.95
C GLN A 280 -34.21 -1.68 -27.30
N GLY A 281 -33.48 -0.82 -28.00
CA GLY A 281 -33.21 0.53 -27.53
C GLY A 281 -33.98 1.54 -28.36
N ARG A 282 -34.60 2.49 -27.67
CA ARG A 282 -35.39 3.52 -28.32
C ARG A 282 -34.94 4.90 -27.87
N LEU A 283 -34.75 5.79 -28.84
CA LEU A 283 -34.45 7.20 -28.57
C LEU A 283 -35.57 8.03 -29.19
N ASN A 284 -36.43 8.59 -28.34
CA ASN A 284 -37.48 9.52 -28.77
C ASN A 284 -38.46 8.87 -29.72
N GLY A 285 -38.61 7.54 -29.63
CA GLY A 285 -39.54 6.78 -30.45
C GLY A 285 -38.86 5.89 -31.47
N ASN A 286 -37.62 6.21 -31.85
CA ASN A 286 -36.93 5.52 -32.93
C ASN A 286 -36.08 4.37 -32.38
N ASP A 287 -35.80 3.40 -33.25
CA ASP A 287 -34.77 2.42 -32.96
C ASP A 287 -33.44 3.12 -32.77
N ALA A 288 -32.67 2.64 -31.79
CA ALA A 288 -31.34 3.19 -31.50
C ALA A 288 -30.65 2.26 -30.52
N VAL A 289 -29.35 2.05 -30.72
CA VAL A 289 -28.56 1.17 -29.86
C VAL A 289 -27.89 2.04 -28.80
N PRO A 290 -28.28 1.94 -27.53
CA PRO A 290 -27.66 2.78 -26.48
C PRO A 290 -26.36 2.16 -25.99
N ILE A 291 -25.27 2.93 -26.09
CA ILE A 291 -23.99 2.58 -25.48
C ILE A 291 -23.90 3.30 -24.14
N MET A 292 -23.79 2.54 -23.05
CA MET A 292 -23.59 3.14 -21.74
C MET A 292 -22.09 3.27 -21.47
N ILE A 293 -21.68 4.41 -20.95
CA ILE A 293 -20.27 4.73 -20.67
C ILE A 293 -20.16 4.80 -19.15
N ASN A 294 -19.75 3.69 -18.54
CA ASN A 294 -19.53 3.64 -17.11
C ASN A 294 -18.23 4.38 -16.76
N LEU A 295 -18.12 4.78 -15.49
CA LEU A 295 -16.92 5.42 -14.96
C LEU A 295 -16.18 4.43 -14.06
N GLN A 296 -14.93 4.15 -14.40
CA GLN A 296 -14.11 3.27 -13.57
C GLN A 296 -13.91 3.88 -12.19
N SER A 297 -13.68 3.00 -11.21
CA SER A 297 -13.48 3.44 -9.84
C SER A 297 -12.28 4.37 -9.75
N GLY A 298 -12.50 5.58 -9.25
CA GLY A 298 -11.43 6.55 -9.10
C GLY A 298 -10.92 7.09 -10.42
N ALA A 299 -11.55 8.15 -10.91
CA ALA A 299 -11.15 8.80 -12.15
C ALA A 299 -11.86 10.14 -12.25
N ASN A 300 -11.17 11.14 -12.79
CA ASN A 300 -11.78 12.46 -12.93
C ASN A 300 -12.91 12.40 -13.94
N ALA A 301 -14.14 12.19 -13.46
CA ALA A 301 -15.30 12.12 -14.35
C ALA A 301 -15.42 13.37 -15.22
N LEU A 302 -14.95 14.51 -14.73
CA LEU A 302 -15.06 15.75 -15.47
C LEU A 302 -14.27 15.69 -16.78
N HIS A 303 -13.02 15.23 -16.71
CA HIS A 303 -12.17 15.18 -17.90
C HIS A 303 -12.52 14.00 -18.80
N THR A 304 -12.86 12.86 -18.20
CA THR A 304 -13.04 11.65 -18.99
C THR A 304 -14.18 11.78 -19.99
N ALA A 305 -15.24 12.53 -19.64
CA ALA A 305 -16.33 12.73 -20.57
C ALA A 305 -15.91 13.57 -21.77
N GLU A 306 -14.99 14.52 -21.58
CA GLU A 306 -14.46 15.28 -22.70
C GLU A 306 -13.84 14.36 -23.74
N LEU A 307 -13.06 13.38 -23.28
CA LEU A 307 -12.43 12.43 -24.19
C LEU A 307 -13.47 11.61 -24.95
N VAL A 308 -14.51 11.15 -24.26
CA VAL A 308 -15.53 10.31 -24.88
C VAL A 308 -16.19 11.05 -26.05
N GLN A 309 -16.64 12.28 -25.81
CA GLN A 309 -17.25 13.06 -26.89
C GLN A 309 -16.25 13.38 -27.99
N ALA A 310 -14.97 13.51 -27.62
CA ALA A 310 -13.95 13.80 -28.64
C ALA A 310 -13.76 12.62 -29.58
N LYS A 311 -13.59 11.42 -29.03
CA LYS A 311 -13.37 10.24 -29.87
C LYS A 311 -14.60 9.91 -30.70
N MET A 312 -15.79 10.07 -30.13
CA MET A 312 -17.02 9.86 -30.88
C MET A 312 -17.09 10.79 -32.09
N GLN A 313 -16.64 12.03 -31.91
CA GLN A 313 -16.59 12.97 -33.03
C GLN A 313 -15.58 12.51 -34.08
N GLU A 314 -14.53 11.82 -33.65
CA GLU A 314 -13.56 11.26 -34.61
C GLU A 314 -14.15 10.06 -35.34
N LEU A 315 -14.87 9.20 -34.63
CA LEU A 315 -15.52 8.07 -35.29
C LEU A 315 -16.65 8.51 -36.20
N SER A 316 -17.18 9.72 -36.01
CA SER A 316 -18.22 10.22 -36.90
C SER A 316 -17.74 10.28 -38.35
N LYS A 317 -16.45 10.52 -38.56
CA LYS A 317 -15.89 10.59 -39.91
C LYS A 317 -16.12 9.28 -40.67
N ASN A 318 -16.09 8.15 -39.97
CA ASN A 318 -16.25 6.85 -40.61
C ASN A 318 -17.71 6.46 -40.80
N PHE A 319 -18.61 7.01 -39.99
CA PHE A 319 -20.01 6.60 -39.92
C PHE A 319 -20.69 6.72 -41.29
N PRO A 320 -20.88 5.60 -42.00
CA PRO A 320 -21.49 5.67 -43.32
C PRO A 320 -22.96 6.00 -43.24
N LYS A 321 -23.49 6.54 -44.34
CA LYS A 321 -24.91 6.83 -44.47
C LYS A 321 -25.41 7.74 -43.35
N GLY A 322 -26.70 7.65 -43.04
CA GLY A 322 -27.28 8.47 -42.00
C GLY A 322 -27.08 7.90 -40.61
N LEU A 323 -25.88 7.41 -40.34
CA LEU A 323 -25.53 6.86 -39.02
C LEU A 323 -24.92 7.99 -38.21
N THR A 324 -25.73 8.63 -37.38
CA THR A 324 -25.27 9.69 -36.49
C THR A 324 -25.39 9.23 -35.04
N TYR A 325 -25.05 10.13 -34.13
CA TYR A 325 -25.02 9.80 -32.71
C TYR A 325 -25.47 11.00 -31.89
N LYS A 326 -26.00 10.70 -30.71
CA LYS A 326 -26.37 11.70 -29.73
C LYS A 326 -25.90 11.24 -28.36
N ILE A 327 -25.61 12.20 -27.50
CA ILE A 327 -25.31 11.88 -26.09
C ILE A 327 -26.45 12.44 -25.25
N PRO A 328 -27.64 11.83 -25.31
CA PRO A 328 -28.82 12.42 -24.65
C PRO A 328 -28.72 12.46 -23.14
N TYR A 329 -27.82 11.68 -22.53
CA TYR A 329 -27.73 11.52 -21.08
C TYR A 329 -26.29 11.79 -20.67
N ASP A 330 -25.94 13.06 -20.54
CA ASP A 330 -24.64 13.48 -20.06
C ASP A 330 -24.77 13.89 -18.60
N THR A 331 -24.08 13.17 -17.71
CA THR A 331 -24.08 13.56 -16.30
C THR A 331 -23.11 14.69 -16.02
N THR A 332 -22.10 14.89 -16.86
CA THR A 332 -21.07 15.89 -16.62
C THR A 332 -21.48 17.29 -17.00
N LYS A 333 -22.55 17.45 -17.79
CA LYS A 333 -23.08 18.78 -18.06
C LYS A 333 -23.62 19.45 -16.79
N PHE A 334 -24.03 18.66 -15.79
CA PHE A 334 -24.48 19.22 -14.53
C PHE A 334 -23.30 19.68 -13.67
N VAL A 335 -22.21 18.91 -13.68
CA VAL A 335 -20.99 19.33 -12.98
C VAL A 335 -20.49 20.64 -13.57
N ILE A 336 -20.28 20.65 -14.90
CA ILE A 336 -19.77 21.84 -15.59
C ILE A 336 -20.64 23.05 -15.30
N GLU A 337 -21.96 22.85 -15.14
CA GLU A 337 -22.86 23.96 -14.89
C GLU A 337 -22.80 24.43 -13.44
N SER A 338 -23.04 23.51 -12.49
CA SER A 338 -22.99 23.89 -11.08
C SER A 338 -21.66 24.53 -10.68
N ILE A 339 -20.59 24.23 -11.42
CA ILE A 339 -19.32 24.93 -11.20
C ILE A 339 -19.40 26.36 -11.71
N LYS A 340 -19.92 26.54 -12.93
CA LYS A 340 -20.14 27.88 -13.45
C LYS A 340 -20.94 28.74 -12.47
N GLU A 341 -22.01 28.16 -11.92
CA GLU A 341 -22.87 28.91 -11.00
C GLU A 341 -22.23 29.11 -9.64
N VAL A 342 -21.22 28.32 -9.28
CA VAL A 342 -20.52 28.60 -8.02
C VAL A 342 -19.46 29.67 -8.23
N VAL A 343 -18.87 29.75 -9.43
CA VAL A 343 -17.94 30.83 -9.74
C VAL A 343 -18.72 32.15 -9.88
N LYS A 344 -19.91 32.08 -10.48
CA LYS A 344 -20.85 33.19 -10.45
C LYS A 344 -21.10 33.67 -9.03
N THR A 345 -21.53 32.75 -8.16
CA THR A 345 -21.79 33.08 -6.76
C THR A 345 -20.56 33.68 -6.08
N PHE A 346 -19.36 33.25 -6.47
CA PHE A 346 -18.15 33.80 -5.89
C PHE A 346 -17.96 35.26 -6.32
N VAL A 347 -17.93 35.50 -7.63
CA VAL A 347 -17.72 36.86 -8.14
C VAL A 347 -18.82 37.79 -7.65
N GLU A 348 -20.06 37.30 -7.59
CA GLU A 348 -21.16 38.12 -7.07
C GLU A 348 -20.91 38.49 -5.62
N ALA A 349 -20.55 37.51 -4.80
CA ALA A 349 -20.31 37.77 -3.39
C ALA A 349 -19.12 38.70 -3.19
N LEU A 350 -18.11 38.58 -4.05
CA LEU A 350 -16.93 39.44 -3.93
C LEU A 350 -17.29 40.90 -4.16
N ILE A 351 -18.22 41.17 -5.07
CA ILE A 351 -18.61 42.54 -5.36
C ILE A 351 -19.51 43.09 -4.27
N LEU A 352 -20.42 42.27 -3.74
CA LEU A 352 -21.32 42.74 -2.69
C LEU A 352 -20.56 43.14 -1.43
N VAL A 353 -19.42 42.51 -1.16
CA VAL A 353 -18.63 42.88 0.00
C VAL A 353 -17.84 44.15 -0.28
N ILE A 354 -17.30 44.30 -1.48
CA ILE A 354 -16.63 45.55 -1.85
C ILE A 354 -17.57 46.72 -1.63
N ILE A 355 -18.84 46.55 -1.99
CA ILE A 355 -19.81 47.63 -1.84
C ILE A 355 -20.07 47.90 -0.36
N VAL A 356 -20.38 46.86 0.40
CA VAL A 356 -20.62 47.03 1.83
C VAL A 356 -19.40 47.59 2.55
N MET A 357 -18.22 47.42 1.98
CA MET A 357 -16.99 47.95 2.57
C MET A 357 -16.74 49.40 2.17
N TYR A 358 -16.79 49.69 0.87
CA TYR A 358 -16.66 51.07 0.42
C TYR A 358 -17.72 51.96 1.05
N MET A 359 -18.95 51.45 1.17
CA MET A 359 -20.02 52.23 1.79
C MET A 359 -19.69 52.59 3.23
N PHE A 360 -18.92 51.76 3.92
CA PHE A 360 -18.63 51.98 5.33
C PHE A 360 -17.29 52.66 5.58
N LEU A 361 -16.29 52.40 4.74
CA LEU A 361 -15.00 53.07 4.86
C LEU A 361 -14.91 54.34 4.01
N LYS A 362 -15.96 54.65 3.25
CA LYS A 362 -16.21 55.96 2.66
C LYS A 362 -15.33 56.29 1.46
N ASN A 363 -14.02 56.01 1.51
CA ASN A 363 -13.16 56.36 0.38
C ASN A 363 -12.44 55.13 -0.17
N PHE A 364 -11.69 55.34 -1.24
CA PHE A 364 -11.15 54.23 -2.03
C PHE A 364 -10.00 53.53 -1.30
N ARG A 365 -8.92 54.25 -1.02
CA ARG A 365 -7.77 53.63 -0.36
C ARG A 365 -8.18 52.98 0.96
N ALA A 366 -9.16 53.59 1.66
CA ALA A 366 -9.71 52.96 2.85
C ALA A 366 -10.31 51.60 2.53
N THR A 367 -10.75 51.39 1.30
CA THR A 367 -11.36 50.13 0.87
C THR A 367 -10.37 49.19 0.19
N LEU A 368 -9.38 49.71 -0.55
CA LEU A 368 -8.43 48.82 -1.21
C LEU A 368 -7.53 48.11 -0.20
N ILE A 369 -7.10 48.82 0.85
CA ILE A 369 -6.16 48.23 1.81
C ILE A 369 -6.73 46.97 2.48
N PRO A 370 -7.96 46.96 3.00
CA PRO A 370 -8.48 45.70 3.56
C PRO A 370 -8.78 44.66 2.51
N MET A 371 -8.94 45.06 1.24
CA MET A 371 -9.21 44.09 0.18
C MET A 371 -8.01 43.19 -0.08
N ILE A 372 -6.80 43.67 0.20
CA ILE A 372 -5.61 42.84 -0.01
C ILE A 372 -5.67 41.57 0.82
N ALA A 373 -6.46 41.56 1.90
CA ALA A 373 -6.66 40.34 2.65
C ALA A 373 -7.27 39.25 1.79
N VAL A 374 -8.12 39.60 0.83
CA VAL A 374 -8.91 38.62 0.08
C VAL A 374 -8.02 37.74 -0.80
N PRO A 375 -7.10 38.30 -1.62
CA PRO A 375 -6.14 37.42 -2.30
C PRO A 375 -5.30 36.68 -1.27
N VAL A 376 -4.45 37.41 -0.55
CA VAL A 376 -3.43 36.88 0.35
C VAL A 376 -3.98 35.76 1.22
N SER A 377 -5.22 35.89 1.70
CA SER A 377 -5.81 34.84 2.51
C SER A 377 -6.27 33.67 1.64
N LEU A 378 -7.33 33.88 0.85
CA LEU A 378 -7.88 32.84 -0.01
C LEU A 378 -6.80 32.18 -0.84
N LEU A 379 -6.07 32.99 -1.62
CA LEU A 379 -4.94 32.47 -2.40
C LEU A 379 -3.99 31.65 -1.53
N GLY A 380 -3.79 32.07 -0.28
CA GLY A 380 -2.83 31.39 0.57
C GLY A 380 -3.25 29.99 0.97
N THR A 381 -4.52 29.82 1.34
CA THR A 381 -4.99 28.53 1.84
C THR A 381 -4.88 27.42 0.81
N PHE A 382 -4.72 27.75 -0.47
CA PHE A 382 -4.46 26.71 -1.46
C PHE A 382 -3.10 26.06 -1.23
N ALA A 383 -2.10 26.82 -0.77
CA ALA A 383 -0.83 26.23 -0.41
C ALA A 383 -0.97 25.29 0.79
N GLY A 384 -1.96 25.53 1.65
CA GLY A 384 -2.21 24.66 2.77
C GLY A 384 -2.91 23.38 2.36
N LEU A 385 -3.92 23.50 1.49
CA LEU A 385 -4.61 22.31 0.99
C LEU A 385 -3.65 21.40 0.25
N TYR A 386 -2.76 21.98 -0.56
CA TYR A 386 -1.79 21.17 -1.30
C TYR A 386 -0.91 20.35 -0.35
N VAL A 387 -0.46 20.96 0.74
CA VAL A 387 0.44 20.26 1.65
C VAL A 387 -0.31 19.20 2.44
N LEU A 388 -1.50 19.54 2.93
CA LEU A 388 -2.28 18.60 3.74
C LEU A 388 -2.99 17.54 2.91
N GLY A 389 -2.73 17.48 1.60
CA GLY A 389 -3.37 16.52 0.76
C GLY A 389 -4.87 16.69 0.72
N PHE A 390 -5.33 17.81 0.19
CA PHE A 390 -6.75 18.06 -0.05
C PHE A 390 -6.95 18.29 -1.54
N SER A 391 -8.14 18.78 -1.91
CA SER A 391 -8.47 19.03 -3.30
C SER A 391 -9.35 20.27 -3.39
N ILE A 392 -9.30 20.91 -4.55
CA ILE A 392 -10.36 21.84 -4.92
C ILE A 392 -11.58 21.03 -5.29
N ASN A 393 -12.73 21.43 -4.76
CA ASN A 393 -13.98 20.75 -5.10
C ASN A 393 -15.14 21.65 -4.69
N LEU A 394 -16.34 21.22 -5.08
CA LEU A 394 -17.55 21.98 -4.80
C LEU A 394 -17.61 22.43 -3.34
N LEU A 395 -17.34 21.50 -2.43
CA LEU A 395 -17.38 21.83 -1.00
C LEU A 395 -16.32 22.86 -0.64
N THR A 396 -15.12 22.74 -1.21
CA THR A 396 -14.09 23.75 -1.00
C THR A 396 -14.53 25.10 -1.53
N LEU A 397 -15.06 25.12 -2.75
CA LEU A 397 -15.51 26.37 -3.36
C LEU A 397 -16.55 27.08 -2.51
N PHE A 398 -17.50 26.32 -1.95
CA PHE A 398 -18.44 26.86 -0.97
C PHE A 398 -17.72 27.63 0.12
N ALA A 399 -16.77 26.96 0.80
CA ALA A 399 -16.07 27.58 1.91
C ALA A 399 -15.32 28.83 1.46
N LEU A 400 -14.71 28.78 0.28
CA LEU A 400 -14.01 29.97 -0.23
C LEU A 400 -14.98 31.12 -0.47
N ILE A 401 -16.22 30.84 -0.85
CA ILE A 401 -17.25 31.88 -0.91
C ILE A 401 -17.51 32.42 0.48
N LEU A 402 -17.90 31.53 1.39
CA LEU A 402 -18.19 31.89 2.78
C LEU A 402 -17.07 32.72 3.38
N ALA A 403 -15.83 32.52 2.94
CA ALA A 403 -14.67 33.15 3.56
C ALA A 403 -14.51 34.61 3.19
N ILE A 404 -14.88 35.01 1.98
CA ILE A 404 -14.68 36.38 1.48
C ILE A 404 -15.07 37.39 2.54
N GLY A 405 -16.29 37.26 3.07
CA GLY A 405 -16.79 38.20 4.05
C GLY A 405 -16.24 38.00 5.45
N ILE A 406 -15.55 36.89 5.71
CA ILE A 406 -14.94 36.66 7.01
C ILE A 406 -13.47 37.04 6.96
N VAL A 407 -12.87 36.86 5.78
CA VAL A 407 -11.44 37.17 5.61
C VAL A 407 -11.19 38.66 5.83
N VAL A 408 -12.17 39.51 5.51
CA VAL A 408 -11.98 40.94 5.61
C VAL A 408 -12.17 41.46 7.03
N ASP A 409 -12.75 40.67 7.92
CA ASP A 409 -13.22 41.14 9.22
C ASP A 409 -12.14 41.90 10.00
N ASP A 410 -10.99 41.25 10.21
CA ASP A 410 -9.96 41.88 11.02
C ASP A 410 -9.37 43.11 10.34
N ALA A 411 -9.02 42.99 9.06
CA ALA A 411 -8.44 44.11 8.33
C ALA A 411 -9.38 45.31 8.34
N ILE A 412 -10.67 45.09 8.15
CA ILE A 412 -11.61 46.22 8.20
C ILE A 412 -11.84 46.68 9.63
N ILE A 413 -11.68 45.78 10.61
CA ILE A 413 -11.74 46.21 12.00
C ILE A 413 -10.61 47.16 12.32
N VAL A 414 -9.43 46.90 11.77
CA VAL A 414 -8.29 47.79 11.99
C VAL A 414 -8.52 49.13 11.30
N VAL A 415 -8.77 49.11 9.99
CA VAL A 415 -8.85 50.34 9.20
C VAL A 415 -9.91 51.27 9.77
N GLU A 416 -11.06 50.72 10.18
CA GLU A 416 -12.11 51.55 10.74
C GLU A 416 -11.65 52.27 12.01
N ASN A 417 -10.79 51.63 12.80
CA ASN A 417 -10.38 52.24 14.06
C ASN A 417 -9.23 53.21 13.89
N ILE A 418 -8.35 52.99 12.91
CA ILE A 418 -7.42 54.04 12.52
C ILE A 418 -8.20 55.26 12.07
N ASP A 419 -9.34 55.05 11.42
CA ASP A 419 -10.19 56.14 10.99
C ASP A 419 -10.83 56.85 12.19
N ARG A 420 -11.41 56.08 13.11
CA ARG A 420 -11.96 56.67 14.32
C ARG A 420 -10.91 57.52 15.01
N ILE A 421 -9.70 56.97 15.13
CA ILE A 421 -8.61 57.70 15.74
C ILE A 421 -8.29 58.97 14.95
N LEU A 422 -8.34 58.88 13.62
CA LEU A 422 -8.00 60.02 12.77
C LEU A 422 -9.10 61.07 12.79
N HIS A 423 -10.33 60.66 12.50
CA HIS A 423 -11.45 61.59 12.52
C HIS A 423 -11.71 62.16 13.91
N GLU A 424 -10.82 61.91 14.87
CA GLU A 424 -11.06 62.39 16.23
C GLU A 424 -9.82 62.82 16.99
N ASN A 425 -8.61 62.68 16.44
CA ASN A 425 -7.40 63.21 17.05
C ASN A 425 -6.64 63.94 15.95
N GLU A 426 -6.72 65.27 15.96
CA GLU A 426 -6.23 66.08 14.85
C GLU A 426 -4.71 66.21 14.82
N GLN A 427 -4.01 65.87 15.90
CA GLN A 427 -2.56 66.02 15.93
C GLN A 427 -1.83 64.80 15.40
N ILE A 428 -2.25 63.61 15.85
CA ILE A 428 -1.49 62.40 15.59
C ILE A 428 -1.33 62.17 14.10
N SER A 429 -0.13 61.77 13.69
CA SER A 429 0.11 61.38 12.31
C SER A 429 -0.56 60.03 12.03
N VAL A 430 -0.73 59.74 10.74
CA VAL A 430 -1.34 58.47 10.34
C VAL A 430 -0.54 57.30 10.88
N LYS A 431 0.78 57.33 10.70
CA LYS A 431 1.65 56.24 11.12
C LYS A 431 1.48 55.95 12.62
N ASP A 432 1.70 56.97 13.46
CA ASP A 432 1.51 56.79 14.89
C ASP A 432 0.10 56.35 15.22
N ALA A 433 -0.88 56.76 14.42
CA ALA A 433 -2.26 56.40 14.69
C ALA A 433 -2.54 54.94 14.34
N ALA A 434 -1.86 54.40 13.33
CA ALA A 434 -1.91 52.98 13.09
C ALA A 434 -1.43 52.21 14.32
N ILE A 435 -0.27 52.60 14.84
CA ILE A 435 0.26 51.97 16.06
C ILE A 435 -0.72 52.12 17.21
N GLN A 436 -1.38 53.28 17.31
CA GLN A 436 -2.33 53.49 18.40
C GLN A 436 -3.53 52.55 18.27
N ALA A 437 -4.00 52.32 17.04
CA ALA A 437 -5.12 51.41 16.83
C ALA A 437 -4.76 49.98 17.19
N MET A 438 -3.58 49.53 16.75
CA MET A 438 -3.17 48.16 17.00
C MET A 438 -3.10 47.87 18.49
N GLN A 439 -2.61 48.84 19.28
CA GLN A 439 -2.65 48.68 20.74
C GLN A 439 -4.07 48.46 21.23
N GLU A 440 -5.07 49.04 20.54
CA GLU A 440 -6.44 49.00 21.00
C GLU A 440 -7.23 47.81 20.46
N VAL A 441 -6.81 47.19 19.36
CA VAL A 441 -7.61 46.19 18.69
C VAL A 441 -6.88 44.88 18.44
N SER A 442 -5.61 44.75 18.86
CA SER A 442 -4.86 43.54 18.56
C SER A 442 -5.49 42.31 19.23
N SER A 443 -5.95 42.45 20.46
CA SER A 443 -6.60 41.32 21.12
C SER A 443 -7.93 40.96 20.46
N PRO A 444 -8.82 41.92 20.13
CA PRO A 444 -10.03 41.53 19.38
C PRO A 444 -9.75 40.78 18.08
N VAL A 445 -8.80 41.25 17.26
CA VAL A 445 -8.57 40.58 15.98
C VAL A 445 -8.05 39.16 16.20
N ILE A 446 -7.22 38.96 17.23
CA ILE A 446 -6.70 37.63 17.52
C ILE A 446 -7.81 36.75 18.06
N SER A 447 -8.57 37.27 19.05
CA SER A 447 -9.69 36.52 19.59
C SER A 447 -10.59 36.00 18.48
N ILE A 448 -10.80 36.80 17.44
CA ILE A 448 -11.63 36.39 16.31
C ILE A 448 -11.01 35.18 15.62
N VAL A 449 -9.72 35.27 15.27
CA VAL A 449 -9.03 34.16 14.63
C VAL A 449 -9.06 32.94 15.52
N LEU A 450 -8.71 33.10 16.80
CA LEU A 450 -8.65 31.98 17.73
C LEU A 450 -10.00 31.29 17.85
N VAL A 451 -11.05 32.07 18.11
CA VAL A 451 -12.38 31.52 18.34
C VAL A 451 -12.90 30.76 17.12
N LEU A 452 -12.35 31.05 15.94
CA LEU A 452 -12.75 30.38 14.71
C LEU A 452 -11.92 29.13 14.42
N CYS A 453 -10.66 29.11 14.84
CA CYS A 453 -9.92 27.86 14.91
C CYS A 453 -10.36 27.01 16.09
N ALA A 454 -10.82 27.64 17.18
CA ALA A 454 -11.29 26.91 18.35
C ALA A 454 -12.42 25.95 17.98
N VAL A 455 -13.30 26.36 17.06
CA VAL A 455 -14.42 25.51 16.66
C VAL A 455 -14.03 24.56 15.54
N PHE A 456 -13.27 25.00 14.54
CA PHE A 456 -13.08 24.20 13.33
C PHE A 456 -11.91 23.24 13.39
N VAL A 457 -10.82 23.60 14.06
CA VAL A 457 -9.70 22.68 14.18
C VAL A 457 -10.12 21.36 14.81
N PRO A 458 -10.91 21.32 15.89
CA PRO A 458 -11.29 20.02 16.46
C PRO A 458 -12.30 19.25 15.62
N VAL A 459 -13.12 19.93 14.81
CA VAL A 459 -14.05 19.18 13.96
C VAL A 459 -13.37 18.66 12.70
N SER A 460 -12.17 19.14 12.38
CA SER A 460 -11.38 18.63 11.28
C SER A 460 -10.51 17.44 11.69
N PHE A 461 -10.82 16.82 12.83
CA PHE A 461 -10.23 15.54 13.20
C PHE A 461 -11.21 14.39 13.02
N ILE A 462 -12.50 14.70 12.86
CA ILE A 462 -13.54 13.68 12.78
C ILE A 462 -13.59 13.09 11.38
N SER A 463 -13.82 11.78 11.31
CA SER A 463 -13.95 11.07 10.05
C SER A 463 -15.39 10.61 9.87
N GLY A 464 -15.69 10.12 8.67
CA GLY A 464 -17.01 9.70 8.29
C GLY A 464 -17.54 10.48 7.10
N PHE A 465 -18.76 10.12 6.68
CA PHE A 465 -19.41 10.83 5.59
C PHE A 465 -19.57 12.30 5.92
N VAL A 466 -20.20 12.58 7.07
CA VAL A 466 -20.29 13.95 7.56
C VAL A 466 -18.90 14.54 7.74
N GLY A 467 -17.99 13.75 8.31
CA GLY A 467 -16.68 14.29 8.68
C GLY A 467 -15.89 14.78 7.47
N GLU A 468 -15.84 13.97 6.42
CA GLU A 468 -15.10 14.37 5.23
C GLU A 468 -15.76 15.55 4.53
N ILE A 469 -17.09 15.65 4.61
CA ILE A 469 -17.77 16.84 4.09
C ILE A 469 -17.38 18.07 4.89
N GLN A 470 -17.58 18.01 6.21
CA GLN A 470 -17.40 19.19 7.05
C GLN A 470 -15.95 19.68 7.01
N ARG A 471 -14.99 18.75 7.06
CA ARG A 471 -13.59 19.15 7.13
C ARG A 471 -13.14 19.92 5.89
N GLN A 472 -13.88 19.82 4.78
CA GLN A 472 -13.61 20.71 3.65
C GLN A 472 -13.87 22.15 4.04
N PHE A 473 -14.88 22.39 4.88
CA PHE A 473 -15.15 23.74 5.35
C PHE A 473 -14.20 24.15 6.46
N ALA A 474 -14.05 23.29 7.47
CA ALA A 474 -13.22 23.62 8.63
C ALA A 474 -11.82 24.05 8.22
N LEU A 475 -11.18 23.29 7.33
CA LEU A 475 -9.80 23.58 6.99
C LEU A 475 -9.68 24.83 6.13
N THR A 476 -10.57 24.97 5.14
CA THR A 476 -10.52 26.16 4.29
C THR A 476 -10.76 27.43 5.10
N LEU A 477 -11.72 27.37 6.03
CA LEU A 477 -12.00 28.54 6.85
C LEU A 477 -10.87 28.80 7.85
N ALA A 478 -10.35 27.74 8.48
CA ALA A 478 -9.37 27.93 9.54
C ALA A 478 -8.04 28.43 8.99
N ILE A 479 -7.64 27.96 7.81
CA ILE A 479 -6.40 28.48 7.22
C ILE A 479 -6.62 29.90 6.70
N SER A 480 -7.82 30.20 6.22
CA SER A 480 -8.08 31.51 5.62
C SER A 480 -8.16 32.59 6.69
N VAL A 481 -9.02 32.40 7.70
CA VAL A 481 -9.19 33.39 8.74
C VAL A 481 -7.89 33.59 9.51
N THR A 482 -7.09 32.52 9.67
CA THR A 482 -5.77 32.65 10.28
C THR A 482 -4.90 33.59 9.48
N ILE A 483 -4.69 33.29 8.19
CA ILE A 483 -3.92 34.18 7.32
C ILE A 483 -4.51 35.59 7.35
N SER A 484 -5.84 35.68 7.30
CA SER A 484 -6.48 36.99 7.34
C SER A 484 -6.14 37.77 8.60
N GLY A 485 -5.97 37.07 9.73
CA GLY A 485 -5.51 37.76 10.92
C GLY A 485 -4.08 38.23 10.81
N PHE A 486 -3.21 37.41 10.20
CA PHE A 486 -1.81 37.78 10.04
C PHE A 486 -1.66 38.99 9.13
N VAL A 487 -2.48 39.07 8.08
CA VAL A 487 -2.46 40.25 7.21
C VAL A 487 -2.92 41.47 7.97
N ALA A 488 -3.91 41.31 8.85
CA ALA A 488 -4.43 42.45 9.60
C ALA A 488 -3.49 42.89 10.70
N LEU A 489 -2.67 41.97 11.22
CA LEU A 489 -1.70 42.30 12.24
C LEU A 489 -0.40 42.85 11.68
N THR A 490 -0.16 42.70 10.38
CA THR A 490 1.08 43.18 9.78
C THR A 490 0.81 44.09 8.60
N LEU A 491 0.26 43.54 7.52
CA LEU A 491 0.15 44.30 6.27
C LEU A 491 -0.83 45.45 6.38
N THR A 492 -2.00 45.22 7.01
CA THR A 492 -3.05 46.22 7.01
C THR A 492 -2.64 47.52 7.70
N PRO A 493 -2.15 47.53 8.94
CA PRO A 493 -1.75 48.81 9.54
C PRO A 493 -0.57 49.43 8.82
N SER A 494 0.39 48.60 8.41
CA SER A 494 1.57 49.08 7.71
C SER A 494 1.19 49.82 6.43
N LEU A 495 0.26 49.25 5.65
CA LEU A 495 -0.18 49.92 4.43
C LEU A 495 -0.87 51.24 4.74
N CYS A 496 -1.74 51.26 5.75
CA CYS A 496 -2.43 52.50 6.13
C CYS A 496 -1.43 53.59 6.49
N ALA A 497 -0.45 53.27 7.32
CA ALA A 497 0.64 54.20 7.60
C ALA A 497 1.20 54.80 6.32
N LEU A 498 1.52 53.94 5.35
CA LEU A 498 2.17 54.39 4.12
C LEU A 498 1.20 55.07 3.15
N PHE A 499 -0.10 54.81 3.27
CA PHE A 499 -1.02 55.28 2.23
C PHE A 499 -2.33 55.87 2.72
N LEU A 500 -2.80 55.57 3.92
CA LEU A 500 -4.02 56.22 4.40
C LEU A 500 -3.82 57.72 4.48
N ARG A 501 -4.62 58.47 3.73
CA ARG A 501 -4.46 59.92 3.68
C ARG A 501 -5.12 60.58 4.87
N ARG A 502 -4.45 61.62 5.41
CA ARG A 502 -4.88 62.20 6.67
C ARG A 502 -6.26 62.83 6.57
N ASN A 503 -6.58 63.46 5.43
CA ASN A 503 -7.90 64.07 5.24
C ASN A 503 -8.31 63.92 3.77
N GLU A 504 -8.78 62.72 3.43
CA GLU A 504 -9.42 62.46 2.14
C GLU A 504 -10.90 62.79 2.26
N GLY A 505 -11.18 64.09 2.20
CA GLY A 505 -12.47 64.62 2.59
C GLY A 505 -13.62 64.34 1.65
N GLU A 506 -13.40 63.63 0.55
CA GLU A 506 -14.48 63.35 -0.38
C GLU A 506 -15.37 62.24 0.18
N PRO A 507 -16.66 62.49 0.40
CA PRO A 507 -17.55 61.43 0.87
C PRO A 507 -18.64 61.12 -0.15
N PHE A 508 -18.44 61.59 -1.39
CA PHE A 508 -19.40 61.39 -2.48
C PHE A 508 -20.81 61.81 -2.08
N LYS A 509 -21.83 61.22 -2.70
CA LYS A 509 -23.20 61.60 -2.44
C LYS A 509 -23.85 60.69 -1.42
N PHE A 510 -24.19 59.49 -1.88
CA PHE A 510 -24.95 58.53 -1.07
C PHE A 510 -24.14 58.03 0.13
N VAL A 511 -22.81 57.97 0.01
CA VAL A 511 -21.99 57.54 1.14
C VAL A 511 -22.24 58.41 2.36
N LYS A 512 -22.30 59.73 2.15
CA LYS A 512 -22.56 60.63 3.28
C LYS A 512 -23.94 60.41 3.86
N LYS A 513 -24.95 60.18 3.01
CA LYS A 513 -26.28 59.89 3.51
C LYS A 513 -26.31 58.57 4.28
N PHE A 514 -25.61 57.56 3.76
CA PHE A 514 -25.65 56.24 4.39
C PHE A 514 -25.14 56.29 5.83
N ASN A 515 -23.99 56.92 6.04
CA ASN A 515 -23.42 56.98 7.39
C ASN A 515 -24.27 57.84 8.31
N ASP A 516 -24.94 58.88 7.79
CA ASP A 516 -25.85 59.67 8.60
C ASP A 516 -26.91 58.79 9.24
N PHE A 517 -27.61 57.98 8.44
CA PHE A 517 -28.56 57.03 8.99
C PHE A 517 -27.88 56.07 9.96
N PHE A 518 -26.66 55.65 9.63
CA PHE A 518 -25.99 54.66 10.47
C PHE A 518 -25.58 55.26 11.82
N ASP A 519 -25.13 56.51 11.81
CA ASP A 519 -24.87 57.20 13.08
C ASP A 519 -26.14 57.28 13.93
N TRP A 520 -27.28 57.53 13.28
CA TRP A 520 -28.55 57.50 14.01
C TRP A 520 -28.77 56.14 14.67
N SER A 521 -28.69 55.06 13.89
CA SER A 521 -28.97 53.73 14.43
C SER A 521 -27.98 53.34 15.52
N THR A 522 -26.76 53.90 15.50
CA THR A 522 -25.82 53.68 16.58
C THR A 522 -26.40 54.16 17.91
N SER A 523 -26.83 55.42 17.95
CA SER A 523 -27.41 55.97 19.17
C SER A 523 -28.70 55.26 19.55
N VAL A 524 -29.50 54.85 18.55
CA VAL A 524 -30.67 54.02 18.82
C VAL A 524 -30.25 52.75 19.56
N PHE A 525 -29.17 52.11 19.09
CA PHE A 525 -28.70 50.88 19.69
C PHE A 525 -28.30 51.08 21.15
N SER A 526 -27.30 51.94 21.39
CA SER A 526 -26.85 52.20 22.76
C SER A 526 -27.97 52.75 23.64
N ALA A 527 -28.99 53.41 23.06
CA ALA A 527 -30.18 53.75 23.84
C ALA A 527 -30.90 52.51 24.33
N GLY A 528 -31.09 51.51 23.45
CA GLY A 528 -31.75 50.28 23.87
C GLY A 528 -30.88 49.43 24.78
N VAL A 529 -29.58 49.37 24.51
CA VAL A 529 -28.66 48.69 25.42
C VAL A 529 -28.78 49.27 26.82
N ALA A 530 -28.76 50.60 26.92
CA ALA A 530 -29.00 51.26 28.20
C ALA A 530 -30.42 51.01 28.70
N TYR A 531 -31.40 50.93 27.80
CA TYR A 531 -32.75 50.55 28.18
C TYR A 531 -32.77 49.16 28.81
N ILE A 532 -32.21 48.18 28.10
CA ILE A 532 -32.25 46.79 28.54
C ILE A 532 -31.54 46.63 29.88
N LEU A 533 -30.50 47.42 30.12
CA LEU A 533 -29.71 47.27 31.34
C LEU A 533 -30.53 47.64 32.58
N LYS A 534 -31.53 48.50 32.44
CA LYS A 534 -32.28 48.97 33.61
C LYS A 534 -33.38 48.00 34.01
N ARG A 535 -33.94 47.26 33.06
CA ARG A 535 -35.05 46.36 33.31
C ARG A 535 -34.61 44.92 33.08
N THR A 536 -33.73 44.43 33.98
CA THR A 536 -32.93 43.26 33.68
C THR A 536 -33.76 41.98 33.67
N ILE A 537 -34.52 41.72 34.75
CA ILE A 537 -35.16 40.42 34.93
C ILE A 537 -36.02 40.06 33.73
N ARG A 538 -36.66 41.06 33.13
CA ARG A 538 -37.59 40.80 32.04
C ARG A 538 -36.84 40.36 30.78
N PHE A 539 -35.75 41.06 30.44
CA PHE A 539 -34.95 40.67 29.29
C PHE A 539 -34.21 39.36 29.52
N VAL A 540 -34.03 38.94 30.77
CA VAL A 540 -33.51 37.61 31.03
C VAL A 540 -34.54 36.56 30.64
N LEU A 541 -35.80 36.79 31.01
CA LEU A 541 -36.84 35.83 30.68
C LEU A 541 -37.11 35.77 29.18
N ILE A 542 -36.98 36.91 28.48
CA ILE A 542 -37.04 36.89 27.01
C ILE A 542 -36.02 35.91 26.46
N PHE A 543 -34.74 36.14 26.79
CA PHE A 543 -33.68 35.21 26.43
C PHE A 543 -34.03 33.77 26.77
N CYS A 544 -34.46 33.54 28.01
CA CYS A 544 -34.86 32.20 28.44
C CYS A 544 -35.95 31.64 27.54
N ILE A 545 -36.97 32.47 27.24
CA ILE A 545 -38.02 32.05 26.32
C ILE A 545 -37.43 31.72 24.95
N MET A 546 -36.60 32.63 24.43
CA MET A 546 -35.91 32.39 23.16
C MET A 546 -35.09 31.11 23.20
N LEU A 547 -34.58 30.74 24.37
CA LEU A 547 -33.84 29.49 24.51
C LEU A 547 -34.75 28.29 24.28
N GLY A 548 -35.86 28.21 25.02
CA GLY A 548 -36.82 27.15 24.78
C GLY A 548 -37.45 27.20 23.41
N ALA A 549 -37.64 28.41 22.86
CA ALA A 549 -38.09 28.53 21.48
C ALA A 549 -37.21 27.72 20.54
N ILE A 550 -35.89 27.80 20.76
CA ILE A 550 -34.94 27.03 19.96
C ILE A 550 -35.25 25.53 20.07
N PHE A 551 -35.64 25.07 21.26
CA PHE A 551 -35.96 23.66 21.45
C PHE A 551 -37.14 23.26 20.58
N TYR A 552 -38.25 23.99 20.67
CA TYR A 552 -39.43 23.64 19.90
C TYR A 552 -39.15 23.73 18.40
N LEU A 553 -38.41 24.77 17.99
CA LEU A 553 -38.03 24.90 16.59
C LEU A 553 -37.16 23.72 16.15
N TYR A 554 -36.35 23.18 17.06
CA TYR A 554 -35.53 22.02 16.72
C TYR A 554 -36.40 20.83 16.33
N LYS A 555 -37.43 20.54 17.12
CA LYS A 555 -38.33 19.44 16.81
C LYS A 555 -39.07 19.70 15.50
N ALA A 556 -39.50 20.94 15.26
CA ALA A 556 -40.33 21.24 14.11
C ALA A 556 -39.59 21.10 12.78
N VAL A 557 -38.26 21.08 12.80
CA VAL A 557 -37.45 21.01 11.59
C VAL A 557 -37.14 19.54 11.30
N PRO A 558 -37.51 19.02 10.13
CA PRO A 558 -37.11 17.65 9.78
C PRO A 558 -35.63 17.59 9.40
N ASN A 559 -35.10 16.37 9.39
CA ASN A 559 -33.69 16.14 9.14
C ASN A 559 -33.48 15.52 7.76
N SER A 560 -32.38 15.90 7.12
CA SER A 560 -31.91 15.21 5.94
C SER A 560 -30.40 15.13 6.02
N LEU A 561 -29.79 14.50 5.01
CA LEU A 561 -28.36 14.38 4.88
C LEU A 561 -27.77 15.50 4.03
N VAL A 562 -28.17 15.56 2.76
CA VAL A 562 -27.64 16.54 1.82
C VAL A 562 -28.65 16.66 0.69
N PRO A 563 -28.89 17.88 0.14
CA PRO A 563 -29.86 18.03 -0.95
C PRO A 563 -29.75 17.06 -2.13
N GLU A 564 -30.85 16.87 -2.85
CA GLU A 564 -30.89 15.96 -4.00
C GLU A 564 -31.11 16.82 -5.24
N GLU A 565 -30.00 17.32 -5.79
CA GLU A 565 -30.03 18.37 -6.81
C GLU A 565 -30.90 17.98 -8.00
N ASP A 566 -31.45 19.02 -8.63
CA ASP A 566 -32.03 18.93 -9.98
C ASP A 566 -30.87 18.92 -10.95
N GLN A 567 -30.45 17.73 -11.38
CA GLN A 567 -29.25 17.58 -12.19
C GLN A 567 -29.53 17.58 -13.68
N GLY A 568 -30.73 17.99 -14.10
CA GLY A 568 -31.07 17.98 -15.50
C GLY A 568 -31.35 16.61 -16.08
N LEU A 569 -31.42 15.58 -15.26
CA LEU A 569 -31.73 14.22 -15.69
C LEU A 569 -32.67 13.58 -14.68
N MET A 570 -33.34 12.52 -15.12
CA MET A 570 -34.18 11.70 -14.26
C MET A 570 -34.39 10.37 -14.97
N ILE A 571 -34.74 9.34 -14.19
CA ILE A 571 -34.83 8.00 -14.72
C ILE A 571 -36.18 7.38 -14.36
N SER A 572 -36.50 6.29 -15.07
CA SER A 572 -37.79 5.61 -14.96
C SER A 572 -37.57 4.11 -14.97
N ILE A 573 -38.18 3.43 -14.01
CA ILE A 573 -38.02 1.98 -13.81
C ILE A 573 -39.38 1.34 -14.08
N ILE A 574 -39.49 0.65 -15.22
CA ILE A 574 -40.76 0.07 -15.67
C ILE A 574 -40.70 -1.45 -15.49
N ASN A 575 -41.84 -2.04 -15.14
CA ASN A 575 -41.87 -3.46 -14.76
C ASN A 575 -43.23 -4.05 -15.13
N LEU A 576 -43.29 -4.75 -16.26
CA LEU A 576 -44.51 -5.44 -16.66
C LEU A 576 -44.70 -6.70 -15.81
N PRO A 577 -45.96 -7.18 -15.70
CA PRO A 577 -46.22 -8.42 -14.94
C PRO A 577 -45.23 -9.54 -15.26
N SER A 578 -44.90 -10.33 -14.23
CA SER A 578 -43.70 -11.16 -14.26
C SER A 578 -43.61 -12.05 -15.49
N ALA A 579 -44.76 -12.55 -15.96
CA ALA A 579 -44.74 -13.52 -17.05
C ALA A 579 -44.36 -12.89 -18.38
N SER A 580 -44.69 -11.61 -18.58
CA SER A 580 -44.68 -10.90 -19.86
C SER A 580 -43.51 -11.20 -20.79
N ALA A 581 -43.77 -11.14 -22.09
CA ALA A 581 -42.76 -11.26 -23.13
C ALA A 581 -42.23 -9.89 -23.52
N LEU A 582 -41.06 -9.89 -24.18
CA LEU A 582 -40.36 -8.65 -24.49
C LEU A 582 -41.22 -7.72 -25.34
N HIS A 583 -42.01 -8.27 -26.26
CA HIS A 583 -42.77 -7.42 -27.17
C HIS A 583 -43.90 -6.68 -26.46
N ARG A 584 -44.42 -7.26 -25.37
CA ARG A 584 -45.34 -6.51 -24.52
C ARG A 584 -44.62 -5.36 -23.83
N THR A 585 -43.37 -5.59 -23.42
CA THR A 585 -42.60 -4.53 -22.77
C THR A 585 -42.22 -3.43 -23.74
N ILE A 586 -41.76 -3.78 -24.94
CA ILE A 586 -41.56 -2.80 -26.00
C ILE A 586 -42.83 -1.99 -26.23
N SER A 587 -43.97 -2.67 -26.27
CA SER A 587 -45.25 -2.00 -26.43
C SER A 587 -45.49 -1.00 -25.31
N GLU A 588 -45.43 -1.45 -24.06
CA GLU A 588 -45.80 -0.61 -22.93
C GLU A 588 -44.82 0.57 -22.77
N VAL A 589 -43.55 0.34 -23.09
CA VAL A 589 -42.57 1.43 -23.00
C VAL A 589 -42.96 2.58 -23.91
N ASP A 590 -43.28 2.27 -25.17
CA ASP A 590 -43.53 3.31 -26.16
C ASP A 590 -44.67 4.22 -25.75
N HIS A 591 -45.72 3.65 -25.16
CA HIS A 591 -46.79 4.47 -24.59
C HIS A 591 -46.25 5.42 -23.54
N ILE A 592 -45.59 4.88 -22.51
CA ILE A 592 -44.99 5.70 -21.46
C ILE A 592 -44.04 6.71 -22.08
N SER A 593 -43.27 6.28 -23.10
CA SER A 593 -42.21 7.12 -23.63
C SER A 593 -42.75 8.35 -24.37
N GLN A 594 -43.93 8.26 -24.97
CA GLN A 594 -44.48 9.43 -25.64
C GLN A 594 -45.19 10.36 -24.65
N GLU A 595 -45.91 9.79 -23.68
CA GLU A 595 -46.49 10.60 -22.61
C GLU A 595 -45.39 11.37 -21.88
N VAL A 596 -44.30 10.70 -21.55
CA VAL A 596 -43.15 11.39 -20.96
C VAL A 596 -42.66 12.50 -21.89
N LEU A 597 -42.43 12.18 -23.16
CA LEU A 597 -41.74 13.09 -24.06
C LEU A 597 -42.52 14.37 -24.33
N LYS A 598 -43.84 14.36 -24.14
CA LYS A 598 -44.62 15.59 -24.27
C LYS A 598 -44.89 16.26 -22.92
N THR A 599 -44.16 15.86 -21.88
CA THR A 599 -44.17 16.58 -20.61
C THR A 599 -43.25 17.78 -20.72
N ASN A 600 -43.53 18.82 -19.91
CA ASN A 600 -43.00 20.15 -20.17
C ASN A 600 -41.47 20.17 -20.16
N GLY A 601 -40.85 19.73 -19.07
CA GLY A 601 -39.43 19.98 -18.89
C GLY A 601 -38.48 19.06 -19.64
N VAL A 602 -38.97 17.93 -20.16
CA VAL A 602 -38.10 16.90 -20.77
C VAL A 602 -37.74 17.28 -22.21
N LYS A 603 -36.46 17.17 -22.52
CA LYS A 603 -35.96 17.35 -23.88
C LYS A 603 -36.02 16.05 -24.68
N ASP A 604 -35.40 15.00 -24.17
CA ASP A 604 -35.25 13.72 -24.85
C ASP A 604 -35.50 12.57 -23.87
N ALA A 605 -35.67 11.38 -24.43
CA ALA A 605 -35.86 10.18 -23.64
C ALA A 605 -35.21 9.01 -24.35
N MET A 606 -34.41 8.25 -23.61
CA MET A 606 -33.71 7.08 -24.14
C MET A 606 -34.07 5.88 -23.27
N ALA A 607 -34.34 4.74 -23.92
CA ALA A 607 -34.94 3.60 -23.25
C ALA A 607 -34.11 2.35 -23.47
N MET A 608 -33.84 1.63 -22.39
CA MET A 608 -33.27 0.28 -22.45
C MET A 608 -34.40 -0.69 -22.16
N ILE A 609 -35.04 -1.20 -23.22
CA ILE A 609 -36.17 -2.10 -23.06
C ILE A 609 -35.66 -3.52 -22.86
N GLY A 610 -36.29 -4.25 -21.95
CA GLY A 610 -35.85 -5.60 -21.65
C GLY A 610 -34.62 -5.67 -20.79
N PHE A 611 -34.40 -4.68 -19.93
CA PHE A 611 -33.17 -4.56 -19.17
C PHE A 611 -33.47 -4.06 -17.77
N ASP A 612 -32.82 -4.67 -16.78
CA ASP A 612 -32.98 -4.33 -15.38
C ASP A 612 -31.86 -3.38 -14.99
N LEU A 613 -32.19 -2.11 -14.77
CA LEU A 613 -31.18 -1.13 -14.37
C LEU A 613 -30.52 -1.49 -13.06
N PHE A 614 -31.16 -2.30 -12.21
CA PHE A 614 -30.61 -2.62 -10.90
C PHE A 614 -29.69 -3.84 -10.96
N THR A 615 -30.23 -5.00 -11.33
CA THR A 615 -29.39 -6.18 -11.48
C THR A 615 -28.57 -6.18 -12.77
N SER A 616 -28.61 -5.07 -13.51
CA SER A 616 -27.73 -4.82 -14.66
C SER A 616 -27.79 -5.93 -15.71
N SER A 617 -28.82 -6.78 -15.64
CA SER A 617 -28.95 -7.92 -16.53
C SER A 617 -30.22 -7.78 -17.36
N LEU A 618 -30.40 -8.73 -18.29
CA LEU A 618 -31.52 -8.71 -19.23
C LEU A 618 -32.69 -9.48 -18.64
N LYS A 619 -33.77 -8.78 -18.34
CA LYS A 619 -35.07 -9.36 -18.04
C LYS A 619 -36.10 -8.76 -18.98
N GLU A 620 -36.96 -9.61 -19.54
CA GLU A 620 -37.85 -9.15 -20.60
C GLU A 620 -39.03 -8.34 -20.09
N ASN A 621 -39.45 -8.53 -18.83
CA ASN A 621 -40.57 -7.78 -18.27
C ASN A 621 -40.10 -6.52 -17.53
N ALA A 622 -38.90 -6.04 -17.80
CA ALA A 622 -38.35 -4.87 -17.13
C ALA A 622 -37.80 -3.89 -18.15
N ALA A 623 -37.86 -2.61 -17.83
CA ALA A 623 -37.35 -1.56 -18.70
C ALA A 623 -36.78 -0.43 -17.86
N ALA A 624 -35.90 0.36 -18.47
CA ALA A 624 -35.25 1.47 -17.80
C ALA A 624 -35.09 2.61 -18.79
N MET A 625 -35.65 3.77 -18.46
CA MET A 625 -35.64 4.94 -19.34
C MET A 625 -34.75 6.02 -18.74
N PHE A 626 -33.85 6.57 -19.57
CA PHE A 626 -32.92 7.64 -19.17
C PHE A 626 -33.44 8.96 -19.75
N ILE A 627 -34.09 9.76 -18.93
CA ILE A 627 -34.75 10.98 -19.41
C ILE A 627 -33.83 12.17 -19.18
N GLY A 628 -33.71 13.03 -20.17
CA GLY A 628 -32.93 14.25 -20.05
C GLY A 628 -33.81 15.47 -20.22
N LEU A 629 -33.58 16.48 -19.39
CA LEU A 629 -34.40 17.68 -19.35
C LEU A 629 -33.74 18.80 -20.14
N GLN A 630 -34.52 19.85 -20.40
CA GLN A 630 -33.99 21.02 -21.06
C GLN A 630 -32.94 21.71 -20.18
N ASP A 631 -32.25 22.67 -20.75
CA ASP A 631 -31.27 23.43 -19.98
C ASP A 631 -31.96 24.26 -18.91
N TRP A 632 -31.29 24.40 -17.76
CA TRP A 632 -31.93 25.02 -16.58
C TRP A 632 -32.52 26.38 -16.92
N LYS A 633 -31.84 27.15 -17.77
CA LYS A 633 -32.31 28.47 -18.18
C LYS A 633 -33.35 28.40 -19.30
N ASP A 634 -33.93 27.22 -19.53
CA ASP A 634 -35.03 27.06 -20.47
C ASP A 634 -36.29 26.51 -19.83
N ARG A 635 -36.20 25.84 -18.69
CA ARG A 635 -37.34 25.20 -18.06
C ARG A 635 -37.95 26.09 -16.99
N ASN A 636 -39.28 26.06 -16.91
CA ASN A 636 -40.03 26.71 -15.86
C ASN A 636 -40.38 25.74 -14.73
N VAL A 637 -39.75 24.57 -14.71
CA VAL A 637 -40.16 23.48 -13.84
C VAL A 637 -38.93 22.76 -13.30
N SER A 638 -38.92 22.50 -12.00
CA SER A 638 -37.87 21.71 -11.40
C SER A 638 -38.10 20.23 -11.66
N ALA A 639 -37.00 19.46 -11.66
CA ALA A 639 -37.10 18.02 -11.90
C ALA A 639 -37.95 17.35 -10.83
N ASP A 640 -37.83 17.80 -9.58
CA ASP A 640 -38.63 17.24 -8.51
C ASP A 640 -40.12 17.47 -8.73
N GLN A 641 -40.50 18.42 -9.58
CA GLN A 641 -41.88 18.57 -10.01
C GLN A 641 -42.19 17.61 -11.16
N ILE A 642 -41.32 17.59 -12.18
CA ILE A 642 -41.50 16.69 -13.31
C ILE A 642 -41.64 15.25 -12.83
N ILE A 643 -40.74 14.84 -11.93
CA ILE A 643 -40.79 13.48 -11.39
C ILE A 643 -42.10 13.25 -10.66
N ALA A 644 -42.51 14.21 -9.82
CA ALA A 644 -43.74 14.05 -9.06
C ALA A 644 -44.96 14.04 -9.98
N GLU A 645 -44.98 14.92 -10.97
CA GLU A 645 -46.09 14.94 -11.93
C GLU A 645 -46.22 13.60 -12.65
N LEU A 646 -45.12 13.13 -13.24
CA LEU A 646 -45.15 11.86 -13.97
C LEU A 646 -45.55 10.71 -13.07
N ASN A 647 -45.15 10.75 -11.79
CA ASN A 647 -45.48 9.67 -10.87
C ASN A 647 -46.97 9.65 -10.57
N LYS A 648 -47.58 10.82 -10.35
CA LYS A 648 -49.02 10.88 -10.14
C LYS A 648 -49.78 10.34 -11.34
N LYS A 649 -49.28 10.61 -12.54
CA LYS A 649 -49.96 10.17 -13.76
C LYS A 649 -50.02 8.64 -13.83
N PHE A 650 -48.87 7.98 -13.75
CA PHE A 650 -48.79 6.54 -13.92
C PHE A 650 -49.01 5.77 -12.63
N ALA A 651 -49.66 6.39 -11.63
CA ALA A 651 -49.92 5.71 -10.37
C ALA A 651 -50.92 4.58 -10.50
N PHE A 652 -51.56 4.42 -11.66
CA PHE A 652 -52.59 3.42 -11.86
C PHE A 652 -52.44 2.66 -13.16
N ASP A 653 -51.50 3.03 -14.04
CA ASP A 653 -51.22 2.24 -15.23
C ASP A 653 -51.07 0.78 -14.83
N ARG A 654 -52.10 -0.02 -15.12
CA ARG A 654 -52.20 -1.40 -14.68
C ARG A 654 -51.47 -2.37 -15.60
N ASN A 655 -51.07 -1.92 -16.78
CA ASN A 655 -50.36 -2.81 -17.70
C ASN A 655 -48.90 -2.98 -17.32
N ALA A 656 -48.37 -2.08 -16.49
CA ALA A 656 -47.00 -2.18 -16.00
C ALA A 656 -46.83 -1.21 -14.84
N SER A 657 -45.84 -1.49 -14.00
CA SER A 657 -45.45 -0.58 -12.93
C SER A 657 -44.32 0.30 -13.42
N SER A 658 -44.42 1.61 -13.18
CA SER A 658 -43.54 2.58 -13.84
C SER A 658 -43.23 3.71 -12.86
N VAL A 659 -42.09 3.60 -12.17
CA VAL A 659 -41.66 4.57 -11.17
C VAL A 659 -40.71 5.57 -11.81
N PHE A 660 -40.78 6.82 -11.36
CA PHE A 660 -39.90 7.89 -11.82
C PHE A 660 -39.08 8.40 -10.64
N ILE A 661 -37.82 8.75 -10.93
CA ILE A 661 -36.81 8.98 -9.88
C ILE A 661 -35.73 9.90 -10.42
N GLY A 662 -35.18 10.74 -9.53
CA GLY A 662 -34.02 11.55 -9.85
C GLY A 662 -32.72 10.89 -9.43
N LEU A 663 -31.62 11.45 -9.93
CA LEU A 663 -30.29 10.88 -9.72
C LEU A 663 -29.89 10.90 -8.25
N PRO A 664 -28.84 10.17 -7.84
CA PRO A 664 -28.47 10.16 -6.43
C PRO A 664 -27.80 11.47 -6.06
N PRO A 665 -27.82 11.84 -4.77
CA PRO A 665 -27.17 13.11 -4.39
C PRO A 665 -25.67 13.14 -4.61
N ILE A 666 -24.95 12.07 -4.25
CA ILE A 666 -23.51 12.00 -4.46
C ILE A 666 -23.24 10.85 -5.42
N PRO A 667 -22.53 11.12 -6.52
CA PRO A 667 -22.43 10.19 -7.66
C PRO A 667 -22.43 8.67 -7.42
N GLY A 668 -21.78 8.19 -6.38
CA GLY A 668 -21.66 6.75 -6.23
C GLY A 668 -22.56 6.14 -5.17
N LEU A 669 -23.23 6.99 -4.40
CA LEU A 669 -23.99 6.54 -3.24
C LEU A 669 -25.10 5.56 -3.60
N SER A 670 -25.60 5.59 -4.82
CA SER A 670 -26.63 4.65 -5.25
C SER A 670 -26.71 4.71 -6.77
N ILE A 671 -27.60 3.90 -7.33
CA ILE A 671 -27.94 3.95 -8.74
C ILE A 671 -28.96 5.05 -9.02
N THR A 672 -29.97 5.13 -8.17
CA THR A 672 -31.09 6.04 -8.32
C THR A 672 -31.29 6.78 -7.01
N GLY A 673 -31.91 7.95 -7.08
CA GLY A 673 -32.25 8.69 -5.88
C GLY A 673 -33.26 7.94 -5.02
N GLY A 674 -33.75 8.63 -4.02
CA GLY A 674 -34.60 8.03 -3.01
C GLY A 674 -33.81 7.11 -2.10
N PHE A 675 -34.52 6.18 -1.47
CA PHE A 675 -33.91 5.34 -0.46
C PHE A 675 -33.92 3.87 -0.89
N GLU A 676 -33.11 3.08 -0.18
CA GLU A 676 -32.98 1.65 -0.40
C GLU A 676 -32.72 0.97 0.94
N MET A 677 -33.49 -0.07 1.23
CA MET A 677 -33.29 -0.85 2.45
C MET A 677 -33.56 -2.31 2.14
N TYR A 678 -33.09 -3.18 3.04
CA TYR A 678 -33.21 -4.62 2.87
C TYR A 678 -33.87 -5.20 4.10
N VAL A 679 -34.99 -5.88 3.90
CA VAL A 679 -35.65 -6.66 4.95
C VAL A 679 -35.07 -8.08 4.94
N GLN A 680 -34.37 -8.43 6.01
CA GLN A 680 -33.68 -9.70 6.12
C GLN A 680 -34.46 -10.63 7.04
N ASN A 681 -34.54 -11.90 6.65
CA ASN A 681 -35.20 -12.92 7.45
C ASN A 681 -34.15 -13.77 8.14
N LYS A 682 -34.25 -13.83 9.48
CA LYS A 682 -33.41 -14.71 10.28
C LYS A 682 -34.22 -15.87 10.85
N SER A 683 -35.37 -16.15 10.25
CA SER A 683 -36.20 -17.28 10.63
C SER A 683 -35.77 -18.57 9.96
N GLY A 684 -35.13 -18.47 8.80
CA GLY A 684 -34.92 -19.60 7.90
C GLY A 684 -35.97 -19.73 6.83
N LYS A 685 -36.95 -18.82 6.79
CA LYS A 685 -38.12 -18.94 5.95
C LYS A 685 -37.72 -18.97 4.48
N SER A 686 -38.71 -19.27 3.65
CA SER A 686 -38.54 -19.37 2.22
C SER A 686 -38.82 -18.04 1.54
N TYR A 687 -38.33 -17.92 0.30
CA TYR A 687 -38.52 -16.68 -0.44
C TYR A 687 -39.96 -16.49 -0.88
N ASP A 688 -40.79 -17.54 -0.82
CA ASP A 688 -42.23 -17.37 -1.03
C ASP A 688 -42.93 -16.89 0.23
N GLU A 689 -42.41 -17.24 1.41
CA GLU A 689 -42.93 -16.72 2.66
C GLU A 689 -42.44 -15.30 2.90
N ILE A 690 -41.13 -15.09 2.77
CA ILE A 690 -40.58 -13.73 2.80
C ILE A 690 -41.36 -12.81 1.88
N GLN A 691 -41.59 -13.26 0.64
CA GLN A 691 -42.35 -12.47 -0.34
C GLN A 691 -43.66 -11.98 0.25
N LYS A 692 -44.43 -12.90 0.85
CA LYS A 692 -45.72 -12.53 1.43
C LYS A 692 -45.56 -11.46 2.51
N ASP A 693 -44.65 -11.71 3.46
CA ASP A 693 -44.44 -10.77 4.56
C ASP A 693 -44.08 -9.37 4.03
N VAL A 694 -43.09 -9.31 3.14
CA VAL A 694 -42.63 -8.03 2.61
C VAL A 694 -43.75 -7.33 1.86
N ASN A 695 -44.57 -8.10 1.13
CA ASN A 695 -45.70 -7.52 0.42
C ASN A 695 -46.62 -6.75 1.36
N LYS A 696 -46.84 -7.29 2.56
CA LYS A 696 -47.67 -6.61 3.55
C LYS A 696 -47.05 -5.28 3.98
N LEU A 697 -45.72 -5.22 4.01
CA LEU A 697 -45.01 -3.97 4.33
C LEU A 697 -45.21 -2.95 3.22
N VAL A 698 -44.71 -3.26 2.02
CA VAL A 698 -44.79 -2.34 0.88
C VAL A 698 -46.22 -1.84 0.70
N ALA A 699 -47.20 -2.70 1.00
CA ALA A 699 -48.60 -2.29 1.04
C ALA A 699 -48.78 -1.12 2.00
N ALA A 700 -48.62 -1.38 3.30
CA ALA A 700 -48.78 -0.32 4.30
C ALA A 700 -47.86 0.86 4.04
N ALA A 701 -46.67 0.60 3.48
CA ALA A 701 -45.71 1.67 3.27
C ALA A 701 -46.19 2.68 2.24
N ASN A 702 -46.93 2.23 1.23
CA ASN A 702 -47.45 3.16 0.22
C ASN A 702 -48.68 3.93 0.71
N GLN A 703 -49.23 3.56 1.87
CA GLN A 703 -50.34 4.30 2.46
C GLN A 703 -49.89 5.51 3.25
N ARG A 704 -48.64 5.53 3.72
CA ARG A 704 -48.17 6.62 4.56
C ARG A 704 -47.95 7.87 3.72
N LYS A 705 -48.24 9.03 4.34
CA LYS A 705 -48.23 10.29 3.62
C LYS A 705 -46.82 10.81 3.34
N GLU A 706 -45.80 10.21 3.94
CA GLU A 706 -44.43 10.62 3.71
C GLU A 706 -43.75 9.82 2.61
N LEU A 707 -44.22 8.61 2.35
CA LEU A 707 -43.63 7.73 1.36
C LEU A 707 -44.37 7.85 0.03
N SER A 708 -43.69 7.42 -1.04
CA SER A 708 -44.27 7.48 -2.37
C SER A 708 -43.49 6.52 -3.26
N ARG A 709 -44.20 5.57 -3.88
CA ARG A 709 -43.61 4.59 -4.78
C ARG A 709 -42.63 3.68 -4.06
N VAL A 710 -43.07 3.14 -2.92
CA VAL A 710 -42.38 2.01 -2.31
C VAL A 710 -42.63 0.77 -3.16
N ARG A 711 -41.57 -0.03 -3.34
CA ARG A 711 -41.70 -1.28 -4.07
C ARG A 711 -40.73 -2.29 -3.48
N THR A 712 -40.70 -3.47 -4.08
CA THR A 712 -39.70 -4.48 -3.73
C THR A 712 -39.36 -5.27 -4.98
N THR A 713 -38.07 -5.55 -5.16
CA THR A 713 -37.62 -6.28 -6.34
C THR A 713 -37.86 -7.78 -6.25
N LEU A 714 -38.25 -8.29 -5.08
CA LEU A 714 -38.47 -9.72 -4.91
C LEU A 714 -39.70 -10.15 -5.70
N ASP A 715 -39.49 -11.02 -6.68
CA ASP A 715 -40.56 -11.53 -7.54
C ASP A 715 -40.44 -13.05 -7.60
N THR A 716 -41.27 -13.74 -6.82
CA THR A 716 -41.30 -15.19 -6.80
C THR A 716 -42.48 -15.77 -7.56
N THR A 717 -43.19 -14.95 -8.34
CA THR A 717 -44.34 -15.40 -9.11
C THR A 717 -43.97 -15.88 -10.50
N PHE A 718 -42.70 -15.81 -10.88
CA PHE A 718 -42.26 -16.12 -12.23
C PHE A 718 -42.64 -17.56 -12.61
N PRO A 719 -43.38 -17.76 -13.70
CA PRO A 719 -43.71 -19.14 -14.12
C PRO A 719 -42.46 -19.84 -14.65
N GLN A 720 -42.27 -21.08 -14.20
CA GLN A 720 -41.07 -21.84 -14.54
C GLN A 720 -41.44 -23.29 -14.75
N TYR A 721 -41.15 -23.80 -15.95
CA TYR A 721 -41.38 -25.21 -16.29
C TYR A 721 -40.13 -26.01 -15.99
N LYS A 722 -40.31 -27.20 -15.42
CA LYS A 722 -39.23 -28.14 -15.23
C LYS A 722 -39.43 -29.35 -16.13
N LEU A 723 -38.34 -30.00 -16.50
CA LEU A 723 -38.36 -31.23 -17.28
C LEU A 723 -37.89 -32.37 -16.40
N ILE A 724 -38.84 -33.10 -15.82
CA ILE A 724 -38.49 -34.26 -15.01
C ILE A 724 -38.06 -35.40 -15.92
N ILE A 725 -37.00 -36.10 -15.51
CA ILE A 725 -36.38 -37.13 -16.33
C ILE A 725 -36.71 -38.50 -15.73
N ASP A 726 -37.28 -39.37 -16.56
CA ASP A 726 -37.52 -40.76 -16.16
C ASP A 726 -36.21 -41.51 -16.34
N ARG A 727 -35.45 -41.63 -15.24
CA ARG A 727 -34.14 -42.28 -15.31
C ARG A 727 -34.25 -43.71 -15.79
N ASP A 728 -35.34 -44.41 -15.45
CA ASP A 728 -35.52 -45.78 -15.89
C ASP A 728 -35.78 -45.86 -17.39
N LYS A 729 -36.66 -45.01 -17.91
CA LYS A 729 -36.86 -44.95 -19.35
C LYS A 729 -35.59 -44.54 -20.07
N LEU A 730 -34.73 -43.75 -19.41
CA LEU A 730 -33.51 -43.28 -20.07
C LEU A 730 -32.55 -44.42 -20.37
N LYS A 731 -32.46 -45.41 -19.48
CA LYS A 731 -31.58 -46.55 -19.71
C LYS A 731 -32.25 -47.65 -20.53
N HIS A 732 -33.57 -47.79 -20.44
CA HIS A 732 -34.28 -48.69 -21.34
C HIS A 732 -34.09 -48.27 -22.79
N TYR A 733 -34.32 -46.99 -23.08
CA TYR A 733 -34.02 -46.46 -24.41
C TYR A 733 -32.53 -46.42 -24.69
N ASN A 734 -31.68 -46.68 -23.68
CA ASN A 734 -30.24 -46.89 -23.85
C ASN A 734 -29.56 -45.62 -24.36
N LEU A 735 -29.53 -44.58 -23.53
CA LEU A 735 -29.10 -43.25 -23.96
C LEU A 735 -27.94 -42.76 -23.12
N ASN A 736 -26.97 -42.12 -23.78
CA ASN A 736 -25.88 -41.44 -23.09
C ASN A 736 -26.39 -40.11 -22.54
N MET A 737 -26.29 -39.93 -21.22
CA MET A 737 -26.93 -38.77 -20.61
C MET A 737 -26.22 -37.46 -20.96
N GLN A 738 -24.93 -37.51 -21.27
CA GLN A 738 -24.27 -36.30 -21.78
C GLN A 738 -24.83 -35.90 -23.13
N ASP A 739 -25.00 -36.89 -24.03
CA ASP A 739 -25.63 -36.64 -25.32
C ASP A 739 -27.02 -36.02 -25.17
N VAL A 740 -27.74 -36.39 -24.11
CA VAL A 740 -29.10 -35.90 -23.94
C VAL A 740 -29.09 -34.43 -23.56
N PHE A 741 -28.29 -34.06 -22.55
CA PHE A 741 -28.28 -32.69 -22.08
C PHE A 741 -27.72 -31.74 -23.15
N ASN A 742 -26.68 -32.18 -23.88
CA ASN A 742 -26.17 -31.38 -24.98
C ASN A 742 -27.25 -31.15 -26.02
N THR A 743 -28.01 -32.18 -26.35
CA THR A 743 -29.14 -32.03 -27.27
C THR A 743 -30.13 -30.99 -26.75
N MET A 744 -30.43 -31.05 -25.45
CA MET A 744 -31.32 -30.08 -24.83
C MET A 744 -30.80 -28.65 -25.04
N ASN A 745 -29.52 -28.43 -24.75
CA ASN A 745 -28.95 -27.09 -24.87
C ASN A 745 -28.89 -26.64 -26.32
N ALA A 746 -28.38 -27.50 -27.21
CA ALA A 746 -28.18 -27.14 -28.61
C ALA A 746 -29.47 -26.79 -29.32
N THR A 747 -30.63 -26.93 -28.66
CA THR A 747 -31.92 -26.65 -29.28
C THR A 747 -32.70 -25.59 -28.51
N ILE A 748 -33.03 -25.84 -27.24
CA ILE A 748 -33.93 -24.94 -26.52
C ILE A 748 -33.15 -23.80 -25.87
N GLY A 749 -31.91 -24.05 -25.47
CA GLY A 749 -31.10 -23.02 -24.86
C GLY A 749 -29.99 -22.56 -25.77
N THR A 750 -28.75 -22.64 -25.30
CA THR A 750 -27.60 -22.34 -26.14
C THR A 750 -26.43 -23.24 -25.75
N TYR A 751 -25.83 -23.88 -26.74
CA TYR A 751 -24.66 -24.73 -26.55
C TYR A 751 -23.44 -24.03 -27.13
N TYR A 752 -22.45 -23.77 -26.28
CA TYR A 752 -21.21 -23.14 -26.72
C TYR A 752 -20.22 -24.23 -27.10
N VAL A 753 -19.71 -24.15 -28.33
CA VAL A 753 -18.75 -25.15 -28.82
C VAL A 753 -17.33 -24.66 -28.55
N ASN A 754 -16.87 -23.72 -29.36
CA ASN A 754 -15.50 -23.24 -29.32
C ASN A 754 -15.49 -21.84 -29.94
N ASP A 755 -14.29 -21.29 -30.14
CA ASP A 755 -14.17 -19.98 -30.76
C ASP A 755 -13.29 -20.05 -32.00
N PHE A 756 -13.51 -19.07 -32.89
CA PHE A 756 -12.65 -18.82 -34.04
C PHE A 756 -12.29 -17.34 -34.02
N SER A 757 -11.54 -16.90 -35.03
CA SER A 757 -11.09 -15.52 -35.08
C SER A 757 -11.27 -14.99 -36.49
N MET A 758 -11.80 -13.77 -36.59
CA MET A 758 -11.97 -13.09 -37.87
C MET A 758 -12.11 -11.61 -37.62
N LEU A 759 -11.69 -10.81 -38.60
CA LEU A 759 -11.70 -9.35 -38.52
C LEU A 759 -10.88 -8.84 -37.33
N GLY A 760 -9.79 -9.52 -37.01
CA GLY A 760 -8.97 -9.12 -35.88
C GLY A 760 -9.67 -9.20 -34.54
N LYS A 761 -10.81 -9.88 -34.47
CA LYS A 761 -11.59 -10.07 -33.25
C LYS A 761 -11.73 -11.56 -32.98
N ASN A 762 -12.27 -11.90 -31.82
CA ASN A 762 -12.37 -13.30 -31.39
C ASN A 762 -13.82 -13.58 -31.01
N PHE A 763 -14.49 -14.40 -31.81
CA PHE A 763 -15.93 -14.64 -31.70
C PHE A 763 -16.21 -16.03 -31.16
N GLN A 764 -17.39 -16.16 -30.54
CA GLN A 764 -17.89 -17.43 -30.05
C GLN A 764 -18.67 -18.16 -31.15
N VAL A 765 -18.79 -19.47 -30.98
CA VAL A 765 -19.55 -20.32 -31.91
C VAL A 765 -20.61 -21.05 -31.08
N ASN A 766 -21.87 -20.71 -31.32
CA ASN A 766 -22.98 -21.25 -30.55
C ASN A 766 -23.94 -22.00 -31.47
N ILE A 767 -24.64 -22.98 -30.91
CA ILE A 767 -25.64 -23.75 -31.63
C ILE A 767 -26.99 -23.55 -30.94
N ARG A 768 -27.98 -23.14 -31.72
CA ARG A 768 -29.34 -22.93 -31.24
C ARG A 768 -30.29 -23.52 -32.28
N ALA A 769 -31.56 -23.62 -31.93
CA ALA A 769 -32.57 -24.19 -32.83
C ALA A 769 -33.43 -23.08 -33.41
N LYS A 770 -33.65 -23.14 -34.72
CA LYS A 770 -34.54 -22.22 -35.42
C LYS A 770 -35.93 -22.81 -35.61
N GLY A 771 -36.25 -23.90 -34.92
CA GLY A 771 -37.54 -24.54 -35.14
C GLY A 771 -38.69 -23.71 -34.62
N ASP A 772 -39.81 -23.79 -35.33
CA ASP A 772 -41.03 -23.09 -34.97
C ASP A 772 -41.91 -24.07 -34.20
N PHE A 773 -41.85 -23.99 -32.88
CA PHE A 773 -42.57 -24.90 -31.99
C PHE A 773 -43.69 -24.14 -31.30
N ARG A 774 -44.92 -24.57 -31.53
CA ARG A 774 -46.10 -23.94 -30.92
C ARG A 774 -46.02 -23.99 -29.40
N ASN A 775 -46.37 -25.12 -28.80
CA ASN A 775 -46.21 -25.32 -27.38
C ASN A 775 -44.90 -26.07 -27.12
N THR A 776 -44.64 -26.37 -25.84
CA THR A 776 -43.39 -27.05 -25.52
C THR A 776 -43.46 -28.54 -25.86
N GLN A 777 -44.59 -29.18 -25.55
CA GLN A 777 -44.73 -30.61 -25.83
C GLN A 777 -44.54 -30.93 -27.30
N ASP A 778 -44.82 -29.97 -28.18
CA ASP A 778 -44.50 -30.13 -29.60
C ASP A 778 -42.99 -30.29 -29.80
N ALA A 779 -42.21 -29.34 -29.26
CA ALA A 779 -40.77 -29.33 -29.48
C ALA A 779 -40.13 -30.66 -29.10
N LEU A 780 -40.52 -31.22 -27.97
CA LEU A 780 -39.92 -32.46 -27.49
C LEU A 780 -40.20 -33.65 -28.41
N LYS A 781 -41.14 -33.52 -29.35
CA LYS A 781 -41.44 -34.61 -30.26
C LYS A 781 -40.57 -34.61 -31.51
N ASN A 782 -39.95 -33.48 -31.85
CA ASN A 782 -39.13 -33.39 -33.05
C ASN A 782 -37.64 -33.24 -32.77
N ILE A 783 -37.24 -33.16 -31.51
CA ILE A 783 -35.84 -33.09 -31.13
C ILE A 783 -35.41 -34.49 -30.70
N PHE A 784 -34.43 -35.07 -31.39
CA PHE A 784 -34.09 -36.47 -31.23
C PHE A 784 -32.67 -36.63 -30.72
N VAL A 785 -32.43 -37.78 -30.10
CA VAL A 785 -31.11 -38.17 -29.58
C VAL A 785 -30.93 -39.65 -29.84
N ARG A 786 -29.70 -40.04 -30.15
CA ARG A 786 -29.41 -41.38 -30.67
C ARG A 786 -28.99 -42.31 -29.53
N SER A 787 -29.68 -43.45 -29.43
CA SER A 787 -29.30 -44.46 -28.45
C SER A 787 -27.92 -45.01 -28.78
N ASN A 788 -27.30 -45.65 -27.78
CA ASN A 788 -25.99 -46.26 -28.01
C ASN A 788 -26.04 -47.28 -29.13
N ASP A 789 -27.20 -47.89 -29.37
CA ASP A 789 -27.36 -48.83 -30.47
C ASP A 789 -28.19 -48.22 -31.60
N GLY A 790 -27.81 -47.04 -32.06
CA GLY A 790 -28.34 -46.44 -33.27
C GLY A 790 -29.76 -45.93 -33.21
N LYS A 791 -30.54 -46.29 -32.19
CA LYS A 791 -31.95 -45.91 -32.16
C LYS A 791 -32.09 -44.43 -31.80
N MET A 792 -33.12 -43.80 -32.38
CA MET A 792 -33.31 -42.34 -32.31
C MET A 792 -34.55 -42.05 -31.46
N ILE A 793 -34.32 -41.82 -30.18
CA ILE A 793 -35.40 -41.59 -29.21
C ILE A 793 -35.75 -40.10 -29.15
N PRO A 794 -37.03 -39.73 -29.19
CA PRO A 794 -37.39 -38.34 -28.94
C PRO A 794 -37.48 -38.01 -27.46
N LEU A 795 -37.26 -36.73 -27.15
CA LEU A 795 -37.30 -36.29 -25.77
C LEU A 795 -38.69 -36.42 -25.16
N ASP A 796 -39.73 -36.38 -25.99
CA ASP A 796 -41.11 -36.48 -25.51
C ASP A 796 -41.29 -37.68 -24.58
N SER A 797 -40.62 -38.79 -24.88
CA SER A 797 -40.78 -40.04 -24.14
C SER A 797 -40.36 -39.90 -22.69
N PHE A 798 -39.04 -39.88 -22.44
CA PHE A 798 -38.54 -40.01 -21.08
C PHE A 798 -38.61 -38.71 -20.28
N LEU A 799 -38.61 -37.55 -20.92
CA LEU A 799 -38.79 -36.28 -20.23
C LEU A 799 -40.28 -35.98 -20.07
N THR A 800 -40.64 -35.50 -18.88
CA THR A 800 -42.03 -35.18 -18.55
C THR A 800 -42.10 -33.77 -17.96
N LEU A 801 -42.61 -32.84 -18.76
CA LEU A 801 -42.66 -31.43 -18.40
C LEU A 801 -43.69 -31.16 -17.31
N GLN A 802 -43.34 -30.27 -16.39
CA GLN A 802 -44.20 -29.90 -15.27
C GLN A 802 -43.97 -28.43 -14.93
N ARG A 803 -45.04 -27.74 -14.51
CA ARG A 803 -45.04 -26.29 -14.33
C ARG A 803 -45.11 -25.96 -12.85
N SER A 804 -44.02 -25.42 -12.31
CA SER A 804 -43.98 -24.83 -10.98
C SER A 804 -43.75 -23.32 -11.12
N SER A 805 -43.41 -22.67 -10.01
CA SER A 805 -43.18 -21.23 -10.04
C SER A 805 -42.30 -20.84 -8.86
N GLY A 806 -41.13 -20.28 -9.15
CA GLY A 806 -40.24 -19.80 -8.12
C GLY A 806 -39.69 -18.43 -8.44
N PRO A 807 -38.59 -18.05 -7.80
CA PRO A 807 -37.98 -16.75 -8.08
C PRO A 807 -37.16 -16.82 -9.37
N ASP A 808 -36.71 -15.65 -9.81
CA ASP A 808 -35.73 -15.55 -10.87
C ASP A 808 -34.41 -14.98 -10.37
N ASP A 809 -34.46 -13.89 -9.61
CA ASP A 809 -33.34 -13.44 -8.80
C ASP A 809 -33.64 -13.71 -7.33
N VAL A 810 -32.58 -13.91 -6.56
CA VAL A 810 -32.67 -14.18 -5.13
C VAL A 810 -31.56 -13.40 -4.46
N LYS A 811 -31.90 -12.62 -3.44
CA LYS A 811 -30.96 -11.69 -2.85
C LYS A 811 -30.71 -12.02 -1.38
N ARG A 812 -29.44 -12.01 -1.02
CA ARG A 812 -28.98 -12.00 0.36
C ARG A 812 -28.35 -10.65 0.68
N PHE A 813 -28.43 -10.24 1.94
CA PHE A 813 -27.82 -8.99 2.37
C PHE A 813 -27.27 -9.18 3.77
N ASN A 814 -25.96 -9.09 3.90
CA ASN A 814 -25.26 -9.24 5.19
C ASN A 814 -25.59 -10.59 5.82
N LEU A 815 -25.41 -11.65 5.03
CA LEU A 815 -25.42 -13.07 5.42
C LEU A 815 -26.82 -13.63 5.63
N PHE A 816 -27.88 -12.87 5.35
CA PHE A 816 -29.23 -13.39 5.46
C PHE A 816 -29.95 -13.26 4.12
N PRO A 817 -30.87 -14.19 3.82
CA PRO A 817 -31.78 -13.98 2.68
C PRO A 817 -32.69 -12.79 2.94
N ALA A 818 -32.74 -11.88 1.97
CA ALA A 818 -33.41 -10.61 2.19
C ALA A 818 -34.15 -10.16 0.94
N ALA A 819 -35.15 -9.31 1.15
CA ALA A 819 -35.88 -8.65 0.09
C ALA A 819 -35.45 -7.19 0.00
N GLN A 820 -35.29 -6.70 -1.23
CA GLN A 820 -34.72 -5.38 -1.49
C GLN A 820 -35.86 -4.40 -1.70
N VAL A 821 -36.11 -3.57 -0.69
CA VAL A 821 -37.17 -2.57 -0.73
C VAL A 821 -36.58 -1.26 -1.23
N GLN A 822 -37.35 -0.53 -2.04
CA GLN A 822 -36.96 0.78 -2.53
C GLN A 822 -38.15 1.72 -2.46
N GLY A 823 -37.84 3.01 -2.52
CA GLY A 823 -38.89 4.01 -2.53
C GLY A 823 -38.30 5.40 -2.59
N GLN A 824 -39.16 6.39 -2.46
CA GLN A 824 -38.77 7.78 -2.37
C GLN A 824 -39.78 8.49 -1.48
N PRO A 825 -39.42 9.66 -0.94
CA PRO A 825 -40.35 10.39 -0.07
C PRO A 825 -41.42 11.12 -0.87
N ALA A 826 -42.61 11.19 -0.28
CA ALA A 826 -43.68 11.98 -0.85
C ALA A 826 -43.23 13.43 -1.02
N PRO A 827 -43.70 14.12 -2.06
CA PRO A 827 -43.14 15.44 -2.37
C PRO A 827 -43.40 16.42 -1.23
N GLY A 828 -42.33 17.10 -0.82
CA GLY A 828 -42.38 17.98 0.31
C GLY A 828 -41.94 17.37 1.63
N TYR A 829 -41.62 16.07 1.65
CA TYR A 829 -41.11 15.39 2.83
C TYR A 829 -39.63 15.11 2.65
N THR A 830 -38.90 15.10 3.76
CA THR A 830 -37.45 14.98 3.70
C THR A 830 -37.01 13.53 3.66
N SER A 831 -35.74 13.33 3.29
CA SER A 831 -35.16 12.00 3.28
C SER A 831 -35.30 11.33 4.64
N GLY A 832 -34.93 12.04 5.71
CA GLY A 832 -35.08 11.48 7.04
C GLY A 832 -36.52 11.29 7.46
N GLN A 833 -37.42 12.13 6.95
CA GLN A 833 -38.84 11.98 7.27
C GLN A 833 -39.41 10.68 6.73
N ALA A 834 -39.01 10.32 5.50
CA ALA A 834 -39.41 9.02 4.95
C ALA A 834 -38.78 7.88 5.72
N ILE A 835 -37.45 7.93 5.93
CA ILE A 835 -36.74 6.89 6.67
C ILE A 835 -37.41 6.62 8.00
N GLU A 836 -37.90 7.67 8.67
CA GLU A 836 -38.60 7.49 9.93
C GLU A 836 -39.92 6.75 9.73
N ALA A 837 -40.52 6.85 8.54
CA ALA A 837 -41.83 6.27 8.28
C ALA A 837 -41.77 4.82 7.81
N ILE A 838 -40.85 4.49 6.89
CA ILE A 838 -40.60 3.10 6.55
C ILE A 838 -40.31 2.29 7.82
N ALA A 839 -39.43 2.83 8.67
CA ALA A 839 -39.06 2.13 9.90
C ALA A 839 -40.27 1.94 10.81
N GLN A 840 -41.05 3.00 11.00
CA GLN A 840 -42.26 2.89 11.82
C GLN A 840 -43.20 1.82 11.27
N VAL A 841 -43.37 1.78 9.95
CA VAL A 841 -44.21 0.76 9.33
C VAL A 841 -43.65 -0.63 9.59
N ALA A 842 -42.35 -0.81 9.36
CA ALA A 842 -41.74 -2.13 9.49
C ALA A 842 -41.81 -2.66 10.91
N LYS A 843 -42.06 -1.81 11.89
CA LYS A 843 -42.29 -2.27 13.25
C LYS A 843 -43.74 -2.72 13.46
N GLU A 844 -44.63 -2.40 12.52
CA GLU A 844 -46.01 -2.87 12.57
C GLU A 844 -46.32 -3.92 11.51
N THR A 845 -45.40 -4.20 10.58
CA THR A 845 -45.66 -5.11 9.48
C THR A 845 -44.85 -6.40 9.53
N LEU A 846 -43.76 -6.42 10.28
CA LEU A 846 -42.83 -7.55 10.30
C LEU A 846 -42.78 -8.18 11.68
N GLY A 847 -42.40 -9.46 11.70
CA GLY A 847 -42.25 -10.21 12.92
C GLY A 847 -40.81 -10.16 13.45
N ASP A 848 -40.67 -10.62 14.70
CA ASP A 848 -39.38 -10.62 15.37
C ASP A 848 -38.30 -11.36 14.58
N ASP A 849 -38.68 -12.29 13.72
CA ASP A 849 -37.72 -12.99 12.88
C ASP A 849 -37.27 -12.17 11.68
N TYR A 850 -37.51 -10.85 11.69
CA TYR A 850 -37.07 -9.97 10.62
C TYR A 850 -36.34 -8.77 11.21
N SER A 851 -35.56 -8.12 10.35
CA SER A 851 -34.93 -6.85 10.64
C SER A 851 -34.70 -6.14 9.31
N ILE A 852 -34.37 -4.85 9.37
CA ILE A 852 -34.12 -4.10 8.15
C ILE A 852 -32.73 -3.50 8.22
N ALA A 853 -32.12 -3.35 7.05
CA ALA A 853 -30.71 -2.98 6.94
C ALA A 853 -30.58 -1.96 5.81
N TRP A 854 -30.13 -0.76 6.16
CA TRP A 854 -30.15 0.36 5.23
C TRP A 854 -28.94 0.32 4.29
N SER A 855 -29.03 1.09 3.21
CA SER A 855 -28.02 1.10 2.17
C SER A 855 -27.90 2.50 1.59
N GLY A 856 -26.71 2.82 1.10
CA GLY A 856 -26.51 4.05 0.35
C GLY A 856 -26.77 5.28 1.16
N SER A 857 -27.50 6.24 0.57
CA SER A 857 -27.80 7.57 1.11
C SER A 857 -28.82 7.54 2.24
N ALA A 858 -29.18 6.36 2.72
CA ALA A 858 -29.92 6.21 3.96
C ALA A 858 -29.09 5.55 5.06
N TYR A 859 -28.22 4.61 4.71
CA TYR A 859 -27.24 4.09 5.66
C TYR A 859 -26.41 5.20 6.27
N GLN A 860 -25.93 6.14 5.44
CA GLN A 860 -25.21 7.29 5.95
C GLN A 860 -26.05 8.07 6.95
N GLU A 861 -27.28 8.41 6.55
CA GLU A 861 -28.13 9.27 7.37
C GLU A 861 -28.46 8.64 8.71
N VAL A 862 -28.65 7.32 8.74
CA VAL A 862 -28.95 6.67 10.01
C VAL A 862 -27.67 6.44 10.81
N SER A 863 -26.56 6.12 10.14
CA SER A 863 -25.31 5.90 10.85
C SER A 863 -24.79 7.19 11.50
N SER A 864 -25.09 8.33 10.91
CA SER A 864 -24.61 9.63 11.38
C SER A 864 -25.80 10.46 11.86
N LYS A 865 -26.45 9.98 12.94
CA LYS A 865 -27.66 10.60 13.47
C LYS A 865 -27.37 11.08 14.89
N GLY A 866 -27.37 12.40 15.09
CA GLY A 866 -26.93 12.93 16.36
C GLY A 866 -25.43 13.08 16.46
N THR A 867 -24.71 13.02 15.34
CA THR A 867 -23.33 13.48 15.29
C THR A 867 -23.23 15.00 15.25
N ALA A 868 -24.37 15.70 15.27
CA ALA A 868 -24.36 17.15 15.23
C ALA A 868 -23.93 17.74 16.57
N SER A 869 -24.34 17.12 17.67
CA SER A 869 -24.07 17.68 18.99
C SER A 869 -22.58 17.73 19.28
N TYR A 870 -21.90 16.59 19.11
CA TYR A 870 -20.52 16.45 19.57
C TYR A 870 -19.61 17.48 18.90
N ALA A 871 -19.78 17.67 17.58
CA ALA A 871 -19.02 18.71 16.90
C ALA A 871 -19.36 20.08 17.45
N PHE A 872 -20.65 20.34 17.69
CA PHE A 872 -21.07 21.66 18.16
C PHE A 872 -20.67 21.89 19.60
N ALA A 873 -20.77 20.86 20.46
CA ALA A 873 -20.41 21.04 21.86
C ALA A 873 -18.91 21.20 22.03
N LEU A 874 -18.12 20.48 21.22
CA LEU A 874 -16.67 20.68 21.22
C LEU A 874 -16.32 22.15 20.98
N GLY A 875 -16.88 22.73 19.90
CA GLY A 875 -16.53 24.11 19.57
C GLY A 875 -16.80 25.08 20.71
N MET A 876 -17.96 24.93 21.35
CA MET A 876 -18.31 25.80 22.46
C MET A 876 -17.27 25.70 23.59
N ILE A 877 -16.83 24.48 23.89
CA ILE A 877 -15.89 24.27 25.00
C ILE A 877 -14.57 24.96 24.71
N PHE A 878 -13.97 24.66 23.55
CA PHE A 878 -12.67 25.22 23.22
C PHE A 878 -12.75 26.73 23.04
N VAL A 879 -13.85 27.21 22.46
CA VAL A 879 -14.08 28.65 22.36
C VAL A 879 -14.05 29.28 23.76
N PHE A 880 -14.77 28.67 24.69
CA PHE A 880 -14.82 29.18 26.06
C PHE A 880 -13.45 29.08 26.73
N LEU A 881 -12.73 27.98 26.49
CA LEU A 881 -11.43 27.80 27.13
C LEU A 881 -10.42 28.83 26.64
N ILE A 882 -10.38 29.07 25.33
CA ILE A 882 -9.40 30.00 24.79
C ILE A 882 -9.67 31.42 25.29
N LEU A 883 -10.94 31.83 25.27
CA LEU A 883 -11.27 33.15 25.78
C LEU A 883 -11.05 33.25 27.28
N ALA A 884 -11.26 32.15 28.01
CA ALA A 884 -10.91 32.13 29.43
C ALA A 884 -9.44 32.46 29.62
N ALA A 885 -8.57 31.76 28.90
CA ALA A 885 -7.14 32.04 28.90
C ALA A 885 -6.87 33.49 28.48
N GLN A 886 -7.17 33.82 27.23
CA GLN A 886 -6.75 35.09 26.62
C GLN A 886 -7.14 36.31 27.45
N TYR A 887 -8.18 36.21 28.27
CA TYR A 887 -8.68 37.36 29.01
C TYR A 887 -8.59 37.18 30.52
N GLU A 888 -8.00 36.08 30.99
CA GLU A 888 -7.67 35.87 32.41
C GLU A 888 -8.89 35.93 33.32
N ARG A 889 -10.08 35.69 32.78
CA ARG A 889 -11.28 35.66 33.59
C ARG A 889 -12.13 34.49 33.15
N TRP A 890 -12.75 33.81 34.11
CA TRP A 890 -13.65 32.71 33.78
C TRP A 890 -15.03 33.19 33.32
N LEU A 891 -15.37 34.46 33.57
CA LEU A 891 -16.72 34.94 33.30
C LEU A 891 -16.81 35.82 32.05
N ILE A 892 -15.70 36.44 31.63
CA ILE A 892 -15.70 37.16 30.35
C ILE A 892 -16.03 36.25 29.17
N PRO A 893 -15.56 35.00 29.09
CA PRO A 893 -16.07 34.12 28.04
C PRO A 893 -17.54 33.74 28.24
N LEU A 894 -17.97 33.59 29.49
CA LEU A 894 -19.36 33.25 29.78
C LEU A 894 -20.34 34.28 29.22
N ALA A 895 -19.90 35.54 29.05
CA ALA A 895 -20.72 36.59 28.43
C ALA A 895 -20.50 36.70 26.93
N VAL A 896 -19.49 36.02 26.38
CA VAL A 896 -19.41 35.82 24.94
C VAL A 896 -20.29 34.65 24.52
N VAL A 897 -20.23 33.57 25.30
CA VAL A 897 -20.80 32.29 24.91
C VAL A 897 -22.32 32.36 24.85
N THR A 898 -22.94 33.36 25.47
CA THR A 898 -24.37 33.58 25.38
C THR A 898 -24.80 34.27 24.09
N ALA A 899 -23.85 34.63 23.22
CA ALA A 899 -24.20 35.19 21.92
C ALA A 899 -24.65 34.13 20.92
N VAL A 900 -24.24 32.87 21.10
CA VAL A 900 -24.52 31.80 20.15
C VAL A 900 -26.01 31.43 20.11
N PRO A 901 -26.71 31.29 21.26
CA PRO A 901 -28.14 30.96 21.18
C PRO A 901 -28.95 31.89 20.28
N PHE A 902 -28.57 33.15 20.18
CA PHE A 902 -29.25 34.04 19.23
C PHE A 902 -28.94 33.66 17.79
N ALA A 903 -27.74 33.13 17.52
CA ALA A 903 -27.39 32.73 16.17
C ALA A 903 -28.10 31.45 15.75
N VAL A 904 -28.24 30.48 16.66
CA VAL A 904 -28.95 29.25 16.27
C VAL A 904 -30.46 29.48 16.27
N PHE A 905 -30.97 30.44 17.04
CA PHE A 905 -32.36 30.83 16.91
C PHE A 905 -32.64 31.41 15.53
N GLY A 906 -31.80 32.35 15.09
CA GLY A 906 -32.03 32.97 13.79
C GLY A 906 -31.83 32.01 12.63
N SER A 907 -30.97 31.00 12.81
CA SER A 907 -30.75 30.04 11.74
C SER A 907 -31.88 29.02 11.66
N PHE A 908 -32.36 28.54 12.80
CA PHE A 908 -33.50 27.63 12.78
C PHE A 908 -34.76 28.36 12.37
N LEU A 909 -34.87 29.63 12.76
CA LEU A 909 -36.12 30.32 12.49
C LEU A 909 -36.25 30.41 10.98
N LEU A 910 -35.19 30.86 10.30
CA LEU A 910 -35.27 31.09 8.86
C LEU A 910 -35.45 29.80 8.09
N VAL A 911 -34.77 28.71 8.48
CA VAL A 911 -34.94 27.46 7.75
C VAL A 911 -36.35 26.92 7.93
N TYR A 912 -36.96 27.14 9.10
CA TYR A 912 -38.32 26.68 9.34
C TYR A 912 -39.35 27.59 8.64
N LEU A 913 -39.23 28.93 8.75
CA LEU A 913 -39.96 29.84 7.84
C LEU A 913 -39.92 29.41 6.39
N ARG A 914 -38.78 28.99 5.88
CA ARG A 914 -38.66 28.75 4.45
C ARG A 914 -38.82 27.28 4.09
N GLY A 915 -39.24 26.46 5.05
CA GLY A 915 -39.47 25.05 4.77
C GLY A 915 -38.21 24.24 4.51
N PHE A 916 -37.03 24.78 4.79
CA PHE A 916 -35.78 24.06 4.61
C PHE A 916 -35.63 23.04 5.73
N SER A 917 -34.48 22.38 5.84
CA SER A 917 -34.36 21.23 6.71
C SER A 917 -33.07 21.26 7.51
N ASN A 918 -32.93 20.26 8.37
CA ASN A 918 -31.85 20.13 9.34
C ASN A 918 -30.74 19.24 8.79
N ASP A 919 -30.12 19.67 7.68
CA ASP A 919 -29.18 18.85 6.94
C ASP A 919 -27.74 19.27 7.21
N ILE A 920 -26.81 18.49 6.63
CA ILE A 920 -25.39 18.63 6.95
C ILE A 920 -24.92 20.05 6.65
N TYR A 921 -25.29 20.58 5.49
CA TYR A 921 -24.90 21.93 5.12
C TYR A 921 -25.39 22.93 6.16
N PHE A 922 -26.60 22.71 6.68
CA PHE A 922 -27.16 23.59 7.70
C PHE A 922 -26.38 23.49 9.01
N GLN A 923 -26.12 22.26 9.46
CA GLN A 923 -25.39 22.06 10.72
C GLN A 923 -23.97 22.61 10.62
N THR A 924 -23.35 22.53 9.45
CA THR A 924 -22.03 23.13 9.28
C THR A 924 -22.10 24.64 9.41
N GLY A 925 -23.18 25.25 8.91
CA GLY A 925 -23.36 26.68 9.09
C GLY A 925 -23.51 27.06 10.55
N LEU A 926 -24.21 26.22 11.32
CA LEU A 926 -24.35 26.47 12.75
C LEU A 926 -23.00 26.52 13.45
N LEU A 927 -22.08 25.62 13.05
CA LEU A 927 -20.72 25.68 13.59
C LEU A 927 -20.07 27.02 13.28
N LEU A 928 -20.27 27.53 12.06
CA LEU A 928 -19.69 28.80 11.67
C LEU A 928 -20.26 29.95 12.50
N LEU A 929 -21.48 29.78 13.03
CA LEU A 929 -22.11 30.85 13.79
C LEU A 929 -21.59 30.92 15.23
N ILE A 930 -21.10 29.81 15.79
CA ILE A 930 -20.34 29.91 17.04
C ILE A 930 -19.18 30.89 16.86
N GLY A 931 -18.36 30.65 15.83
CA GLY A 931 -17.23 31.52 15.60
C GLY A 931 -17.63 32.94 15.24
N LEU A 932 -18.67 33.08 14.42
CA LEU A 932 -19.00 34.40 13.90
C LEU A 932 -19.83 35.22 14.87
N SER A 933 -20.64 34.60 15.72
CA SER A 933 -21.37 35.37 16.72
C SER A 933 -20.47 35.76 17.89
N ALA A 934 -19.54 34.90 18.25
CA ALA A 934 -18.53 35.26 19.25
C ALA A 934 -17.76 36.50 18.81
N LYS A 935 -17.34 36.52 17.53
CA LYS A 935 -16.68 37.70 16.97
C LYS A 935 -17.47 38.97 17.27
N ASN A 936 -18.80 38.89 17.21
CA ASN A 936 -19.62 40.03 17.56
C ASN A 936 -19.62 40.29 19.06
N ALA A 937 -19.59 39.21 19.86
CA ALA A 937 -19.61 39.38 21.31
C ALA A 937 -18.24 39.82 21.82
N ILE A 938 -17.17 39.15 21.35
CA ILE A 938 -15.80 39.55 21.73
C ILE A 938 -15.64 41.06 21.60
N LEU A 939 -16.15 41.62 20.49
CA LEU A 939 -15.92 43.04 20.22
C LEU A 939 -16.53 43.91 21.30
N ILE A 940 -17.68 43.53 21.85
CA ILE A 940 -18.24 44.27 22.98
C ILE A 940 -17.54 43.89 24.28
N VAL A 941 -17.45 42.59 24.57
CA VAL A 941 -16.99 42.15 25.89
C VAL A 941 -15.56 42.64 26.15
N GLU A 942 -14.72 42.63 25.13
CA GLU A 942 -13.34 43.07 25.32
C GLU A 942 -13.28 44.55 25.66
N PHE A 943 -14.02 45.37 24.92
CA PHE A 943 -13.97 46.81 25.14
C PHE A 943 -14.58 47.19 26.48
N ALA A 944 -15.73 46.61 26.81
CA ALA A 944 -16.34 46.88 28.11
C ALA A 944 -15.43 46.43 29.25
N MET A 945 -14.55 45.47 28.98
CA MET A 945 -13.60 45.01 30.00
C MET A 945 -12.56 46.07 30.30
N GLU A 946 -11.99 46.69 29.26
CA GLU A 946 -10.93 47.67 29.45
C GLU A 946 -11.46 48.93 30.12
N GLU A 947 -12.63 49.41 29.70
CA GLU A 947 -13.25 50.56 30.36
C GLU A 947 -13.51 50.27 31.83
N ARG A 948 -13.95 49.06 32.15
CA ARG A 948 -14.30 48.72 33.52
C ARG A 948 -13.07 48.47 34.38
N PHE A 949 -11.96 48.02 33.79
CA PHE A 949 -10.82 47.55 34.58
C PHE A 949 -9.55 48.37 34.40
N LYS A 950 -9.37 49.11 33.31
CA LYS A 950 -8.27 50.05 33.22
C LYS A 950 -8.70 51.48 33.51
N LYS A 951 -9.79 51.92 32.88
CA LYS A 951 -10.34 53.25 33.16
C LYS A 951 -11.25 53.26 34.38
N GLY A 952 -11.45 52.11 35.01
CA GLY A 952 -12.19 52.02 36.25
C GLY A 952 -13.61 52.52 36.19
N LYS A 953 -14.22 52.51 35.01
CA LYS A 953 -15.57 53.01 34.86
C LYS A 953 -16.58 52.01 35.43
N GLY A 954 -17.78 52.51 35.72
CA GLY A 954 -18.78 51.68 36.34
C GLY A 954 -19.23 50.53 35.45
N VAL A 955 -19.85 49.54 36.09
CA VAL A 955 -20.39 48.39 35.37
C VAL A 955 -21.29 48.86 34.22
N PHE A 956 -22.36 49.55 34.57
CA PHE A 956 -23.25 50.13 33.56
C PHE A 956 -22.49 51.03 32.61
N GLU A 957 -21.64 51.92 33.15
CA GLU A 957 -20.90 52.85 32.31
C GLU A 957 -20.01 52.13 31.32
N ALA A 958 -19.47 50.97 31.68
CA ALA A 958 -18.58 50.23 30.78
C ALA A 958 -19.38 49.56 29.66
N ALA A 959 -20.51 48.94 30.01
CA ALA A 959 -21.33 48.27 29.00
C ALA A 959 -21.80 49.26 27.94
N VAL A 960 -22.37 50.39 28.37
CA VAL A 960 -22.95 51.34 27.42
C VAL A 960 -21.88 51.97 26.55
N ALA A 961 -20.69 52.20 27.12
CA ALA A 961 -19.60 52.76 26.32
C ALA A 961 -19.16 51.77 25.24
N ALA A 962 -19.15 50.48 25.56
CA ALA A 962 -18.69 49.47 24.59
C ALA A 962 -19.69 49.29 23.46
N ALA A 963 -20.98 49.17 23.81
CA ALA A 963 -22.02 49.06 22.80
C ALA A 963 -21.94 50.19 21.78
N LYS A 964 -21.61 51.40 22.26
CA LYS A 964 -21.58 52.56 21.38
C LYS A 964 -20.33 52.56 20.49
N LEU A 965 -19.17 52.21 21.04
CA LEU A 965 -17.92 52.34 20.30
C LEU A 965 -17.61 51.11 19.45
N ARG A 966 -18.22 49.96 19.73
CA ARG A 966 -17.97 48.74 18.98
C ARG A 966 -19.11 48.35 18.06
N PHE A 967 -20.27 49.01 18.18
CA PHE A 967 -21.37 48.77 17.24
C PHE A 967 -20.93 48.94 15.81
N ARG A 968 -20.21 50.03 15.51
CA ARG A 968 -19.87 50.34 14.13
C ARG A 968 -19.03 49.25 13.46
N PRO A 969 -17.95 48.73 14.06
CA PRO A 969 -17.26 47.60 13.41
C PRO A 969 -18.02 46.29 13.51
N ILE A 970 -18.86 46.11 14.54
CA ILE A 970 -19.69 44.91 14.61
C ILE A 970 -20.59 44.80 13.39
N ILE A 971 -21.27 45.90 13.05
CA ILE A 971 -22.17 45.88 11.90
C ILE A 971 -21.37 45.83 10.60
N MET A 972 -20.19 46.46 10.57
CA MET A 972 -19.37 46.44 9.36
C MET A 972 -18.98 45.02 8.98
N THR A 973 -18.39 44.28 9.92
CA THR A 973 -18.00 42.91 9.62
C THR A 973 -19.20 42.00 9.44
N SER A 974 -20.31 42.28 10.15
CA SER A 974 -21.49 41.45 10.05
C SER A 974 -22.25 41.66 8.76
N LEU A 975 -22.19 42.87 8.19
CA LEU A 975 -22.83 43.13 6.92
C LEU A 975 -22.01 42.60 5.75
N ALA A 976 -20.68 42.70 5.85
CA ALA A 976 -19.83 42.11 4.83
C ALA A 976 -20.09 40.62 4.68
N PHE A 977 -20.39 39.95 5.79
CA PHE A 977 -20.67 38.52 5.72
C PHE A 977 -22.07 38.23 5.18
N THR A 978 -23.07 39.00 5.61
CA THR A 978 -24.43 38.75 5.14
C THR A 978 -24.54 38.96 3.64
N PHE A 979 -23.99 40.07 3.14
CA PHE A 979 -24.01 40.31 1.70
C PHE A 979 -23.09 39.36 0.93
N GLY A 980 -22.23 38.62 1.63
CA GLY A 980 -21.34 37.66 1.00
C GLY A 980 -21.99 36.31 0.79
N VAL A 981 -22.78 35.86 1.77
CA VAL A 981 -23.57 34.65 1.58
C VAL A 981 -24.91 34.94 0.93
N LEU A 982 -25.24 36.22 0.73
CA LEU A 982 -26.50 36.59 0.10
C LEU A 982 -26.69 35.98 -1.28
N PRO A 983 -25.68 35.90 -2.16
CA PRO A 983 -25.87 35.17 -3.42
C PRO A 983 -26.25 33.71 -3.23
N MET A 984 -25.87 33.09 -2.11
CA MET A 984 -26.21 31.69 -1.87
C MET A 984 -27.72 31.51 -1.76
N ILE A 985 -28.40 32.41 -1.04
CA ILE A 985 -29.82 32.23 -0.79
C ILE A 985 -30.66 32.64 -1.99
N PHE A 986 -30.13 33.48 -2.89
CA PHE A 986 -30.73 33.75 -4.18
C PHE A 986 -30.05 32.95 -5.29
N ALA A 987 -29.59 31.74 -4.97
CA ALA A 987 -28.96 30.90 -5.98
C ALA A 987 -29.95 30.52 -7.06
N THR A 988 -29.43 30.31 -8.27
CA THR A 988 -30.27 30.24 -9.46
C THR A 988 -29.56 29.42 -10.54
N GLY A 989 -30.03 28.19 -10.73
CA GLY A 989 -29.49 27.35 -11.78
C GLY A 989 -29.03 25.98 -11.31
N ALA A 990 -28.00 25.44 -11.94
CA ALA A 990 -27.52 24.11 -11.61
C ALA A 990 -26.75 24.12 -10.30
N GLY A 991 -27.02 23.11 -9.47
CA GLY A 991 -26.44 23.04 -8.14
C GLY A 991 -27.04 23.99 -7.13
N SER A 992 -28.04 24.80 -7.52
CA SER A 992 -28.60 25.84 -6.67
C SER A 992 -29.60 25.26 -5.67
N ALA A 993 -29.21 24.23 -4.97
CA ALA A 993 -29.93 23.73 -3.81
C ALA A 993 -29.01 23.52 -2.61
N SER A 994 -27.78 23.05 -2.85
CA SER A 994 -26.75 23.09 -1.83
C SER A 994 -26.47 24.51 -1.38
N ARG A 995 -26.26 25.42 -2.35
CA ARG A 995 -26.06 26.83 -2.03
C ARG A 995 -27.22 27.38 -1.21
N HIS A 996 -28.45 26.96 -1.52
CA HIS A 996 -29.61 27.41 -0.76
C HIS A 996 -29.59 26.89 0.67
N SER A 997 -29.25 25.62 0.86
CA SER A 997 -29.22 25.07 2.20
C SER A 997 -28.09 25.65 3.03
N LEU A 998 -26.89 25.76 2.45
CA LEU A 998 -25.78 26.41 3.13
C LEU A 998 -26.11 27.86 3.45
N GLY A 999 -26.83 28.54 2.56
CA GLY A 999 -27.07 29.97 2.71
C GLY A 999 -28.19 30.35 3.66
N THR A 1000 -29.31 29.63 3.60
CA THR A 1000 -30.53 30.09 4.25
C THR A 1000 -30.34 30.29 5.76
N GLY A 1001 -30.04 29.21 6.48
CA GLY A 1001 -29.90 29.33 7.93
C GLY A 1001 -28.71 30.18 8.33
N LEU A 1002 -27.63 30.08 7.58
CA LEU A 1002 -26.45 30.89 7.86
C LEU A 1002 -26.77 32.37 7.77
N ILE A 1003 -27.49 32.77 6.71
CA ILE A 1003 -27.84 34.17 6.54
C ILE A 1003 -28.87 34.63 7.56
N GLY A 1004 -29.63 33.71 8.14
CA GLY A 1004 -30.63 34.07 9.11
C GLY A 1004 -30.09 34.12 10.52
N GLY A 1005 -29.17 33.21 10.83
CA GLY A 1005 -28.52 33.24 12.13
C GLY A 1005 -27.57 34.41 12.30
N MET A 1006 -26.95 34.84 11.20
CA MET A 1006 -26.08 36.02 11.25
C MET A 1006 -26.88 37.28 11.52
N ILE A 1007 -28.09 37.37 10.95
CA ILE A 1007 -28.94 38.54 11.18
C ILE A 1007 -29.33 38.66 12.64
N ALA A 1008 -29.50 37.52 13.33
CA ALA A 1008 -29.87 37.55 14.74
C ALA A 1008 -28.69 37.74 15.67
N ALA A 1009 -27.46 37.45 15.22
CA ALA A 1009 -26.26 37.74 15.98
C ALA A 1009 -25.77 39.18 15.80
N SER A 1010 -26.28 39.89 14.78
CA SER A 1010 -25.89 41.25 14.48
C SER A 1010 -26.95 42.27 14.91
N THR A 1011 -28.01 41.81 15.58
CA THR A 1011 -29.07 42.67 16.07
C THR A 1011 -29.47 42.25 17.47
N LEU A 1012 -30.17 41.12 17.55
CA LEU A 1012 -30.76 40.68 18.82
C LEU A 1012 -29.69 40.24 19.81
N ALA A 1013 -28.55 39.73 19.33
CA ALA A 1013 -27.51 39.28 20.24
C ALA A 1013 -26.79 40.45 20.89
N ILE A 1014 -26.34 41.41 20.09
CA ILE A 1014 -25.58 42.54 20.61
C ILE A 1014 -26.40 43.38 21.57
N PHE A 1015 -27.73 43.29 21.51
CA PHE A 1015 -28.55 43.93 22.53
C PHE A 1015 -28.49 43.20 23.86
N PHE A 1016 -28.07 41.93 23.85
CA PHE A 1016 -28.01 41.13 25.06
C PHE A 1016 -26.60 40.88 25.58
N VAL A 1017 -25.57 41.07 24.75
CA VAL A 1017 -24.20 40.90 25.21
C VAL A 1017 -23.87 41.83 26.38
N PRO A 1018 -24.14 43.15 26.32
CA PRO A 1018 -23.86 43.99 27.49
C PRO A 1018 -24.70 43.62 28.71
N LEU A 1019 -25.95 43.21 28.50
CA LEU A 1019 -26.79 42.73 29.60
C LEU A 1019 -26.04 41.68 30.42
N PHE A 1020 -25.34 40.77 29.74
CA PHE A 1020 -24.68 39.66 30.44
C PHE A 1020 -23.33 40.07 31.02
N PHE A 1021 -22.58 40.91 30.31
CA PHE A 1021 -21.37 41.46 30.92
C PHE A 1021 -21.70 42.20 32.21
N TYR A 1022 -22.76 43.00 32.19
CA TYR A 1022 -23.35 43.65 33.36
C TYR A 1022 -23.63 42.64 34.47
N LEU A 1023 -24.61 41.76 34.22
CA LEU A 1023 -25.01 40.76 35.22
C LEU A 1023 -23.81 39.99 35.76
N LEU A 1024 -22.94 39.53 34.86
CA LEU A 1024 -21.83 38.67 35.28
C LEU A 1024 -20.82 39.46 36.11
N GLU A 1025 -20.41 40.64 35.62
CA GLU A 1025 -19.43 41.42 36.36
C GLU A 1025 -19.98 41.85 37.72
N ASN A 1026 -21.28 42.12 37.80
CA ASN A 1026 -21.89 42.44 39.09
C ASN A 1026 -21.86 41.21 40.00
N PHE A 1027 -22.20 40.04 39.45
CA PHE A 1027 -22.04 38.80 40.21
C PHE A 1027 -20.60 38.60 40.66
N ASN A 1028 -19.64 38.97 39.81
CA ASN A 1028 -18.23 38.76 40.13
C ASN A 1028 -17.79 39.61 41.32
N GLU A 1029 -18.34 40.82 41.45
CA GLU A 1029 -18.00 41.66 42.60
C GLU A 1029 -18.82 41.28 43.83
N TRP A 1030 -20.04 40.79 43.63
CA TRP A 1030 -20.88 40.34 44.73
C TRP A 1030 -20.15 39.34 45.62
N LEU A 1031 -19.42 38.40 45.01
CA LEU A 1031 -18.73 37.37 45.77
C LEU A 1031 -17.29 37.75 46.13
N ASP A 1032 -16.76 38.82 45.55
CA ASP A 1032 -15.48 39.32 46.04
C ASP A 1032 -15.56 39.83 47.48
N LYS A 1033 -16.75 39.85 48.09
CA LYS A 1033 -16.94 40.08 49.51
C LYS A 1033 -17.20 38.75 50.21
N MET B 1 22.85 39.85 18.41
CA MET B 1 22.86 39.46 19.80
C MET B 1 22.87 37.95 19.93
N PHE B 2 22.35 37.29 18.88
CA PHE B 2 22.30 35.83 18.85
C PHE B 2 23.68 35.21 19.00
N SER B 3 24.63 35.64 18.15
CA SER B 3 25.99 35.12 18.26
C SER B 3 26.61 35.43 19.61
N LYS B 4 26.26 36.56 20.22
CA LYS B 4 26.80 36.90 21.53
C LYS B 4 26.51 35.81 22.55
N PHE B 5 25.23 35.42 22.66
CA PHE B 5 24.82 34.34 23.55
C PHE B 5 25.77 33.14 23.47
N PHE B 6 26.11 32.72 22.25
CA PHE B 6 26.98 31.57 22.08
C PHE B 6 28.45 31.90 22.33
N ILE B 7 28.88 33.11 21.93
CA ILE B 7 30.25 33.52 22.21
C ILE B 7 30.54 33.46 23.70
N GLU B 8 29.53 33.73 24.53
CA GLU B 8 29.69 33.56 25.97
C GLU B 8 29.77 32.10 26.37
N ARG B 9 29.12 31.21 25.61
CA ARG B 9 28.89 29.83 26.03
C ARG B 9 29.48 28.87 25.01
N PRO B 10 30.82 28.74 24.98
CA PRO B 10 31.43 27.82 24.01
C PRO B 10 31.08 26.37 24.25
N VAL B 11 30.85 25.96 25.49
CA VAL B 11 30.46 24.57 25.75
C VAL B 11 29.09 24.29 25.13
N PHE B 12 28.14 25.21 25.32
CA PHE B 12 26.83 25.07 24.68
C PHE B 12 26.97 25.03 23.16
N ALA B 13 27.76 25.95 22.60
CA ALA B 13 27.91 26.03 21.15
C ALA B 13 28.50 24.74 20.61
N SER B 14 29.51 24.19 21.28
CA SER B 14 30.15 22.96 20.79
C SER B 14 29.27 21.74 21.01
N VAL B 15 28.49 21.73 22.10
CA VAL B 15 27.62 20.58 22.38
C VAL B 15 26.53 20.48 21.31
N VAL B 16 26.01 21.62 20.85
CA VAL B 16 25.10 21.58 19.71
C VAL B 16 25.82 21.08 18.47
N ALA B 17 27.05 21.55 18.24
CA ALA B 17 27.84 21.05 17.11
C ALA B 17 28.10 19.56 17.24
N ILE B 18 28.30 19.08 18.46
CA ILE B 18 28.61 17.66 18.66
C ILE B 18 27.39 16.80 18.38
N ILE B 19 26.24 17.15 18.95
CA ILE B 19 25.03 16.36 18.77
C ILE B 19 24.65 16.29 17.30
N ILE B 20 24.77 17.42 16.60
CA ILE B 20 24.50 17.44 15.16
C ILE B 20 25.38 16.42 14.44
N SER B 21 26.69 16.49 14.70
CA SER B 21 27.62 15.54 14.09
C SER B 21 27.27 14.11 14.48
N LEU B 22 27.00 13.89 15.76
CA LEU B 22 26.74 12.53 16.25
C LEU B 22 25.46 11.96 15.65
N ALA B 23 24.39 12.76 15.64
CA ALA B 23 23.15 12.31 15.01
C ALA B 23 23.37 12.06 13.52
N GLY B 24 24.16 12.92 12.86
CA GLY B 24 24.45 12.74 11.45
C GLY B 24 25.38 11.58 11.14
N ALA B 25 26.24 11.20 12.10
CA ALA B 25 27.07 10.00 11.92
C ALA B 25 26.24 8.73 12.04
N ILE B 26 25.34 8.67 13.03
CA ILE B 26 24.38 7.58 13.10
C ILE B 26 23.55 7.51 11.82
N GLY B 27 23.06 8.66 11.35
CA GLY B 27 22.26 8.68 10.13
C GLY B 27 23.01 8.22 8.91
N LEU B 28 24.25 8.68 8.74
CA LEU B 28 25.10 8.21 7.64
C LEU B 28 25.13 6.69 7.59
N THR B 29 25.16 6.04 8.75
CA THR B 29 25.24 4.58 8.79
C THR B 29 23.95 3.95 8.32
N ASN B 30 22.80 4.53 8.68
CA ASN B 30 21.51 3.91 8.40
C ASN B 30 20.86 4.43 7.12
N LEU B 31 21.62 5.13 6.28
CA LEU B 31 21.13 5.48 4.95
C LEU B 31 21.37 4.33 3.97
N PRO B 32 20.49 4.17 2.98
CA PRO B 32 20.72 3.14 1.96
C PRO B 32 21.68 3.63 0.89
N ILE B 33 22.44 2.68 0.34
CA ILE B 33 23.43 2.98 -0.69
C ILE B 33 22.89 2.43 -2.00
N GLU B 34 22.34 3.33 -2.83
CA GLU B 34 22.08 3.00 -4.22
C GLU B 34 23.26 3.48 -5.06
N GLN B 35 23.11 3.45 -6.38
CA GLN B 35 23.99 4.19 -7.28
C GLN B 35 23.34 5.42 -7.87
N TYR B 36 22.03 5.38 -8.09
CA TYR B 36 21.22 6.52 -8.46
C TYR B 36 19.96 6.42 -7.62
N PRO B 37 19.23 7.52 -7.45
CA PRO B 37 17.89 7.40 -6.85
C PRO B 37 17.00 6.47 -7.68
N SER B 38 15.77 6.25 -7.29
CA SER B 38 14.86 5.46 -8.12
C SER B 38 14.34 6.36 -9.24
N LEU B 39 15.11 6.43 -10.33
CA LEU B 39 14.66 7.22 -11.48
C LEU B 39 14.68 6.38 -12.74
N THR B 40 14.33 5.10 -12.64
CA THR B 40 13.94 4.43 -13.85
C THR B 40 12.49 3.94 -13.71
N PRO B 41 11.66 4.11 -14.73
CA PRO B 41 10.26 3.74 -14.62
C PRO B 41 10.08 2.29 -14.21
N PRO B 42 9.16 2.01 -13.28
CA PRO B 42 8.85 0.62 -12.95
C PRO B 42 8.11 -0.07 -14.08
N THR B 43 8.37 -1.36 -14.24
CA THR B 43 8.02 -2.09 -15.45
C THR B 43 7.44 -3.46 -15.13
N VAL B 44 6.18 -3.67 -15.52
CA VAL B 44 5.47 -4.93 -15.29
C VAL B 44 5.37 -5.69 -16.61
N LYS B 45 5.61 -7.00 -16.55
CA LYS B 45 5.67 -7.86 -17.74
C LYS B 45 4.55 -8.88 -17.68
N VAL B 46 3.60 -8.77 -18.63
CA VAL B 46 2.49 -9.70 -18.78
C VAL B 46 2.82 -10.67 -19.91
N SER B 47 2.56 -11.95 -19.70
CA SER B 47 2.99 -12.99 -20.65
C SER B 47 1.92 -14.06 -20.78
N ALA B 48 1.32 -14.15 -21.96
CA ALA B 48 0.42 -15.23 -22.32
C ALA B 48 1.04 -16.05 -23.44
N THR B 49 0.44 -17.21 -23.71
CA THR B 49 0.90 -18.09 -24.78
C THR B 49 -0.30 -18.69 -25.49
N TYR B 50 -0.33 -18.55 -26.81
CA TYR B 50 -1.30 -19.20 -27.69
C TYR B 50 -0.46 -20.06 -28.64
N THR B 51 -0.08 -21.25 -28.17
CA THR B 51 0.88 -22.08 -28.88
C THR B 51 0.42 -22.37 -30.31
N GLY B 52 1.36 -22.25 -31.24
CA GLY B 52 1.10 -22.53 -32.64
C GLY B 52 0.42 -21.43 -33.42
N ALA B 53 -0.03 -20.36 -32.75
CA ALA B 53 -0.87 -19.37 -33.41
C ALA B 53 -0.04 -18.38 -34.22
N ASP B 54 -0.73 -17.68 -35.12
CA ASP B 54 -0.08 -16.74 -36.03
C ASP B 54 0.39 -15.50 -35.30
N ALA B 55 1.54 -14.97 -35.71
CA ALA B 55 2.14 -13.83 -35.04
C ALA B 55 1.18 -12.65 -34.96
N GLN B 56 0.40 -12.43 -36.02
CA GLN B 56 -0.50 -11.28 -36.03
C GLN B 56 -1.82 -11.56 -35.35
N THR B 57 -2.30 -12.81 -35.41
CA THR B 57 -3.53 -13.13 -34.69
C THR B 57 -3.35 -12.97 -33.19
N ILE B 58 -2.16 -13.30 -32.69
CA ILE B 58 -1.85 -13.05 -31.28
C ILE B 58 -1.86 -11.56 -30.99
N ALA B 59 -1.36 -10.76 -31.94
CA ALA B 59 -1.30 -9.31 -31.73
C ALA B 59 -2.69 -8.71 -31.60
N SER B 60 -3.71 -9.34 -32.19
CA SER B 60 -5.04 -8.76 -32.24
C SER B 60 -6.03 -9.36 -31.25
N THR B 61 -5.88 -10.65 -30.90
CA THR B 61 -6.81 -11.31 -30.00
C THR B 61 -6.19 -11.71 -28.68
N VAL B 62 -4.91 -11.42 -28.46
CA VAL B 62 -4.25 -11.70 -27.20
C VAL B 62 -3.65 -10.41 -26.66
N ALA B 63 -2.80 -9.79 -27.47
CA ALA B 63 -2.13 -8.55 -27.05
C ALA B 63 -3.15 -7.46 -26.74
N SER B 64 -4.13 -7.27 -27.62
CA SER B 64 -5.02 -6.12 -27.51
C SER B 64 -6.14 -6.29 -26.49
N PRO B 65 -6.66 -7.49 -26.22
CA PRO B 65 -7.55 -7.62 -25.04
C PRO B 65 -6.88 -7.17 -23.76
N ILE B 66 -5.69 -7.71 -23.48
CA ILE B 66 -4.99 -7.39 -22.24
C ILE B 66 -4.61 -5.92 -22.19
N GLU B 67 -4.00 -5.42 -23.28
CA GLU B 67 -3.61 -4.01 -23.35
C GLU B 67 -4.78 -3.09 -23.00
N ASP B 68 -5.95 -3.36 -23.57
CA ASP B 68 -7.10 -2.51 -23.33
C ASP B 68 -7.61 -2.64 -21.89
N ALA B 69 -7.46 -3.81 -21.29
CA ALA B 69 -7.75 -3.93 -19.86
C ALA B 69 -6.76 -3.09 -19.05
N ILE B 70 -5.46 -3.25 -19.33
CA ILE B 70 -4.43 -2.54 -18.57
C ILE B 70 -4.51 -1.04 -18.78
N ASN B 71 -4.87 -0.60 -19.99
CA ASN B 71 -4.76 0.81 -20.35
C ASN B 71 -5.54 1.68 -19.36
N GLY B 72 -4.99 2.86 -19.09
CA GLY B 72 -5.54 3.76 -18.10
C GLY B 72 -5.19 3.42 -16.67
N ALA B 73 -4.32 2.44 -16.44
CA ALA B 73 -3.92 2.08 -15.09
C ALA B 73 -3.26 3.27 -14.40
N ASP B 74 -3.29 3.23 -13.07
CA ASP B 74 -2.73 4.32 -12.28
C ASP B 74 -1.24 4.50 -12.58
N ASN B 75 -0.89 5.67 -13.11
CA ASN B 75 0.50 6.12 -13.26
C ASN B 75 1.25 5.33 -14.34
N MET B 76 0.59 5.03 -15.44
CA MET B 76 1.20 4.38 -16.59
C MET B 76 1.63 5.43 -17.61
N ILE B 77 2.82 5.26 -18.18
CA ILE B 77 3.34 6.21 -19.15
C ILE B 77 3.36 5.67 -20.58
N TYR B 78 3.56 4.36 -20.76
CA TYR B 78 3.41 3.74 -22.07
C TYR B 78 3.51 2.23 -21.91
N MET B 79 3.23 1.51 -22.99
CA MET B 79 3.41 0.06 -22.98
C MET B 79 3.62 -0.45 -24.40
N ASP B 80 4.41 -1.52 -24.50
CA ASP B 80 4.72 -2.19 -25.75
C ASP B 80 4.49 -3.69 -25.59
N SER B 81 3.87 -4.30 -26.59
CA SER B 81 3.73 -5.74 -26.65
C SER B 81 4.37 -6.26 -27.92
N THR B 82 5.04 -7.41 -27.81
CA THR B 82 5.62 -8.09 -28.96
C THR B 82 5.11 -9.51 -29.00
N SER B 83 4.48 -9.89 -30.10
CA SER B 83 3.89 -11.21 -30.29
C SER B 83 4.52 -11.87 -31.50
N SER B 84 4.81 -13.16 -31.39
CA SER B 84 5.68 -13.81 -32.35
C SER B 84 5.11 -15.17 -32.76
N SER B 85 5.59 -15.64 -33.92
CA SER B 85 5.17 -16.94 -34.46
C SER B 85 5.53 -18.08 -33.52
N SER B 86 6.56 -17.91 -32.69
CA SER B 86 6.88 -18.90 -31.67
C SER B 86 5.75 -19.09 -30.68
N GLY B 87 4.74 -18.23 -30.70
CA GLY B 87 3.51 -18.45 -29.97
C GLY B 87 3.35 -17.65 -28.69
N THR B 88 4.17 -16.65 -28.45
CA THR B 88 4.16 -15.92 -27.19
C THR B 88 3.77 -14.47 -27.40
N MET B 89 3.21 -13.87 -26.35
CA MET B 89 2.89 -12.45 -26.29
C MET B 89 3.43 -11.94 -24.96
N SER B 90 4.49 -11.15 -25.02
CA SER B 90 5.03 -10.47 -23.84
C SER B 90 4.69 -9.00 -23.95
N LEU B 91 3.91 -8.51 -22.99
CA LEU B 91 3.49 -7.11 -22.92
C LEU B 91 4.15 -6.49 -21.69
N THR B 92 4.75 -5.31 -21.86
CA THR B 92 5.48 -4.64 -20.80
C THR B 92 4.82 -3.29 -20.54
N VAL B 93 4.16 -3.16 -19.39
CA VAL B 93 3.62 -1.88 -18.96
C VAL B 93 4.73 -1.08 -18.31
N TYR B 94 4.75 0.22 -18.59
CA TYR B 94 5.80 1.12 -18.11
C TYR B 94 5.14 2.20 -17.27
N PHE B 95 5.56 2.29 -16.01
CA PHE B 95 4.91 3.16 -15.04
C PHE B 95 5.80 4.36 -14.72
N ASP B 96 5.17 5.42 -14.23
CA ASP B 96 5.88 6.69 -14.08
C ASP B 96 6.92 6.61 -12.97
N ILE B 97 7.90 7.50 -13.04
CA ILE B 97 9.02 7.49 -12.10
C ILE B 97 8.50 7.89 -10.72
N GLY B 98 8.65 6.99 -9.75
CA GLY B 98 7.99 7.16 -8.47
C GLY B 98 6.68 6.40 -8.44
N THR B 99 6.77 5.09 -8.22
CA THR B 99 5.62 4.20 -8.22
C THR B 99 6.05 2.89 -7.56
N ASP B 100 5.25 2.38 -6.64
CA ASP B 100 5.60 1.14 -5.98
C ASP B 100 5.70 0.01 -7.01
N PRO B 101 6.87 -0.62 -7.17
CA PRO B 101 7.00 -1.71 -8.14
C PRO B 101 6.22 -2.96 -7.74
N ASP B 102 5.31 -2.82 -6.78
CA ASP B 102 4.41 -3.89 -6.40
C ASP B 102 2.96 -3.45 -6.21
N GLN B 103 2.69 -2.16 -5.98
CA GLN B 103 1.30 -1.68 -6.02
C GLN B 103 0.72 -1.81 -7.42
N ALA B 104 1.54 -1.64 -8.45
CA ALA B 104 1.08 -1.75 -9.83
C ALA B 104 1.27 -3.14 -10.40
N THR B 105 2.10 -3.98 -9.76
CA THR B 105 2.30 -5.35 -10.24
C THR B 105 1.03 -6.17 -10.06
N ILE B 106 0.31 -5.96 -8.95
CA ILE B 106 -1.00 -6.60 -8.80
C ILE B 106 -2.10 -5.78 -9.47
N ASP B 107 -1.99 -4.44 -9.46
CA ASP B 107 -2.99 -3.61 -10.14
C ASP B 107 -3.10 -4.00 -11.60
N VAL B 108 -1.97 -4.34 -12.23
CA VAL B 108 -2.02 -4.94 -13.56
C VAL B 108 -2.75 -6.27 -13.50
N ASN B 109 -2.35 -7.16 -12.58
CA ASN B 109 -2.98 -8.46 -12.46
C ASN B 109 -4.47 -8.34 -12.14
N ASN B 110 -4.85 -7.29 -11.40
CA ASN B 110 -6.27 -6.97 -11.24
C ASN B 110 -6.95 -6.83 -12.60
N ARG B 111 -6.40 -5.97 -13.45
CA ARG B 111 -6.96 -5.74 -14.77
C ARG B 111 -6.90 -7.01 -15.63
N ILE B 112 -5.93 -7.88 -15.38
CA ILE B 112 -5.76 -9.07 -16.23
C ILE B 112 -6.83 -10.10 -15.92
N SER B 113 -6.93 -10.52 -14.66
CA SER B 113 -7.94 -11.51 -14.29
C SER B 113 -9.35 -11.07 -14.66
N ALA B 114 -9.58 -9.76 -14.74
CA ALA B 114 -10.84 -9.22 -15.24
C ALA B 114 -11.12 -9.72 -16.65
N ALA B 115 -10.42 -9.15 -17.63
CA ALA B 115 -10.70 -9.41 -19.03
C ALA B 115 -10.06 -10.70 -19.53
N THR B 116 -9.80 -11.65 -18.63
CA THR B 116 -9.27 -12.94 -19.05
C THR B 116 -10.36 -13.90 -19.52
N ALA B 117 -11.64 -13.55 -19.30
CA ALA B 117 -12.74 -14.19 -19.99
C ALA B 117 -13.00 -13.57 -21.37
N LYS B 118 -12.22 -12.55 -21.74
CA LYS B 118 -12.20 -12.01 -23.09
C LYS B 118 -11.07 -12.59 -23.93
N MET B 119 -10.40 -13.61 -23.45
CA MET B 119 -9.30 -14.25 -24.16
C MET B 119 -9.82 -15.40 -25.01
N PRO B 120 -9.06 -15.81 -26.02
CA PRO B 120 -9.34 -17.09 -26.67
C PRO B 120 -9.22 -18.23 -25.68
N ASP B 121 -9.90 -19.34 -26.00
CA ASP B 121 -9.96 -20.47 -25.07
C ASP B 121 -8.58 -21.10 -24.86
N ALA B 122 -7.80 -21.24 -25.94
CA ALA B 122 -6.47 -21.81 -25.80
C ALA B 122 -5.55 -20.95 -24.94
N VAL B 123 -5.91 -19.68 -24.71
CA VAL B 123 -5.17 -18.82 -23.79
C VAL B 123 -5.64 -19.02 -22.36
N LYS B 124 -6.96 -19.06 -22.14
CA LYS B 124 -7.50 -19.35 -20.82
C LYS B 124 -6.91 -20.63 -20.25
N LYS B 125 -6.75 -21.64 -21.10
CA LYS B 125 -6.25 -22.93 -20.65
C LYS B 125 -4.79 -22.86 -20.24
N LEU B 126 -3.97 -22.11 -20.98
CA LEU B 126 -2.54 -22.06 -20.73
C LEU B 126 -2.16 -21.03 -19.67
N GLY B 127 -2.87 -19.91 -19.59
CA GLY B 127 -2.58 -18.92 -18.56
C GLY B 127 -2.06 -17.60 -19.06
N VAL B 128 -2.14 -16.56 -18.24
CA VAL B 128 -1.65 -15.22 -18.56
C VAL B 128 -0.99 -14.70 -17.29
N THR B 129 0.34 -14.77 -17.24
CA THR B 129 1.12 -14.66 -16.02
C THR B 129 1.86 -13.32 -16.01
N VAL B 130 1.49 -12.45 -15.06
CA VAL B 130 2.13 -11.15 -14.90
C VAL B 130 3.19 -11.26 -13.80
N ARG B 131 4.10 -10.30 -13.79
CA ARG B 131 5.18 -10.26 -12.81
C ARG B 131 5.93 -8.95 -12.92
N LYS B 132 6.49 -8.50 -11.80
CA LYS B 132 7.39 -7.36 -11.74
C LYS B 132 8.78 -7.75 -12.24
N THR B 133 9.46 -6.82 -12.89
CA THR B 133 10.74 -7.15 -13.52
C THR B 133 11.53 -5.87 -13.79
N SER B 134 12.67 -6.03 -14.46
CA SER B 134 13.55 -4.94 -14.84
C SER B 134 14.21 -5.30 -16.16
N SER B 135 14.86 -4.31 -16.77
CA SER B 135 15.54 -4.51 -18.04
C SER B 135 17.06 -4.57 -17.89
N THR B 136 17.58 -4.35 -16.69
CA THR B 136 19.03 -4.31 -16.47
C THR B 136 19.53 -5.69 -16.06
N THR B 137 20.48 -6.22 -16.83
CA THR B 137 21.15 -7.46 -16.48
C THR B 137 22.45 -7.16 -15.77
N LEU B 138 22.72 -7.92 -14.70
CA LEU B 138 23.78 -7.55 -13.76
C LEU B 138 25.15 -8.00 -14.24
N ALA B 139 25.27 -9.26 -14.67
CA ALA B 139 26.55 -9.80 -15.11
C ALA B 139 26.28 -11.09 -15.87
N ALA B 140 27.31 -11.56 -16.58
CA ALA B 140 27.16 -12.73 -17.44
C ALA B 140 28.37 -13.63 -17.27
N ILE B 141 28.12 -14.88 -16.86
CA ILE B 141 29.13 -15.88 -16.57
C ILE B 141 29.34 -16.74 -17.80
N SER B 142 30.57 -17.21 -18.00
CA SER B 142 30.93 -18.04 -19.16
C SER B 142 31.66 -19.29 -18.66
N MET B 143 31.01 -20.44 -18.76
CA MET B 143 31.59 -21.70 -18.32
C MET B 143 32.05 -22.52 -19.52
N TYR B 144 33.22 -23.14 -19.36
CA TYR B 144 33.87 -23.91 -20.42
C TYR B 144 34.88 -24.83 -19.76
N SER B 145 35.15 -25.96 -20.40
CA SER B 145 36.16 -26.88 -19.91
C SER B 145 37.51 -26.53 -20.53
N SER B 146 38.54 -26.43 -19.68
CA SER B 146 39.82 -25.91 -20.12
C SER B 146 40.61 -26.90 -20.97
N ASP B 147 40.27 -28.18 -20.93
CA ASP B 147 41.03 -29.21 -21.61
C ASP B 147 40.15 -30.09 -22.48
N GLY B 148 39.04 -29.55 -22.96
CA GLY B 148 38.06 -30.41 -23.63
C GLY B 148 37.48 -31.36 -22.62
N SER B 149 37.40 -32.65 -23.00
CA SER B 149 36.97 -33.71 -22.09
C SER B 149 35.64 -33.41 -21.43
N MET B 150 34.82 -32.62 -22.12
CA MET B 150 33.53 -32.13 -21.65
C MET B 150 32.97 -31.18 -22.70
N SER B 151 32.09 -31.68 -23.57
CA SER B 151 31.66 -30.93 -24.74
C SER B 151 30.88 -29.68 -24.38
N ALA B 152 30.49 -28.90 -25.39
CA ALA B 152 29.65 -27.72 -25.16
C ALA B 152 28.24 -28.10 -24.71
N VAL B 153 27.88 -29.38 -24.79
CA VAL B 153 26.60 -29.84 -24.26
C VAL B 153 26.76 -30.54 -22.91
N ASP B 154 27.97 -31.01 -22.58
CA ASP B 154 28.23 -31.53 -21.24
C ASP B 154 28.28 -30.40 -20.22
N VAL B 155 28.88 -29.27 -20.59
CA VAL B 155 28.90 -28.11 -19.70
C VAL B 155 27.49 -27.57 -19.50
N TYR B 156 26.72 -27.48 -20.58
CA TYR B 156 25.31 -27.10 -20.48
C TYR B 156 24.56 -28.04 -19.55
N ASN B 157 24.87 -29.34 -19.62
CA ASN B 157 24.20 -30.33 -18.79
C ASN B 157 24.45 -30.08 -17.31
N TYR B 158 25.73 -30.06 -16.92
CA TYR B 158 26.12 -29.78 -15.54
C TYR B 158 25.43 -28.52 -15.03
N ILE B 159 25.61 -27.43 -15.76
CA ILE B 159 25.06 -26.10 -15.47
C ILE B 159 23.58 -26.15 -15.08
N THR B 160 22.83 -27.06 -15.70
CA THR B 160 21.38 -27.03 -15.57
C THR B 160 20.89 -27.54 -14.22
N LEU B 161 21.48 -28.62 -13.70
CA LEU B 161 21.03 -29.15 -12.42
C LEU B 161 22.13 -29.10 -11.35
N ASN B 162 23.16 -28.28 -11.57
CA ASN B 162 24.19 -28.04 -10.57
C ASN B 162 24.58 -26.58 -10.39
N VAL B 163 24.19 -25.68 -11.29
CA VAL B 163 24.64 -24.29 -11.20
C VAL B 163 23.48 -23.30 -11.33
N LEU B 164 22.67 -23.46 -12.38
CA LEU B 164 21.60 -22.49 -12.64
C LEU B 164 20.66 -22.34 -11.45
N ASP B 165 20.50 -23.38 -10.64
CA ASP B 165 19.57 -23.31 -9.53
C ASP B 165 20.21 -22.65 -8.31
N GLU B 166 21.48 -22.92 -8.05
CA GLU B 166 22.20 -22.22 -7.00
C GLU B 166 22.65 -20.82 -7.42
N LEU B 167 22.12 -20.31 -8.54
CA LEU B 167 22.27 -18.90 -8.92
C LEU B 167 20.92 -18.19 -9.00
N LYS B 168 19.86 -18.82 -8.51
CA LYS B 168 18.66 -18.13 -8.08
C LYS B 168 18.43 -18.25 -6.58
N ARG B 169 19.12 -19.18 -5.92
CA ARG B 169 19.17 -19.27 -4.47
C ARG B 169 20.19 -18.27 -3.94
N VAL B 170 20.30 -17.14 -4.63
CA VAL B 170 21.14 -15.99 -4.30
C VAL B 170 20.23 -14.79 -4.06
N PRO B 171 20.47 -13.98 -3.03
CA PRO B 171 19.63 -12.80 -2.82
C PRO B 171 19.82 -11.79 -3.94
N GLY B 172 18.72 -11.40 -4.57
CA GLY B 172 18.71 -10.26 -5.46
C GLY B 172 18.60 -10.58 -6.94
N VAL B 173 18.82 -11.82 -7.36
CA VAL B 173 18.72 -12.13 -8.78
C VAL B 173 17.24 -12.27 -9.14
N GLY B 174 16.92 -11.87 -10.38
CA GLY B 174 15.55 -11.92 -10.85
C GLY B 174 15.34 -12.91 -11.97
N ASP B 175 16.43 -13.63 -12.29
CA ASP B 175 16.49 -14.66 -13.33
C ASP B 175 17.92 -15.13 -13.42
N ALA B 176 18.14 -16.33 -13.97
CA ALA B 176 19.50 -16.84 -14.17
C ALA B 176 19.38 -17.98 -15.19
N ASN B 177 19.75 -17.69 -16.43
CA ASN B 177 19.38 -18.56 -17.55
C ASN B 177 20.47 -18.57 -18.60
N ALA B 178 21.02 -19.75 -18.87
CA ALA B 178 21.92 -19.93 -20.00
C ALA B 178 21.08 -20.07 -21.27
N ILE B 179 21.46 -19.32 -22.31
CA ILE B 179 20.64 -19.15 -23.51
C ILE B 179 20.17 -20.50 -24.04
N GLY B 180 18.87 -20.73 -23.98
CA GLY B 180 18.30 -21.97 -24.45
C GLY B 180 17.10 -22.52 -23.68
N ASN B 181 17.28 -23.70 -23.06
CA ASN B 181 16.17 -24.48 -22.53
C ASN B 181 15.94 -24.13 -21.07
N ARG B 182 14.75 -23.59 -20.77
CA ARG B 182 14.46 -23.17 -19.40
C ARG B 182 14.39 -24.35 -18.44
N ASN B 183 13.43 -25.24 -18.63
CA ASN B 183 13.32 -26.48 -17.87
C ASN B 183 13.81 -27.64 -18.73
N TYR B 184 14.72 -28.42 -18.16
CA TYR B 184 15.23 -29.62 -18.81
C TYR B 184 14.09 -30.56 -19.18
N SER B 185 14.25 -31.25 -20.31
CA SER B 185 13.16 -32.04 -20.87
C SER B 185 13.67 -33.37 -21.38
N LEU B 186 12.92 -34.43 -21.10
CA LEU B 186 13.15 -35.72 -21.74
C LEU B 186 12.62 -35.68 -23.16
N ARG B 187 13.47 -35.96 -24.14
CA ARG B 187 13.10 -35.84 -25.55
C ARG B 187 13.07 -37.22 -26.19
N ILE B 188 11.88 -37.60 -26.67
CA ILE B 188 11.69 -38.86 -27.37
C ILE B 188 11.80 -38.56 -28.86
N TRP B 189 12.87 -39.04 -29.48
CA TRP B 189 13.19 -38.69 -30.86
C TRP B 189 12.64 -39.76 -31.81
N LEU B 190 11.54 -39.44 -32.48
CA LEU B 190 10.92 -40.37 -33.41
C LEU B 190 11.81 -40.59 -34.63
N LYS B 191 12.00 -41.85 -35.00
CA LYS B 191 12.69 -42.21 -36.23
C LYS B 191 11.67 -42.72 -37.23
N PRO B 192 11.36 -41.97 -38.28
CA PRO B 192 10.15 -42.27 -39.09
C PRO B 192 10.24 -43.57 -39.86
N ASP B 193 11.36 -43.78 -40.55
CA ASP B 193 11.53 -45.01 -41.33
C ASP B 193 11.36 -46.24 -40.45
N LEU B 194 11.83 -46.17 -39.20
CA LEU B 194 11.63 -47.28 -38.27
C LEU B 194 10.22 -47.29 -37.71
N LEU B 195 9.58 -46.12 -37.58
CA LEU B 195 8.18 -46.08 -37.18
C LEU B 195 7.31 -46.82 -38.20
N ASN B 196 7.56 -46.61 -39.49
CA ASN B 196 6.74 -47.21 -40.52
C ASN B 196 7.08 -48.68 -40.73
N LYS B 197 8.38 -49.02 -40.65
CA LYS B 197 8.81 -50.40 -40.75
C LYS B 197 8.03 -51.31 -39.81
N PHE B 198 7.70 -50.81 -38.62
CA PHE B 198 6.93 -51.56 -37.64
C PHE B 198 5.46 -51.17 -37.61
N GLY B 199 5.06 -50.19 -38.41
CA GLY B 199 3.64 -49.86 -38.56
C GLY B 199 3.04 -49.06 -37.43
N ILE B 200 3.76 -48.07 -36.91
CA ILE B 200 3.35 -47.31 -35.74
C ILE B 200 3.29 -45.84 -36.13
N THR B 201 2.12 -45.22 -35.99
CA THR B 201 2.01 -43.80 -36.27
C THR B 201 2.55 -42.99 -35.09
N ALA B 202 2.66 -41.67 -35.30
CA ALA B 202 3.11 -40.79 -34.23
C ALA B 202 2.13 -40.78 -33.07
N THR B 203 0.83 -40.64 -33.37
CA THR B 203 -0.20 -40.66 -32.34
C THR B 203 -0.13 -41.92 -31.49
N ASP B 204 0.31 -43.04 -32.06
CA ASP B 204 0.50 -44.25 -31.27
C ASP B 204 1.48 -44.00 -30.13
N VAL B 205 2.66 -43.47 -30.44
CA VAL B 205 3.66 -43.21 -29.41
C VAL B 205 3.11 -42.20 -28.40
N ILE B 206 2.43 -41.16 -28.87
CA ILE B 206 1.79 -40.20 -27.98
C ILE B 206 0.89 -40.91 -26.98
N SER B 207 0.11 -41.88 -27.47
CA SER B 207 -0.91 -42.51 -26.63
C SER B 207 -0.29 -43.38 -25.55
N ALA B 208 0.78 -44.11 -25.88
CA ALA B 208 1.46 -44.92 -24.88
C ALA B 208 2.20 -44.05 -23.88
N VAL B 209 3.05 -43.15 -24.36
CA VAL B 209 3.78 -42.24 -23.48
C VAL B 209 2.83 -41.44 -22.59
N ASN B 210 1.61 -41.18 -23.07
CA ASN B 210 0.63 -40.52 -22.23
C ASN B 210 0.04 -41.48 -21.19
N ASP B 211 -0.26 -42.71 -21.61
CA ASP B 211 -0.99 -43.64 -20.74
C ASP B 211 -0.08 -44.44 -19.82
N GLN B 212 1.14 -44.75 -20.24
CA GLN B 212 2.05 -45.55 -19.43
C GLN B 212 2.90 -44.69 -18.50
N ASN B 213 2.48 -43.45 -18.27
CA ASN B 213 3.13 -42.53 -17.34
C ASN B 213 2.03 -41.89 -16.47
N ALA B 214 1.40 -42.72 -15.64
CA ALA B 214 0.29 -42.28 -14.80
C ALA B 214 0.83 -41.50 -13.60
N GLN B 215 -0.05 -41.16 -12.67
CA GLN B 215 0.35 -40.45 -11.47
C GLN B 215 0.49 -41.42 -10.31
N TYR B 216 -0.27 -41.21 -9.23
CA TYR B 216 -0.18 -42.05 -8.05
C TYR B 216 -1.57 -42.41 -7.54
N ALA B 217 -1.59 -43.29 -6.54
CA ALA B 217 -2.83 -43.77 -5.93
C ALA B 217 -2.49 -44.38 -4.59
N THR B 218 -3.06 -43.85 -3.51
CA THR B 218 -2.62 -44.19 -2.16
C THR B 218 -3.80 -44.46 -1.24
N GLY B 219 -3.77 -45.61 -0.58
CA GLY B 219 -4.65 -45.90 0.54
C GLY B 219 -3.84 -46.47 1.70
N LYS B 220 -4.56 -46.88 2.74
CA LYS B 220 -3.90 -47.46 3.90
C LYS B 220 -4.71 -48.63 4.45
N ILE B 221 -4.01 -49.47 5.21
CA ILE B 221 -4.57 -50.75 5.67
C ILE B 221 -5.19 -50.49 7.04
N GLY B 222 -6.46 -50.14 7.05
CA GLY B 222 -7.18 -49.94 8.29
C GLY B 222 -7.04 -48.54 8.86
N SER B 230 -4.42 -54.81 12.59
CA SER B 230 -5.21 -53.91 13.42
C SER B 230 -4.46 -53.31 14.63
N PRO B 231 -3.47 -54.01 15.19
CA PRO B 231 -2.56 -53.34 16.13
C PRO B 231 -1.68 -52.29 15.48
N TYR B 232 -1.59 -52.29 14.14
CA TYR B 232 -0.74 -51.38 13.39
C TYR B 232 -1.60 -50.68 12.34
N VAL B 233 -1.00 -49.66 11.72
CA VAL B 233 -1.54 -49.12 10.48
C VAL B 233 -0.37 -48.84 9.55
N TYR B 234 -0.54 -49.20 8.28
CA TYR B 234 0.43 -48.97 7.23
C TYR B 234 -0.29 -48.28 6.08
N SER B 235 0.37 -47.31 5.44
CA SER B 235 -0.20 -46.61 4.30
C SER B 235 0.50 -47.10 3.03
N ILE B 236 -0.27 -47.59 2.07
CA ILE B 236 0.27 -48.25 0.88
C ILE B 236 0.05 -47.36 -0.33
N THR B 237 1.11 -47.17 -1.11
CA THR B 237 1.11 -46.33 -2.29
C THR B 237 1.28 -47.18 -3.54
N MET B 238 0.88 -46.61 -4.68
CA MET B 238 1.07 -47.24 -5.98
C MET B 238 1.50 -46.17 -6.97
N GLN B 239 2.69 -46.32 -7.54
CA GLN B 239 3.35 -45.26 -8.29
C GLN B 239 3.32 -45.60 -9.78
N GLY B 240 2.58 -44.81 -10.55
CA GLY B 240 2.50 -45.00 -11.97
C GLY B 240 3.49 -44.15 -12.74
N ARG B 241 4.00 -43.09 -12.12
CA ARG B 241 4.92 -42.20 -12.81
C ARG B 241 6.25 -42.90 -13.10
N LEU B 242 6.71 -42.76 -14.34
CA LEU B 242 8.05 -43.18 -14.69
C LEU B 242 9.08 -42.24 -14.07
N GLN B 243 10.33 -42.69 -14.00
CA GLN B 243 11.30 -41.93 -13.21
C GLN B 243 12.75 -42.04 -13.69
N ASN B 244 13.01 -42.37 -14.95
CA ASN B 244 14.35 -42.34 -15.54
C ASN B 244 14.22 -42.64 -17.04
N PRO B 245 15.09 -42.05 -17.87
CA PRO B 245 14.92 -42.23 -19.33
C PRO B 245 14.87 -43.68 -19.77
N SER B 246 15.63 -44.54 -19.09
CA SER B 246 15.62 -45.97 -19.41
C SER B 246 14.23 -46.56 -19.31
N GLU B 247 13.40 -46.07 -18.39
CA GLU B 247 12.05 -46.62 -18.23
C GLU B 247 11.11 -46.12 -19.32
N PHE B 248 11.37 -44.94 -19.89
CA PHE B 248 10.65 -44.54 -21.09
C PHE B 248 11.03 -45.39 -22.29
N GLU B 249 12.30 -45.83 -22.35
CA GLU B 249 12.74 -46.69 -23.44
C GLU B 249 12.01 -48.03 -23.44
N ASN B 250 11.43 -48.43 -22.31
CA ASN B 250 10.72 -49.69 -22.20
C ASN B 250 9.20 -49.51 -22.16
N ILE B 251 8.70 -48.32 -22.49
CA ILE B 251 7.29 -48.15 -22.79
C ILE B 251 6.94 -49.06 -23.96
N ILE B 252 5.87 -49.83 -23.81
CA ILE B 252 5.49 -50.83 -24.82
C ILE B 252 4.36 -50.29 -25.69
N LEU B 253 4.59 -50.33 -27.00
CA LEU B 253 3.71 -49.85 -28.05
C LEU B 253 2.74 -50.94 -28.52
N ARG B 254 3.29 -52.10 -28.91
CA ARG B 254 2.50 -53.23 -29.35
C ARG B 254 2.98 -54.49 -28.65
N THR B 255 2.05 -55.27 -28.12
CA THR B 255 2.34 -56.59 -27.59
C THR B 255 2.21 -57.61 -28.72
N ASN B 256 3.23 -58.43 -28.89
CA ASN B 256 3.36 -59.25 -30.08
C ASN B 256 2.68 -60.60 -29.93
N ASN B 257 2.52 -61.28 -31.08
CA ASN B 257 1.94 -62.63 -31.09
C ASN B 257 2.76 -63.58 -30.23
N ASP B 258 4.09 -63.47 -30.31
CA ASP B 258 4.97 -64.42 -29.66
C ASP B 258 4.90 -64.34 -28.14
N GLY B 259 4.47 -63.21 -27.60
CA GLY B 259 4.59 -62.90 -26.18
C GLY B 259 5.58 -61.80 -25.90
N SER B 260 6.42 -61.43 -26.87
CA SER B 260 7.31 -60.30 -26.75
C SER B 260 6.53 -59.00 -26.98
N PHE B 261 7.24 -57.88 -26.97
CA PHE B 261 6.63 -56.57 -27.10
C PHE B 261 7.41 -55.74 -28.11
N LEU B 262 6.80 -54.61 -28.49
CA LEU B 262 7.46 -53.58 -29.28
C LEU B 262 7.59 -52.35 -28.38
N ARG B 263 8.77 -52.18 -27.81
CA ARG B 263 9.00 -51.07 -26.90
C ARG B 263 9.47 -49.83 -27.67
N LEU B 264 9.44 -48.70 -26.99
CA LEU B 264 9.76 -47.43 -27.63
C LEU B 264 11.22 -47.32 -28.04
N LYS B 265 12.10 -48.14 -27.47
CA LYS B 265 13.53 -48.02 -27.75
C LYS B 265 13.90 -48.43 -29.17
N ASP B 266 13.00 -49.04 -29.92
CA ASP B 266 13.31 -49.48 -31.29
C ASP B 266 12.28 -48.97 -32.28
N VAL B 267 11.87 -47.70 -32.12
CA VAL B 267 11.21 -46.93 -33.16
C VAL B 267 11.73 -45.51 -33.01
N ALA B 268 12.46 -45.28 -31.92
CA ALA B 268 12.82 -43.93 -31.50
C ALA B 268 13.97 -44.02 -30.50
N ASP B 269 14.74 -42.94 -30.42
CA ASP B 269 15.77 -42.78 -29.43
C ASP B 269 15.28 -41.85 -28.33
N VAL B 270 15.63 -42.16 -27.09
CA VAL B 270 15.20 -41.41 -25.92
C VAL B 270 16.41 -40.69 -25.36
N GLU B 271 16.36 -39.36 -25.34
CA GLU B 271 17.49 -38.51 -25.01
C GLU B 271 17.10 -37.61 -23.84
N ILE B 272 17.93 -37.62 -22.79
CA ILE B 272 17.66 -36.82 -21.60
C ILE B 272 18.26 -35.43 -21.79
N GLY B 273 17.41 -34.42 -21.63
CA GLY B 273 17.82 -33.03 -21.69
C GLY B 273 18.58 -32.71 -22.95
N SER B 274 19.91 -32.57 -22.79
CA SER B 274 20.83 -32.22 -23.87
C SER B 274 20.29 -30.98 -24.56
N GLN B 275 20.01 -31.14 -25.86
CA GLN B 275 19.18 -30.20 -26.62
C GLN B 275 19.78 -28.79 -26.62
N GLN B 276 18.89 -27.79 -26.65
CA GLN B 276 19.06 -26.50 -27.30
C GLN B 276 20.30 -26.43 -28.18
N TYR B 277 20.23 -27.16 -29.28
CA TYR B 277 21.09 -26.98 -30.43
C TYR B 277 20.60 -25.85 -31.31
N SER B 278 19.57 -25.13 -30.87
CA SER B 278 19.07 -23.93 -31.53
C SER B 278 19.83 -22.68 -31.12
N SER B 279 20.97 -22.82 -30.46
CA SER B 279 21.74 -21.68 -29.97
C SER B 279 23.13 -22.17 -29.59
N GLN B 280 24.03 -21.21 -29.36
CA GLN B 280 25.41 -21.53 -29.06
C GLN B 280 26.09 -20.28 -28.51
N GLY B 281 26.94 -20.47 -27.50
CA GLY B 281 27.68 -19.37 -26.92
C GLY B 281 29.17 -19.45 -27.19
N ARG B 282 29.86 -18.31 -27.11
CA ARG B 282 31.30 -18.27 -27.29
C ARG B 282 31.91 -17.30 -26.29
N LEU B 283 33.20 -17.50 -26.02
CA LEU B 283 33.98 -16.60 -25.17
C LEU B 283 35.37 -16.47 -25.78
N ASN B 284 35.62 -15.35 -26.47
CA ASN B 284 36.92 -15.08 -27.08
C ASN B 284 37.28 -16.17 -28.09
N GLY B 285 36.33 -16.51 -28.95
CA GLY B 285 36.55 -17.51 -29.97
C GLY B 285 36.70 -18.92 -29.43
N ASN B 286 35.93 -19.28 -28.40
CA ASN B 286 35.93 -20.63 -27.86
C ASN B 286 34.53 -20.98 -27.40
N ASP B 287 34.14 -22.23 -27.63
CA ASP B 287 32.84 -22.71 -27.19
C ASP B 287 32.68 -22.54 -25.68
N ALA B 288 31.52 -22.03 -25.28
CA ALA B 288 31.23 -21.83 -23.86
C ALA B 288 29.74 -21.60 -23.69
N VAL B 289 29.24 -21.91 -22.49
CA VAL B 289 27.84 -21.69 -22.15
C VAL B 289 27.74 -20.36 -21.42
N PRO B 290 27.09 -19.35 -21.98
CA PRO B 290 26.92 -18.09 -21.25
C PRO B 290 25.70 -18.08 -20.35
N ILE B 291 25.93 -18.00 -19.04
CA ILE B 291 24.85 -17.80 -18.06
C ILE B 291 24.64 -16.31 -17.88
N MET B 292 23.39 -15.87 -17.91
CA MET B 292 23.06 -14.46 -17.75
C MET B 292 22.42 -14.23 -16.38
N ILE B 293 23.08 -13.43 -15.56
CA ILE B 293 22.59 -13.07 -14.23
C ILE B 293 21.86 -11.75 -14.33
N ASN B 294 20.75 -11.63 -13.59
CA ASN B 294 19.79 -10.54 -13.81
C ASN B 294 19.21 -10.12 -12.46
N LEU B 295 18.96 -8.82 -12.31
CA LEU B 295 18.63 -8.22 -11.03
C LEU B 295 17.12 -8.04 -10.87
N GLN B 296 16.60 -8.45 -9.72
CA GLN B 296 15.17 -8.29 -9.46
C GLN B 296 14.83 -6.82 -9.20
N SER B 297 13.67 -6.39 -9.68
CA SER B 297 13.29 -4.99 -9.62
C SER B 297 13.08 -4.55 -8.18
N GLY B 298 13.80 -3.51 -7.78
CA GLY B 298 13.75 -3.05 -6.40
C GLY B 298 14.79 -3.67 -5.50
N ALA B 299 15.98 -3.98 -6.02
CA ALA B 299 17.01 -4.64 -5.24
C ALA B 299 18.35 -3.95 -5.48
N ASN B 300 19.30 -4.25 -4.59
CA ASN B 300 20.59 -3.56 -4.56
C ASN B 300 21.58 -4.32 -5.45
N ALA B 301 21.94 -3.71 -6.58
CA ALA B 301 22.82 -4.38 -7.53
C ALA B 301 24.24 -4.52 -7.01
N LEU B 302 24.67 -3.60 -6.14
CA LEU B 302 26.08 -3.55 -5.74
C LEU B 302 26.47 -4.77 -4.94
N HIS B 303 25.71 -5.08 -3.89
CA HIS B 303 26.02 -6.25 -3.07
C HIS B 303 25.56 -7.56 -3.68
N THR B 304 24.57 -7.52 -4.59
CA THR B 304 24.09 -8.75 -5.21
C THR B 304 25.20 -9.50 -5.90
N ALA B 305 25.99 -8.81 -6.72
CA ALA B 305 27.10 -9.45 -7.40
C ALA B 305 28.23 -9.82 -6.44
N GLU B 306 28.40 -9.05 -5.37
CA GLU B 306 29.33 -9.42 -4.31
C GLU B 306 29.04 -10.84 -3.80
N LEU B 307 27.77 -11.24 -3.77
CA LEU B 307 27.38 -12.60 -3.46
C LEU B 307 27.66 -13.56 -4.61
N VAL B 308 27.29 -13.16 -5.83
CA VAL B 308 27.29 -14.08 -6.97
C VAL B 308 28.68 -14.64 -7.23
N GLN B 309 29.67 -13.76 -7.36
CA GLN B 309 31.04 -14.19 -7.60
C GLN B 309 31.54 -15.12 -6.49
N ALA B 310 31.09 -14.89 -5.26
CA ALA B 310 31.41 -15.80 -4.16
C ALA B 310 30.59 -17.10 -4.25
N LYS B 311 29.38 -17.03 -4.80
CA LYS B 311 28.61 -18.25 -5.02
C LYS B 311 29.23 -19.11 -6.11
N MET B 312 29.68 -18.47 -7.19
CA MET B 312 30.51 -19.18 -8.16
C MET B 312 31.81 -19.67 -7.52
N GLN B 313 32.39 -18.86 -6.63
CA GLN B 313 33.57 -19.31 -5.91
C GLN B 313 33.25 -20.53 -5.06
N GLU B 314 32.05 -20.59 -4.50
CA GLU B 314 31.62 -21.77 -3.76
C GLU B 314 31.41 -22.95 -4.70
N LEU B 315 30.81 -22.72 -5.87
CA LEU B 315 30.56 -23.79 -6.82
C LEU B 315 31.82 -24.17 -7.59
N SER B 316 32.76 -23.22 -7.77
CA SER B 316 34.03 -23.56 -8.38
C SER B 316 34.67 -24.77 -7.70
N LYS B 317 34.49 -24.91 -6.39
CA LYS B 317 35.17 -25.93 -5.62
C LYS B 317 34.79 -27.33 -6.10
N ASN B 318 33.50 -27.59 -6.28
CA ASN B 318 33.03 -28.91 -6.65
C ASN B 318 32.96 -29.14 -8.15
N PHE B 319 33.52 -28.23 -8.95
CA PHE B 319 33.49 -28.40 -10.40
C PHE B 319 34.42 -29.53 -10.83
N PRO B 320 33.97 -30.39 -11.76
CA PRO B 320 34.88 -31.37 -12.35
C PRO B 320 36.12 -30.73 -12.94
N LYS B 321 37.20 -31.50 -13.04
CA LYS B 321 38.45 -30.99 -13.56
C LYS B 321 38.33 -30.70 -15.05
N GLY B 322 38.70 -29.48 -15.45
CA GLY B 322 38.48 -29.00 -16.80
C GLY B 322 37.48 -27.87 -16.81
N LEU B 323 36.28 -28.15 -16.30
CA LEU B 323 35.20 -27.17 -16.20
C LEU B 323 35.60 -25.96 -15.37
N THR B 324 35.75 -24.79 -16.01
CA THR B 324 36.01 -23.56 -15.29
C THR B 324 35.01 -22.46 -15.63
N TYR B 325 35.32 -21.21 -15.30
CA TYR B 325 34.41 -20.10 -15.56
C TYR B 325 35.15 -18.79 -15.41
N LYS B 326 34.74 -17.80 -16.20
CA LYS B 326 35.15 -16.41 -16.05
C LYS B 326 33.90 -15.56 -16.18
N ILE B 327 33.98 -14.33 -15.66
CA ILE B 327 32.83 -13.43 -15.68
C ILE B 327 33.26 -12.14 -16.39
N PRO B 328 33.38 -12.14 -17.72
CA PRO B 328 34.02 -11.01 -18.41
C PRO B 328 33.11 -9.82 -18.69
N TYR B 329 31.84 -9.86 -18.30
CA TYR B 329 30.92 -8.75 -18.50
C TYR B 329 30.24 -8.49 -17.17
N ASP B 330 30.68 -7.44 -16.47
CA ASP B 330 30.25 -7.18 -15.10
C ASP B 330 29.87 -5.72 -14.95
N THR B 331 28.58 -5.46 -14.70
CA THR B 331 28.10 -4.09 -14.51
C THR B 331 28.79 -3.43 -13.32
N THR B 332 28.93 -4.15 -12.21
CA THR B 332 29.36 -3.54 -10.96
C THR B 332 30.79 -3.02 -11.05
N LYS B 333 31.61 -3.61 -11.92
CA LYS B 333 33.00 -3.16 -12.07
C LYS B 333 33.10 -1.68 -12.38
N PHE B 334 32.04 -1.08 -12.92
CA PHE B 334 31.98 0.36 -13.15
C PHE B 334 31.34 1.09 -11.97
N VAL B 335 30.28 0.53 -11.40
CA VAL B 335 29.67 1.10 -10.20
C VAL B 335 30.71 1.16 -9.07
N ILE B 336 31.47 0.09 -8.88
CA ILE B 336 32.51 0.07 -7.86
C ILE B 336 33.58 1.11 -8.18
N GLU B 337 34.04 1.13 -9.44
CA GLU B 337 35.13 2.03 -9.80
C GLU B 337 34.68 3.50 -9.79
N SER B 338 33.49 3.78 -10.31
CA SER B 338 33.02 5.17 -10.32
C SER B 338 32.87 5.72 -8.92
N ILE B 339 32.47 4.88 -7.95
CA ILE B 339 32.37 5.33 -6.58
C ILE B 339 33.76 5.56 -5.97
N LYS B 340 34.70 4.66 -6.27
CA LYS B 340 36.09 4.88 -5.87
C LYS B 340 36.58 6.24 -6.35
N GLU B 341 36.25 6.60 -7.59
CA GLU B 341 36.72 7.87 -8.13
C GLU B 341 36.05 9.07 -7.46
N VAL B 342 34.77 8.93 -7.14
CA VAL B 342 34.07 10.03 -6.47
C VAL B 342 34.62 10.25 -5.07
N VAL B 343 34.82 9.15 -4.33
CA VAL B 343 35.40 9.25 -2.99
C VAL B 343 36.79 9.88 -3.07
N LYS B 344 37.57 9.51 -4.10
CA LYS B 344 38.88 10.12 -4.28
C LYS B 344 38.78 11.60 -4.59
N THR B 345 37.83 11.99 -5.44
CA THR B 345 37.65 13.40 -5.75
C THR B 345 37.20 14.20 -4.53
N PHE B 346 36.46 13.56 -3.62
CA PHE B 346 36.03 14.24 -2.40
C PHE B 346 37.24 14.62 -1.53
N VAL B 347 38.13 13.65 -1.30
CA VAL B 347 39.32 13.91 -0.49
C VAL B 347 40.19 14.97 -1.15
N GLU B 348 40.51 14.80 -2.44
CA GLU B 348 41.42 15.74 -3.08
C GLU B 348 40.76 17.08 -3.36
N ALA B 349 39.43 17.17 -3.26
CA ALA B 349 38.80 18.49 -3.18
C ALA B 349 38.96 19.09 -1.79
N LEU B 350 38.76 18.28 -0.75
CA LEU B 350 38.94 18.73 0.62
C LEU B 350 40.30 19.39 0.82
N ILE B 351 41.37 18.72 0.41
CA ILE B 351 42.72 19.24 0.58
C ILE B 351 42.85 20.62 -0.05
N LEU B 352 42.28 20.79 -1.24
CA LEU B 352 42.45 22.05 -1.97
C LEU B 352 41.80 23.21 -1.22
N VAL B 353 40.59 23.00 -0.69
CA VAL B 353 39.95 24.06 0.09
C VAL B 353 40.80 24.44 1.29
N ILE B 354 41.35 23.44 1.98
CA ILE B 354 42.27 23.71 3.09
C ILE B 354 43.46 24.53 2.60
N ILE B 355 44.07 24.10 1.49
CA ILE B 355 45.21 24.82 0.93
C ILE B 355 44.84 26.26 0.64
N VAL B 356 43.70 26.47 -0.04
CA VAL B 356 43.22 27.82 -0.30
C VAL B 356 43.03 28.57 1.01
N MET B 357 42.42 27.92 1.99
CA MET B 357 42.05 28.62 3.22
C MET B 357 43.27 28.95 4.07
N TYR B 358 44.31 28.11 4.06
CA TYR B 358 45.50 28.42 4.83
C TYR B 358 46.28 29.58 4.21
N MET B 359 46.42 29.57 2.88
CA MET B 359 47.12 30.65 2.20
C MET B 359 46.47 32.00 2.46
N PHE B 360 45.19 32.03 2.81
CA PHE B 360 44.46 33.27 3.02
C PHE B 360 44.26 33.61 4.48
N LEU B 361 44.14 32.60 5.35
CA LEU B 361 43.97 32.82 6.79
C LEU B 361 45.29 32.73 7.54
N LYS B 362 46.42 32.92 6.86
CA LYS B 362 47.73 33.12 7.47
C LYS B 362 48.21 31.93 8.29
N ASN B 363 47.48 31.55 9.34
CA ASN B 363 48.03 30.63 10.34
C ASN B 363 47.09 29.44 10.55
N PHE B 364 47.53 28.53 11.42
CA PHE B 364 46.85 27.26 11.65
C PHE B 364 45.55 27.45 12.41
N ARG B 365 45.62 28.02 13.61
CA ARG B 365 44.44 28.20 14.44
C ARG B 365 43.34 28.93 13.69
N ALA B 366 43.71 29.94 12.91
CA ALA B 366 42.73 30.67 12.10
C ALA B 366 42.18 29.83 10.96
N THR B 367 42.88 28.77 10.57
CA THR B 367 42.44 27.89 9.49
C THR B 367 41.63 26.71 10.00
N LEU B 368 42.13 26.03 11.04
CA LEU B 368 41.45 24.85 11.57
C LEU B 368 40.05 25.18 12.09
N ILE B 369 39.86 26.37 12.64
CA ILE B 369 38.57 26.70 13.26
C ILE B 369 37.44 26.73 12.24
N PRO B 370 37.51 27.47 11.13
CA PRO B 370 36.44 27.40 10.13
C PRO B 370 36.31 26.03 9.48
N MET B 371 37.41 25.28 9.42
CA MET B 371 37.39 23.94 8.87
C MET B 371 36.45 23.01 9.63
N ILE B 372 36.15 23.33 10.89
CA ILE B 372 35.27 22.48 11.69
C ILE B 372 33.87 22.44 11.09
N ALA B 373 33.50 23.46 10.33
CA ALA B 373 32.20 23.47 9.70
C ALA B 373 32.04 22.37 8.66
N VAL B 374 33.13 21.88 8.09
CA VAL B 374 33.04 20.81 7.09
C VAL B 374 32.45 19.56 7.74
N PRO B 375 33.02 19.00 8.81
CA PRO B 375 32.37 17.83 9.42
C PRO B 375 30.99 18.13 10.00
N VAL B 376 30.85 19.24 10.71
CA VAL B 376 29.58 19.54 11.38
C VAL B 376 28.46 19.71 10.37
N SER B 377 28.77 20.24 9.19
CA SER B 377 27.72 20.47 8.21
C SER B 377 27.49 19.27 7.30
N LEU B 378 28.55 18.61 6.85
CA LEU B 378 28.36 17.46 5.98
C LEU B 378 27.72 16.30 6.73
N LEU B 379 28.18 16.02 7.94
CA LEU B 379 27.57 14.97 8.76
C LEU B 379 26.11 15.28 9.03
N GLY B 380 25.81 16.53 9.40
CA GLY B 380 24.47 16.87 9.84
C GLY B 380 23.41 16.64 8.77
N THR B 381 23.77 16.80 7.50
CA THR B 381 22.80 16.55 6.43
C THR B 381 22.40 15.09 6.33
N PHE B 382 23.26 14.17 6.78
CA PHE B 382 22.89 12.76 6.77
C PHE B 382 21.74 12.50 7.74
N ALA B 383 21.81 13.09 8.94
CA ALA B 383 20.64 13.07 9.81
C ALA B 383 19.44 13.72 9.15
N GLY B 384 19.68 14.79 8.38
CA GLY B 384 18.60 15.39 7.60
C GLY B 384 18.10 14.46 6.51
N LEU B 385 19.02 13.83 5.79
CA LEU B 385 18.64 12.88 4.74
C LEU B 385 17.79 11.74 5.31
N TYR B 386 18.30 11.07 6.34
CA TYR B 386 17.61 9.93 6.94
C TYR B 386 16.17 10.26 7.29
N VAL B 387 15.94 11.45 7.85
CA VAL B 387 14.58 11.83 8.25
C VAL B 387 13.68 11.94 7.03
N LEU B 388 14.17 12.58 5.97
CA LEU B 388 13.39 12.75 4.75
C LEU B 388 13.41 11.51 3.85
N GLY B 389 14.01 10.41 4.31
CA GLY B 389 14.01 9.17 3.56
C GLY B 389 14.78 9.23 2.25
N PHE B 390 15.94 9.89 2.26
CA PHE B 390 16.82 9.88 1.10
C PHE B 390 17.84 8.75 1.23
N SER B 391 18.75 8.68 0.27
CA SER B 391 19.78 7.65 0.27
C SER B 391 21.11 8.29 -0.07
N ILE B 392 22.18 7.66 0.41
CA ILE B 392 23.51 7.95 -0.12
C ILE B 392 23.59 7.38 -1.52
N ASN B 393 23.95 8.22 -2.48
CA ASN B 393 24.07 7.79 -3.86
C ASN B 393 25.03 8.72 -4.59
N LEU B 394 25.44 8.29 -5.78
CA LEU B 394 26.37 9.00 -6.64
C LEU B 394 26.05 10.48 -6.72
N LEU B 395 24.76 10.81 -6.77
CA LEU B 395 24.35 12.21 -6.83
C LEU B 395 24.55 12.90 -5.49
N THR B 396 24.12 12.24 -4.39
CA THR B 396 24.37 12.78 -3.06
C THR B 396 25.84 13.09 -2.86
N LEU B 397 26.72 12.18 -3.30
CA LEU B 397 28.15 12.41 -3.20
C LEU B 397 28.58 13.64 -3.99
N PHE B 398 28.01 13.83 -5.19
CA PHE B 398 28.35 14.99 -6.00
C PHE B 398 28.07 16.29 -5.24
N ALA B 399 26.87 16.42 -4.68
CA ALA B 399 26.52 17.63 -3.95
C ALA B 399 27.35 17.78 -2.68
N LEU B 400 27.65 16.66 -2.01
CA LEU B 400 28.54 16.70 -0.87
C LEU B 400 29.89 17.29 -1.24
N ILE B 401 30.38 16.98 -2.45
CA ILE B 401 31.64 17.57 -2.91
C ILE B 401 31.49 19.06 -3.12
N LEU B 402 30.42 19.47 -3.81
CA LEU B 402 30.17 20.88 -4.02
C LEU B 402 30.00 21.63 -2.71
N ALA B 403 29.55 20.95 -1.66
CA ALA B 403 29.30 21.61 -0.39
C ALA B 403 30.60 22.02 0.30
N ILE B 404 31.67 21.23 0.13
CA ILE B 404 32.92 21.47 0.85
C ILE B 404 33.36 22.92 0.71
N GLY B 405 33.34 23.42 -0.53
CA GLY B 405 33.77 24.79 -0.78
C GLY B 405 32.71 25.85 -0.52
N ILE B 406 31.48 25.45 -0.22
CA ILE B 406 30.43 26.40 0.14
C ILE B 406 30.24 26.38 1.65
N VAL B 407 30.43 25.21 2.26
CA VAL B 407 30.17 25.04 3.69
C VAL B 407 31.09 25.92 4.52
N VAL B 408 32.32 26.15 4.03
CA VAL B 408 33.29 26.94 4.79
C VAL B 408 33.12 28.43 4.64
N ASP B 409 32.31 28.89 3.67
CA ASP B 409 32.14 30.30 3.36
C ASP B 409 31.83 31.16 4.59
N ASP B 410 30.67 30.94 5.20
CA ASP B 410 30.24 31.78 6.31
C ASP B 410 31.23 31.74 7.47
N ALA B 411 31.96 30.63 7.62
CA ALA B 411 32.92 30.55 8.71
C ALA B 411 34.19 31.35 8.39
N ILE B 412 34.69 31.24 7.16
CA ILE B 412 35.91 31.98 6.81
C ILE B 412 35.60 33.47 6.67
N ILE B 413 34.38 33.81 6.27
CA ILE B 413 33.97 35.22 6.28
C ILE B 413 34.07 35.78 7.70
N VAL B 414 33.62 35.00 8.68
CA VAL B 414 33.70 35.42 10.08
C VAL B 414 35.16 35.61 10.49
N VAL B 415 36.00 34.61 10.20
CA VAL B 415 37.36 34.61 10.71
C VAL B 415 38.23 35.65 10.01
N GLU B 416 37.94 35.95 8.74
CA GLU B 416 38.66 37.04 8.09
C GLU B 416 38.34 38.37 8.75
N ASN B 417 37.09 38.55 9.17
CA ASN B 417 36.72 39.77 9.86
C ASN B 417 37.22 39.82 11.29
N ILE B 418 38.03 38.89 11.76
CA ILE B 418 38.70 39.02 13.06
C ILE B 418 40.12 39.51 12.89
N ASP B 419 40.91 38.86 12.03
CA ASP B 419 42.24 39.38 11.73
C ASP B 419 42.16 40.83 11.26
N ARG B 420 41.05 41.22 10.65
CA ARG B 420 40.90 42.59 10.18
C ARG B 420 40.59 43.55 11.33
N ILE B 421 39.64 43.19 12.21
CA ILE B 421 39.42 44.01 13.40
C ILE B 421 40.64 43.96 14.31
N LEU B 422 41.24 42.77 14.46
CA LEU B 422 42.41 42.62 15.32
C LEU B 422 43.59 43.41 14.82
N HIS B 423 43.70 43.63 13.50
CA HIS B 423 44.84 44.38 12.98
C HIS B 423 44.63 45.89 13.10
N GLU B 424 43.42 46.37 12.83
CA GLU B 424 43.14 47.80 12.85
C GLU B 424 42.81 48.32 14.24
N ASN B 425 42.87 47.48 15.27
CA ASN B 425 42.59 47.90 16.64
C ASN B 425 43.50 47.06 17.56
N GLU B 426 44.66 47.63 17.91
CA GLU B 426 45.61 46.94 18.77
C GLU B 426 45.23 46.99 20.24
N GLN B 427 44.03 47.46 20.57
CA GLN B 427 43.57 47.58 21.95
C GLN B 427 42.53 46.54 22.33
N ILE B 428 41.64 46.19 21.38
CA ILE B 428 40.47 45.39 21.69
C ILE B 428 40.88 43.97 22.10
N SER B 429 40.00 43.31 22.84
CA SER B 429 40.16 41.90 23.20
C SER B 429 39.53 41.01 22.13
N VAL B 430 40.12 39.83 21.95
CA VAL B 430 39.63 38.90 20.92
C VAL B 430 38.17 38.59 21.13
N LYS B 431 37.78 38.30 22.38
CA LYS B 431 36.39 38.07 22.69
C LYS B 431 35.53 39.26 22.29
N ASP B 432 36.04 40.49 22.52
CA ASP B 432 35.30 41.69 22.15
C ASP B 432 35.33 41.93 20.64
N ALA B 433 36.41 41.52 19.96
CA ALA B 433 36.43 41.60 18.51
C ALA B 433 35.42 40.65 17.88
N ALA B 434 35.39 39.39 18.34
CA ALA B 434 34.44 38.41 17.82
C ALA B 434 33.01 38.90 17.97
N ILE B 435 32.66 39.47 19.13
CA ILE B 435 31.34 40.06 19.32
C ILE B 435 31.11 41.16 18.29
N GLN B 436 32.13 41.99 18.05
CA GLN B 436 31.97 43.11 17.12
C GLN B 436 31.87 42.64 15.68
N ALA B 437 32.64 41.62 15.32
CA ALA B 437 32.58 41.10 13.96
C ALA B 437 31.20 40.52 13.65
N MET B 438 30.64 39.77 14.60
CA MET B 438 29.30 39.23 14.40
C MET B 438 28.24 40.32 14.34
N GLN B 439 28.53 41.52 14.86
CA GLN B 439 27.67 42.66 14.56
C GLN B 439 27.87 43.17 13.14
N GLU B 440 29.03 42.89 12.53
CA GLU B 440 29.34 43.38 11.20
C GLU B 440 28.93 42.41 10.09
N VAL B 441 28.99 41.10 10.33
CA VAL B 441 28.81 40.12 9.26
C VAL B 441 27.68 39.15 9.55
N SER B 442 26.81 39.43 10.52
CA SER B 442 25.69 38.53 10.77
C SER B 442 24.69 38.59 9.61
N SER B 443 24.31 39.80 9.20
CA SER B 443 23.34 39.93 8.11
C SER B 443 23.74 39.22 6.83
N PRO B 444 24.98 39.36 6.32
CA PRO B 444 25.32 38.62 5.08
C PRO B 444 25.40 37.12 5.25
N VAL B 445 25.82 36.61 6.42
CA VAL B 445 25.88 35.15 6.57
C VAL B 445 24.47 34.56 6.60
N ILE B 446 23.51 35.30 7.18
CA ILE B 446 22.10 34.93 7.01
C ILE B 446 21.76 34.91 5.52
N SER B 447 22.19 35.95 4.80
CA SER B 447 21.87 36.06 3.37
C SER B 447 22.39 34.86 2.59
N ILE B 448 23.63 34.45 2.85
CA ILE B 448 24.20 33.30 2.16
C ILE B 448 23.30 32.09 2.32
N VAL B 449 22.83 31.85 3.55
CA VAL B 449 21.98 30.71 3.81
C VAL B 449 20.62 30.87 3.12
N LEU B 450 19.99 32.03 3.31
CA LEU B 450 18.67 32.25 2.73
C LEU B 450 18.72 32.22 1.21
N VAL B 451 19.78 32.79 0.62
CA VAL B 451 19.82 32.92 -0.84
C VAL B 451 20.02 31.57 -1.50
N LEU B 452 20.69 30.63 -0.81
CA LEU B 452 20.80 29.27 -1.36
C LEU B 452 19.56 28.44 -1.05
N CYS B 453 18.93 28.67 0.10
CA CYS B 453 17.65 28.02 0.38
C CYS B 453 16.53 28.58 -0.47
N ALA B 454 16.74 29.73 -1.12
CA ALA B 454 15.71 30.31 -1.98
C ALA B 454 15.63 29.64 -3.33
N VAL B 455 16.69 28.95 -3.76
CA VAL B 455 16.69 28.31 -5.08
C VAL B 455 16.44 26.83 -4.95
N PHE B 456 16.76 26.25 -3.79
CA PHE B 456 16.72 24.80 -3.65
C PHE B 456 15.52 24.29 -2.86
N VAL B 457 14.92 25.12 -2.02
CA VAL B 457 13.68 24.73 -1.35
C VAL B 457 12.56 24.64 -2.38
N PRO B 458 12.39 25.60 -3.30
CA PRO B 458 11.33 25.44 -4.32
C PRO B 458 11.54 24.24 -5.23
N VAL B 459 12.76 24.00 -5.70
CA VAL B 459 13.00 22.87 -6.60
C VAL B 459 13.00 21.53 -5.88
N SER B 460 12.98 21.52 -4.54
CA SER B 460 12.69 20.28 -3.83
C SER B 460 11.29 19.78 -4.13
N PHE B 461 10.34 20.71 -4.28
CA PHE B 461 8.95 20.33 -4.53
C PHE B 461 8.78 19.68 -5.89
N ILE B 462 9.57 20.14 -6.88
CA ILE B 462 9.42 19.65 -8.24
C ILE B 462 9.87 18.19 -8.30
N SER B 463 9.02 17.35 -8.88
CA SER B 463 9.30 15.92 -9.03
C SER B 463 9.33 15.55 -10.50
N GLY B 464 9.51 14.26 -10.76
CA GLY B 464 9.79 13.74 -12.08
C GLY B 464 11.23 13.25 -12.18
N PHE B 465 11.63 12.94 -13.41
CA PHE B 465 13.00 12.47 -13.64
C PHE B 465 14.01 13.54 -13.27
N VAL B 466 13.87 14.75 -13.83
CA VAL B 466 14.78 15.84 -13.50
C VAL B 466 14.60 16.27 -12.06
N GLY B 467 13.36 16.30 -11.57
CA GLY B 467 13.13 16.65 -10.18
C GLY B 467 13.84 15.72 -9.22
N GLU B 468 13.94 14.43 -9.58
CA GLU B 468 14.59 13.47 -8.71
C GLU B 468 16.11 13.56 -8.77
N ILE B 469 16.68 13.91 -9.93
CA ILE B 469 18.10 14.21 -9.98
C ILE B 469 18.40 15.47 -9.17
N GLN B 470 17.51 16.47 -9.23
CA GLN B 470 17.84 17.77 -8.67
C GLN B 470 17.59 17.85 -7.18
N ARG B 471 16.69 17.03 -6.61
CA ARG B 471 16.50 17.15 -5.17
C ARG B 471 17.55 16.37 -4.39
N GLN B 472 18.30 15.48 -5.05
CA GLN B 472 19.55 15.02 -4.44
C GLN B 472 20.50 16.18 -4.20
N PHE B 473 20.64 17.05 -5.21
CA PHE B 473 21.51 18.21 -5.06
C PHE B 473 20.88 19.26 -4.16
N ALA B 474 19.62 19.63 -4.43
CA ALA B 474 18.96 20.69 -3.68
C ALA B 474 19.03 20.44 -2.17
N LEU B 475 18.69 19.23 -1.74
CA LEU B 475 18.52 18.99 -0.31
C LEU B 475 19.84 18.85 0.41
N THR B 476 20.79 18.09 -0.15
CA THR B 476 22.13 18.08 0.43
C THR B 476 22.67 19.49 0.59
N LEU B 477 22.44 20.35 -0.42
CA LEU B 477 23.00 21.69 -0.40
C LEU B 477 22.30 22.58 0.62
N ALA B 478 20.96 22.60 0.59
CA ALA B 478 20.23 23.52 1.47
C ALA B 478 20.32 23.12 2.93
N ILE B 479 20.45 21.81 3.22
CA ILE B 479 20.72 21.40 4.59
C ILE B 479 22.15 21.71 4.98
N SER B 480 23.10 21.35 4.10
CA SER B 480 24.52 21.66 4.31
C SER B 480 24.70 23.12 4.71
N VAL B 481 24.28 24.02 3.83
CA VAL B 481 24.54 25.44 4.00
C VAL B 481 23.89 25.96 5.28
N THR B 482 22.65 25.55 5.54
CA THR B 482 21.93 26.02 6.71
C THR B 482 22.65 25.60 7.99
N ILE B 483 23.07 24.33 8.06
CA ILE B 483 23.89 23.90 9.19
C ILE B 483 25.16 24.72 9.28
N SER B 484 25.81 24.98 8.14
CA SER B 484 27.05 25.75 8.12
C SER B 484 26.83 27.22 8.48
N GLY B 485 25.63 27.77 8.25
CA GLY B 485 25.35 29.10 8.75
C GLY B 485 25.17 29.14 10.25
N PHE B 486 24.58 28.08 10.81
CA PHE B 486 24.46 27.99 12.27
C PHE B 486 25.82 27.87 12.92
N VAL B 487 26.72 27.05 12.36
CA VAL B 487 28.07 26.96 12.88
C VAL B 487 28.76 28.31 12.83
N ALA B 488 28.51 29.08 11.77
CA ALA B 488 29.16 30.39 11.63
C ALA B 488 28.59 31.40 12.61
N LEU B 489 27.27 31.37 12.84
CA LEU B 489 26.68 32.30 13.80
C LEU B 489 27.11 31.97 15.22
N THR B 490 27.03 30.70 15.60
CA THR B 490 27.27 30.29 16.99
C THR B 490 28.73 29.87 17.20
N LEU B 491 29.11 28.73 16.62
CA LEU B 491 30.34 28.06 17.06
C LEU B 491 31.59 28.82 16.65
N THR B 492 31.63 29.35 15.42
CA THR B 492 32.87 29.91 14.91
C THR B 492 33.37 31.10 15.73
N PRO B 493 32.58 32.15 15.98
CA PRO B 493 33.12 33.25 16.81
C PRO B 493 33.40 32.81 18.23
N SER B 494 32.54 31.97 18.80
CA SER B 494 32.76 31.46 20.15
C SER B 494 34.08 30.71 20.24
N LEU B 495 34.36 29.83 19.28
CA LEU B 495 35.65 29.17 19.22
C LEU B 495 36.79 30.16 19.00
N CYS B 496 36.55 31.21 18.20
CA CYS B 496 37.58 32.20 17.94
C CYS B 496 37.95 32.96 19.20
N ALA B 497 36.96 33.27 20.04
CA ALA B 497 37.20 34.08 21.24
C ALA B 497 38.28 33.47 22.12
N LEU B 498 38.20 32.17 22.38
CA LEU B 498 39.17 31.56 23.28
C LEU B 498 40.23 30.73 22.55
N PHE B 499 40.47 31.00 21.27
CA PHE B 499 41.53 30.28 20.58
C PHE B 499 42.27 31.11 19.54
N LEU B 500 41.62 32.09 18.95
CA LEU B 500 42.37 33.06 18.14
C LEU B 500 43.25 33.89 19.06
N ARG B 501 44.51 34.07 18.66
CA ARG B 501 45.48 34.74 19.50
C ARG B 501 45.62 36.21 19.12
N ARG B 502 46.14 37.00 20.05
CA ARG B 502 46.23 38.44 19.85
C ARG B 502 47.09 38.79 18.65
N ASN B 503 48.13 38.01 18.36
CA ASN B 503 48.95 38.26 17.19
C ASN B 503 49.64 36.98 16.75
N GLU B 504 49.94 36.90 15.46
CA GLU B 504 50.84 35.91 14.86
C GLU B 504 51.82 36.72 14.00
N GLY B 505 52.92 37.15 14.62
CA GLY B 505 53.75 38.18 14.01
C GLY B 505 54.33 37.78 12.65
N GLU B 506 54.82 36.55 12.54
CA GLU B 506 55.42 36.08 11.30
C GLU B 506 54.71 34.82 10.80
N PRO B 507 54.18 34.83 9.58
CA PRO B 507 53.52 33.64 9.05
C PRO B 507 54.15 33.14 7.75
N PHE B 508 55.24 32.37 7.87
CA PHE B 508 55.89 31.70 6.73
C PHE B 508 56.30 32.74 5.67
N LYS B 509 56.41 32.30 4.42
CA LYS B 509 57.05 33.07 3.36
C LYS B 509 56.19 33.14 2.11
N PHE B 510 55.93 31.98 1.49
CA PHE B 510 55.01 31.93 0.36
C PHE B 510 53.65 32.49 0.75
N VAL B 511 53.23 32.26 2.00
CA VAL B 511 52.01 32.88 2.51
C VAL B 511 52.16 34.40 2.50
N LYS B 512 53.33 34.90 2.88
CA LYS B 512 53.58 36.35 2.86
C LYS B 512 53.55 36.88 1.42
N LYS B 513 54.31 36.24 0.53
CA LYS B 513 54.32 36.67 -0.87
C LYS B 513 52.93 36.64 -1.47
N PHE B 514 52.20 35.54 -1.28
CA PHE B 514 50.87 35.39 -1.85
C PHE B 514 49.96 36.53 -1.43
N ASN B 515 50.04 36.94 -0.17
CA ASN B 515 49.13 37.99 0.32
C ASN B 515 49.58 39.37 -0.15
N ASP B 516 50.89 39.60 -0.27
CA ASP B 516 51.38 40.82 -0.89
C ASP B 516 50.80 41.00 -2.28
N PHE B 517 51.04 40.02 -3.16
CA PHE B 517 50.41 40.02 -4.47
C PHE B 517 48.90 40.16 -4.37
N PHE B 518 48.30 39.63 -3.31
CA PHE B 518 46.85 39.70 -3.21
C PHE B 518 46.36 41.06 -2.72
N ASP B 519 47.12 41.75 -1.87
CA ASP B 519 46.75 43.11 -1.50
C ASP B 519 46.82 44.04 -2.68
N TRP B 520 47.85 43.87 -3.53
CA TRP B 520 47.97 44.65 -4.76
C TRP B 520 46.72 44.55 -5.61
N SER B 521 46.23 43.33 -5.84
CA SER B 521 45.05 43.13 -6.66
C SER B 521 43.82 43.83 -6.07
N THR B 522 43.75 43.96 -4.75
CA THR B 522 42.66 44.70 -4.14
C THR B 522 42.66 46.15 -4.57
N SER B 523 43.83 46.79 -4.56
CA SER B 523 43.95 48.15 -5.09
C SER B 523 43.60 48.20 -6.56
N VAL B 524 44.10 47.24 -7.34
CA VAL B 524 43.76 47.18 -8.76
C VAL B 524 42.25 47.02 -8.94
N PHE B 525 41.62 46.24 -8.07
CA PHE B 525 40.18 46.04 -8.18
C PHE B 525 39.42 47.30 -7.80
N SER B 526 39.73 47.88 -6.64
CA SER B 526 39.09 49.12 -6.23
C SER B 526 39.38 50.24 -7.22
N ALA B 527 40.56 50.23 -7.84
CA ALA B 527 40.82 51.15 -8.94
C ALA B 527 39.93 50.85 -10.15
N GLY B 528 39.50 49.60 -10.30
CA GLY B 528 38.59 49.26 -11.39
C GLY B 528 37.21 49.83 -11.19
N VAL B 529 36.61 49.59 -10.02
CA VAL B 529 35.32 50.18 -9.70
C VAL B 529 35.38 51.70 -9.78
N ALA B 530 36.47 52.29 -9.28
CA ALA B 530 36.66 53.73 -9.40
C ALA B 530 36.50 54.19 -10.85
N TYR B 531 37.18 53.52 -11.77
CA TYR B 531 37.01 53.70 -13.20
C TYR B 531 35.55 53.59 -13.61
N ILE B 532 34.97 52.41 -13.41
CA ILE B 532 33.69 52.06 -14.01
C ILE B 532 32.57 52.99 -13.56
N LEU B 533 32.62 53.47 -12.32
CA LEU B 533 31.54 54.32 -11.82
C LEU B 533 31.52 55.68 -12.51
N LYS B 534 32.66 56.14 -13.00
CA LYS B 534 32.69 57.39 -13.76
C LYS B 534 32.19 57.21 -15.19
N ARG B 535 32.28 56.00 -15.73
CA ARG B 535 31.81 55.72 -17.08
C ARG B 535 30.49 54.95 -17.07
N THR B 536 29.42 55.60 -16.61
CA THR B 536 28.17 54.89 -16.35
C THR B 536 27.57 54.32 -17.62
N ILE B 537 27.20 55.19 -18.56
CA ILE B 537 26.47 54.76 -19.74
C ILE B 537 27.30 53.78 -20.56
N ARG B 538 28.61 53.98 -20.59
CA ARG B 538 29.51 53.14 -21.37
C ARG B 538 29.50 51.70 -20.89
N PHE B 539 29.42 51.49 -19.57
CA PHE B 539 29.51 50.16 -19.01
C PHE B 539 28.17 49.45 -18.89
N VAL B 540 27.06 50.20 -18.83
CA VAL B 540 25.75 49.58 -18.88
C VAL B 540 25.57 48.86 -20.22
N LEU B 541 26.19 49.37 -21.28
CA LEU B 541 26.11 48.74 -22.59
C LEU B 541 26.86 47.40 -22.59
N ILE B 542 28.11 47.41 -22.14
CA ILE B 542 28.94 46.20 -22.09
C ILE B 542 28.21 45.09 -21.35
N PHE B 543 27.31 45.47 -20.44
CA PHE B 543 26.44 44.51 -19.77
C PHE B 543 25.39 43.95 -20.72
N CYS B 544 24.67 44.82 -21.42
CA CYS B 544 23.65 44.38 -22.36
C CYS B 544 24.26 43.63 -23.55
N ILE B 545 25.52 43.93 -23.88
CA ILE B 545 26.27 43.09 -24.81
C ILE B 545 26.34 41.67 -24.28
N MET B 546 26.85 41.52 -23.06
CA MET B 546 27.02 40.19 -22.46
C MET B 546 25.70 39.46 -22.29
N LEU B 547 24.60 40.21 -22.09
CA LEU B 547 23.28 39.60 -22.07
C LEU B 547 22.97 38.94 -23.41
N GLY B 548 23.15 39.68 -24.51
CA GLY B 548 22.95 39.10 -25.82
C GLY B 548 23.91 37.95 -26.10
N ALA B 549 25.15 38.07 -25.61
CA ALA B 549 26.10 36.97 -25.75
C ALA B 549 25.57 35.69 -25.12
N ILE B 550 24.73 35.83 -24.08
CA ILE B 550 24.14 34.67 -23.44
C ILE B 550 23.12 34.01 -24.37
N PHE B 551 22.25 34.82 -24.98
CA PHE B 551 21.24 34.30 -25.90
C PHE B 551 21.88 33.46 -27.00
N TYR B 552 22.87 34.03 -27.69
CA TYR B 552 23.53 33.28 -28.76
C TYR B 552 24.33 32.11 -28.19
N LEU B 553 24.79 32.22 -26.95
CA LEU B 553 25.43 31.08 -26.28
C LEU B 553 24.39 30.03 -25.90
N TYR B 554 23.20 30.46 -25.48
CA TYR B 554 22.09 29.52 -25.29
C TYR B 554 21.85 28.70 -26.54
N LYS B 555 21.80 29.36 -27.70
CA LYS B 555 21.54 28.68 -28.96
C LYS B 555 22.64 27.68 -29.29
N ALA B 556 23.88 28.17 -29.40
CA ALA B 556 24.97 27.38 -29.96
C ALA B 556 25.35 26.17 -29.10
N VAL B 557 24.65 25.96 -27.99
CA VAL B 557 24.96 24.88 -27.06
C VAL B 557 23.88 23.81 -27.18
N PRO B 558 24.24 22.56 -27.45
CA PRO B 558 23.24 21.50 -27.66
C PRO B 558 22.82 20.83 -26.36
N ASN B 559 21.68 20.14 -26.44
CA ASN B 559 21.02 19.63 -25.25
C ASN B 559 21.22 18.13 -25.09
N SER B 560 21.17 17.68 -23.84
CA SER B 560 21.39 16.30 -23.46
C SER B 560 20.65 16.03 -22.16
N LEU B 561 20.43 14.75 -21.86
CA LEU B 561 19.82 14.39 -20.59
C LEU B 561 20.90 14.22 -19.54
N VAL B 562 21.56 13.06 -19.52
CA VAL B 562 22.70 12.80 -18.65
C VAL B 562 23.82 12.16 -19.47
N PRO B 563 25.07 12.58 -19.30
CA PRO B 563 26.18 11.92 -20.00
C PRO B 563 26.16 10.41 -19.96
N GLU B 564 26.16 9.77 -21.13
CA GLU B 564 26.45 8.35 -21.19
C GLU B 564 27.91 8.12 -20.85
N GLU B 565 28.18 7.05 -20.11
CA GLU B 565 29.50 6.83 -19.53
C GLU B 565 30.24 5.70 -20.25
N ASP B 566 31.55 5.90 -20.42
CA ASP B 566 32.46 4.81 -20.70
C ASP B 566 32.44 3.89 -19.47
N GLN B 567 31.89 2.69 -19.62
CA GLN B 567 31.71 1.78 -18.50
C GLN B 567 32.56 0.52 -18.64
N GLY B 568 33.57 0.53 -19.50
CA GLY B 568 34.39 -0.64 -19.70
C GLY B 568 33.64 -1.79 -20.34
N LEU B 569 32.44 -1.49 -20.84
CA LEU B 569 31.58 -2.48 -21.46
C LEU B 569 30.84 -1.83 -22.62
N MET B 570 30.61 -2.62 -23.67
CA MET B 570 29.76 -2.24 -24.78
C MET B 570 29.23 -3.52 -25.40
N ILE B 571 28.07 -3.42 -26.04
CA ILE B 571 27.40 -4.58 -26.59
C ILE B 571 27.27 -4.39 -28.11
N SER B 572 26.90 -5.48 -28.78
CA SER B 572 26.88 -5.53 -30.24
C SER B 572 25.66 -6.32 -30.69
N ILE B 573 24.90 -5.75 -31.62
CA ILE B 573 23.73 -6.40 -32.20
C ILE B 573 24.09 -6.84 -33.61
N ILE B 574 24.02 -8.15 -33.87
CA ILE B 574 24.41 -8.74 -35.14
C ILE B 574 23.18 -9.39 -35.77
N ASN B 575 23.04 -9.23 -37.08
CA ASN B 575 21.88 -9.75 -37.79
C ASN B 575 22.25 -10.25 -39.19
N LEU B 576 21.70 -11.39 -39.55
CA LEU B 576 21.73 -11.97 -40.88
C LEU B 576 20.34 -11.95 -41.52
N PRO B 577 20.25 -12.16 -42.84
CA PRO B 577 18.94 -12.08 -43.50
C PRO B 577 17.95 -13.12 -42.99
N SER B 578 16.67 -12.81 -43.17
CA SER B 578 15.52 -13.56 -42.67
C SER B 578 15.70 -15.08 -42.66
N ALA B 579 16.02 -15.65 -43.82
CA ALA B 579 16.02 -17.11 -43.97
C ALA B 579 17.23 -17.78 -43.34
N SER B 580 18.16 -17.02 -42.77
CA SER B 580 19.49 -17.53 -42.42
C SER B 580 19.40 -18.72 -41.47
N ALA B 581 20.14 -19.79 -41.81
CA ALA B 581 20.30 -20.91 -40.91
C ALA B 581 21.32 -20.56 -39.82
N LEU B 582 21.17 -21.21 -38.67
CA LEU B 582 21.98 -20.86 -37.50
C LEU B 582 23.47 -21.00 -37.78
N HIS B 583 23.87 -22.03 -38.53
CA HIS B 583 25.29 -22.25 -38.80
C HIS B 583 25.90 -21.12 -39.61
N ARG B 584 25.10 -20.37 -40.37
CA ARG B 584 25.60 -19.17 -41.02
C ARG B 584 25.78 -18.04 -40.03
N THR B 585 24.97 -18.00 -38.98
CA THR B 585 25.14 -17.00 -37.93
C THR B 585 26.37 -17.30 -37.07
N ILE B 586 26.55 -18.56 -36.69
CA ILE B 586 27.78 -18.98 -36.00
C ILE B 586 28.99 -18.53 -36.80
N SER B 587 28.95 -18.76 -38.11
CA SER B 587 30.08 -18.42 -38.97
C SER B 587 30.33 -16.92 -39.02
N GLU B 588 29.28 -16.11 -38.86
CA GLU B 588 29.45 -14.67 -38.96
C GLU B 588 29.99 -14.05 -37.68
N VAL B 589 29.59 -14.59 -36.52
CA VAL B 589 30.10 -14.07 -35.26
C VAL B 589 31.60 -14.31 -35.15
N ASP B 590 32.04 -15.53 -35.48
CA ASP B 590 33.45 -15.88 -35.33
C ASP B 590 34.36 -15.00 -36.17
N HIS B 591 33.83 -14.42 -37.26
CA HIS B 591 34.59 -13.39 -37.94
C HIS B 591 34.55 -12.08 -37.19
N ILE B 592 33.35 -11.63 -36.79
CA ILE B 592 33.22 -10.39 -36.03
C ILE B 592 33.95 -10.49 -34.71
N SER B 593 33.80 -11.62 -34.01
CA SER B 593 34.47 -11.79 -32.72
C SER B 593 35.98 -11.70 -32.86
N GLN B 594 36.54 -12.31 -33.92
CA GLN B 594 37.99 -12.35 -34.06
C GLN B 594 38.57 -10.98 -34.37
N GLU B 595 37.86 -10.16 -35.15
CA GLU B 595 38.34 -8.81 -35.43
C GLU B 595 38.08 -7.86 -34.28
N VAL B 596 37.00 -8.07 -33.53
CA VAL B 596 36.73 -7.28 -32.33
C VAL B 596 37.89 -7.41 -31.35
N LEU B 597 38.44 -8.62 -31.21
CA LEU B 597 39.44 -8.85 -30.19
C LEU B 597 40.79 -8.22 -30.55
N LYS B 598 41.11 -8.10 -31.83
CA LYS B 598 42.33 -7.41 -32.22
C LYS B 598 42.14 -5.90 -32.30
N THR B 599 40.97 -5.39 -31.90
CA THR B 599 40.76 -3.96 -31.72
C THR B 599 41.36 -3.52 -30.40
N ASN B 600 41.95 -2.33 -30.39
CA ASN B 600 42.81 -1.85 -29.31
C ASN B 600 42.22 -2.01 -27.91
N GLY B 601 41.18 -1.23 -27.57
CA GLY B 601 40.73 -1.16 -26.20
C GLY B 601 40.06 -2.40 -25.66
N VAL B 602 39.87 -3.43 -26.50
CA VAL B 602 39.04 -4.57 -26.13
C VAL B 602 39.83 -5.56 -25.28
N LYS B 603 39.19 -6.06 -24.21
CA LYS B 603 39.76 -7.13 -23.39
C LYS B 603 39.25 -8.49 -23.86
N ASP B 604 37.98 -8.79 -23.61
CA ASP B 604 37.42 -10.07 -24.00
C ASP B 604 35.98 -9.89 -24.48
N ALA B 605 35.55 -10.80 -25.35
CA ALA B 605 34.26 -10.74 -26.03
C ALA B 605 33.42 -11.95 -25.67
N MET B 606 32.14 -11.71 -25.38
CA MET B 606 31.16 -12.75 -25.11
C MET B 606 30.14 -12.78 -26.25
N ALA B 607 29.70 -13.97 -26.63
CA ALA B 607 28.81 -14.12 -27.78
C ALA B 607 27.67 -15.05 -27.44
N MET B 608 26.44 -14.57 -27.59
CA MET B 608 25.24 -15.39 -27.48
C MET B 608 24.67 -15.51 -28.89
N ILE B 609 24.95 -16.64 -29.55
CA ILE B 609 24.66 -16.81 -30.97
C ILE B 609 23.34 -17.53 -31.13
N GLY B 610 22.43 -16.92 -31.89
CA GLY B 610 21.10 -17.46 -32.08
C GLY B 610 20.08 -16.87 -31.15
N PHE B 611 20.22 -15.58 -30.85
CA PHE B 611 19.57 -14.99 -29.69
C PHE B 611 19.32 -13.51 -29.93
N ASP B 612 18.06 -13.09 -29.91
CA ASP B 612 17.68 -11.70 -30.05
C ASP B 612 17.71 -11.05 -28.68
N LEU B 613 18.63 -10.10 -28.48
CA LEU B 613 18.79 -9.46 -27.18
C LEU B 613 17.55 -8.67 -26.77
N PHE B 614 16.81 -8.14 -27.74
CA PHE B 614 15.73 -7.21 -27.42
C PHE B 614 14.47 -7.93 -26.97
N THR B 615 14.06 -8.96 -27.70
CA THR B 615 12.93 -9.78 -27.27
C THR B 615 13.36 -10.91 -26.34
N SER B 616 14.66 -11.03 -26.07
CA SER B 616 15.19 -12.02 -25.12
C SER B 616 14.85 -13.46 -25.53
N SER B 617 14.66 -13.69 -26.82
CA SER B 617 14.19 -14.96 -27.34
C SER B 617 15.21 -15.55 -28.32
N LEU B 618 14.91 -16.74 -28.81
CA LEU B 618 15.80 -17.48 -29.70
C LEU B 618 15.45 -17.19 -31.15
N LYS B 619 16.46 -16.83 -31.94
CA LYS B 619 16.30 -16.53 -33.36
C LYS B 619 17.58 -16.92 -34.08
N GLU B 620 17.46 -17.75 -35.11
CA GLU B 620 18.64 -18.33 -35.73
C GLU B 620 19.44 -17.32 -36.55
N ASN B 621 18.85 -16.19 -36.92
CA ASN B 621 19.55 -15.19 -37.71
C ASN B 621 20.00 -13.99 -36.88
N ALA B 622 19.99 -14.11 -35.56
CA ALA B 622 20.34 -13.01 -34.67
C ALA B 622 21.41 -13.47 -33.69
N ALA B 623 22.11 -12.49 -33.12
CA ALA B 623 23.18 -12.75 -32.17
C ALA B 623 23.51 -11.47 -31.42
N ALA B 624 23.84 -11.60 -30.14
CA ALA B 624 24.29 -10.50 -29.31
C ALA B 624 25.69 -10.79 -28.79
N MET B 625 26.53 -9.76 -28.75
CA MET B 625 27.93 -9.91 -28.38
C MET B 625 28.26 -8.95 -27.25
N PHE B 626 28.52 -9.50 -26.06
CA PHE B 626 28.89 -8.72 -24.88
C PHE B 626 30.40 -8.56 -24.84
N ILE B 627 30.86 -7.31 -24.92
CA ILE B 627 32.29 -7.01 -24.98
C ILE B 627 32.72 -6.37 -23.67
N GLY B 628 33.86 -6.81 -23.15
CA GLY B 628 34.50 -6.20 -22.00
C GLY B 628 35.76 -5.45 -22.44
N LEU B 629 35.82 -4.17 -22.08
CA LEU B 629 36.96 -3.35 -22.43
C LEU B 629 38.06 -3.52 -21.38
N GLN B 630 39.24 -2.99 -21.70
CA GLN B 630 40.29 -2.95 -20.71
C GLN B 630 39.92 -1.98 -19.59
N ASP B 631 40.59 -2.14 -18.44
CA ASP B 631 40.38 -1.21 -17.34
C ASP B 631 40.84 0.18 -17.77
N TRP B 632 40.06 1.20 -17.38
CA TRP B 632 40.24 2.57 -17.86
C TRP B 632 41.69 3.01 -17.91
N LYS B 633 42.47 2.61 -16.90
CA LYS B 633 43.87 3.00 -16.84
C LYS B 633 44.72 2.36 -17.94
N ASP B 634 44.26 1.25 -18.52
CA ASP B 634 45.08 0.38 -19.37
C ASP B 634 44.67 0.48 -20.83
N ARG B 635 44.22 1.65 -21.26
CA ARG B 635 43.82 1.86 -22.65
C ARG B 635 43.78 3.34 -23.04
N ASN B 636 44.35 3.69 -24.18
CA ASN B 636 44.38 5.08 -24.62
C ASN B 636 43.11 5.52 -25.35
N VAL B 637 42.11 4.65 -25.45
CA VAL B 637 40.92 4.94 -26.25
C VAL B 637 39.67 4.62 -25.44
N SER B 638 38.58 5.33 -25.76
CA SER B 638 37.37 5.34 -24.96
C SER B 638 36.32 4.40 -25.55
N ALA B 639 35.20 4.25 -24.84
CA ALA B 639 34.09 3.45 -25.32
C ALA B 639 33.50 4.03 -26.60
N ASP B 640 33.07 5.30 -26.55
CA ASP B 640 32.51 5.94 -27.74
C ASP B 640 33.50 5.95 -28.90
N GLN B 641 34.80 5.89 -28.61
CA GLN B 641 35.81 5.79 -29.65
C GLN B 641 35.85 4.40 -30.25
N ILE B 642 36.06 3.39 -29.40
CA ILE B 642 36.12 2.00 -29.87
C ILE B 642 34.85 1.64 -30.62
N ILE B 643 33.70 2.00 -30.06
CA ILE B 643 32.41 1.81 -30.74
C ILE B 643 32.47 2.40 -32.14
N ALA B 644 32.91 3.65 -32.25
CA ALA B 644 32.91 4.33 -33.53
C ALA B 644 33.84 3.67 -34.53
N GLU B 645 34.96 3.11 -34.05
CA GLU B 645 35.89 2.43 -34.95
C GLU B 645 35.31 1.11 -35.44
N LEU B 646 34.70 0.33 -34.54
CA LEU B 646 34.10 -0.94 -34.95
C LEU B 646 32.86 -0.74 -35.80
N ASN B 647 32.12 0.35 -35.57
CA ASN B 647 30.99 0.67 -36.44
C ASN B 647 31.46 0.91 -37.86
N LYS B 648 32.63 1.52 -38.03
CA LYS B 648 33.16 1.81 -39.35
C LYS B 648 33.70 0.55 -40.02
N LYS B 649 34.29 -0.36 -39.24
CA LYS B 649 34.95 -1.53 -39.81
C LYS B 649 33.94 -2.47 -40.45
N PHE B 650 32.76 -2.62 -39.86
CA PHE B 650 31.77 -3.59 -40.31
C PHE B 650 30.57 -2.93 -40.99
N ALA B 651 30.79 -1.82 -41.71
CA ALA B 651 29.68 -1.17 -42.39
C ALA B 651 29.52 -1.62 -43.83
N PHE B 652 30.60 -2.06 -44.47
CA PHE B 652 30.53 -2.65 -45.80
C PHE B 652 30.06 -4.09 -45.77
N ASP B 653 30.07 -4.72 -44.59
CA ASP B 653 29.93 -6.18 -44.47
C ASP B 653 28.63 -6.67 -45.09
N ARG B 654 28.77 -7.52 -46.12
CA ARG B 654 27.61 -7.96 -46.89
C ARG B 654 26.79 -8.99 -46.12
N ASN B 655 27.45 -10.10 -45.72
CA ASN B 655 26.73 -11.26 -45.19
C ASN B 655 25.80 -10.87 -44.04
N ALA B 656 26.31 -10.13 -43.07
CA ALA B 656 25.57 -9.86 -41.85
C ALA B 656 25.67 -8.39 -41.50
N SER B 657 24.69 -7.93 -40.72
CA SER B 657 24.61 -6.54 -40.26
C SER B 657 24.99 -6.50 -38.78
N SER B 658 25.97 -5.68 -38.46
CA SER B 658 26.50 -5.59 -37.10
C SER B 658 26.51 -4.13 -36.65
N VAL B 659 25.89 -3.88 -35.51
CA VAL B 659 25.82 -2.54 -34.91
C VAL B 659 26.48 -2.61 -33.55
N PHE B 660 27.38 -1.66 -33.28
CA PHE B 660 28.09 -1.57 -32.02
C PHE B 660 27.57 -0.36 -31.25
N ILE B 661 27.16 -0.58 -30.01
CA ILE B 661 26.45 0.42 -29.23
C ILE B 661 26.94 0.37 -27.78
N GLY B 662 26.81 1.49 -27.08
CA GLY B 662 27.16 1.57 -25.68
C GLY B 662 25.96 1.31 -24.77
N LEU B 663 26.25 1.29 -23.48
CA LEU B 663 25.26 0.97 -22.47
C LEU B 663 24.41 2.19 -22.14
N PRO B 664 23.32 2.02 -21.39
CA PRO B 664 22.45 3.16 -21.10
C PRO B 664 23.06 4.07 -20.04
N PRO B 665 22.81 5.38 -20.12
CA PRO B 665 23.44 6.31 -19.17
C PRO B 665 22.94 6.11 -17.75
N ILE B 666 21.64 5.88 -17.58
CA ILE B 666 21.08 5.45 -16.31
C ILE B 666 20.83 3.95 -16.41
N PRO B 667 21.37 3.14 -15.51
CA PRO B 667 21.14 1.69 -15.58
C PRO B 667 19.66 1.36 -15.63
N GLY B 668 19.32 0.38 -16.47
CA GLY B 668 17.95 -0.06 -16.57
C GLY B 668 16.98 0.89 -17.24
N LEU B 669 17.47 2.01 -17.78
CA LEU B 669 16.60 2.92 -18.53
C LEU B 669 16.29 2.40 -19.93
N SER B 670 17.08 1.46 -20.42
CA SER B 670 16.91 0.85 -21.73
C SER B 670 17.87 -0.30 -21.82
N ILE B 671 17.63 -1.20 -22.77
CA ILE B 671 18.49 -2.37 -22.90
C ILE B 671 19.86 -1.98 -23.45
N THR B 672 19.91 -0.97 -24.33
CA THR B 672 21.18 -0.48 -24.85
C THR B 672 21.13 1.05 -24.83
N GLY B 673 22.27 1.67 -25.16
CA GLY B 673 22.35 3.11 -25.23
C GLY B 673 21.74 3.69 -26.49
N GLY B 674 21.85 5.00 -26.63
CA GLY B 674 21.21 5.67 -27.74
C GLY B 674 19.70 5.77 -27.51
N PHE B 675 19.00 6.11 -28.59
CA PHE B 675 17.57 6.38 -28.53
C PHE B 675 16.78 5.22 -29.12
N GLU B 676 15.47 5.29 -28.90
CA GLU B 676 14.53 4.29 -29.41
C GLU B 676 13.15 4.91 -29.44
N MET B 677 12.44 4.68 -30.54
CA MET B 677 11.12 5.28 -30.75
C MET B 677 10.26 4.31 -31.54
N TYR B 678 8.96 4.38 -31.31
CA TYR B 678 8.00 3.53 -32.00
C TYR B 678 7.18 4.38 -32.95
N VAL B 679 7.40 4.21 -34.25
CA VAL B 679 6.50 4.72 -35.28
C VAL B 679 5.25 3.85 -35.33
N GLN B 680 4.10 4.46 -35.05
CA GLN B 680 2.85 3.75 -34.87
C GLN B 680 1.83 4.22 -35.90
N ASN B 681 0.99 3.28 -36.32
CA ASN B 681 0.04 3.50 -37.41
C ASN B 681 -1.36 3.54 -36.81
N LYS B 682 -2.00 4.71 -36.89
CA LYS B 682 -3.38 4.89 -36.49
C LYS B 682 -4.34 4.68 -37.65
N SER B 683 -3.84 4.19 -38.78
CA SER B 683 -4.57 4.09 -40.04
C SER B 683 -5.29 2.76 -40.22
N GLY B 684 -5.06 1.78 -39.36
CA GLY B 684 -5.54 0.44 -39.63
C GLY B 684 -4.76 -0.29 -40.69
N LYS B 685 -3.61 0.26 -41.09
CA LYS B 685 -2.80 -0.31 -42.15
C LYS B 685 -2.21 -1.64 -41.74
N SER B 686 -1.72 -2.39 -42.73
CA SER B 686 -1.12 -3.69 -42.51
C SER B 686 0.37 -3.54 -42.19
N TYR B 687 0.93 -4.58 -41.58
CA TYR B 687 2.34 -4.57 -41.24
C TYR B 687 3.22 -4.62 -42.48
N ASP B 688 2.75 -5.21 -43.57
CA ASP B 688 3.49 -5.14 -44.82
C ASP B 688 3.56 -3.71 -45.33
N GLU B 689 2.48 -2.94 -45.18
CA GLU B 689 2.50 -1.56 -45.63
C GLU B 689 3.09 -0.62 -44.59
N ILE B 690 3.07 -1.00 -43.31
CA ILE B 690 3.82 -0.26 -42.30
C ILE B 690 5.31 -0.40 -42.57
N GLN B 691 5.76 -1.61 -42.93
CA GLN B 691 7.17 -1.84 -43.21
C GLN B 691 7.69 -0.91 -44.30
N LYS B 692 6.93 -0.76 -45.39
CA LYS B 692 7.33 0.14 -46.47
C LYS B 692 7.50 1.57 -45.97
N ASP B 693 6.54 2.05 -45.19
CA ASP B 693 6.62 3.42 -44.67
C ASP B 693 7.82 3.59 -43.77
N VAL B 694 8.06 2.64 -42.87
CA VAL B 694 9.15 2.76 -41.92
C VAL B 694 10.50 2.75 -42.64
N ASN B 695 10.66 1.83 -43.60
CA ASN B 695 11.90 1.78 -44.38
C ASN B 695 12.23 3.12 -45.01
N LYS B 696 11.20 3.87 -45.42
CA LYS B 696 11.41 5.21 -45.97
C LYS B 696 11.99 6.15 -44.92
N LEU B 697 11.49 6.08 -43.69
CA LEU B 697 11.99 6.95 -42.63
C LEU B 697 13.40 6.54 -42.21
N VAL B 698 13.63 5.25 -41.99
CA VAL B 698 14.97 4.76 -41.65
C VAL B 698 15.96 5.08 -42.77
N ALA B 699 15.47 5.16 -44.01
CA ALA B 699 16.34 5.53 -45.12
C ALA B 699 16.85 6.96 -44.96
N ALA B 700 15.93 7.91 -44.82
CA ALA B 700 16.33 9.32 -44.68
C ALA B 700 17.12 9.53 -43.41
N ALA B 701 16.79 8.81 -42.34
CA ALA B 701 17.47 9.00 -41.06
C ALA B 701 18.97 8.75 -41.18
N ASN B 702 19.35 7.71 -41.92
CA ASN B 702 20.76 7.39 -42.07
C ASN B 702 21.47 8.26 -43.09
N GLN B 703 20.73 9.07 -43.85
CA GLN B 703 21.31 10.13 -44.67
C GLN B 703 21.54 11.41 -43.88
N ARG B 704 21.29 11.38 -42.57
CA ARG B 704 21.31 12.56 -41.72
C ARG B 704 22.63 12.62 -40.95
N LYS B 705 23.16 13.84 -40.80
CA LYS B 705 24.48 13.99 -40.19
C LYS B 705 24.43 13.77 -38.69
N GLU B 706 23.35 14.20 -38.03
CA GLU B 706 23.26 14.02 -36.58
C GLU B 706 23.16 12.55 -36.20
N LEU B 707 22.53 11.75 -37.04
CA LEU B 707 22.17 10.39 -36.70
C LEU B 707 23.22 9.40 -37.15
N SER B 708 23.18 8.21 -36.56
CA SER B 708 24.08 7.12 -36.94
C SER B 708 23.42 5.80 -36.60
N ARG B 709 23.41 4.89 -37.58
CA ARG B 709 23.03 3.48 -37.38
C ARG B 709 21.56 3.32 -37.01
N VAL B 710 20.69 4.13 -37.64
CA VAL B 710 19.25 3.96 -37.42
C VAL B 710 18.81 2.63 -38.00
N ARG B 711 17.90 1.96 -37.30
CA ARG B 711 17.42 0.64 -37.71
C ARG B 711 15.92 0.55 -37.45
N THR B 712 15.34 -0.61 -37.80
CA THR B 712 13.99 -0.96 -37.41
C THR B 712 13.92 -2.46 -37.22
N THR B 713 13.00 -2.90 -36.35
CA THR B 713 12.87 -4.29 -35.97
C THR B 713 11.83 -5.04 -36.79
N LEU B 714 10.84 -4.33 -37.33
CA LEU B 714 9.90 -4.93 -38.28
C LEU B 714 10.64 -5.59 -39.43
N ASP B 715 10.39 -6.87 -39.65
CA ASP B 715 11.02 -7.64 -40.72
C ASP B 715 9.96 -8.64 -41.21
N THR B 716 9.25 -8.27 -42.27
CA THR B 716 8.16 -9.08 -42.80
C THR B 716 8.62 -10.06 -43.87
N THR B 717 9.93 -10.20 -44.07
CA THR B 717 10.47 -10.97 -45.19
C THR B 717 10.77 -12.43 -44.82
N PHE B 718 10.28 -12.91 -43.69
CA PHE B 718 10.60 -14.27 -43.27
C PHE B 718 9.89 -15.28 -44.16
N PRO B 719 10.61 -16.22 -44.76
CA PRO B 719 9.94 -17.31 -45.49
C PRO B 719 9.09 -18.13 -44.54
N GLN B 720 7.78 -18.17 -44.83
CA GLN B 720 6.81 -18.85 -43.99
C GLN B 720 5.95 -19.76 -44.86
N TYR B 721 6.14 -21.07 -44.71
CA TYR B 721 5.47 -22.08 -45.51
C TYR B 721 4.23 -22.56 -44.77
N LYS B 722 3.05 -22.32 -45.34
CA LYS B 722 1.82 -22.85 -44.78
C LYS B 722 1.51 -24.20 -45.40
N LEU B 723 0.84 -25.05 -44.63
CA LEU B 723 0.26 -26.29 -45.13
C LEU B 723 -1.26 -26.09 -45.20
N ILE B 724 -1.77 -25.83 -46.40
CA ILE B 724 -3.20 -25.67 -46.60
C ILE B 724 -3.83 -27.06 -46.60
N ILE B 725 -4.91 -27.21 -45.84
CA ILE B 725 -5.51 -28.52 -45.58
C ILE B 725 -6.78 -28.67 -46.40
N ASP B 726 -6.77 -29.64 -47.31
CA ASP B 726 -7.96 -29.99 -48.10
C ASP B 726 -8.97 -30.65 -47.17
N ARG B 727 -9.96 -29.86 -46.71
CA ARG B 727 -10.93 -30.37 -45.77
C ARG B 727 -11.75 -31.52 -46.36
N ASP B 728 -12.02 -31.45 -47.67
CA ASP B 728 -12.80 -32.49 -48.32
C ASP B 728 -12.07 -33.83 -48.30
N LYS B 729 -10.84 -33.85 -48.81
CA LYS B 729 -10.04 -35.08 -48.77
C LYS B 729 -9.84 -35.57 -47.35
N LEU B 730 -9.80 -34.66 -46.38
CA LEU B 730 -9.63 -35.07 -44.98
C LEU B 730 -10.75 -35.98 -44.50
N LYS B 731 -11.89 -36.00 -45.21
CA LYS B 731 -12.99 -36.89 -44.87
C LYS B 731 -13.08 -38.11 -45.77
N HIS B 732 -12.72 -37.97 -47.05
CA HIS B 732 -12.64 -39.15 -47.91
C HIS B 732 -11.70 -40.20 -47.33
N TYR B 733 -10.55 -39.76 -46.80
CA TYR B 733 -9.63 -40.69 -46.16
C TYR B 733 -10.09 -41.09 -44.75
N ASN B 734 -11.15 -40.48 -44.24
CA ASN B 734 -11.76 -40.86 -42.96
C ASN B 734 -10.77 -40.65 -41.81
N LEU B 735 -10.39 -39.39 -41.61
CA LEU B 735 -9.26 -39.03 -40.76
C LEU B 735 -9.70 -38.20 -39.57
N ASN B 736 -9.28 -38.62 -38.38
CA ASN B 736 -9.41 -37.81 -37.17
C ASN B 736 -8.49 -36.60 -37.28
N MET B 737 -9.08 -35.40 -37.31
CA MET B 737 -8.28 -34.19 -37.51
C MET B 737 -7.41 -33.88 -36.30
N GLN B 738 -7.93 -34.12 -35.09
CA GLN B 738 -7.11 -33.99 -33.90
C GLN B 738 -5.91 -34.92 -33.96
N ASP B 739 -6.10 -36.11 -34.54
CA ASP B 739 -4.97 -36.98 -34.82
C ASP B 739 -3.99 -36.34 -35.80
N VAL B 740 -4.49 -35.52 -36.71
CA VAL B 740 -3.66 -35.00 -37.80
C VAL B 740 -2.73 -33.91 -37.29
N PHE B 741 -3.25 -32.97 -36.48
CA PHE B 741 -2.39 -31.93 -35.93
C PHE B 741 -1.39 -32.49 -34.94
N ASN B 742 -1.78 -33.50 -34.17
CA ASN B 742 -0.86 -34.11 -33.22
C ASN B 742 0.24 -34.87 -33.95
N THR B 743 -0.11 -35.61 -35.01
CA THR B 743 0.93 -36.26 -35.81
C THR B 743 1.89 -35.24 -36.41
N MET B 744 1.38 -34.07 -36.80
CA MET B 744 2.24 -33.03 -37.38
C MET B 744 3.08 -32.36 -36.31
N ASN B 745 2.44 -31.95 -35.20
CA ASN B 745 3.18 -31.37 -34.08
C ASN B 745 4.31 -32.29 -33.64
N ALA B 746 4.00 -33.57 -33.42
CA ALA B 746 4.98 -34.51 -32.90
C ALA B 746 6.06 -34.87 -33.92
N THR B 747 5.94 -34.44 -35.17
CA THR B 747 6.91 -34.80 -36.20
C THR B 747 7.81 -33.64 -36.62
N ILE B 748 7.23 -32.50 -37.00
CA ILE B 748 8.04 -31.39 -37.48
C ILE B 748 8.23 -30.36 -36.37
N GLY B 749 7.21 -30.19 -35.53
CA GLY B 749 7.36 -29.30 -34.39
C GLY B 749 7.70 -30.09 -33.15
N THR B 750 7.14 -29.72 -32.00
CA THR B 750 7.33 -30.47 -30.77
C THR B 750 5.97 -30.73 -30.12
N TYR B 751 5.71 -31.98 -29.77
CA TYR B 751 4.51 -32.35 -29.02
C TYR B 751 4.89 -32.54 -27.56
N TYR B 752 4.25 -31.78 -26.67
CA TYR B 752 4.41 -31.96 -25.24
C TYR B 752 3.43 -33.03 -24.77
N VAL B 753 3.95 -34.07 -24.12
CA VAL B 753 3.11 -35.16 -23.65
C VAL B 753 2.73 -34.91 -22.19
N ASN B 754 3.67 -35.12 -21.28
CA ASN B 754 3.45 -34.89 -19.86
C ASN B 754 4.81 -34.71 -19.20
N ASP B 755 4.87 -34.94 -17.89
CA ASP B 755 6.09 -34.69 -17.13
C ASP B 755 6.36 -35.83 -16.15
N PHE B 756 7.60 -35.89 -15.69
CA PHE B 756 8.01 -36.84 -14.67
C PHE B 756 9.13 -36.20 -13.85
N SER B 757 9.45 -36.82 -12.72
CA SER B 757 10.49 -36.34 -11.84
C SER B 757 11.62 -37.35 -11.77
N MET B 758 12.86 -36.82 -11.73
CA MET B 758 14.05 -37.63 -11.48
C MET B 758 15.17 -36.66 -11.11
N LEU B 759 16.10 -37.14 -10.28
CA LEU B 759 17.20 -36.31 -9.79
C LEU B 759 16.68 -35.06 -9.08
N GLY B 760 15.58 -35.21 -8.35
CA GLY B 760 15.01 -34.13 -7.58
C GLY B 760 14.40 -32.99 -8.37
N LYS B 761 14.47 -33.02 -9.69
CA LYS B 761 13.94 -31.97 -10.54
C LYS B 761 12.81 -32.52 -11.40
N ASN B 762 12.02 -31.61 -11.96
CA ASN B 762 10.79 -31.94 -12.67
C ASN B 762 10.97 -31.63 -14.14
N PHE B 763 11.04 -32.67 -14.97
CA PHE B 763 11.32 -32.54 -16.39
C PHE B 763 10.05 -32.69 -17.22
N GLN B 764 10.12 -32.26 -18.47
CA GLN B 764 9.04 -32.35 -19.43
C GLN B 764 9.38 -33.40 -20.48
N VAL B 765 8.36 -34.10 -20.98
CA VAL B 765 8.54 -35.13 -22.00
C VAL B 765 8.06 -34.58 -23.34
N ASN B 766 8.98 -34.50 -24.30
CA ASN B 766 8.69 -33.93 -25.62
C ASN B 766 8.87 -34.99 -26.69
N ILE B 767 7.87 -35.12 -27.56
CA ILE B 767 7.95 -35.99 -28.73
C ILE B 767 8.29 -35.15 -29.95
N ARG B 768 9.24 -35.63 -30.75
CA ARG B 768 9.78 -34.90 -31.88
C ARG B 768 10.50 -35.91 -32.76
N ALA B 769 10.38 -35.75 -34.07
CA ALA B 769 10.99 -36.67 -35.02
C ALA B 769 12.28 -36.06 -35.55
N LYS B 770 13.35 -36.85 -35.56
CA LYS B 770 14.60 -36.41 -36.16
C LYS B 770 14.52 -36.73 -37.65
N GLY B 771 14.32 -35.69 -38.46
CA GLY B 771 14.13 -35.87 -39.88
C GLY B 771 15.40 -35.76 -40.68
N ASP B 772 15.87 -36.88 -41.23
CA ASP B 772 17.02 -36.90 -42.12
C ASP B 772 16.63 -36.77 -43.58
N PHE B 773 15.45 -36.23 -43.88
CA PHE B 773 14.99 -36.07 -45.25
C PHE B 773 15.28 -34.67 -45.76
N ARG B 774 15.74 -34.59 -47.00
CA ARG B 774 15.86 -33.32 -47.70
C ARG B 774 14.47 -32.82 -48.11
N ASN B 775 14.37 -31.52 -48.35
CA ASN B 775 13.14 -30.87 -48.78
C ASN B 775 12.01 -31.00 -47.75
N THR B 776 10.85 -30.45 -48.10
CA THR B 776 9.66 -30.46 -47.25
C THR B 776 8.56 -31.36 -47.78
N GLN B 777 8.30 -31.30 -49.08
CA GLN B 777 7.39 -32.25 -49.71
C GLN B 777 7.87 -33.68 -49.48
N ASP B 778 9.20 -33.89 -49.53
CA ASP B 778 9.77 -35.21 -49.30
C ASP B 778 9.51 -35.71 -47.88
N ALA B 779 9.26 -34.80 -46.93
CA ALA B 779 8.92 -35.21 -45.58
C ALA B 779 7.50 -35.76 -45.52
N LEU B 780 6.53 -35.04 -46.11
CA LEU B 780 5.13 -35.41 -45.98
C LEU B 780 4.80 -36.76 -46.59
N LYS B 781 5.67 -37.28 -47.46
CA LYS B 781 5.47 -38.64 -47.97
C LYS B 781 5.57 -39.67 -46.85
N ASN B 782 6.48 -39.44 -45.89
CA ASN B 782 6.82 -40.45 -44.89
C ASN B 782 5.89 -40.43 -43.68
N ILE B 783 5.42 -39.26 -43.26
CA ILE B 783 4.65 -39.15 -42.04
C ILE B 783 3.22 -39.64 -42.30
N PHE B 784 2.80 -40.68 -41.59
CA PHE B 784 1.49 -41.27 -41.78
C PHE B 784 0.59 -40.98 -40.59
N VAL B 785 -0.72 -41.17 -40.83
CA VAL B 785 -1.74 -41.03 -39.80
C VAL B 785 -2.89 -41.97 -40.12
N ARG B 786 -3.20 -42.87 -39.18
CA ARG B 786 -4.15 -43.94 -39.43
C ARG B 786 -5.59 -43.42 -39.40
N SER B 787 -6.40 -43.91 -40.33
CA SER B 787 -7.77 -43.47 -40.50
C SER B 787 -8.66 -44.08 -39.41
N ASN B 788 -9.98 -43.93 -39.57
CA ASN B 788 -10.92 -44.50 -38.61
C ASN B 788 -11.21 -45.97 -38.85
N ASP B 789 -10.87 -46.49 -40.02
CA ASP B 789 -10.95 -47.90 -40.32
C ASP B 789 -9.59 -48.49 -40.68
N GLY B 790 -8.52 -47.86 -40.19
CA GLY B 790 -7.25 -48.54 -40.02
C GLY B 790 -6.26 -48.41 -41.16
N LYS B 791 -6.48 -47.53 -42.13
CA LYS B 791 -5.52 -47.39 -43.22
C LYS B 791 -4.70 -46.13 -42.98
N MET B 792 -3.42 -46.21 -43.35
CA MET B 792 -2.42 -45.23 -42.97
C MET B 792 -2.20 -44.28 -44.14
N ILE B 793 -2.66 -43.04 -43.99
CA ILE B 793 -2.55 -42.02 -45.03
C ILE B 793 -1.29 -41.20 -44.81
N PRO B 794 -0.50 -40.94 -45.86
CA PRO B 794 0.57 -39.95 -45.72
C PRO B 794 0.01 -38.54 -45.75
N LEU B 795 0.65 -37.65 -44.99
CA LEU B 795 0.20 -36.26 -44.91
C LEU B 795 0.09 -35.63 -46.30
N ASP B 796 0.77 -36.18 -47.29
CA ASP B 796 0.76 -35.64 -48.64
C ASP B 796 -0.64 -35.64 -49.24
N SER B 797 -1.41 -36.71 -49.01
CA SER B 797 -2.65 -36.94 -49.74
C SER B 797 -3.69 -35.85 -49.49
N PHE B 798 -3.61 -35.16 -48.35
CA PHE B 798 -4.60 -34.15 -48.01
C PHE B 798 -4.02 -32.79 -47.64
N LEU B 799 -2.71 -32.67 -47.45
CA LEU B 799 -2.05 -31.41 -47.16
C LEU B 799 -1.27 -30.96 -48.37
N THR B 800 -1.52 -29.71 -48.81
CA THR B 800 -0.79 -29.09 -49.90
C THR B 800 -0.09 -27.85 -49.38
N LEU B 801 1.18 -27.68 -49.78
CA LEU B 801 2.07 -26.70 -49.20
C LEU B 801 2.23 -25.51 -50.14
N GLN B 802 2.14 -24.30 -49.59
CA GLN B 802 2.33 -23.06 -50.34
C GLN B 802 3.29 -22.16 -49.59
N ARG B 803 4.20 -21.52 -50.32
CA ARG B 803 5.30 -20.75 -49.73
C ARG B 803 4.95 -19.26 -49.73
N SER B 804 4.48 -18.77 -48.60
CA SER B 804 4.22 -17.35 -48.41
C SER B 804 5.36 -16.74 -47.61
N SER B 805 5.17 -15.49 -47.16
CA SER B 805 6.13 -14.82 -46.32
C SER B 805 5.39 -13.89 -45.37
N GLY B 806 6.05 -13.54 -44.27
CA GLY B 806 5.45 -12.70 -43.26
C GLY B 806 6.40 -12.38 -42.12
N PRO B 807 5.88 -11.70 -41.09
CA PRO B 807 6.74 -11.26 -40.00
C PRO B 807 6.96 -12.33 -38.95
N ASP B 808 8.12 -12.23 -38.28
CA ASP B 808 8.47 -13.13 -37.19
C ASP B 808 7.84 -12.67 -35.88
N ASP B 809 8.16 -11.45 -35.45
CA ASP B 809 7.46 -10.78 -34.37
C ASP B 809 6.60 -9.66 -34.93
N VAL B 810 5.81 -9.05 -34.05
CA VAL B 810 4.85 -8.01 -34.38
C VAL B 810 4.58 -7.23 -33.09
N LYS B 811 4.58 -5.90 -33.20
CA LYS B 811 4.58 -5.06 -32.01
C LYS B 811 3.46 -4.04 -32.04
N ARG B 812 2.97 -3.73 -30.85
CA ARG B 812 2.06 -2.62 -30.60
C ARG B 812 2.67 -1.72 -29.54
N PHE B 813 2.46 -0.41 -29.69
CA PHE B 813 2.94 0.56 -28.72
C PHE B 813 1.82 1.56 -28.46
N ASN B 814 1.31 1.58 -27.23
CA ASN B 814 0.21 2.45 -26.84
C ASN B 814 -1.04 2.18 -27.68
N LEU B 815 -1.46 0.91 -27.67
CA LEU B 815 -2.72 0.49 -28.30
C LEU B 815 -2.73 0.74 -29.80
N PHE B 816 -1.56 0.73 -30.44
CA PHE B 816 -1.48 0.85 -31.89
C PHE B 816 -0.40 -0.08 -32.43
N PRO B 817 -0.67 -0.76 -33.55
CA PRO B 817 0.40 -1.49 -34.24
C PRO B 817 1.51 -0.54 -34.65
N ALA B 818 2.75 -0.95 -34.42
CA ALA B 818 3.87 -0.03 -34.56
C ALA B 818 5.14 -0.80 -34.90
N ALA B 819 6.16 -0.04 -35.30
CA ALA B 819 7.50 -0.56 -35.57
C ALA B 819 8.49 0.22 -34.73
N GLN B 820 9.38 -0.49 -34.05
CA GLN B 820 10.36 0.16 -33.19
C GLN B 820 11.59 0.55 -34.01
N VAL B 821 12.01 1.80 -33.88
CA VAL B 821 13.16 2.34 -34.57
C VAL B 821 14.23 2.65 -33.53
N GLN B 822 15.48 2.29 -33.83
CA GLN B 822 16.58 2.47 -32.91
C GLN B 822 17.76 3.10 -33.62
N GLY B 823 18.56 3.85 -32.86
CA GLY B 823 19.75 4.46 -33.40
C GLY B 823 20.62 5.01 -32.30
N GLN B 824 21.66 5.73 -32.72
CA GLN B 824 22.55 6.47 -31.84
C GLN B 824 22.69 7.88 -32.39
N PRO B 825 23.16 8.82 -31.57
CA PRO B 825 23.66 10.08 -32.13
C PRO B 825 25.03 9.88 -32.75
N ALA B 826 25.25 10.50 -33.90
CA ALA B 826 26.51 10.34 -34.59
C ALA B 826 27.65 10.88 -33.73
N PRO B 827 28.86 10.35 -33.89
CA PRO B 827 30.03 10.89 -33.16
C PRO B 827 30.10 12.41 -33.20
N GLY B 828 30.10 13.04 -32.03
CA GLY B 828 30.13 14.48 -31.95
C GLY B 828 28.78 15.16 -31.88
N TYR B 829 27.70 14.39 -31.79
CA TYR B 829 26.35 14.95 -31.68
C TYR B 829 25.69 14.44 -30.41
N THR B 830 24.75 15.21 -29.89
CA THR B 830 24.15 14.92 -28.60
C THR B 830 22.76 14.28 -28.75
N SER B 831 22.31 13.66 -27.65
CA SER B 831 21.04 12.95 -27.65
C SER B 831 19.89 13.83 -28.14
N GLY B 832 19.88 15.10 -27.73
CA GLY B 832 18.84 16.01 -28.20
C GLY B 832 18.98 16.37 -29.66
N GLN B 833 20.21 16.47 -30.16
CA GLN B 833 20.42 16.68 -31.59
C GLN B 833 19.89 15.49 -32.39
N ALA B 834 20.19 14.28 -31.93
CA ALA B 834 19.64 13.09 -32.58
C ALA B 834 18.12 13.10 -32.55
N ILE B 835 17.54 13.35 -31.36
CA ILE B 835 16.08 13.31 -31.21
C ILE B 835 15.40 14.24 -32.21
N GLU B 836 15.86 15.50 -32.26
CA GLU B 836 15.24 16.45 -33.18
C GLU B 836 15.46 16.06 -34.64
N ALA B 837 16.61 15.45 -34.94
CA ALA B 837 16.87 14.99 -36.30
C ALA B 837 15.90 13.89 -36.69
N ILE B 838 15.86 12.80 -35.91
CA ILE B 838 14.86 11.75 -36.13
C ILE B 838 13.46 12.35 -36.20
N ALA B 839 13.18 13.35 -35.36
CA ALA B 839 11.87 13.98 -35.37
C ALA B 839 11.61 14.68 -36.70
N GLN B 840 12.60 15.39 -37.23
CA GLN B 840 12.42 16.12 -38.48
C GLN B 840 12.12 15.16 -39.63
N VAL B 841 12.98 14.16 -39.82
CA VAL B 841 12.80 13.11 -40.83
C VAL B 841 11.38 12.54 -40.73
N ALA B 842 10.91 12.32 -39.50
CA ALA B 842 9.58 11.76 -39.30
C ALA B 842 8.49 12.72 -39.78
N LYS B 843 8.68 14.02 -39.56
CA LYS B 843 7.73 15.00 -40.08
C LYS B 843 7.71 14.99 -41.61
N GLU B 844 8.85 14.69 -42.23
CA GLU B 844 8.93 14.60 -43.68
C GLU B 844 8.45 13.25 -44.19
N THR B 845 9.12 12.17 -43.77
CA THR B 845 8.89 10.84 -44.29
C THR B 845 7.44 10.39 -44.14
N LEU B 846 6.98 10.24 -42.90
CA LEU B 846 5.66 9.69 -42.62
C LEU B 846 4.56 10.71 -42.93
N GLY B 847 3.33 10.21 -42.93
CA GLY B 847 2.16 11.06 -43.14
C GLY B 847 1.17 10.91 -42.01
N ASP B 848 0.26 11.88 -41.93
CA ASP B 848 -0.53 12.14 -40.73
C ASP B 848 -1.31 10.95 -40.18
N ASP B 849 -1.42 9.85 -40.93
CA ASP B 849 -1.96 8.64 -40.33
C ASP B 849 -0.92 7.91 -39.50
N TYR B 850 0.14 8.60 -39.11
CA TYR B 850 1.20 8.09 -38.27
C TYR B 850 1.51 9.10 -37.18
N SER B 851 2.08 8.58 -36.09
CA SER B 851 2.76 9.39 -35.09
C SER B 851 3.96 8.60 -34.63
N ILE B 852 4.78 9.20 -33.79
CA ILE B 852 5.84 8.48 -33.13
C ILE B 852 5.65 8.66 -31.63
N ALA B 853 5.90 7.58 -30.89
CA ALA B 853 6.00 7.65 -29.45
C ALA B 853 7.46 7.38 -29.06
N TRP B 854 7.86 7.92 -27.93
CA TRP B 854 9.23 7.77 -27.45
C TRP B 854 9.27 6.77 -26.30
N SER B 855 10.50 6.34 -25.97
CA SER B 855 10.68 5.34 -24.93
C SER B 855 12.10 5.47 -24.38
N GLY B 856 12.26 5.01 -23.14
CA GLY B 856 13.58 4.97 -22.54
C GLY B 856 14.12 6.35 -22.20
N SER B 857 15.42 6.53 -22.45
CA SER B 857 16.07 7.80 -22.14
C SER B 857 15.52 8.92 -22.99
N ALA B 858 15.34 8.65 -24.29
CA ALA B 858 14.82 9.67 -25.19
C ALA B 858 13.41 10.10 -24.85
N TYR B 859 12.68 9.28 -24.08
CA TYR B 859 11.35 9.69 -23.62
C TYR B 859 11.45 10.71 -22.50
N GLN B 860 12.25 10.40 -21.47
CA GLN B 860 12.50 11.36 -20.40
C GLN B 860 13.03 12.67 -20.96
N GLU B 861 13.91 12.59 -21.95
CA GLU B 861 14.48 13.81 -22.55
C GLU B 861 13.40 14.65 -23.21
N VAL B 862 12.48 14.01 -23.96
CA VAL B 862 11.40 14.76 -24.59
C VAL B 862 10.36 15.17 -23.57
N SER B 863 10.10 14.31 -22.58
CA SER B 863 9.09 14.63 -21.57
C SER B 863 9.47 15.85 -20.73
N SER B 864 10.77 16.11 -20.57
CA SER B 864 11.25 17.23 -19.77
C SER B 864 11.97 18.21 -20.69
N LYS B 865 11.35 19.36 -20.94
CA LYS B 865 11.93 20.41 -21.76
C LYS B 865 11.17 21.70 -21.50
N GLY B 866 11.90 22.81 -21.41
CA GLY B 866 11.28 24.03 -20.94
C GLY B 866 10.90 24.01 -19.48
N THR B 867 11.36 23.01 -18.74
CA THR B 867 11.13 22.91 -17.30
C THR B 867 12.32 23.38 -16.48
N ALA B 868 13.44 23.70 -17.11
CA ALA B 868 14.59 24.29 -16.45
C ALA B 868 14.49 25.80 -16.30
N SER B 869 13.80 26.49 -17.24
CA SER B 869 13.49 27.90 -17.08
C SER B 869 12.52 28.15 -15.93
N TYR B 870 11.70 27.16 -15.56
CA TYR B 870 10.79 27.30 -14.43
C TYR B 870 11.55 27.32 -13.10
N ALA B 871 12.38 26.30 -12.87
CA ALA B 871 13.17 26.25 -11.63
C ALA B 871 14.05 27.49 -11.50
N PHE B 872 14.66 27.92 -12.61
CA PHE B 872 15.42 29.16 -12.60
C PHE B 872 14.53 30.35 -12.29
N ALA B 873 13.34 30.41 -12.90
CA ALA B 873 12.43 31.52 -12.65
C ALA B 873 12.05 31.59 -11.18
N LEU B 874 11.86 30.44 -10.53
CA LEU B 874 11.47 30.44 -9.13
C LEU B 874 12.65 30.82 -8.23
N GLY B 875 13.80 30.18 -8.44
CA GLY B 875 14.97 30.51 -7.63
C GLY B 875 15.32 31.97 -7.67
N MET B 876 15.10 32.62 -8.81
CA MET B 876 15.36 34.05 -8.94
C MET B 876 14.36 34.86 -8.14
N ILE B 877 13.06 34.59 -8.32
CA ILE B 877 12.02 35.38 -7.67
C ILE B 877 12.20 35.38 -6.16
N PHE B 878 12.44 34.18 -5.59
CA PHE B 878 12.54 34.09 -4.13
C PHE B 878 13.84 34.69 -3.62
N VAL B 879 14.95 34.48 -4.33
CA VAL B 879 16.20 35.16 -3.99
C VAL B 879 15.97 36.67 -3.91
N PHE B 880 15.10 37.19 -4.77
CA PHE B 880 14.81 38.63 -4.77
C PHE B 880 13.92 39.01 -3.59
N LEU B 881 12.76 38.34 -3.46
CA LEU B 881 11.82 38.69 -2.39
C LEU B 881 12.45 38.54 -1.02
N ILE B 882 13.21 37.47 -0.80
CA ILE B 882 13.87 37.26 0.48
C ILE B 882 14.83 38.42 0.77
N LEU B 883 15.76 38.67 -0.15
CA LEU B 883 16.69 39.78 0.03
C LEU B 883 15.94 41.11 0.11
N ALA B 884 14.85 41.25 -0.64
CA ALA B 884 14.05 42.47 -0.57
C ALA B 884 13.46 42.69 0.81
N ALA B 885 13.23 41.60 1.56
CA ALA B 885 12.66 41.70 2.90
C ALA B 885 13.71 41.68 4.01
N GLN B 886 14.90 41.15 3.75
CA GLN B 886 15.92 41.03 4.78
C GLN B 886 16.61 42.36 5.02
N TYR B 887 17.16 42.95 3.97
CA TYR B 887 17.25 44.40 3.89
C TYR B 887 15.88 44.91 3.43
N GLU B 888 15.61 46.19 3.63
CA GLU B 888 14.24 46.68 3.55
C GLU B 888 14.08 47.65 2.38
N ARG B 889 14.78 47.41 1.27
CA ARG B 889 14.68 48.23 0.08
C ARG B 889 14.31 47.35 -1.11
N TRP B 890 13.50 47.90 -2.01
CA TRP B 890 13.05 47.14 -3.17
C TRP B 890 14.14 47.05 -4.24
N LEU B 891 14.75 48.19 -4.57
CA LEU B 891 15.68 48.28 -5.69
C LEU B 891 17.08 47.80 -5.33
N ILE B 892 17.29 47.25 -4.14
CA ILE B 892 18.61 46.88 -3.67
C ILE B 892 18.88 45.39 -3.92
N PRO B 893 17.93 44.47 -3.70
CA PRO B 893 18.11 43.12 -4.25
C PRO B 893 18.24 43.12 -5.76
N LEU B 894 17.58 44.07 -6.43
CA LEU B 894 17.78 44.29 -7.86
C LEU B 894 19.26 44.46 -8.19
N ALA B 895 20.01 45.13 -7.31
CA ALA B 895 21.44 45.28 -7.50
C ALA B 895 22.20 43.99 -7.25
N VAL B 896 21.59 43.03 -6.58
CA VAL B 896 22.18 41.71 -6.39
C VAL B 896 21.83 40.76 -7.53
N VAL B 897 20.59 40.88 -8.04
CA VAL B 897 20.10 40.02 -9.10
C VAL B 897 20.98 40.10 -10.34
N THR B 898 21.57 41.27 -10.60
CA THR B 898 22.36 41.46 -11.82
C THR B 898 23.69 40.74 -11.78
N ALA B 899 24.08 40.15 -10.65
CA ALA B 899 25.28 39.32 -10.62
C ALA B 899 25.04 37.93 -11.20
N VAL B 900 23.79 37.47 -11.21
CA VAL B 900 23.50 36.15 -11.79
C VAL B 900 23.84 36.07 -13.28
N PRO B 901 23.43 37.03 -14.13
CA PRO B 901 23.80 36.91 -15.56
C PRO B 901 25.27 36.67 -15.81
N PHE B 902 26.16 37.31 -15.05
CA PHE B 902 27.59 37.05 -15.21
C PHE B 902 27.92 35.60 -14.94
N ALA B 903 27.21 34.97 -14.00
CA ALA B 903 27.43 33.55 -13.73
C ALA B 903 26.95 32.69 -14.89
N VAL B 904 25.73 32.92 -15.38
CA VAL B 904 25.22 32.09 -16.45
C VAL B 904 25.98 32.35 -17.75
N PHE B 905 26.51 33.55 -17.94
CA PHE B 905 27.38 33.81 -19.09
C PHE B 905 28.63 32.96 -19.03
N GLY B 906 29.42 33.13 -17.96
CA GLY B 906 30.66 32.40 -17.83
C GLY B 906 30.48 30.89 -17.77
N SER B 907 29.28 30.42 -17.45
CA SER B 907 29.00 28.99 -17.46
C SER B 907 28.83 28.47 -18.89
N PHE B 908 27.86 29.04 -19.62
CA PHE B 908 27.66 28.69 -21.02
C PHE B 908 28.96 28.86 -21.81
N LEU B 909 29.65 29.97 -21.58
CA LEU B 909 30.87 30.25 -22.35
C LEU B 909 31.89 29.14 -22.20
N LEU B 910 32.09 28.64 -20.98
CA LEU B 910 33.09 27.60 -20.78
C LEU B 910 32.63 26.27 -21.37
N VAL B 911 31.32 25.97 -21.34
CA VAL B 911 30.88 24.73 -21.95
C VAL B 911 30.88 24.84 -23.47
N TYR B 912 30.61 26.04 -24.00
CA TYR B 912 30.72 26.26 -25.44
C TYR B 912 32.15 26.00 -25.91
N LEU B 913 33.12 26.67 -25.29
CA LEU B 913 34.52 26.50 -25.67
C LEU B 913 34.96 25.06 -25.50
N ARG B 914 34.46 24.37 -24.47
CA ARG B 914 34.87 23.01 -24.19
C ARG B 914 34.07 21.96 -24.96
N GLY B 915 33.03 22.36 -25.67
CA GLY B 915 32.23 21.43 -26.45
C GLY B 915 31.31 20.56 -25.62
N PHE B 916 30.71 21.12 -24.57
CA PHE B 916 29.85 20.37 -23.67
C PHE B 916 28.38 20.74 -23.90
N SER B 917 27.50 19.95 -23.30
CA SER B 917 26.08 20.04 -23.59
C SER B 917 25.29 20.59 -22.42
N ASN B 918 24.20 21.28 -22.75
CA ASN B 918 23.23 21.78 -21.79
C ASN B 918 22.40 20.62 -21.24
N ASP B 919 22.98 19.87 -20.31
CA ASP B 919 22.27 18.75 -19.71
C ASP B 919 21.80 19.12 -18.31
N ILE B 920 21.41 18.12 -17.52
CA ILE B 920 20.76 18.39 -16.24
C ILE B 920 21.79 18.81 -15.18
N TYR B 921 22.91 18.09 -15.11
CA TYR B 921 24.01 18.52 -14.25
C TYR B 921 24.36 19.97 -14.52
N PHE B 922 24.42 20.35 -15.80
CA PHE B 922 24.79 21.70 -16.18
C PHE B 922 23.77 22.72 -15.68
N GLN B 923 22.49 22.49 -15.93
CA GLN B 923 21.48 23.45 -15.50
C GLN B 923 21.17 23.35 -14.01
N THR B 924 21.70 22.33 -13.32
CA THR B 924 21.65 22.33 -11.86
C THR B 924 22.75 23.23 -11.29
N GLY B 925 23.94 23.19 -11.90
CA GLY B 925 24.98 24.13 -11.53
C GLY B 925 24.60 25.57 -11.79
N LEU B 926 23.71 25.80 -12.77
CA LEU B 926 23.22 27.14 -13.01
C LEU B 926 22.32 27.61 -11.87
N LEU B 927 21.53 26.68 -11.31
CA LEU B 927 20.79 26.99 -10.08
C LEU B 927 21.75 27.37 -8.97
N LEU B 928 22.74 26.51 -8.70
CA LEU B 928 23.75 26.79 -7.69
C LEU B 928 24.44 28.13 -7.92
N LEU B 929 24.61 28.52 -9.19
CA LEU B 929 25.31 29.77 -9.48
C LEU B 929 24.47 31.00 -9.17
N ILE B 930 23.14 30.90 -9.19
CA ILE B 930 22.29 31.98 -8.69
C ILE B 930 22.71 32.33 -7.26
N GLY B 931 22.67 31.34 -6.37
CA GLY B 931 23.01 31.60 -4.98
C GLY B 931 24.44 32.07 -4.79
N LEU B 932 25.38 31.40 -5.47
CA LEU B 932 26.79 31.74 -5.28
C LEU B 932 27.13 33.11 -5.82
N SER B 933 26.58 33.48 -6.98
CA SER B 933 26.80 34.83 -7.50
C SER B 933 26.18 35.88 -6.60
N ALA B 934 25.00 35.59 -6.05
CA ALA B 934 24.38 36.52 -5.10
C ALA B 934 25.22 36.65 -3.85
N LYS B 935 25.77 35.53 -3.35
CA LYS B 935 26.68 35.57 -2.21
C LYS B 935 27.83 36.55 -2.45
N ASN B 936 28.40 36.54 -3.65
CA ASN B 936 29.41 37.53 -3.99
C ASN B 936 28.81 38.93 -4.05
N ALA B 937 27.60 39.06 -4.59
CA ALA B 937 26.99 40.37 -4.73
C ALA B 937 26.42 40.88 -3.42
N ILE B 938 25.92 39.99 -2.55
CA ILE B 938 25.44 40.42 -1.24
C ILE B 938 26.56 41.10 -0.47
N LEU B 939 27.77 40.53 -0.54
CA LEU B 939 28.87 41.02 0.28
C LEU B 939 29.20 42.48 -0.03
N ILE B 940 29.00 42.91 -1.28
CA ILE B 940 29.26 44.31 -1.63
C ILE B 940 28.04 45.17 -1.28
N VAL B 941 26.87 44.79 -1.80
CA VAL B 941 25.68 45.63 -1.68
C VAL B 941 25.35 45.90 -0.21
N GLU B 942 25.68 44.96 0.68
CA GLU B 942 25.35 45.16 2.08
C GLU B 942 26.24 46.23 2.71
N PHE B 943 27.56 46.10 2.54
CA PHE B 943 28.47 47.10 3.10
C PHE B 943 28.29 48.45 2.43
N ALA B 944 28.06 48.46 1.11
CA ALA B 944 27.73 49.71 0.43
C ALA B 944 26.45 50.32 0.99
N MET B 945 25.49 49.48 1.36
CA MET B 945 24.26 49.97 2.00
C MET B 945 24.56 50.50 3.40
N GLU B 946 25.54 49.92 4.08
CA GLU B 946 25.93 50.42 5.40
C GLU B 946 26.46 51.84 5.32
N GLU B 947 27.40 52.08 4.40
CA GLU B 947 28.06 53.38 4.33
C GLU B 947 27.12 54.51 3.96
N ARG B 948 26.00 54.22 3.31
CA ARG B 948 25.11 55.29 2.86
C ARG B 948 24.04 55.66 3.85
N PHE B 949 23.57 54.72 4.68
CA PHE B 949 22.49 55.00 5.62
C PHE B 949 22.91 54.71 7.06
N LYS B 950 24.21 54.56 7.30
CA LYS B 950 24.76 54.41 8.64
C LYS B 950 26.03 55.21 8.85
N LYS B 951 26.78 55.51 7.79
CA LYS B 951 27.91 56.43 7.83
C LYS B 951 27.69 57.64 6.92
N GLY B 952 26.53 57.75 6.28
CA GLY B 952 26.15 58.92 5.51
C GLY B 952 26.96 59.17 4.24
N LYS B 953 27.91 58.28 3.97
CA LYS B 953 28.84 58.51 2.86
C LYS B 953 28.10 58.51 1.52
N GLY B 954 28.65 59.27 0.57
CA GLY B 954 28.01 59.41 -0.72
C GLY B 954 28.02 58.12 -1.51
N VAL B 955 27.06 58.01 -2.46
CA VAL B 955 26.85 56.78 -3.20
C VAL B 955 28.15 56.29 -3.81
N PHE B 956 28.86 57.18 -4.51
CA PHE B 956 30.17 56.84 -5.04
C PHE B 956 31.12 56.43 -3.93
N GLU B 957 31.23 57.28 -2.90
CA GLU B 957 32.10 56.96 -1.76
C GLU B 957 31.74 55.62 -1.12
N ALA B 958 30.45 55.27 -1.11
CA ALA B 958 30.02 54.02 -0.49
C ALA B 958 30.42 52.82 -1.35
N ALA B 959 30.01 52.82 -2.63
CA ALA B 959 30.27 51.68 -3.51
C ALA B 959 31.76 51.33 -3.58
N VAL B 960 32.62 52.35 -3.65
CA VAL B 960 34.05 52.10 -3.72
C VAL B 960 34.56 51.51 -2.41
N ALA B 961 34.08 52.01 -1.28
CA ALA B 961 34.48 51.46 0.01
C ALA B 961 34.01 50.02 0.17
N ALA B 962 32.80 49.72 -0.28
CA ALA B 962 32.31 48.34 -0.24
C ALA B 962 33.21 47.42 -1.04
N ALA B 963 33.65 47.85 -2.23
CA ALA B 963 34.53 47.02 -3.03
C ALA B 963 35.87 46.79 -2.32
N LYS B 964 36.46 47.86 -1.78
CA LYS B 964 37.80 47.76 -1.20
C LYS B 964 37.80 46.83 0.01
N LEU B 965 36.84 47.00 0.92
CA LEU B 965 36.87 46.28 2.18
C LEU B 965 36.29 44.89 2.08
N ARG B 966 35.44 44.63 1.09
CA ARG B 966 34.81 43.33 0.92
C ARG B 966 35.43 42.48 -0.18
N PHE B 967 36.47 42.97 -0.85
CA PHE B 967 37.11 42.17 -1.89
C PHE B 967 37.66 40.88 -1.32
N ARG B 968 38.48 40.97 -0.28
CA ARG B 968 39.15 39.79 0.27
C ARG B 968 38.19 38.67 0.64
N PRO B 969 37.10 38.89 1.39
CA PRO B 969 36.18 37.76 1.64
C PRO B 969 35.52 37.22 0.39
N ILE B 970 35.14 38.09 -0.55
CA ILE B 970 34.48 37.65 -1.77
C ILE B 970 35.37 36.69 -2.54
N ILE B 971 36.67 36.96 -2.58
CA ILE B 971 37.55 36.13 -3.40
C ILE B 971 37.85 34.81 -2.71
N MET B 972 38.30 34.85 -1.46
CA MET B 972 38.75 33.63 -0.81
C MET B 972 37.62 32.63 -0.60
N THR B 973 36.38 33.09 -0.52
CA THR B 973 35.25 32.17 -0.55
C THR B 973 35.03 31.64 -1.96
N SER B 974 35.06 32.53 -2.94
CA SER B 974 34.95 32.12 -4.34
C SER B 974 36.14 31.26 -4.75
N LEU B 975 37.33 31.60 -4.26
CA LEU B 975 38.49 30.74 -4.46
C LEU B 975 38.33 29.41 -3.74
N ALA B 976 37.73 29.42 -2.55
CA ALA B 976 37.48 28.17 -1.84
C ALA B 976 36.53 27.25 -2.61
N PHE B 977 35.44 27.80 -3.14
CA PHE B 977 34.52 27.00 -3.94
C PHE B 977 35.17 26.54 -5.24
N THR B 978 35.74 27.48 -5.99
CA THR B 978 36.27 27.16 -7.32
C THR B 978 37.34 26.07 -7.24
N PHE B 979 38.35 26.27 -6.39
CA PHE B 979 39.35 25.23 -6.20
C PHE B 979 38.75 23.95 -5.65
N GLY B 980 37.54 24.01 -5.10
CA GLY B 980 36.87 22.83 -4.57
C GLY B 980 36.19 21.97 -5.63
N VAL B 981 35.56 22.61 -6.61
CA VAL B 981 34.99 21.90 -7.75
C VAL B 981 36.05 21.61 -8.80
N LEU B 982 37.27 22.13 -8.61
CA LEU B 982 38.35 21.94 -9.59
C LEU B 982 38.69 20.48 -9.89
N PRO B 983 38.85 19.58 -8.91
CA PRO B 983 39.23 18.19 -9.26
C PRO B 983 38.14 17.43 -9.99
N MET B 984 36.96 18.02 -10.20
CA MET B 984 35.93 17.43 -11.02
C MET B 984 36.01 17.87 -12.48
N ILE B 985 36.59 19.04 -12.75
CA ILE B 985 36.83 19.45 -14.13
C ILE B 985 38.01 18.70 -14.73
N PHE B 986 38.99 18.32 -13.91
CA PHE B 986 40.12 17.48 -14.33
C PHE B 986 39.81 16.00 -14.15
N ALA B 987 38.54 15.63 -14.00
CA ALA B 987 38.17 14.27 -13.63
C ALA B 987 38.76 13.26 -14.61
N THR B 988 39.00 12.05 -14.11
CA THR B 988 39.76 11.04 -14.83
C THR B 988 39.32 9.65 -14.38
N GLY B 989 38.72 8.89 -15.29
CA GLY B 989 38.38 7.52 -15.04
C GLY B 989 36.89 7.30 -14.89
N ALA B 990 36.55 6.22 -14.19
CA ALA B 990 35.19 5.73 -14.09
C ALA B 990 34.24 6.82 -13.57
N GLY B 991 33.23 7.13 -14.38
CA GLY B 991 32.27 8.17 -14.03
C GLY B 991 32.71 9.58 -14.39
N SER B 992 33.65 9.74 -15.31
CA SER B 992 34.26 11.04 -15.55
C SER B 992 33.26 12.03 -16.15
N ALA B 993 32.49 11.59 -17.14
CA ALA B 993 31.62 12.51 -17.86
C ALA B 993 30.61 13.17 -16.93
N SER B 994 30.18 12.46 -15.88
CA SER B 994 29.22 13.05 -14.95
C SER B 994 29.87 14.12 -14.08
N ARG B 995 31.11 13.87 -13.63
CA ARG B 995 31.85 14.91 -12.94
C ARG B 995 32.25 16.02 -13.91
N HIS B 996 32.65 15.66 -15.12
CA HIS B 996 33.04 16.65 -16.12
C HIS B 996 31.89 17.58 -16.46
N SER B 997 30.68 17.02 -16.62
CA SER B 997 29.51 17.85 -16.88
C SER B 997 29.22 18.76 -15.69
N LEU B 998 29.19 18.19 -14.49
CA LEU B 998 28.87 18.97 -13.29
C LEU B 998 29.87 20.10 -13.08
N GLY B 999 31.16 19.82 -13.29
CA GLY B 999 32.19 20.78 -12.92
C GLY B 999 32.43 21.91 -13.91
N THR B 1000 32.32 21.62 -15.20
CA THR B 1000 32.77 22.55 -16.23
C THR B 1000 32.03 23.88 -16.19
N GLY B 1001 30.73 23.87 -16.48
CA GLY B 1001 29.96 25.11 -16.43
C GLY B 1001 29.99 25.77 -15.07
N LEU B 1002 30.19 24.98 -14.01
CA LEU B 1002 30.23 25.52 -12.66
C LEU B 1002 31.45 26.41 -12.46
N ILE B 1003 32.63 25.92 -12.83
CA ILE B 1003 33.86 26.69 -12.64
C ILE B 1003 33.80 27.99 -13.44
N GLY B 1004 33.51 27.89 -14.73
CA GLY B 1004 33.51 29.07 -15.58
C GLY B 1004 32.53 30.14 -15.12
N GLY B 1005 31.31 29.71 -14.76
CA GLY B 1005 30.33 30.67 -14.26
C GLY B 1005 30.70 31.26 -12.92
N MET B 1006 31.41 30.51 -12.08
CA MET B 1006 31.89 31.04 -10.81
C MET B 1006 33.04 32.01 -11.04
N ILE B 1007 34.07 31.56 -11.76
CA ILE B 1007 35.15 32.45 -12.18
C ILE B 1007 34.60 33.74 -12.78
N ALA B 1008 33.57 33.60 -13.63
CA ALA B 1008 32.94 34.78 -14.23
C ALA B 1008 32.36 35.69 -13.17
N ALA B 1009 31.56 35.14 -12.27
CA ALA B 1009 30.87 35.94 -11.27
C ALA B 1009 31.75 36.37 -10.11
N SER B 1010 32.96 35.84 -10.00
CA SER B 1010 33.92 36.28 -8.99
C SER B 1010 35.05 37.12 -9.60
N THR B 1011 34.86 37.58 -10.83
CA THR B 1011 35.76 38.54 -11.46
C THR B 1011 34.95 39.60 -12.20
N LEU B 1012 34.27 39.20 -13.26
CA LEU B 1012 33.52 40.15 -14.07
C LEU B 1012 32.40 40.82 -13.27
N ALA B 1013 31.76 40.08 -12.37
CA ALA B 1013 30.56 40.58 -11.71
C ALA B 1013 30.89 41.59 -10.60
N ILE B 1014 31.88 41.28 -9.77
CA ILE B 1014 32.23 42.15 -8.65
C ILE B 1014 32.67 43.52 -9.12
N PHE B 1015 33.08 43.65 -10.38
CA PHE B 1015 33.34 44.97 -10.95
C PHE B 1015 32.06 45.73 -11.25
N PHE B 1016 30.95 45.02 -11.45
CA PHE B 1016 29.72 45.62 -11.95
C PHE B 1016 28.67 45.84 -10.87
N VAL B 1017 28.59 44.95 -9.88
CA VAL B 1017 27.63 45.12 -8.79
C VAL B 1017 27.71 46.51 -8.16
N PRO B 1018 28.90 47.06 -7.84
CA PRO B 1018 28.93 48.44 -7.35
C PRO B 1018 28.32 49.43 -8.32
N LEU B 1019 28.45 49.20 -9.62
CA LEU B 1019 27.83 50.07 -10.62
C LEU B 1019 26.31 50.05 -10.51
N PHE B 1020 25.73 48.84 -10.46
CA PHE B 1020 24.28 48.75 -10.39
C PHE B 1020 23.74 49.27 -9.06
N PHE B 1021 24.46 49.07 -7.97
CA PHE B 1021 24.12 49.74 -6.72
C PHE B 1021 24.17 51.25 -6.87
N TYR B 1022 25.29 51.75 -7.40
CA TYR B 1022 25.47 53.17 -7.70
C TYR B 1022 24.26 53.75 -8.44
N LEU B 1023 23.95 53.20 -9.62
CA LEU B 1023 22.87 53.75 -10.43
C LEU B 1023 21.53 53.64 -9.72
N LEU B 1024 21.25 52.47 -9.15
CA LEU B 1024 19.96 52.28 -8.48
C LEU B 1024 19.78 53.23 -7.31
N GLU B 1025 20.86 53.49 -6.56
CA GLU B 1025 20.77 54.46 -5.47
C GLU B 1025 20.71 55.88 -6.02
N ASN B 1026 21.52 56.18 -7.04
CA ASN B 1026 21.42 57.49 -7.69
C ASN B 1026 20.02 57.73 -8.25
N PHE B 1027 19.32 56.66 -8.63
CA PHE B 1027 17.95 56.78 -9.13
C PHE B 1027 16.96 57.01 -8.00
N ASN B 1028 17.14 56.32 -6.87
CA ASN B 1028 16.18 56.41 -5.77
C ASN B 1028 16.17 57.78 -5.10
N GLU B 1029 17.20 58.59 -5.29
CA GLU B 1029 17.21 59.95 -4.75
C GLU B 1029 16.64 60.97 -5.72
N TRP B 1030 16.68 60.69 -7.03
CA TRP B 1030 15.91 61.48 -7.99
C TRP B 1030 14.42 61.15 -7.88
N LEU B 1031 14.09 59.90 -7.60
CA LEU B 1031 12.69 59.51 -7.46
C LEU B 1031 12.05 60.16 -6.25
N ASP B 1032 12.84 60.50 -5.24
CA ASP B 1032 12.31 61.16 -4.04
C ASP B 1032 11.53 62.42 -4.40
N LYS B 1033 11.98 63.14 -5.41
CA LYS B 1033 11.34 64.39 -5.83
C LYS B 1033 9.98 64.13 -6.47
N MET C 1 11.99 34.29 33.67
CA MET C 1 10.72 34.44 34.38
C MET C 1 9.58 33.83 33.59
N PHE C 2 9.84 32.66 33.00
CA PHE C 2 8.78 31.90 32.32
C PHE C 2 7.72 31.47 33.31
N SER C 3 8.13 31.07 34.52
CA SER C 3 7.16 30.72 35.55
C SER C 3 6.37 31.93 36.01
N LYS C 4 7.02 33.09 36.14
CA LYS C 4 6.32 34.27 36.65
C LYS C 4 5.12 34.63 35.80
N PHE C 5 5.28 34.59 34.47
CA PHE C 5 4.16 34.77 33.55
C PHE C 5 2.92 34.03 34.03
N PHE C 6 3.05 32.71 34.22
CA PHE C 6 1.90 31.91 34.62
C PHE C 6 1.53 32.12 36.08
N ILE C 7 2.50 32.48 36.93
CA ILE C 7 2.19 32.70 38.34
C ILE C 7 1.19 33.84 38.49
N GLU C 8 1.42 34.94 37.77
CA GLU C 8 0.52 36.09 37.89
C GLU C 8 -0.84 35.81 37.28
N ARG C 9 -0.89 35.05 36.19
CA ARG C 9 -2.16 34.75 35.53
C ARG C 9 -2.44 33.25 35.56
N PRO C 10 -3.25 32.78 36.53
CA PRO C 10 -3.45 31.34 36.71
C PRO C 10 -4.48 30.72 35.77
N VAL C 11 -5.47 31.51 35.34
CA VAL C 11 -6.49 30.99 34.44
C VAL C 11 -5.83 30.44 33.18
N PHE C 12 -4.92 31.22 32.60
CA PHE C 12 -4.11 30.74 31.48
C PHE C 12 -3.46 29.41 31.82
N ALA C 13 -2.75 29.36 32.95
CA ALA C 13 -2.08 28.13 33.37
C ALA C 13 -3.07 26.97 33.48
N SER C 14 -4.19 27.21 34.14
CA SER C 14 -5.20 26.15 34.28
C SER C 14 -5.77 25.76 32.93
N VAL C 15 -6.09 26.75 32.08
CA VAL C 15 -6.74 26.46 30.81
C VAL C 15 -5.84 25.58 29.93
N VAL C 16 -4.55 25.89 29.87
CA VAL C 16 -3.61 25.01 29.17
C VAL C 16 -3.68 23.60 29.74
N ALA C 17 -3.73 23.48 31.07
CA ALA C 17 -3.79 22.16 31.71
C ALA C 17 -5.10 21.44 31.39
N ILE C 18 -6.20 22.19 31.24
CA ILE C 18 -7.47 21.56 30.92
C ILE C 18 -7.53 21.13 29.45
N ILE C 19 -6.92 21.93 28.56
CA ILE C 19 -6.89 21.56 27.14
C ILE C 19 -6.04 20.31 26.93
N ILE C 20 -4.86 20.28 27.56
CA ILE C 20 -4.02 19.08 27.51
C ILE C 20 -4.79 17.87 28.03
N SER C 21 -5.46 18.04 29.16
CA SER C 21 -6.26 16.97 29.75
C SER C 21 -7.48 16.62 28.93
N LEU C 22 -7.75 17.32 27.82
CA LEU C 22 -8.92 17.06 27.02
C LEU C 22 -8.62 16.53 25.63
N ALA C 23 -7.46 16.84 25.06
CA ALA C 23 -6.99 16.06 23.92
C ALA C 23 -6.61 14.64 24.34
N GLY C 24 -6.00 14.51 25.52
CA GLY C 24 -5.60 13.19 25.98
C GLY C 24 -6.77 12.29 26.32
N ALA C 25 -7.83 12.85 26.90
CA ALA C 25 -9.03 12.06 27.15
C ALA C 25 -9.65 11.61 25.84
N ILE C 26 -9.91 12.55 24.93
CA ILE C 26 -10.45 12.20 23.61
C ILE C 26 -9.55 11.21 22.91
N GLY C 27 -8.24 11.38 23.04
CA GLY C 27 -7.31 10.46 22.40
C GLY C 27 -7.34 9.07 23.01
N LEU C 28 -7.36 9.00 24.35
CA LEU C 28 -7.47 7.71 25.03
C LEU C 28 -8.71 6.95 24.56
N THR C 29 -9.80 7.67 24.32
CA THR C 29 -11.02 7.07 23.79
C THR C 29 -10.84 6.53 22.37
N ASN C 30 -9.84 7.02 21.63
CA ASN C 30 -9.66 6.67 20.22
C ASN C 30 -8.33 5.97 19.97
N LEU C 31 -7.67 5.50 21.00
CA LEU C 31 -6.45 4.73 20.79
C LEU C 31 -6.77 3.26 20.61
N PRO C 32 -6.10 2.57 19.69
CA PRO C 32 -6.26 1.12 19.59
C PRO C 32 -5.83 0.43 20.88
N ILE C 33 -6.47 -0.71 21.18
CA ILE C 33 -6.25 -1.39 22.45
C ILE C 33 -5.81 -2.84 22.22
N GLU C 34 -4.52 -3.04 22.01
CA GLU C 34 -3.97 -4.38 21.82
C GLU C 34 -3.63 -5.03 23.15
N GLN C 35 -2.84 -6.11 23.11
CA GLN C 35 -2.17 -6.66 24.28
C GLN C 35 -0.68 -6.34 24.27
N TYR C 36 -0.02 -6.59 23.16
CA TYR C 36 1.33 -6.15 22.87
C TYR C 36 1.29 -5.40 21.56
N PRO C 37 2.36 -4.69 21.19
CA PRO C 37 2.46 -4.17 19.82
C PRO C 37 2.58 -5.31 18.81
N SER C 38 3.38 -5.12 17.76
CA SER C 38 3.50 -6.13 16.71
C SER C 38 4.80 -6.90 16.90
N LEU C 39 4.85 -7.62 18.03
CA LEU C 39 6.04 -8.32 18.48
C LEU C 39 6.20 -9.70 17.85
N THR C 40 5.23 -10.14 17.13
CA THR C 40 5.37 -11.39 16.41
C THR C 40 5.67 -11.13 14.94
N PRO C 41 6.60 -11.87 14.34
CA PRO C 41 6.87 -11.72 12.91
C PRO C 41 5.61 -12.02 12.11
N PRO C 42 5.35 -11.25 11.04
CA PRO C 42 4.20 -11.57 10.18
C PRO C 42 4.51 -12.73 9.25
N THR C 43 3.53 -13.62 9.12
CA THR C 43 3.65 -14.82 8.31
C THR C 43 2.93 -14.66 6.98
N VAL C 44 3.34 -15.47 6.02
CA VAL C 44 2.60 -15.69 4.77
C VAL C 44 2.66 -17.18 4.47
N LYS C 45 1.50 -17.79 4.22
CA LYS C 45 1.39 -19.24 4.08
C LYS C 45 1.01 -19.59 2.65
N VAL C 46 1.71 -20.57 2.08
CA VAL C 46 1.58 -20.98 0.68
C VAL C 46 1.28 -22.47 0.64
N SER C 47 0.11 -22.84 0.11
CA SER C 47 -0.38 -24.21 0.18
C SER C 47 -0.65 -24.73 -1.23
N ALA C 48 0.01 -25.82 -1.60
CA ALA C 48 -0.21 -26.54 -2.85
C ALA C 48 -0.76 -27.93 -2.54
N THR C 49 -0.82 -28.77 -3.58
CA THR C 49 -1.26 -30.15 -3.41
C THR C 49 -0.83 -30.97 -4.62
N TYR C 50 -0.30 -32.17 -4.36
CA TYR C 50 0.04 -33.15 -5.40
C TYR C 50 -0.46 -34.51 -4.87
N THR C 51 -1.75 -34.75 -5.04
CA THR C 51 -2.43 -35.89 -4.43
C THR C 51 -1.75 -37.21 -4.77
N GLY C 52 -1.33 -37.93 -3.73
CA GLY C 52 -0.75 -39.25 -3.88
C GLY C 52 0.75 -39.28 -4.07
N ALA C 53 1.39 -38.13 -4.22
CA ALA C 53 2.81 -38.10 -4.56
C ALA C 53 3.67 -38.41 -3.36
N ASP C 54 4.89 -38.88 -3.64
CA ASP C 54 5.85 -39.16 -2.58
C ASP C 54 6.18 -37.89 -1.80
N ALA C 55 6.26 -38.03 -0.48
CA ALA C 55 6.49 -36.87 0.39
C ALA C 55 7.77 -36.14 0.01
N GLN C 56 8.86 -36.88 -0.21
CA GLN C 56 10.13 -36.26 -0.51
C GLN C 56 10.18 -35.66 -1.91
N THR C 57 9.37 -36.16 -2.85
CA THR C 57 9.32 -35.53 -4.17
C THR C 57 8.50 -34.24 -4.15
N ILE C 58 7.44 -34.21 -3.34
CA ILE C 58 6.76 -32.94 -3.09
C ILE C 58 7.74 -31.93 -2.50
N ALA C 59 8.62 -32.39 -1.61
CA ALA C 59 9.62 -31.51 -1.03
C ALA C 59 10.55 -30.95 -2.11
N SER C 60 10.92 -31.78 -3.08
CA SER C 60 11.94 -31.41 -4.06
C SER C 60 11.37 -30.70 -5.27
N THR C 61 10.15 -31.03 -5.69
CA THR C 61 9.59 -30.50 -6.93
C THR C 61 8.32 -29.68 -6.74
N VAL C 62 7.84 -29.51 -5.51
CA VAL C 62 6.67 -28.69 -5.26
C VAL C 62 7.05 -27.56 -4.31
N ALA C 63 7.59 -27.91 -3.15
CA ALA C 63 8.07 -26.92 -2.20
C ALA C 63 9.28 -26.19 -2.74
N SER C 64 10.40 -26.92 -2.86
CA SER C 64 11.70 -26.36 -3.24
C SER C 64 11.65 -25.33 -4.36
N PRO C 65 10.96 -25.56 -5.48
CA PRO C 65 10.90 -24.50 -6.51
C PRO C 65 10.15 -23.25 -6.03
N ILE C 66 9.08 -23.41 -5.25
CA ILE C 66 8.41 -22.25 -4.68
C ILE C 66 9.32 -21.52 -3.69
N GLU C 67 10.10 -22.27 -2.91
CA GLU C 67 11.07 -21.67 -2.01
C GLU C 67 11.99 -20.73 -2.77
N ASP C 68 12.50 -21.18 -3.92
CA ASP C 68 13.40 -20.36 -4.72
C ASP C 68 12.72 -19.09 -5.21
N ALA C 69 11.42 -19.19 -5.50
CA ALA C 69 10.63 -18.01 -5.87
C ALA C 69 10.62 -17.01 -4.72
N ILE C 70 10.03 -17.40 -3.59
CA ILE C 70 9.87 -16.48 -2.47
C ILE C 70 11.21 -16.04 -1.91
N ASN C 71 12.25 -16.85 -2.06
CA ASN C 71 13.54 -16.51 -1.49
C ASN C 71 14.02 -15.16 -2.02
N GLY C 72 14.41 -14.29 -1.11
CA GLY C 72 14.77 -12.93 -1.45
C GLY C 72 13.63 -11.94 -1.36
N ALA C 73 12.40 -12.40 -1.08
CA ALA C 73 11.31 -11.48 -0.81
C ALA C 73 11.70 -10.52 0.31
N ASP C 74 11.25 -9.27 0.17
CA ASP C 74 11.79 -8.22 1.01
C ASP C 74 11.28 -8.34 2.44
N ASN C 75 12.23 -8.40 3.39
CA ASN C 75 12.06 -8.40 4.84
C ASN C 75 11.71 -9.75 5.42
N MET C 76 11.75 -10.83 4.65
CA MET C 76 11.60 -12.16 5.24
C MET C 76 12.83 -12.48 6.08
N ILE C 77 12.60 -13.14 7.22
CA ILE C 77 13.71 -13.45 8.12
C ILE C 77 14.05 -14.94 8.00
N TYR C 78 13.04 -15.77 7.72
CA TYR C 78 13.23 -17.20 7.51
C TYR C 78 11.89 -17.79 7.09
N MET C 79 11.95 -18.96 6.45
CA MET C 79 10.75 -19.66 6.02
C MET C 79 10.95 -21.16 6.14
N ASP C 80 9.88 -21.87 6.48
CA ASP C 80 9.91 -23.31 6.66
C ASP C 80 8.75 -23.95 5.91
N SER C 81 9.04 -25.03 5.19
CA SER C 81 8.07 -25.75 4.39
C SER C 81 7.99 -27.20 4.89
N THR C 82 6.78 -27.75 4.89
CA THR C 82 6.55 -29.14 5.29
C THR C 82 5.70 -29.83 4.22
N SER C 83 6.31 -30.80 3.54
CA SER C 83 5.66 -31.57 2.49
C SER C 83 5.33 -32.97 3.02
N SER C 84 4.04 -33.28 3.11
CA SER C 84 3.58 -34.50 3.75
C SER C 84 3.09 -35.51 2.72
N SER C 85 3.09 -36.77 3.13
CA SER C 85 2.64 -37.86 2.27
C SER C 85 1.14 -37.83 2.00
N SER C 86 0.38 -37.03 2.75
CA SER C 86 -1.02 -36.82 2.37
C SER C 86 -1.16 -35.95 1.12
N GLY C 87 -0.03 -35.68 0.46
CA GLY C 87 -0.01 -34.99 -0.82
C GLY C 87 0.05 -33.49 -0.75
N THR C 88 0.37 -32.90 0.40
CA THR C 88 0.20 -31.48 0.61
C THR C 88 1.53 -30.81 0.93
N MET C 89 1.60 -29.51 0.62
CA MET C 89 2.81 -28.71 0.77
C MET C 89 2.42 -27.40 1.46
N SER C 90 2.76 -27.28 2.74
CA SER C 90 2.57 -26.06 3.50
C SER C 90 3.90 -25.34 3.63
N LEU C 91 3.93 -24.08 3.23
CA LEU C 91 5.13 -23.25 3.29
C LEU C 91 4.76 -21.92 3.94
N THR C 92 5.46 -21.58 5.02
CA THR C 92 5.16 -20.39 5.80
C THR C 92 6.37 -19.47 5.82
N VAL C 93 6.22 -18.29 5.24
CA VAL C 93 7.29 -17.31 5.13
C VAL C 93 7.14 -16.31 6.28
N TYR C 94 8.23 -16.07 7.00
CA TYR C 94 8.23 -15.19 8.17
C TYR C 94 8.99 -13.92 7.85
N PHE C 95 8.36 -12.78 8.11
CA PHE C 95 8.93 -11.46 7.85
C PHE C 95 9.30 -10.78 9.16
N ASP C 96 10.15 -9.76 9.04
CA ASP C 96 10.72 -9.11 10.22
C ASP C 96 9.64 -8.42 11.04
N ILE C 97 9.89 -8.30 12.36
CA ILE C 97 8.99 -7.54 13.22
C ILE C 97 8.84 -6.14 12.67
N GLY C 98 7.60 -5.66 12.58
CA GLY C 98 7.38 -4.38 11.95
C GLY C 98 7.57 -4.51 10.45
N THR C 99 6.55 -5.07 9.80
CA THR C 99 6.55 -5.24 8.34
C THR C 99 5.09 -5.30 7.92
N ASP C 100 4.73 -4.49 6.91
CA ASP C 100 3.33 -4.44 6.51
C ASP C 100 2.87 -5.83 6.09
N PRO C 101 1.95 -6.45 6.84
CA PRO C 101 1.51 -7.80 6.50
C PRO C 101 1.00 -7.93 5.07
N ASP C 102 0.35 -6.88 4.56
CA ASP C 102 -0.18 -6.92 3.22
C ASP C 102 0.89 -6.65 2.16
N GLN C 103 1.87 -5.79 2.46
CA GLN C 103 2.98 -5.59 1.53
C GLN C 103 3.79 -6.88 1.37
N ALA C 104 3.83 -7.71 2.41
CA ALA C 104 4.46 -9.02 2.30
C ALA C 104 3.55 -10.03 1.60
N THR C 105 2.26 -10.03 1.94
CA THR C 105 1.32 -10.96 1.31
C THR C 105 1.26 -10.77 -0.20
N ILE C 106 1.51 -9.57 -0.69
CA ILE C 106 1.50 -9.33 -2.13
C ILE C 106 2.88 -9.54 -2.75
N ASP C 107 3.95 -9.16 -2.04
CA ASP C 107 5.29 -9.44 -2.55
C ASP C 107 5.53 -10.94 -2.66
N VAL C 108 4.85 -11.73 -1.86
CA VAL C 108 4.82 -13.16 -2.09
C VAL C 108 4.00 -13.48 -3.34
N ASN C 109 2.69 -13.17 -3.30
CA ASN C 109 1.78 -13.29 -4.44
C ASN C 109 2.43 -13.04 -5.79
N ASN C 110 3.27 -12.01 -5.89
CA ASN C 110 3.88 -11.66 -7.17
C ASN C 110 4.89 -12.72 -7.61
N ARG C 111 5.67 -13.27 -6.68
CA ARG C 111 6.67 -14.26 -7.03
C ARG C 111 6.06 -15.63 -7.32
N ILE C 112 4.86 -15.90 -6.81
CA ILE C 112 4.20 -17.20 -7.03
C ILE C 112 3.95 -17.46 -8.52
N SER C 113 3.59 -16.43 -9.27
CA SER C 113 3.33 -16.63 -10.70
C SER C 113 4.58 -17.13 -11.43
N ALA C 114 5.74 -16.61 -11.06
CA ALA C 114 6.97 -16.97 -11.77
C ALA C 114 7.27 -18.45 -11.65
N ALA C 115 6.93 -19.07 -10.53
CA ALA C 115 7.29 -20.46 -10.26
C ALA C 115 6.14 -21.44 -10.49
N THR C 116 4.91 -20.98 -10.64
CA THR C 116 3.87 -21.84 -11.18
C THR C 116 4.28 -22.44 -12.51
N ALA C 117 5.23 -21.79 -13.20
CA ALA C 117 5.76 -22.31 -14.46
C ALA C 117 6.29 -23.73 -14.31
N LYS C 118 7.30 -23.91 -13.46
CA LYS C 118 8.03 -25.18 -13.38
C LYS C 118 7.36 -26.20 -12.46
N MET C 119 6.14 -25.94 -12.01
CA MET C 119 5.45 -26.92 -11.19
C MET C 119 5.08 -28.13 -12.04
N PRO C 120 5.03 -29.32 -11.43
CA PRO C 120 4.43 -30.46 -12.13
C PRO C 120 3.01 -30.13 -12.54
N ASP C 121 2.57 -30.72 -13.66
CA ASP C 121 1.24 -30.43 -14.17
C ASP C 121 0.17 -30.73 -13.12
N ALA C 122 0.36 -31.79 -12.34
CA ALA C 122 -0.66 -32.22 -11.38
C ALA C 122 -0.90 -31.21 -10.28
N VAL C 123 0.07 -30.33 -9.98
CA VAL C 123 -0.18 -29.27 -9.01
C VAL C 123 -1.04 -28.18 -9.63
N LYS C 124 -0.64 -27.67 -10.79
CA LYS C 124 -1.38 -26.64 -11.51
C LYS C 124 -2.87 -26.92 -11.54
N LYS C 125 -3.24 -28.14 -11.90
CA LYS C 125 -4.63 -28.52 -12.06
C LYS C 125 -5.40 -28.46 -10.75
N LEU C 126 -4.72 -28.17 -9.64
CA LEU C 126 -5.37 -27.93 -8.36
C LEU C 126 -5.16 -26.53 -7.83
N GLY C 127 -4.11 -25.82 -8.24
CA GLY C 127 -3.88 -24.45 -7.84
C GLY C 127 -3.02 -24.30 -6.61
N VAL C 128 -2.10 -23.33 -6.62
CA VAL C 128 -1.24 -23.03 -5.48
C VAL C 128 -1.75 -21.74 -4.86
N THR C 129 -2.24 -21.83 -3.62
CA THR C 129 -2.94 -20.74 -2.95
C THR C 129 -2.07 -20.15 -1.85
N VAL C 130 -2.18 -18.83 -1.66
CA VAL C 130 -1.42 -18.10 -0.65
C VAL C 130 -2.36 -17.16 0.09
N ARG C 131 -2.06 -16.91 1.36
CA ARG C 131 -2.91 -16.08 2.20
C ARG C 131 -2.13 -15.62 3.42
N LYS C 132 -2.53 -14.47 3.94
CA LYS C 132 -2.03 -13.99 5.22
C LYS C 132 -2.82 -14.65 6.35
N THR C 133 -2.12 -15.31 7.27
CA THR C 133 -2.80 -16.03 8.35
C THR C 133 -1.91 -16.04 9.58
N SER C 134 -2.53 -16.34 10.72
CA SER C 134 -1.88 -16.26 12.02
C SER C 134 -1.60 -17.65 12.58
N SER C 135 -0.54 -17.74 13.37
CA SER C 135 -0.13 -18.98 14.06
C SER C 135 -0.83 -19.12 15.41
N THR C 136 -2.13 -18.91 15.44
CA THR C 136 -2.83 -18.65 16.70
C THR C 136 -3.86 -19.74 16.99
N THR C 137 -4.48 -19.60 18.17
CA THR C 137 -5.64 -20.42 18.55
C THR C 137 -6.38 -19.63 19.63
N LEU C 138 -7.38 -18.87 19.20
CA LEU C 138 -8.14 -18.01 20.11
C LEU C 138 -8.76 -18.81 21.25
N ALA C 139 -9.42 -19.90 20.91
CA ALA C 139 -10.04 -20.78 21.89
C ALA C 139 -10.27 -22.14 21.25
N ALA C 140 -10.74 -23.10 22.05
CA ALA C 140 -11.02 -24.45 21.57
C ALA C 140 -12.28 -24.94 22.26
N ILE C 141 -13.39 -24.96 21.53
CA ILE C 141 -14.66 -25.42 22.08
C ILE C 141 -14.67 -26.94 22.12
N SER C 142 -15.57 -27.50 22.93
CA SER C 142 -15.72 -28.94 23.08
C SER C 142 -17.19 -29.26 23.23
N MET C 143 -17.73 -30.05 22.30
CA MET C 143 -19.13 -30.44 22.32
C MET C 143 -19.25 -31.92 22.59
N TYR C 144 -20.31 -32.30 23.31
CA TYR C 144 -20.47 -33.67 23.77
C TYR C 144 -21.93 -33.90 24.15
N SER C 145 -22.23 -35.17 24.44
CA SER C 145 -23.57 -35.60 24.83
C SER C 145 -23.54 -35.97 26.30
N SER C 146 -24.35 -35.25 27.10
CA SER C 146 -24.38 -35.48 28.53
C SER C 146 -24.76 -36.92 28.84
N ASP C 147 -25.88 -37.37 28.28
CA ASP C 147 -26.28 -38.77 28.34
C ASP C 147 -25.75 -39.51 27.12
N GLY C 148 -26.50 -40.52 26.67
CA GLY C 148 -26.19 -41.16 25.41
C GLY C 148 -27.24 -40.86 24.35
N SER C 149 -27.60 -39.58 24.21
CA SER C 149 -28.49 -39.18 23.14
C SER C 149 -27.79 -39.38 21.81
N MET C 150 -26.97 -38.40 21.42
CA MET C 150 -26.16 -38.52 20.22
C MET C 150 -25.02 -39.52 20.45
N SER C 151 -24.53 -40.09 19.36
CA SER C 151 -23.35 -40.94 19.44
C SER C 151 -22.11 -40.08 19.45
N ALA C 152 -20.94 -40.69 19.20
CA ALA C 152 -19.72 -39.92 19.03
C ALA C 152 -19.61 -39.29 17.64
N VAL C 153 -20.48 -39.67 16.71
CA VAL C 153 -20.47 -39.09 15.37
C VAL C 153 -21.80 -38.44 15.02
N ASP C 154 -22.88 -38.70 15.76
CA ASP C 154 -24.08 -37.88 15.66
C ASP C 154 -23.79 -36.45 16.08
N VAL C 155 -22.92 -36.27 17.06
CA VAL C 155 -22.52 -34.93 17.49
C VAL C 155 -21.71 -34.24 16.40
N TYR C 156 -20.74 -34.97 15.82
CA TYR C 156 -19.91 -34.40 14.76
C TYR C 156 -20.76 -33.92 13.59
N ASN C 157 -21.81 -34.66 13.27
CA ASN C 157 -22.65 -34.30 12.13
C ASN C 157 -23.47 -33.06 12.40
N TYR C 158 -24.03 -32.94 13.61
CA TYR C 158 -24.75 -31.73 13.97
C TYR C 158 -23.84 -30.51 13.94
N ILE C 159 -22.66 -30.63 14.53
CA ILE C 159 -21.69 -29.54 14.51
C ILE C 159 -21.39 -29.12 13.08
N THR C 160 -21.15 -30.08 12.21
CA THR C 160 -20.82 -29.78 10.82
C THR C 160 -22.00 -29.15 10.09
N LEU C 161 -23.23 -29.51 10.46
CA LEU C 161 -24.39 -29.03 9.72
C LEU C 161 -24.79 -27.61 10.14
N ASN C 162 -24.83 -27.34 11.44
CA ASN C 162 -25.20 -26.02 11.94
C ASN C 162 -24.03 -25.28 12.57
N VAL C 163 -23.39 -25.87 13.59
CA VAL C 163 -22.47 -25.14 14.44
C VAL C 163 -21.33 -24.54 13.62
N LEU C 164 -20.68 -25.36 12.80
CA LEU C 164 -19.36 -25.02 12.27
C LEU C 164 -19.40 -23.75 11.43
N ASP C 165 -20.44 -23.59 10.61
CA ASP C 165 -20.52 -22.41 9.74
C ASP C 165 -21.06 -21.20 10.48
N GLU C 166 -21.92 -21.41 11.48
CA GLU C 166 -22.40 -20.31 12.32
C GLU C 166 -21.28 -19.68 13.14
N LEU C 167 -20.14 -20.37 13.29
CA LEU C 167 -18.97 -19.81 13.94
C LEU C 167 -17.98 -19.20 12.95
N LYS C 168 -17.96 -19.70 11.71
CA LYS C 168 -17.34 -18.96 10.61
C LYS C 168 -17.95 -17.59 10.45
N ARG C 169 -19.20 -17.43 10.88
CA ARG C 169 -19.92 -16.18 10.80
C ARG C 169 -19.24 -15.09 11.61
N VAL C 170 -19.03 -15.36 12.89
CA VAL C 170 -18.84 -14.30 13.89
C VAL C 170 -17.50 -13.60 13.66
N PRO C 171 -17.48 -12.28 13.53
CA PRO C 171 -16.40 -11.62 12.79
C PRO C 171 -15.09 -11.52 13.58
N GLY C 172 -13.98 -11.64 12.85
CA GLY C 172 -12.68 -11.78 13.46
C GLY C 172 -12.24 -13.20 13.69
N VAL C 173 -13.04 -14.18 13.29
CA VAL C 173 -12.70 -15.59 13.44
C VAL C 173 -11.99 -16.04 12.17
N GLY C 174 -10.70 -16.37 12.31
CA GLY C 174 -9.94 -16.86 11.17
C GLY C 174 -10.39 -18.24 10.72
N ASP C 175 -10.76 -19.10 11.64
CA ASP C 175 -11.30 -20.41 11.29
C ASP C 175 -12.02 -20.99 12.49
N ALA C 176 -13.06 -21.77 12.20
CA ALA C 176 -13.79 -22.55 13.19
C ALA C 176 -13.72 -24.00 12.71
N ASN C 177 -12.73 -24.75 13.22
CA ASN C 177 -12.37 -26.03 12.66
C ASN C 177 -12.65 -27.14 13.67
N ALA C 178 -13.64 -27.98 13.35
CA ALA C 178 -13.80 -29.24 14.06
C ALA C 178 -12.73 -30.21 13.60
N ILE C 179 -12.01 -30.79 14.55
CA ILE C 179 -10.78 -31.52 14.25
C ILE C 179 -11.17 -32.90 13.72
N GLY C 180 -11.20 -33.04 12.39
CA GLY C 180 -11.49 -34.33 11.81
C GLY C 180 -11.89 -34.37 10.34
N ASN C 181 -11.91 -33.22 9.66
CA ASN C 181 -12.33 -33.23 8.26
C ASN C 181 -11.65 -32.11 7.48
N ARG C 182 -11.71 -32.26 6.16
CA ARG C 182 -11.45 -31.18 5.22
C ARG C 182 -12.78 -30.66 4.65
N ASN C 183 -13.41 -31.43 3.78
CA ASN C 183 -14.72 -31.11 3.23
C ASN C 183 -15.75 -32.01 3.89
N TYR C 184 -16.67 -32.66 3.19
CA TYR C 184 -17.74 -33.45 3.78
C TYR C 184 -18.42 -34.22 2.65
N SER C 185 -18.85 -35.45 2.94
CA SER C 185 -19.06 -36.42 1.88
C SER C 185 -20.36 -37.19 2.04
N LEU C 186 -20.97 -37.50 0.91
CA LEU C 186 -21.79 -38.70 0.75
C LEU C 186 -20.87 -39.81 0.28
N ARG C 187 -20.71 -40.84 1.09
CA ARG C 187 -19.77 -41.92 0.78
C ARG C 187 -20.51 -43.17 0.35
N ILE C 188 -20.05 -43.77 -0.74
CA ILE C 188 -20.56 -45.04 -1.25
C ILE C 188 -19.61 -46.13 -0.79
N TRP C 189 -20.13 -47.09 -0.04
CA TRP C 189 -19.33 -48.17 0.53
C TRP C 189 -19.50 -49.42 -0.32
N LEU C 190 -18.64 -49.57 -1.33
CA LEU C 190 -18.66 -50.76 -2.16
C LEU C 190 -18.50 -52.02 -1.31
N LYS C 191 -19.39 -52.98 -1.52
CA LYS C 191 -19.26 -54.28 -0.86
C LYS C 191 -18.68 -55.27 -1.85
N PRO C 192 -17.35 -55.44 -1.86
CA PRO C 192 -16.70 -56.18 -2.96
C PRO C 192 -17.21 -57.60 -3.15
N ASP C 193 -17.71 -58.22 -2.09
CA ASP C 193 -18.28 -59.56 -2.21
C ASP C 193 -19.43 -59.57 -3.21
N LEU C 194 -20.47 -58.78 -2.92
CA LEU C 194 -21.63 -58.70 -3.82
C LEU C 194 -21.27 -58.06 -5.15
N LEU C 195 -20.20 -57.27 -5.20
CA LEU C 195 -19.71 -56.73 -6.47
C LEU C 195 -19.34 -57.86 -7.43
N ASN C 196 -18.64 -58.88 -6.91
CA ASN C 196 -18.19 -59.99 -7.75
C ASN C 196 -19.32 -60.96 -8.08
N LYS C 197 -20.34 -61.03 -7.22
CA LYS C 197 -21.51 -61.85 -7.52
C LYS C 197 -22.22 -61.36 -8.77
N PHE C 198 -22.52 -60.06 -8.81
CA PHE C 198 -23.33 -59.50 -9.88
C PHE C 198 -22.52 -59.11 -11.12
N GLY C 199 -21.19 -59.17 -11.05
CA GLY C 199 -20.37 -58.92 -12.22
C GLY C 199 -19.94 -57.50 -12.44
N ILE C 200 -19.73 -56.73 -11.37
CA ILE C 200 -19.44 -55.31 -11.45
C ILE C 200 -18.03 -55.07 -10.89
N THR C 201 -17.29 -54.19 -11.56
CA THR C 201 -16.01 -53.72 -11.04
C THR C 201 -16.18 -52.34 -10.42
N ALA C 202 -15.12 -51.88 -9.76
CA ALA C 202 -15.12 -50.51 -9.25
C ALA C 202 -15.16 -49.50 -10.38
N THR C 203 -14.50 -49.79 -11.50
CA THR C 203 -14.55 -48.93 -12.68
C THR C 203 -15.93 -48.87 -13.32
N ASP C 204 -16.88 -49.70 -12.89
CA ASP C 204 -18.24 -49.56 -13.36
C ASP C 204 -19.07 -48.64 -12.48
N VAL C 205 -18.76 -48.56 -11.18
CA VAL C 205 -19.48 -47.68 -10.29
C VAL C 205 -18.96 -46.25 -10.40
N ILE C 206 -17.65 -46.10 -10.58
CA ILE C 206 -17.09 -44.77 -10.87
C ILE C 206 -17.76 -44.17 -12.10
N SER C 207 -17.92 -44.98 -13.15
CA SER C 207 -18.53 -44.47 -14.38
C SER C 207 -20.02 -44.22 -14.20
N ALA C 208 -20.70 -45.09 -13.46
CA ALA C 208 -22.14 -44.92 -13.25
C ALA C 208 -22.45 -43.65 -12.47
N VAL C 209 -21.72 -43.40 -11.38
CA VAL C 209 -21.95 -42.19 -10.60
C VAL C 209 -21.49 -40.96 -11.38
N ASN C 210 -20.39 -41.08 -12.12
CA ASN C 210 -19.89 -39.96 -12.92
C ASN C 210 -20.87 -39.56 -14.01
N ASP C 211 -21.58 -40.53 -14.58
CA ASP C 211 -22.49 -40.26 -15.70
C ASP C 211 -23.89 -39.87 -15.24
N GLN C 212 -24.39 -40.50 -14.18
CA GLN C 212 -25.78 -40.33 -13.77
C GLN C 212 -25.98 -39.23 -12.74
N ASN C 213 -24.90 -38.71 -12.14
CA ASN C 213 -24.98 -37.49 -11.34
C ASN C 213 -24.45 -36.36 -12.21
N ALA C 214 -25.29 -35.93 -13.14
CA ALA C 214 -24.90 -34.95 -14.14
C ALA C 214 -25.20 -33.54 -13.62
N GLN C 215 -25.28 -32.56 -14.52
CA GLN C 215 -25.49 -31.17 -14.14
C GLN C 215 -26.80 -30.65 -14.71
N TYR C 216 -26.92 -29.33 -14.90
CA TYR C 216 -28.18 -28.70 -15.25
C TYR C 216 -28.21 -28.30 -16.72
N ALA C 217 -29.37 -27.79 -17.14
CA ALA C 217 -29.61 -27.28 -18.48
C ALA C 217 -30.78 -26.31 -18.41
N THR C 218 -30.74 -25.25 -19.21
CA THR C 218 -31.70 -24.16 -19.09
C THR C 218 -32.03 -23.56 -20.45
N GLY C 219 -33.33 -23.41 -20.73
CA GLY C 219 -33.79 -22.78 -21.95
C GLY C 219 -35.06 -21.99 -21.70
N LYS C 220 -35.48 -21.24 -22.72
CA LYS C 220 -36.62 -20.34 -22.61
C LYS C 220 -37.67 -20.65 -23.67
N ILE C 221 -38.94 -20.65 -23.23
CA ILE C 221 -40.09 -20.73 -24.12
C ILE C 221 -40.51 -19.32 -24.51
N GLY C 222 -40.92 -19.14 -25.76
CA GLY C 222 -41.13 -17.81 -26.27
C GLY C 222 -39.88 -17.14 -26.76
N GLU C 223 -38.74 -17.84 -26.76
CA GLU C 223 -37.51 -17.37 -27.37
C GLU C 223 -37.76 -17.15 -28.86
N GLU C 224 -37.74 -15.88 -29.29
CA GLU C 224 -38.19 -15.41 -30.59
C GLU C 224 -37.76 -16.29 -31.78
N PRO C 225 -36.58 -16.92 -31.75
CA PRO C 225 -36.32 -17.97 -32.76
C PRO C 225 -37.16 -19.22 -32.55
N VAL C 226 -36.95 -19.91 -31.43
CA VAL C 226 -37.64 -21.18 -31.15
C VAL C 226 -38.92 -20.85 -30.38
N THR C 227 -40.01 -20.64 -31.11
CA THR C 227 -41.24 -20.16 -30.49
C THR C 227 -42.44 -20.03 -31.41
N GLN C 228 -43.50 -19.43 -30.86
CA GLN C 228 -44.51 -18.69 -31.57
C GLN C 228 -44.68 -17.39 -30.79
N LYS C 229 -44.64 -16.25 -31.49
CA LYS C 229 -44.67 -14.98 -30.76
C LYS C 229 -45.96 -14.86 -29.97
N SER C 230 -45.86 -15.15 -28.68
CA SER C 230 -46.98 -15.21 -27.75
C SER C 230 -46.78 -14.20 -26.64
N PRO C 231 -47.84 -13.81 -25.94
CA PRO C 231 -47.65 -13.26 -24.60
C PRO C 231 -47.01 -14.31 -23.72
N TYR C 232 -46.42 -13.85 -22.61
CA TYR C 232 -45.79 -14.71 -21.62
C TYR C 232 -44.48 -15.30 -22.13
N VAL C 233 -43.47 -15.34 -21.27
CA VAL C 233 -42.21 -16.01 -21.54
C VAL C 233 -41.89 -16.90 -20.34
N TYR C 234 -41.60 -18.17 -20.59
CA TYR C 234 -41.23 -19.12 -19.56
C TYR C 234 -39.78 -19.55 -19.74
N SER C 235 -39.22 -20.13 -18.68
CA SER C 235 -37.86 -20.65 -18.68
C SER C 235 -37.90 -22.09 -18.17
N ILE C 236 -37.40 -23.02 -18.97
CA ILE C 236 -37.48 -24.44 -18.65
C ILE C 236 -36.10 -24.94 -18.26
N THR C 237 -36.05 -25.73 -17.18
CA THR C 237 -34.82 -26.31 -16.66
C THR C 237 -34.94 -27.83 -16.65
N MET C 238 -33.78 -28.48 -16.59
CA MET C 238 -33.71 -29.94 -16.57
C MET C 238 -32.59 -30.32 -15.62
N GLN C 239 -32.96 -30.81 -14.43
CA GLN C 239 -32.04 -30.92 -13.30
C GLN C 239 -31.51 -32.35 -13.19
N GLY C 240 -30.45 -32.63 -13.94
CA GLY C 240 -29.85 -33.94 -13.93
C GLY C 240 -28.84 -34.15 -12.81
N ARG C 241 -28.90 -33.30 -11.80
CA ARG C 241 -28.05 -33.40 -10.61
C ARG C 241 -28.86 -34.03 -9.49
N LEU C 242 -28.24 -34.97 -8.78
CA LEU C 242 -28.96 -35.68 -7.73
C LEU C 242 -28.96 -34.87 -6.44
N GLN C 243 -29.97 -35.12 -5.60
CA GLN C 243 -30.23 -34.25 -4.46
C GLN C 243 -30.34 -35.00 -3.13
N ASN C 244 -31.01 -36.14 -3.11
CA ASN C 244 -31.10 -36.93 -1.89
C ASN C 244 -30.27 -38.21 -2.03
N PRO C 245 -29.85 -38.81 -0.91
CA PRO C 245 -29.05 -40.04 -1.00
C PRO C 245 -29.81 -41.20 -1.65
N SER C 246 -31.13 -41.26 -1.48
CA SER C 246 -31.91 -42.35 -2.07
C SER C 246 -31.85 -42.33 -3.59
N GLU C 247 -31.46 -41.21 -4.20
CA GLU C 247 -31.28 -41.17 -5.64
C GLU C 247 -29.97 -41.82 -6.07
N PHE C 248 -28.91 -41.64 -5.26
CA PHE C 248 -27.66 -42.32 -5.54
C PHE C 248 -27.84 -43.84 -5.46
N GLU C 249 -28.59 -44.31 -4.47
CA GLU C 249 -28.84 -45.74 -4.33
C GLU C 249 -29.49 -46.31 -5.58
N ASN C 250 -30.39 -45.56 -6.19
CA ASN C 250 -31.12 -46.02 -7.36
C ASN C 250 -30.44 -45.66 -8.67
N ILE C 251 -29.16 -45.26 -8.62
CA ILE C 251 -28.35 -45.21 -9.83
C ILE C 251 -28.27 -46.61 -10.41
N ILE C 252 -28.85 -46.80 -11.59
CA ILE C 252 -29.01 -48.13 -12.16
C ILE C 252 -27.73 -48.56 -12.85
N LEU C 253 -27.09 -49.60 -12.30
CA LEU C 253 -25.77 -50.04 -12.75
C LEU C 253 -25.84 -50.83 -14.05
N ARG C 254 -26.66 -51.87 -14.09
CA ARG C 254 -26.87 -52.65 -15.30
C ARG C 254 -28.36 -52.78 -15.57
N THR C 255 -28.69 -52.82 -16.85
CA THR C 255 -30.08 -52.88 -17.32
C THR C 255 -30.44 -54.33 -17.63
N ASN C 256 -31.13 -54.97 -16.70
CA ASN C 256 -31.49 -56.37 -16.85
C ASN C 256 -32.55 -56.54 -17.93
N ASN C 257 -32.50 -57.70 -18.60
CA ASN C 257 -33.39 -57.94 -19.74
C ASN C 257 -34.84 -58.07 -19.30
N ASP C 258 -35.09 -58.69 -18.15
CA ASP C 258 -36.45 -58.92 -17.70
C ASP C 258 -37.10 -57.65 -17.16
N GLY C 259 -36.64 -56.49 -17.63
CA GLY C 259 -37.21 -55.21 -17.26
C GLY C 259 -36.63 -54.56 -16.01
N SER C 260 -36.40 -55.36 -14.97
CA SER C 260 -35.96 -54.84 -13.68
C SER C 260 -34.53 -54.28 -13.80
N PHE C 261 -34.00 -53.79 -12.68
CA PHE C 261 -32.78 -53.00 -12.70
C PHE C 261 -31.89 -53.33 -11.51
N LEU C 262 -30.62 -53.60 -11.81
CA LEU C 262 -29.58 -53.72 -10.79
C LEU C 262 -29.08 -52.34 -10.44
N ARG C 263 -29.60 -51.78 -9.36
CA ARG C 263 -29.22 -50.44 -8.93
C ARG C 263 -28.03 -50.49 -7.97
N LEU C 264 -27.50 -49.30 -7.66
CA LEU C 264 -26.30 -49.22 -6.82
C LEU C 264 -26.57 -49.75 -5.42
N LYS C 265 -27.81 -49.64 -4.94
CA LYS C 265 -28.16 -50.14 -3.61
C LYS C 265 -27.95 -51.66 -3.50
N ASP C 266 -27.90 -52.37 -4.62
CA ASP C 266 -27.76 -53.82 -4.64
C ASP C 266 -26.31 -54.28 -4.64
N VAL C 267 -25.37 -53.42 -4.24
CA VAL C 267 -23.96 -53.73 -4.43
C VAL C 267 -23.10 -52.91 -3.47
N ALA C 268 -23.72 -51.94 -2.80
CA ALA C 268 -23.00 -51.07 -1.89
C ALA C 268 -24.00 -50.37 -0.99
N ASP C 269 -23.51 -49.93 0.17
CA ASP C 269 -24.27 -49.01 1.00
C ASP C 269 -23.87 -47.58 0.69
N VAL C 270 -24.79 -46.66 0.88
CA VAL C 270 -24.57 -45.24 0.64
C VAL C 270 -24.78 -44.51 1.96
N GLU C 271 -23.73 -43.92 2.49
CA GLU C 271 -23.75 -43.31 3.80
C GLU C 271 -23.91 -41.79 3.66
N ILE C 272 -23.65 -41.04 4.73
CA ILE C 272 -23.87 -39.60 4.72
C ILE C 272 -22.98 -38.89 5.72
N GLY C 273 -21.78 -38.51 5.28
CA GLY C 273 -20.87 -37.74 6.12
C GLY C 273 -20.10 -38.60 7.11
N SER C 274 -19.65 -37.96 8.18
CA SER C 274 -19.24 -38.58 9.45
C SER C 274 -18.00 -39.43 9.13
N GLN C 275 -17.97 -40.74 9.39
CA GLN C 275 -16.86 -41.66 9.15
C GLN C 275 -15.67 -41.21 9.97
N GLN C 276 -15.68 -41.55 11.25
CA GLN C 276 -14.87 -40.89 12.26
C GLN C 276 -13.42 -41.36 12.30
N TYR C 277 -13.08 -42.45 11.60
CA TYR C 277 -11.75 -43.06 11.65
C TYR C 277 -10.59 -42.10 11.91
N SER C 278 -10.65 -40.91 11.30
CA SER C 278 -9.51 -40.02 11.30
C SER C 278 -9.11 -39.59 12.70
N SER C 279 -10.03 -38.94 13.44
CA SER C 279 -9.68 -38.36 14.72
C SER C 279 -10.75 -38.66 15.75
N GLN C 280 -10.44 -38.27 16.99
CA GLN C 280 -11.29 -38.55 18.14
C GLN C 280 -10.93 -37.56 19.25
N GLY C 281 -11.93 -36.90 19.80
CA GLY C 281 -11.73 -35.96 20.88
C GLY C 281 -12.08 -36.55 22.22
N ARG C 282 -11.52 -35.94 23.26
CA ARG C 282 -11.81 -36.30 24.65
C ARG C 282 -11.87 -35.02 25.48
N LEU C 283 -12.88 -34.92 26.34
CA LEU C 283 -12.98 -33.82 27.30
C LEU C 283 -13.23 -34.41 28.67
N ASN C 284 -12.18 -34.48 29.49
CA ASN C 284 -12.26 -35.00 30.86
C ASN C 284 -12.74 -36.45 30.86
N GLY C 285 -12.08 -37.28 30.07
CA GLY C 285 -12.43 -38.69 30.01
C GLY C 285 -13.81 -38.95 29.44
N ASN C 286 -14.30 -38.07 28.57
CA ASN C 286 -15.59 -38.25 27.92
C ASN C 286 -15.42 -38.00 26.42
N ASP C 287 -16.14 -38.77 25.62
CA ASP C 287 -16.12 -38.56 24.18
C ASP C 287 -16.69 -37.19 23.85
N ALA C 288 -15.89 -36.39 23.14
CA ALA C 288 -16.29 -35.03 22.79
C ALA C 288 -15.63 -34.64 21.48
N VAL C 289 -16.23 -33.69 20.79
CA VAL C 289 -15.75 -33.24 19.48
C VAL C 289 -15.08 -31.88 19.67
N PRO C 290 -13.79 -31.75 19.38
CA PRO C 290 -13.10 -30.47 19.58
C PRO C 290 -13.28 -29.55 18.37
N ILE C 291 -13.66 -28.30 18.64
CA ILE C 291 -13.68 -27.24 17.65
C ILE C 291 -12.66 -26.20 18.08
N MET C 292 -11.60 -26.04 17.30
CA MET C 292 -10.61 -25.01 17.56
C MET C 292 -11.02 -23.73 16.85
N ILE C 293 -11.06 -22.64 17.60
CA ILE C 293 -11.49 -21.33 17.08
C ILE C 293 -10.24 -20.48 16.87
N ASN C 294 -9.89 -20.29 15.60
CA ASN C 294 -8.77 -19.45 15.20
C ASN C 294 -9.14 -17.98 15.31
N LEU C 295 -8.13 -17.11 15.22
CA LEU C 295 -8.35 -15.67 15.24
C LEU C 295 -7.85 -15.07 13.94
N GLN C 296 -8.73 -14.32 13.27
CA GLN C 296 -8.43 -13.72 11.98
C GLN C 296 -7.18 -12.86 12.07
N SER C 297 -6.27 -13.07 11.10
CA SER C 297 -4.94 -12.48 11.13
C SER C 297 -4.98 -10.95 11.12
N GLY C 298 -5.04 -10.35 12.31
CA GLY C 298 -5.05 -8.91 12.44
C GLY C 298 -6.17 -8.38 13.29
N ALA C 299 -7.19 -9.22 13.51
CA ALA C 299 -8.39 -8.79 14.22
C ALA C 299 -8.10 -8.63 15.71
N ASN C 300 -9.11 -8.11 16.41
CA ASN C 300 -9.03 -7.95 17.86
C ASN C 300 -9.29 -9.29 18.52
N ALA C 301 -8.31 -9.78 19.31
CA ALA C 301 -8.46 -11.07 19.96
C ALA C 301 -9.38 -11.02 21.16
N LEU C 302 -9.38 -9.89 21.88
CA LEU C 302 -10.07 -9.82 23.17
C LEU C 302 -11.59 -9.91 23.00
N HIS C 303 -12.12 -9.18 22.02
CA HIS C 303 -13.57 -9.09 21.81
C HIS C 303 -14.11 -10.22 20.94
N THR C 304 -13.31 -10.67 19.96
CA THR C 304 -13.74 -11.76 19.09
C THR C 304 -14.22 -12.97 19.89
N ALA C 305 -13.44 -13.38 20.90
CA ALA C 305 -13.84 -14.52 21.72
C ALA C 305 -15.06 -14.21 22.56
N GLU C 306 -15.27 -12.94 22.91
CA GLU C 306 -16.51 -12.56 23.58
C GLU C 306 -17.71 -12.72 22.67
N LEU C 307 -17.50 -12.53 21.36
CA LEU C 307 -18.56 -12.82 20.39
C LEU C 307 -18.74 -14.32 20.21
N VAL C 308 -17.63 -15.06 20.07
CA VAL C 308 -17.70 -16.51 19.90
C VAL C 308 -18.45 -17.16 21.06
N GLN C 309 -18.09 -16.79 22.29
CA GLN C 309 -18.78 -17.33 23.46
C GLN C 309 -20.25 -16.92 23.48
N ALA C 310 -20.57 -15.75 22.93
CA ALA C 310 -21.96 -15.33 22.86
C ALA C 310 -22.73 -16.12 21.80
N LYS C 311 -22.06 -16.45 20.69
CA LYS C 311 -22.75 -17.18 19.62
C LYS C 311 -23.05 -18.62 20.04
N MET C 312 -22.10 -19.26 20.72
CA MET C 312 -22.37 -20.59 21.26
C MET C 312 -23.45 -20.54 22.33
N GLN C 313 -23.59 -19.40 23.02
CA GLN C 313 -24.70 -19.24 23.95
C GLN C 313 -26.02 -19.15 23.18
N GLU C 314 -26.00 -18.54 21.99
CA GLU C 314 -27.19 -18.47 21.15
C GLU C 314 -27.54 -19.84 20.58
N LEU C 315 -26.56 -20.52 19.98
CA LEU C 315 -26.81 -21.83 19.39
C LEU C 315 -27.28 -22.86 20.39
N SER C 316 -26.94 -22.70 21.68
CA SER C 316 -27.44 -23.61 22.72
C SER C 316 -28.96 -23.56 22.85
N LYS C 317 -29.61 -22.47 22.43
CA LYS C 317 -31.06 -22.35 22.58
C LYS C 317 -31.80 -23.47 21.88
N ASN C 318 -31.25 -24.00 20.78
CA ASN C 318 -31.92 -25.08 20.04
C ASN C 318 -30.97 -26.24 19.78
N PHE C 319 -30.31 -26.74 20.84
CA PHE C 319 -29.62 -28.02 20.78
C PHE C 319 -30.58 -29.16 21.09
N PRO C 320 -30.26 -30.39 20.66
CA PRO C 320 -31.15 -31.52 20.96
C PRO C 320 -30.82 -32.23 22.26
N LYS C 321 -31.69 -32.08 23.26
CA LYS C 321 -31.62 -32.84 24.51
C LYS C 321 -30.27 -32.72 25.22
N GLY C 322 -29.59 -33.85 25.37
CA GLY C 322 -28.40 -33.89 26.22
C GLY C 322 -27.12 -33.44 25.58
N LEU C 323 -27.18 -32.48 24.67
CA LEU C 323 -26.01 -31.95 23.99
C LEU C 323 -25.69 -30.57 24.54
N THR C 324 -24.52 -30.43 25.17
CA THR C 324 -24.04 -29.15 25.65
C THR C 324 -22.56 -29.02 25.27
N TYR C 325 -21.93 -27.95 25.75
CA TYR C 325 -20.57 -27.61 25.37
C TYR C 325 -19.87 -26.92 26.53
N LYS C 326 -18.55 -26.93 26.48
CA LYS C 326 -17.72 -26.07 27.32
C LYS C 326 -16.55 -25.59 26.47
N ILE C 327 -16.07 -24.38 26.77
CA ILE C 327 -14.88 -23.85 26.12
C ILE C 327 -13.76 -23.87 27.14
N PRO C 328 -13.14 -25.02 27.41
CA PRO C 328 -12.20 -25.14 28.52
C PRO C 328 -10.78 -24.69 28.21
N TYR C 329 -10.56 -24.03 27.07
CA TYR C 329 -9.24 -23.54 26.67
C TYR C 329 -9.49 -22.22 25.92
N ASP C 330 -9.42 -21.12 26.66
CA ASP C 330 -9.75 -19.79 26.15
C ASP C 330 -8.59 -18.86 26.48
N THR C 331 -7.66 -18.71 25.54
CA THR C 331 -6.47 -17.89 25.75
C THR C 331 -6.80 -16.44 26.09
N THR C 332 -8.04 -16.01 25.91
CA THR C 332 -8.42 -14.64 26.25
C THR C 332 -8.63 -14.46 27.75
N LYS C 333 -8.96 -15.54 28.46
CA LYS C 333 -9.01 -15.49 29.92
C LYS C 333 -7.78 -14.79 30.50
N PHE C 334 -6.61 -15.20 30.03
CA PHE C 334 -5.36 -14.64 30.54
C PHE C 334 -5.24 -13.16 30.24
N VAL C 335 -5.64 -12.74 29.03
CA VAL C 335 -5.57 -11.33 28.67
C VAL C 335 -6.44 -10.50 29.60
N ILE C 336 -7.69 -10.90 29.76
CA ILE C 336 -8.64 -10.14 30.57
C ILE C 336 -8.14 -10.04 32.02
N GLU C 337 -7.73 -11.17 32.58
CA GLU C 337 -7.33 -11.18 33.99
C GLU C 337 -6.08 -10.35 34.22
N SER C 338 -5.09 -10.46 33.33
CA SER C 338 -3.86 -9.69 33.50
C SER C 338 -4.12 -8.21 33.37
N ILE C 339 -5.07 -7.81 32.52
CA ILE C 339 -5.42 -6.40 32.39
C ILE C 339 -6.01 -5.89 33.71
N LYS C 340 -6.83 -6.70 34.36
CA LYS C 340 -7.36 -6.34 35.67
C LYS C 340 -6.24 -6.12 36.68
N GLU C 341 -5.26 -7.04 36.69
CA GLU C 341 -4.15 -6.92 37.62
C GLU C 341 -3.34 -5.65 37.38
N VAL C 342 -3.34 -5.14 36.15
CA VAL C 342 -2.65 -3.89 35.85
C VAL C 342 -3.40 -2.72 36.46
N VAL C 343 -4.71 -2.63 36.19
CA VAL C 343 -5.53 -1.54 36.73
C VAL C 343 -5.41 -1.49 38.24
N LYS C 344 -5.51 -2.65 38.89
CA LYS C 344 -5.26 -2.74 40.33
C LYS C 344 -3.88 -2.22 40.68
N THR C 345 -2.85 -2.70 39.98
CA THR C 345 -1.49 -2.24 40.22
C THR C 345 -1.35 -0.73 39.99
N PHE C 346 -2.08 -0.19 39.01
CA PHE C 346 -2.08 1.25 38.80
C PHE C 346 -2.65 1.97 40.02
N VAL C 347 -3.80 1.51 40.51
CA VAL C 347 -4.50 2.23 41.57
C VAL C 347 -3.70 2.19 42.87
N GLU C 348 -3.15 1.04 43.23
CA GLU C 348 -2.38 0.98 44.47
C GLU C 348 -1.01 1.65 44.32
N ALA C 349 -0.53 1.84 43.09
CA ALA C 349 0.62 2.72 42.89
C ALA C 349 0.22 4.18 43.15
N LEU C 350 -0.89 4.61 42.56
CA LEU C 350 -1.45 5.93 42.85
C LEU C 350 -1.59 6.16 44.35
N ILE C 351 -2.25 5.22 45.04
CA ILE C 351 -2.48 5.35 46.48
C ILE C 351 -1.16 5.50 47.22
N LEU C 352 -0.23 4.58 46.96
CA LEU C 352 1.03 4.59 47.70
C LEU C 352 1.79 5.90 47.49
N VAL C 353 1.68 6.49 46.30
CA VAL C 353 2.34 7.76 46.03
C VAL C 353 1.69 8.88 46.82
N ILE C 354 0.35 8.97 46.78
CA ILE C 354 -0.37 10.02 47.51
C ILE C 354 0.06 10.03 48.96
N ILE C 355 0.17 8.84 49.56
CA ILE C 355 0.53 8.74 50.97
C ILE C 355 1.94 9.28 51.20
N VAL C 356 2.90 8.82 50.38
CA VAL C 356 4.28 9.30 50.49
C VAL C 356 4.31 10.82 50.39
N MET C 357 3.54 11.38 49.45
CA MET C 357 3.53 12.83 49.27
C MET C 357 2.86 13.53 50.45
N TYR C 358 1.79 12.95 51.00
CA TYR C 358 1.15 13.56 52.16
C TYR C 358 2.09 13.59 53.35
N MET C 359 2.80 12.50 53.59
CA MET C 359 3.71 12.44 54.72
C MET C 359 4.78 13.52 54.63
N PHE C 360 5.28 13.78 53.43
CA PHE C 360 6.36 14.75 53.27
C PHE C 360 5.83 16.17 53.14
N LEU C 361 4.62 16.35 52.59
CA LEU C 361 4.02 17.67 52.45
C LEU C 361 2.97 17.97 53.51
N LYS C 362 2.83 17.09 54.51
CA LYS C 362 2.19 17.39 55.78
C LYS C 362 0.72 17.80 55.74
N ASN C 363 0.27 18.54 54.74
CA ASN C 363 -1.11 19.00 54.74
C ASN C 363 -1.77 18.77 53.37
N PHE C 364 -3.10 18.93 53.36
CA PHE C 364 -3.91 18.52 52.22
C PHE C 364 -3.57 19.32 50.96
N ARG C 365 -3.82 20.64 51.00
CA ARG C 365 -3.60 21.47 49.82
C ARG C 365 -2.19 21.32 49.27
N ALA C 366 -1.20 21.27 50.16
CA ALA C 366 0.18 21.03 49.72
C ALA C 366 0.33 19.67 49.04
N THR C 367 -0.46 18.68 49.46
CA THR C 367 -0.44 17.38 48.80
C THR C 367 -1.23 17.40 47.51
N LEU C 368 -2.34 18.13 47.48
CA LEU C 368 -3.27 18.06 46.36
C LEU C 368 -2.77 18.79 45.12
N ILE C 369 -2.06 19.90 45.29
CA ILE C 369 -1.66 20.73 44.14
C ILE C 369 -0.66 20.01 43.23
N PRO C 370 0.44 19.44 43.74
CA PRO C 370 1.30 18.64 42.86
C PRO C 370 0.61 17.36 42.39
N MET C 371 -0.39 16.88 43.12
CA MET C 371 -1.17 15.73 42.65
C MET C 371 -1.84 16.02 41.32
N ILE C 372 -2.16 17.28 41.05
CA ILE C 372 -2.79 17.67 39.78
C ILE C 372 -1.95 17.22 38.59
N ALA C 373 -0.63 17.11 38.80
CA ALA C 373 0.27 16.77 37.69
C ALA C 373 -0.03 15.38 37.14
N VAL C 374 -0.44 14.45 38.00
CA VAL C 374 -0.67 13.07 37.56
C VAL C 374 -1.76 12.98 36.50
N PRO C 375 -2.96 13.52 36.70
CA PRO C 375 -3.93 13.52 35.59
C PRO C 375 -3.45 14.27 34.36
N VAL C 376 -2.92 15.49 34.55
CA VAL C 376 -2.58 16.35 33.41
C VAL C 376 -1.47 15.75 32.55
N SER C 377 -0.62 14.90 33.12
CA SER C 377 0.48 14.32 32.36
C SER C 377 0.17 12.94 31.80
N LEU C 378 -0.50 12.08 32.58
CA LEU C 378 -0.88 10.77 32.06
C LEU C 378 -2.00 10.89 31.02
N LEU C 379 -2.90 11.85 31.19
CA LEU C 379 -3.90 12.09 30.15
C LEU C 379 -3.24 12.64 28.89
N GLY C 380 -2.43 13.70 29.03
CA GLY C 380 -1.80 14.30 27.87
C GLY C 380 -1.00 13.34 27.03
N THR C 381 -0.37 12.33 27.65
CA THR C 381 0.47 11.42 26.88
C THR C 381 -0.35 10.55 25.93
N PHE C 382 -1.60 10.27 26.28
CA PHE C 382 -2.48 9.55 25.35
C PHE C 382 -2.70 10.36 24.08
N ALA C 383 -2.77 11.69 24.20
CA ALA C 383 -2.89 12.53 23.01
C ALA C 383 -1.61 12.53 22.20
N GLY C 384 -0.45 12.42 22.86
CA GLY C 384 0.79 12.26 22.15
C GLY C 384 0.91 10.91 21.49
N LEU C 385 0.44 9.87 22.17
CA LEU C 385 0.42 8.52 21.58
C LEU C 385 -0.44 8.50 20.32
N TYR C 386 -1.67 9.02 20.41
CA TYR C 386 -2.57 9.04 19.27
C TYR C 386 -1.92 9.67 18.05
N VAL C 387 -1.33 10.85 18.22
CA VAL C 387 -0.78 11.58 17.08
C VAL C 387 0.37 10.81 16.45
N LEU C 388 1.18 10.16 17.28
CA LEU C 388 2.25 9.32 16.76
C LEU C 388 1.77 7.94 16.34
N GLY C 389 0.47 7.67 16.43
CA GLY C 389 -0.05 6.39 15.97
C GLY C 389 0.45 5.21 16.78
N PHE C 390 0.59 5.38 18.08
CA PHE C 390 0.78 4.25 18.97
C PHE C 390 -0.58 3.70 19.38
N SER C 391 -0.59 2.83 20.38
CA SER C 391 -1.84 2.25 20.86
C SER C 391 -1.69 1.98 22.35
N ILE C 392 -2.82 1.69 22.99
CA ILE C 392 -2.78 1.19 24.36
C ILE C 392 -2.49 -0.29 24.32
N ASN C 393 -1.69 -0.73 25.29
CA ASN C 393 -1.26 -2.11 25.40
C ASN C 393 -0.46 -2.26 26.69
N LEU C 394 -0.65 -3.38 27.39
CA LEU C 394 0.13 -3.82 28.53
C LEU C 394 1.40 -3.00 28.78
N LEU C 395 2.25 -2.90 27.76
CA LEU C 395 3.52 -2.19 27.89
C LEU C 395 3.29 -0.70 28.10
N THR C 396 2.39 -0.09 27.33
CA THR C 396 1.98 1.29 27.61
C THR C 396 1.46 1.41 29.03
N LEU C 397 0.72 0.40 29.49
CA LEU C 397 0.17 0.42 30.84
C LEU C 397 1.25 0.24 31.90
N PHE C 398 2.25 -0.60 31.62
CA PHE C 398 3.40 -0.69 32.51
C PHE C 398 4.09 0.65 32.66
N ALA C 399 4.20 1.42 31.56
CA ALA C 399 4.88 2.70 31.60
C ALA C 399 4.06 3.74 32.34
N LEU C 400 2.75 3.80 32.07
CA LEU C 400 1.88 4.71 32.83
C LEU C 400 1.98 4.47 34.32
N ILE C 401 1.98 3.20 34.74
CA ILE C 401 2.20 2.85 36.14
C ILE C 401 3.52 3.45 36.62
N LEU C 402 4.61 3.13 35.92
CA LEU C 402 5.92 3.65 36.28
C LEU C 402 5.96 5.16 36.30
N ALA C 403 5.19 5.81 35.43
CA ALA C 403 5.24 7.27 35.30
C ALA C 403 4.77 7.97 36.57
N ILE C 404 3.86 7.33 37.33
CA ILE C 404 3.16 8.01 38.42
C ILE C 404 4.14 8.70 39.36
N GLY C 405 5.11 7.95 39.88
CA GLY C 405 6.08 8.48 40.81
C GLY C 405 7.30 9.12 40.18
N ILE C 406 7.28 9.30 38.86
CA ILE C 406 8.30 10.09 38.16
C ILE C 406 7.69 11.44 37.82
N VAL C 407 6.37 11.45 37.68
CA VAL C 407 5.66 12.59 37.09
C VAL C 407 5.27 13.62 38.14
N VAL C 408 5.21 13.24 39.42
CA VAL C 408 5.03 14.19 40.50
C VAL C 408 6.33 14.87 40.92
N ASP C 409 7.47 14.38 40.44
CA ASP C 409 8.77 14.75 40.99
C ASP C 409 9.01 16.26 40.94
N ASP C 410 8.98 16.83 39.73
CA ASP C 410 9.26 18.26 39.59
C ASP C 410 8.28 19.09 40.42
N ALA C 411 7.00 18.72 40.37
CA ALA C 411 5.98 19.51 41.09
C ALA C 411 6.21 19.47 42.59
N ILE C 412 6.56 18.30 43.14
CA ILE C 412 6.80 18.26 44.57
C ILE C 412 8.13 18.92 44.93
N ILE C 413 9.13 18.84 44.04
CA ILE C 413 10.33 19.65 44.19
C ILE C 413 9.96 21.12 44.34
N VAL C 414 8.96 21.57 43.57
CA VAL C 414 8.58 22.97 43.60
C VAL C 414 7.86 23.32 44.90
N VAL C 415 7.02 22.43 45.42
CA VAL C 415 6.32 22.72 46.66
C VAL C 415 7.25 22.59 47.86
N GLU C 416 8.16 21.63 47.83
CA GLU C 416 9.16 21.50 48.90
C GLU C 416 9.87 22.83 49.12
N ASN C 417 10.27 23.49 48.03
CA ASN C 417 11.02 24.72 48.16
C ASN C 417 10.15 25.87 48.63
N ILE C 418 8.87 25.89 48.25
CA ILE C 418 7.98 26.95 48.74
C ILE C 418 7.77 26.81 50.24
N ASP C 419 7.54 25.59 50.71
CA ASP C 419 7.40 25.38 52.15
C ASP C 419 8.66 25.80 52.89
N ARG C 420 9.83 25.51 52.33
CA ARG C 420 11.07 25.86 52.99
C ARG C 420 11.23 27.38 53.07
N ILE C 421 10.96 28.08 51.97
CA ILE C 421 11.07 29.54 51.96
C ILE C 421 10.11 30.14 52.97
N LEU C 422 8.83 29.72 52.93
CA LEU C 422 7.83 30.22 53.88
C LEU C 422 8.26 30.01 55.31
N HIS C 423 8.87 28.87 55.60
CA HIS C 423 9.22 28.58 56.98
C HIS C 423 10.41 29.40 57.46
N GLU C 424 11.26 29.92 56.57
CA GLU C 424 12.42 30.69 57.00
C GLU C 424 12.38 32.16 56.61
N ASN C 425 11.43 32.60 55.78
CA ASN C 425 11.19 34.02 55.56
C ASN C 425 9.81 34.32 56.14
N GLU C 426 9.80 34.91 57.34
CA GLU C 426 8.57 35.12 58.10
C GLU C 426 7.70 36.22 57.50
N GLN C 427 8.29 37.14 56.72
CA GLN C 427 7.57 38.30 56.20
C GLN C 427 6.89 38.02 54.85
N ILE C 428 7.57 37.30 53.96
CA ILE C 428 7.21 37.25 52.55
C ILE C 428 5.82 36.66 52.35
N SER C 429 5.21 37.02 51.22
CA SER C 429 3.91 36.49 50.83
C SER C 429 4.07 35.16 50.09
N VAL C 430 3.00 34.37 50.06
CA VAL C 430 3.03 33.09 49.37
C VAL C 430 3.29 33.30 47.87
N LYS C 431 2.75 34.38 47.30
CA LYS C 431 2.95 34.64 45.88
C LYS C 431 4.42 34.92 45.57
N ASP C 432 5.03 35.86 46.31
CA ASP C 432 6.44 36.16 46.08
C ASP C 432 7.33 34.99 46.45
N ALA C 433 6.88 34.15 47.39
CA ALA C 433 7.60 32.94 47.70
C ALA C 433 7.67 32.01 46.51
N ALA C 434 6.55 31.85 45.79
CA ALA C 434 6.53 31.06 44.57
C ALA C 434 7.57 31.57 43.58
N ILE C 435 7.51 32.87 43.24
CA ILE C 435 8.45 33.46 42.30
C ILE C 435 9.89 33.13 42.68
N GLN C 436 10.20 33.20 43.97
CA GLN C 436 11.57 32.92 44.42
C GLN C 436 11.87 31.42 44.29
N ALA C 437 10.96 30.56 44.72
CA ALA C 437 11.16 29.12 44.60
C ALA C 437 11.48 28.72 43.17
N MET C 438 10.75 29.27 42.20
CA MET C 438 11.00 28.95 40.81
C MET C 438 12.35 29.48 40.35
N GLN C 439 12.82 30.58 40.92
CA GLN C 439 14.18 31.01 40.64
C GLN C 439 15.21 29.98 41.08
N GLU C 440 14.92 29.27 42.18
CA GLU C 440 15.88 28.33 42.76
C GLU C 440 15.82 26.94 42.14
N VAL C 441 14.70 26.56 41.53
CA VAL C 441 14.50 25.17 41.10
C VAL C 441 14.21 25.04 39.61
N SER C 442 13.96 26.13 38.88
CA SER C 442 13.65 26.00 37.46
C SER C 442 14.73 25.20 36.73
N SER C 443 15.99 25.43 37.07
CA SER C 443 17.08 24.79 36.33
C SER C 443 17.14 23.28 36.58
N PRO C 444 17.09 22.78 37.82
CA PRO C 444 17.05 21.31 38.00
C PRO C 444 15.76 20.65 37.53
N VAL C 445 14.65 21.37 37.45
CA VAL C 445 13.43 20.73 36.94
C VAL C 445 13.42 20.72 35.42
N ILE C 446 14.00 21.74 34.77
CA ILE C 446 14.38 21.61 33.36
C ILE C 446 15.28 20.40 33.19
N SER C 447 16.28 20.30 34.06
CA SER C 447 17.31 19.26 33.93
C SER C 447 16.70 17.87 34.00
N ILE C 448 15.76 17.65 34.92
CA ILE C 448 15.15 16.34 35.09
C ILE C 448 14.43 15.94 33.81
N VAL C 449 13.71 16.87 33.20
CA VAL C 449 12.99 16.58 31.96
C VAL C 449 13.96 16.22 30.85
N LEU C 450 15.00 17.03 30.69
CA LEU C 450 16.01 16.79 29.64
C LEU C 450 16.64 15.42 29.80
N VAL C 451 17.07 15.09 31.02
CA VAL C 451 17.83 13.87 31.26
C VAL C 451 17.01 12.64 30.90
N LEU C 452 15.69 12.68 31.18
CA LEU C 452 14.83 11.58 30.79
C LEU C 452 14.61 11.53 29.29
N CYS C 453 14.62 12.69 28.63
CA CYS C 453 14.45 12.73 27.18
C CYS C 453 15.74 12.38 26.46
N ALA C 454 16.89 12.86 26.97
CA ALA C 454 18.18 12.47 26.39
C ALA C 454 18.41 10.96 26.42
N VAL C 455 17.75 10.25 27.32
CA VAL C 455 17.93 8.80 27.38
C VAL C 455 16.91 8.03 26.54
N PHE C 456 15.69 8.54 26.38
CA PHE C 456 14.61 7.78 25.76
C PHE C 456 14.31 8.19 24.32
N VAL C 457 14.31 9.48 24.01
CA VAL C 457 14.07 9.95 22.65
C VAL C 457 15.04 9.25 21.67
N PRO C 458 16.31 9.03 22.03
CA PRO C 458 17.17 8.25 21.11
C PRO C 458 16.82 6.77 21.03
N VAL C 459 16.45 6.12 22.13
CA VAL C 459 16.13 4.70 22.03
C VAL C 459 14.82 4.48 21.29
N SER C 460 13.99 5.52 21.15
CA SER C 460 12.76 5.39 20.37
C SER C 460 13.03 5.27 18.88
N PHE C 461 14.19 5.73 18.41
CA PHE C 461 14.54 5.57 17.01
C PHE C 461 14.90 4.13 16.64
N ILE C 462 14.93 3.21 17.60
CA ILE C 462 15.40 1.84 17.38
C ILE C 462 14.19 0.93 17.25
N SER C 463 14.16 0.13 16.18
CA SER C 463 13.10 -0.82 15.93
C SER C 463 13.66 -2.24 15.97
N GLY C 464 12.74 -3.20 15.89
CA GLY C 464 13.00 -4.60 16.13
C GLY C 464 12.08 -5.14 17.20
N PHE C 465 12.27 -6.43 17.51
CA PHE C 465 11.50 -7.02 18.61
C PHE C 465 11.77 -6.28 19.91
N VAL C 466 13.05 -6.13 20.26
CA VAL C 466 13.42 -5.38 21.45
C VAL C 466 13.10 -3.89 21.26
N GLY C 467 13.28 -3.37 20.04
CA GLY C 467 13.01 -1.96 19.81
C GLY C 467 11.56 -1.60 20.06
N GLU C 468 10.63 -2.39 19.50
CA GLU C 468 9.22 -2.07 19.64
C GLU C 468 8.77 -2.16 21.09
N ILE C 469 9.27 -3.15 21.82
CA ILE C 469 8.98 -3.24 23.25
C ILE C 469 9.47 -1.98 23.97
N GLN C 470 10.72 -1.61 23.73
CA GLN C 470 11.34 -0.55 24.52
C GLN C 470 10.74 0.81 24.22
N ARG C 471 10.33 1.04 22.97
CA ARG C 471 9.81 2.35 22.63
C ARG C 471 8.35 2.53 23.05
N GLN C 472 7.71 1.51 23.60
CA GLN C 472 6.46 1.73 24.30
C GLN C 472 6.70 2.50 25.61
N PHE C 473 7.73 2.11 26.35
CA PHE C 473 8.12 2.85 27.56
C PHE C 473 8.69 4.21 27.18
N ALA C 474 9.62 4.22 26.22
CA ALA C 474 10.34 5.44 25.88
C ALA C 474 9.40 6.58 25.53
N LEU C 475 8.35 6.31 24.76
CA LEU C 475 7.47 7.40 24.35
C LEU C 475 6.48 7.77 25.46
N THR C 476 5.92 6.80 26.16
CA THR C 476 5.04 7.12 27.28
C THR C 476 5.80 7.92 28.33
N LEU C 477 7.00 7.45 28.71
CA LEU C 477 7.76 8.11 29.76
C LEU C 477 8.21 9.51 29.34
N ALA C 478 8.75 9.63 28.13
CA ALA C 478 9.31 10.92 27.70
C ALA C 478 8.21 11.96 27.48
N ILE C 479 7.10 11.57 26.87
CA ILE C 479 5.99 12.51 26.70
C ILE C 479 5.43 12.91 28.06
N SER C 480 5.09 11.91 28.88
CA SER C 480 4.46 12.19 30.17
C SER C 480 5.36 13.05 31.06
N VAL C 481 6.63 12.68 31.18
CA VAL C 481 7.51 13.42 32.08
C VAL C 481 7.77 14.82 31.56
N THR C 482 7.71 15.02 30.24
CA THR C 482 7.85 16.36 29.69
C THR C 482 6.68 17.23 30.10
N ILE C 483 5.45 16.75 29.89
CA ILE C 483 4.26 17.48 30.32
C ILE C 483 4.36 17.86 31.79
N SER C 484 4.80 16.91 32.63
CA SER C 484 4.94 17.18 34.05
C SER C 484 5.84 18.38 34.30
N GLY C 485 6.96 18.46 33.58
CA GLY C 485 7.83 19.62 33.70
C GLY C 485 7.10 20.91 33.40
N PHE C 486 6.37 20.94 32.28
CA PHE C 486 5.55 22.11 31.95
C PHE C 486 4.59 22.44 33.08
N VAL C 487 3.90 21.42 33.61
CA VAL C 487 2.99 21.64 34.73
C VAL C 487 3.75 22.23 35.93
N ALA C 488 4.94 21.69 36.22
CA ALA C 488 5.70 22.15 37.37
C ALA C 488 6.21 23.57 37.19
N LEU C 489 6.53 23.97 35.96
CA LEU C 489 6.98 25.33 35.68
C LEU C 489 5.85 26.34 35.63
N THR C 490 4.60 25.90 35.50
CA THR C 490 3.50 26.81 35.31
C THR C 490 2.41 26.59 36.34
N LEU C 491 1.62 25.52 36.17
CA LEU C 491 0.43 25.33 36.99
C LEU C 491 0.76 25.08 38.45
N THR C 492 1.95 24.60 38.77
CA THR C 492 2.24 24.26 40.16
C THR C 492 2.54 25.49 41.02
N PRO C 493 3.54 26.34 40.68
CA PRO C 493 3.73 27.53 41.51
C PRO C 493 2.58 28.51 41.41
N SER C 494 1.93 28.57 40.24
CA SER C 494 0.76 29.43 40.09
C SER C 494 -0.38 29.00 41.01
N LEU C 495 -0.63 27.69 41.11
CA LEU C 495 -1.64 27.20 42.04
C LEU C 495 -1.19 27.37 43.49
N CYS C 496 0.12 27.31 43.75
CA CYS C 496 0.62 27.51 45.10
C CYS C 496 0.32 28.90 45.61
N ALA C 497 0.67 29.93 44.82
CA ALA C 497 0.37 31.31 45.18
C ALA C 497 -1.09 31.48 45.59
N LEU C 498 -2.00 30.92 44.80
CA LEU C 498 -3.42 31.14 45.04
C LEU C 498 -3.91 30.39 46.28
N PHE C 499 -3.47 29.15 46.47
CA PHE C 499 -4.13 28.24 47.39
C PHE C 499 -3.29 27.73 48.54
N LEU C 500 -1.96 27.81 48.46
CA LEU C 500 -1.13 27.45 49.60
C LEU C 500 -1.29 28.49 50.70
N ARG C 501 -1.32 28.02 51.95
CA ARG C 501 -1.52 28.90 53.09
C ARG C 501 -0.22 29.05 53.87
N ARG C 502 -0.02 30.26 54.42
CA ARG C 502 1.25 30.60 55.04
C ARG C 502 1.53 29.80 56.30
N ASN C 503 0.51 29.29 56.98
CA ASN C 503 0.76 28.46 58.15
C ASN C 503 0.78 26.98 57.76
N GLU C 504 0.94 26.14 58.79
CA GLU C 504 1.04 24.69 58.63
C GLU C 504 0.37 24.02 59.82
N GLY C 505 -0.76 24.57 60.25
CA GLY C 505 -1.19 24.41 61.63
C GLY C 505 -1.72 23.02 61.93
N GLU C 506 -1.30 22.48 63.06
CA GLU C 506 -1.73 21.17 63.54
C GLU C 506 -1.65 20.07 62.50
N PRO C 507 -0.47 19.73 62.00
CA PRO C 507 -0.31 18.45 61.31
C PRO C 507 -0.49 17.33 62.31
N PHE C 508 -0.93 16.17 61.82
CA PHE C 508 -1.29 15.08 62.71
C PHE C 508 -0.09 14.58 63.52
N LYS C 509 -0.37 13.61 64.39
CA LYS C 509 0.65 13.10 65.31
C LYS C 509 1.76 12.38 64.56
N PHE C 510 1.40 11.47 63.65
CA PHE C 510 2.37 10.55 63.06
C PHE C 510 3.17 11.20 61.94
N VAL C 511 2.55 12.08 61.16
CA VAL C 511 3.29 12.84 60.17
C VAL C 511 4.34 13.71 60.85
N LYS C 512 4.00 14.27 62.02
CA LYS C 512 4.97 15.04 62.79
C LYS C 512 6.13 14.17 63.26
N LYS C 513 5.82 12.98 63.77
CA LYS C 513 6.88 12.10 64.25
C LYS C 513 7.70 11.53 63.11
N PHE C 514 7.10 11.41 61.91
CA PHE C 514 7.83 10.89 60.77
C PHE C 514 8.85 11.91 60.26
N ASN C 515 8.39 13.16 60.06
CA ASN C 515 9.31 14.21 59.63
C ASN C 515 10.40 14.43 60.67
N ASP C 516 10.07 14.28 61.95
CA ASP C 516 11.07 14.40 63.00
C ASP C 516 12.19 13.38 62.81
N PHE C 517 11.82 12.11 62.60
CA PHE C 517 12.79 11.10 62.20
C PHE C 517 13.59 11.56 60.99
N PHE C 518 12.89 12.03 59.97
CA PHE C 518 13.53 12.34 58.69
C PHE C 518 14.51 13.50 58.84
N ASP C 519 14.19 14.47 59.70
CA ASP C 519 15.12 15.57 59.95
C ASP C 519 16.39 15.09 60.61
N TRP C 520 16.30 14.04 61.43
CA TRP C 520 17.50 13.48 62.07
C TRP C 520 18.39 12.80 61.05
N SER C 521 17.79 11.95 60.19
CA SER C 521 18.56 11.30 59.13
C SER C 521 19.18 12.32 58.17
N THR C 522 18.55 13.49 58.03
CA THR C 522 19.17 14.58 57.29
C THR C 522 20.47 15.03 57.95
N SER C 523 20.45 15.16 59.28
CA SER C 523 21.67 15.50 60.02
C SER C 523 22.72 14.40 59.87
N VAL C 524 22.30 13.14 59.86
CA VAL C 524 23.22 12.03 59.63
C VAL C 524 23.83 12.14 58.23
N PHE C 525 22.98 12.22 57.21
CA PHE C 525 23.45 12.19 55.83
C PHE C 525 24.52 13.25 55.58
N SER C 526 24.26 14.48 56.00
CA SER C 526 25.25 15.55 55.84
C SER C 526 26.52 15.23 56.62
N ALA C 527 26.39 14.63 57.80
CA ALA C 527 27.57 14.21 58.55
C ALA C 527 28.34 13.13 57.79
N GLY C 528 27.64 12.23 57.09
CA GLY C 528 28.33 11.20 56.33
C GLY C 528 29.04 11.77 55.11
N VAL C 529 28.39 12.70 54.40
CA VAL C 529 29.05 13.38 53.30
C VAL C 529 30.33 14.06 53.77
N ALA C 530 30.23 14.86 54.83
CA ALA C 530 31.41 15.51 55.40
C ALA C 530 32.47 14.48 55.78
N TYR C 531 32.05 13.33 56.29
CA TYR C 531 32.97 12.24 56.59
C TYR C 531 33.69 11.77 55.33
N ILE C 532 32.93 11.39 54.31
CA ILE C 532 33.51 10.85 53.08
C ILE C 532 34.39 11.89 52.40
N LEU C 533 34.06 13.17 52.55
CA LEU C 533 34.88 14.23 51.95
C LEU C 533 36.28 14.26 52.56
N LYS C 534 36.38 14.02 53.87
CA LYS C 534 37.68 14.08 54.54
C LYS C 534 38.61 12.98 54.02
N ARG C 535 38.16 11.72 54.10
CA ARG C 535 38.96 10.60 53.62
C ARG C 535 38.57 10.27 52.19
N THR C 536 39.05 11.11 51.28
CA THR C 536 38.62 11.04 49.88
C THR C 536 39.07 9.74 49.22
N ILE C 537 40.22 9.21 49.61
CA ILE C 537 40.84 8.15 48.82
C ILE C 537 40.17 6.80 49.05
N ARG C 538 39.90 6.46 50.32
CA ARG C 538 39.29 5.16 50.61
C ARG C 538 38.03 4.94 49.78
N PHE C 539 37.28 6.01 49.49
CA PHE C 539 35.96 5.89 48.90
C PHE C 539 36.00 5.84 47.38
N VAL C 540 36.93 6.57 46.74
CA VAL C 540 37.18 6.34 45.32
C VAL C 540 37.52 4.88 45.08
N LEU C 541 38.26 4.29 46.01
CA LEU C 541 38.58 2.86 45.92
C LEU C 541 37.33 2.01 46.06
N ILE C 542 36.49 2.33 47.04
CA ILE C 542 35.21 1.63 47.22
C ILE C 542 34.39 1.67 45.94
N PHE C 543 34.51 2.76 45.18
CA PHE C 543 33.73 2.93 43.96
C PHE C 543 34.21 2.00 42.86
N CYS C 544 35.52 1.82 42.72
CA CYS C 544 36.05 0.87 41.75
C CYS C 544 35.66 -0.56 42.11
N ILE C 545 35.69 -0.89 43.39
CA ILE C 545 35.22 -2.19 43.85
C ILE C 545 33.76 -2.40 43.45
N MET C 546 32.93 -1.36 43.59
CA MET C 546 31.55 -1.45 43.14
C MET C 546 31.48 -1.66 41.64
N LEU C 547 32.33 -0.98 40.88
CA LEU C 547 32.40 -1.19 39.44
C LEU C 547 32.76 -2.64 39.12
N GLY C 548 33.84 -3.15 39.74
CA GLY C 548 34.18 -4.55 39.57
C GLY C 548 33.09 -5.48 40.04
N ALA C 549 32.35 -5.08 41.08
CA ALA C 549 31.20 -5.87 41.51
C ALA C 549 30.12 -5.92 40.45
N ILE C 550 29.90 -4.79 39.76
CA ILE C 550 28.95 -4.75 38.65
C ILE C 550 29.34 -5.77 37.59
N PHE C 551 30.63 -5.88 37.30
CA PHE C 551 31.09 -6.78 36.24
C PHE C 551 30.79 -8.24 36.58
N TYR C 552 31.05 -8.65 37.82
CA TYR C 552 30.86 -10.06 38.16
C TYR C 552 29.38 -10.37 38.30
N LEU C 553 28.58 -9.44 38.83
CA LEU C 553 27.13 -9.60 38.76
C LEU C 553 26.66 -9.72 37.32
N TYR C 554 27.31 -8.98 36.40
CA TYR C 554 26.93 -9.06 34.99
C TYR C 554 27.09 -10.46 34.44
N LYS C 555 28.27 -11.06 34.66
CA LYS C 555 28.49 -12.43 34.23
C LYS C 555 27.63 -13.41 35.00
N ALA C 556 27.36 -13.13 36.28
CA ALA C 556 26.61 -14.08 37.10
C ALA C 556 25.17 -14.23 36.62
N VAL C 557 24.52 -13.10 36.31
CA VAL C 557 23.07 -13.12 36.08
C VAL C 557 22.79 -13.70 34.70
N PRO C 558 21.95 -14.72 34.59
CA PRO C 558 21.59 -15.25 33.27
C PRO C 558 20.64 -14.31 32.55
N ASN C 559 20.46 -14.56 31.25
CA ASN C 559 19.70 -13.64 30.42
C ASN C 559 18.60 -14.36 29.66
N SER C 560 17.42 -13.76 29.65
CA SER C 560 16.26 -14.21 28.89
C SER C 560 15.77 -13.08 27.99
N LEU C 561 14.69 -13.35 27.26
CA LEU C 561 14.11 -12.37 26.35
C LEU C 561 12.94 -11.66 27.04
N VAL C 562 11.81 -12.35 27.13
CA VAL C 562 10.65 -11.92 27.91
C VAL C 562 10.39 -13.05 28.90
N PRO C 563 9.85 -12.79 30.09
CA PRO C 563 9.42 -13.90 30.95
C PRO C 563 8.23 -14.62 30.34
N GLU C 564 8.22 -15.95 30.49
CA GLU C 564 7.15 -16.78 29.94
C GLU C 564 6.05 -16.92 30.98
N GLU C 565 4.84 -16.48 30.62
CA GLU C 565 3.80 -16.21 31.60
C GLU C 565 3.00 -17.46 31.96
N ASP C 566 2.59 -17.51 33.22
CA ASP C 566 1.59 -18.46 33.70
C ASP C 566 0.22 -18.01 33.22
N GLN C 567 -0.28 -18.61 32.16
CA GLN C 567 -1.53 -18.19 31.53
C GLN C 567 -2.72 -19.05 31.94
N GLY C 568 -2.58 -19.90 32.94
CA GLY C 568 -3.68 -20.77 33.33
C GLY C 568 -4.02 -21.83 32.32
N LEU C 569 -3.14 -22.07 31.35
CA LEU C 569 -3.30 -23.13 30.36
C LEU C 569 -1.95 -23.77 30.11
N MET C 570 -2.00 -25.01 29.64
CA MET C 570 -0.80 -25.73 29.22
C MET C 570 -1.23 -26.83 28.27
N ILE C 571 -0.27 -27.33 27.50
CA ILE C 571 -0.60 -28.30 26.45
C ILE C 571 0.38 -29.47 26.52
N SER C 572 -0.09 -30.64 26.12
CA SER C 572 0.69 -31.87 26.10
C SER C 572 0.83 -32.36 24.66
N ILE C 573 2.04 -32.77 24.31
CA ILE C 573 2.36 -33.25 22.97
C ILE C 573 2.65 -34.74 23.09
N ILE C 574 1.70 -35.57 22.64
CA ILE C 574 1.75 -37.01 22.87
C ILE C 574 2.04 -37.71 21.55
N ASN C 575 2.96 -38.68 21.59
CA ASN C 575 3.45 -39.35 20.39
C ASN C 575 3.70 -40.82 20.69
N LEU C 576 2.95 -41.70 20.03
CA LEU C 576 3.15 -43.14 20.07
C LEU C 576 4.07 -43.58 18.94
N PRO C 577 4.62 -44.80 19.01
CA PRO C 577 5.52 -45.25 17.95
C PRO C 577 4.86 -45.24 16.58
N SER C 578 5.70 -45.20 15.55
CA SER C 578 5.27 -44.80 14.20
C SER C 578 4.10 -45.65 13.70
N ALA C 579 4.10 -46.94 13.97
CA ALA C 579 3.12 -47.84 13.39
C ALA C 579 1.77 -47.79 14.08
N SER C 580 1.66 -47.16 15.24
CA SER C 580 0.50 -47.32 16.11
C SER C 580 -0.80 -46.95 15.41
N ALA C 581 -1.84 -47.75 15.63
CA ALA C 581 -3.18 -47.47 15.14
C ALA C 581 -3.95 -46.67 16.19
N LEU C 582 -5.02 -46.00 15.72
CA LEU C 582 -5.65 -44.94 16.50
C LEU C 582 -6.03 -45.39 17.90
N HIS C 583 -6.58 -46.59 18.04
CA HIS C 583 -7.04 -47.05 19.35
C HIS C 583 -5.88 -47.15 20.34
N ARG C 584 -4.67 -47.45 19.85
CA ARG C 584 -3.51 -47.45 20.75
C ARG C 584 -3.24 -46.07 21.31
N THR C 585 -3.41 -45.03 20.48
CA THR C 585 -3.22 -43.66 20.96
C THR C 585 -4.35 -43.24 21.89
N ILE C 586 -5.58 -43.68 21.60
CA ILE C 586 -6.71 -43.38 22.48
C ILE C 586 -6.45 -43.94 23.88
N SER C 587 -6.05 -45.22 23.95
CA SER C 587 -5.74 -45.83 25.24
C SER C 587 -4.71 -45.02 26.01
N GLU C 588 -3.69 -44.53 25.31
CA GLU C 588 -2.65 -43.73 25.96
C GLU C 588 -3.21 -42.40 26.47
N VAL C 589 -3.91 -41.67 25.61
CA VAL C 589 -4.44 -40.36 25.98
C VAL C 589 -5.27 -40.46 27.24
N ASP C 590 -6.11 -41.49 27.34
CA ASP C 590 -6.95 -41.65 28.53
C ASP C 590 -6.12 -42.07 29.74
N HIS C 591 -5.08 -42.86 29.51
CA HIS C 591 -4.14 -43.16 30.59
C HIS C 591 -3.39 -41.90 31.01
N ILE C 592 -3.07 -41.04 30.05
CA ILE C 592 -2.44 -39.77 30.37
C ILE C 592 -3.46 -38.79 30.96
N SER C 593 -4.61 -38.63 30.28
CA SER C 593 -5.59 -37.64 30.70
C SER C 593 -6.02 -37.85 32.15
N GLN C 594 -6.15 -39.09 32.58
CA GLN C 594 -6.58 -39.36 33.95
C GLN C 594 -5.55 -38.90 34.96
N GLU C 595 -4.26 -39.14 34.67
CA GLU C 595 -3.21 -38.64 35.55
C GLU C 595 -3.18 -37.12 35.58
N VAL C 596 -3.48 -36.49 34.45
CA VAL C 596 -3.51 -35.03 34.39
C VAL C 596 -4.54 -34.48 35.35
N LEU C 597 -5.78 -34.97 35.25
CA LEU C 597 -6.87 -34.44 36.07
C LEU C 597 -6.65 -34.69 37.56
N LYS C 598 -5.92 -35.75 37.91
CA LYS C 598 -5.54 -35.95 39.31
C LYS C 598 -4.66 -34.81 39.82
N THR C 599 -3.89 -34.20 38.93
CA THR C 599 -2.82 -33.29 39.35
C THR C 599 -3.39 -32.04 39.99
N ASN C 600 -2.98 -31.77 41.22
CA ASN C 600 -3.35 -30.53 41.90
C ASN C 600 -2.97 -29.33 41.04
N GLY C 601 -3.97 -28.55 40.64
CA GLY C 601 -3.74 -27.42 39.77
C GLY C 601 -4.70 -27.38 38.59
N VAL C 602 -4.78 -28.48 37.83
CA VAL C 602 -5.51 -28.46 36.57
C VAL C 602 -7.01 -28.51 36.85
N LYS C 603 -7.78 -27.79 36.04
CA LYS C 603 -9.24 -27.78 36.14
C LYS C 603 -9.90 -28.76 35.18
N ASP C 604 -9.49 -28.78 33.92
CA ASP C 604 -10.00 -29.78 33.00
C ASP C 604 -9.07 -29.87 31.79
N ALA C 605 -9.05 -31.06 31.19
CA ALA C 605 -8.22 -31.36 30.03
C ALA C 605 -9.11 -31.65 28.81
N MET C 606 -8.66 -31.22 27.65
CA MET C 606 -9.29 -31.53 26.38
C MET C 606 -8.23 -32.11 25.45
N ALA C 607 -8.56 -33.20 24.77
CA ALA C 607 -7.60 -33.90 23.93
C ALA C 607 -8.13 -34.00 22.50
N MET C 608 -7.23 -33.86 21.54
CA MET C 608 -7.50 -34.11 20.13
C MET C 608 -6.67 -35.33 19.74
N ILE C 609 -7.26 -36.51 19.82
CA ILE C 609 -6.54 -37.74 19.52
C ILE C 609 -6.54 -37.97 18.02
N GLY C 610 -5.43 -38.47 17.49
CA GLY C 610 -5.26 -38.62 16.06
C GLY C 610 -4.89 -37.36 15.33
N PHE C 611 -4.41 -36.35 16.05
CA PHE C 611 -4.19 -35.02 15.49
C PHE C 611 -2.80 -34.54 15.89
N ASP C 612 -2.02 -34.12 14.89
CA ASP C 612 -0.71 -33.54 15.13
C ASP C 612 -0.88 -32.03 15.30
N LEU C 613 -0.54 -31.52 16.48
CA LEU C 613 -0.71 -30.11 16.75
C LEU C 613 0.18 -29.24 15.87
N PHE C 614 1.33 -29.76 15.46
CA PHE C 614 2.34 -28.92 14.83
C PHE C 614 2.13 -28.77 13.33
N THR C 615 1.74 -29.83 12.64
CA THR C 615 1.36 -29.71 11.23
C THR C 615 -0.10 -29.32 11.06
N SER C 616 -0.91 -29.43 12.12
CA SER C 616 -2.36 -29.28 12.03
C SER C 616 -2.95 -30.19 10.96
N SER C 617 -2.29 -31.32 10.74
CA SER C 617 -2.84 -32.44 9.99
C SER C 617 -3.24 -33.53 10.98
N LEU C 618 -3.60 -34.70 10.47
CA LEU C 618 -3.95 -35.83 11.31
C LEU C 618 -2.97 -36.97 11.07
N LYS C 619 -2.39 -37.47 12.16
CA LYS C 619 -1.66 -38.73 12.15
C LYS C 619 -2.19 -39.60 13.27
N GLU C 620 -2.22 -40.91 13.01
CA GLU C 620 -2.86 -41.83 13.94
C GLU C 620 -2.11 -41.94 15.27
N ASN C 621 -0.79 -41.82 15.24
CA ASN C 621 0.02 -42.00 16.43
C ASN C 621 0.23 -40.71 17.22
N ALA C 622 -0.40 -39.62 16.80
CA ALA C 622 -0.19 -38.31 17.41
C ALA C 622 -1.46 -37.82 18.07
N ALA C 623 -1.32 -37.14 19.21
CA ALA C 623 -2.45 -36.55 19.91
C ALA C 623 -1.93 -35.38 20.75
N ALA C 624 -2.72 -34.32 20.82
CA ALA C 624 -2.37 -33.11 21.55
C ALA C 624 -3.47 -32.79 22.55
N MET C 625 -3.07 -32.37 23.76
CA MET C 625 -3.99 -32.15 24.86
C MET C 625 -3.95 -30.69 25.29
N PHE C 626 -5.13 -30.09 25.47
CA PHE C 626 -5.28 -28.68 25.84
C PHE C 626 -5.80 -28.64 27.28
N ILE C 627 -4.91 -28.35 28.22
CA ILE C 627 -5.23 -28.42 29.65
C ILE C 627 -5.41 -27.00 30.19
N GLY C 628 -6.52 -26.79 30.90
CA GLY C 628 -6.78 -25.54 31.59
C GLY C 628 -6.64 -25.72 33.09
N LEU C 629 -6.20 -24.66 33.77
CA LEU C 629 -5.88 -24.71 35.18
C LEU C 629 -6.95 -24.00 36.00
N GLN C 630 -6.94 -24.26 37.30
CA GLN C 630 -7.73 -23.43 38.21
C GLN C 630 -7.24 -21.99 38.13
N ASP C 631 -8.15 -21.06 38.43
CA ASP C 631 -7.79 -19.65 38.42
C ASP C 631 -6.61 -19.41 39.36
N TRP C 632 -5.83 -18.37 39.05
CA TRP C 632 -4.62 -18.09 39.83
C TRP C 632 -4.92 -17.99 41.32
N LYS C 633 -5.97 -17.23 41.67
CA LYS C 633 -6.43 -17.17 43.05
C LYS C 633 -6.67 -18.56 43.63
N ASP C 634 -7.16 -19.49 42.80
CA ASP C 634 -7.75 -20.72 43.28
C ASP C 634 -6.75 -21.83 43.57
N ARG C 635 -5.47 -21.65 43.27
CA ARG C 635 -4.52 -22.74 43.41
C ARG C 635 -3.24 -22.24 44.06
N ASN C 636 -2.42 -23.20 44.51
CA ASN C 636 -1.16 -22.91 45.17
C ASN C 636 0.04 -23.43 44.40
N VAL C 637 -0.13 -23.72 43.11
CA VAL C 637 0.96 -24.17 42.25
C VAL C 637 0.92 -23.37 40.96
N SER C 638 2.07 -23.29 40.30
CA SER C 638 2.22 -22.55 39.06
C SER C 638 2.12 -23.49 37.86
N ALA C 639 1.89 -22.90 36.69
CA ALA C 639 1.98 -23.65 35.45
C ALA C 639 3.34 -24.32 35.34
N ASP C 640 4.41 -23.53 35.51
CA ASP C 640 5.78 -24.06 35.40
C ASP C 640 6.01 -25.21 36.37
N GLN C 641 5.41 -25.13 37.57
CA GLN C 641 5.52 -26.23 38.52
C GLN C 641 4.74 -27.45 38.05
N ILE C 642 3.49 -27.26 37.64
CA ILE C 642 2.68 -28.36 37.14
C ILE C 642 3.38 -29.03 35.96
N ILE C 643 3.85 -28.23 35.01
CA ILE C 643 4.46 -28.75 33.80
C ILE C 643 5.71 -29.57 34.16
N ALA C 644 6.51 -29.08 35.10
CA ALA C 644 7.68 -29.85 35.52
C ALA C 644 7.29 -31.14 36.20
N GLU C 645 6.16 -31.11 36.93
CA GLU C 645 5.69 -32.31 37.63
C GLU C 645 5.25 -33.39 36.64
N LEU C 646 4.32 -33.05 35.74
CA LEU C 646 3.82 -34.02 34.77
C LEU C 646 4.94 -34.50 33.85
N ASN C 647 5.88 -33.63 33.51
CA ASN C 647 7.03 -34.04 32.71
C ASN C 647 7.88 -35.03 33.48
N LYS C 648 8.11 -34.78 34.77
CA LYS C 648 8.84 -35.72 35.61
C LYS C 648 8.13 -37.06 35.69
N LYS C 649 6.80 -37.03 35.83
CA LYS C 649 6.03 -38.26 35.99
C LYS C 649 6.13 -39.14 34.76
N PHE C 650 5.82 -38.59 33.58
CA PHE C 650 5.80 -39.34 32.33
C PHE C 650 7.17 -39.40 31.66
N ALA C 651 8.25 -39.34 32.45
CA ALA C 651 9.58 -39.19 31.89
C ALA C 651 9.94 -40.32 30.94
N PHE C 652 9.36 -41.50 31.12
CA PHE C 652 9.69 -42.65 30.29
C PHE C 652 8.48 -43.56 30.12
N ASP C 653 7.30 -42.98 29.90
CA ASP C 653 6.11 -43.79 29.65
C ASP C 653 6.40 -44.77 28.52
N ARG C 654 6.42 -46.06 28.87
CA ARG C 654 6.94 -47.09 27.98
C ARG C 654 6.22 -47.12 26.64
N ASN C 655 5.00 -46.61 26.57
CA ASN C 655 4.21 -46.70 25.35
C ASN C 655 4.23 -45.43 24.50
N ALA C 656 4.37 -44.25 25.10
CA ALA C 656 4.20 -43.03 24.33
C ALA C 656 5.04 -41.89 24.92
N SER C 657 5.60 -41.08 24.03
CA SER C 657 6.21 -39.82 24.43
C SER C 657 5.13 -38.84 24.86
N SER C 658 5.20 -38.40 26.10
CA SER C 658 4.27 -37.42 26.65
C SER C 658 5.08 -36.21 27.11
N VAL C 659 4.87 -35.07 26.45
CA VAL C 659 5.63 -33.85 26.73
C VAL C 659 4.64 -32.75 27.09
N PHE C 660 4.87 -32.12 28.24
CA PHE C 660 4.04 -31.04 28.74
C PHE C 660 4.81 -29.73 28.62
N ILE C 661 4.10 -28.66 28.25
CA ILE C 661 4.74 -27.39 27.92
C ILE C 661 3.73 -26.27 28.12
N GLY C 662 4.23 -25.06 28.31
CA GLY C 662 3.42 -23.87 28.41
C GLY C 662 3.34 -23.11 27.09
N LEU C 663 2.55 -22.04 27.12
CA LEU C 663 2.34 -21.20 25.96
C LEU C 663 3.61 -20.38 25.68
N PRO C 664 3.71 -19.77 24.50
CA PRO C 664 4.86 -18.92 24.21
C PRO C 664 4.78 -17.62 25.01
N PRO C 665 5.89 -16.89 25.13
CA PRO C 665 5.83 -15.65 25.95
C PRO C 665 4.91 -14.61 25.36
N ILE C 666 5.00 -14.34 24.07
CA ILE C 666 4.20 -13.32 23.41
C ILE C 666 3.26 -14.02 22.43
N PRO C 667 1.95 -13.83 22.55
CA PRO C 667 1.00 -14.55 21.67
C PRO C 667 1.31 -14.44 20.19
N GLY C 668 1.45 -15.59 19.53
CA GLY C 668 1.70 -15.66 18.11
C GLY C 668 3.16 -15.91 17.75
N LEU C 669 4.07 -15.75 18.70
CA LEU C 669 5.49 -15.92 18.40
C LEU C 669 5.81 -17.34 17.98
N SER C 670 5.13 -18.33 18.56
CA SER C 670 5.25 -19.72 18.16
C SER C 670 4.02 -20.45 18.65
N ILE C 671 3.96 -21.75 18.36
CA ILE C 671 2.78 -22.54 18.71
C ILE C 671 2.80 -22.88 20.20
N THR C 672 3.93 -23.36 20.70
CA THR C 672 4.10 -23.71 22.11
C THR C 672 5.36 -23.05 22.64
N GLY C 673 5.39 -22.84 23.96
CA GLY C 673 6.54 -22.25 24.59
C GLY C 673 7.77 -23.15 24.51
N GLY C 674 8.85 -22.67 25.14
CA GLY C 674 10.14 -23.29 24.99
C GLY C 674 10.78 -22.94 23.67
N PHE C 675 11.92 -23.56 23.40
CA PHE C 675 12.62 -23.18 22.18
C PHE C 675 12.25 -24.10 21.02
N GLU C 676 12.73 -23.73 19.84
CA GLU C 676 12.52 -24.45 18.60
C GLU C 676 13.64 -24.05 17.64
N MET C 677 14.17 -25.04 16.92
CA MET C 677 15.40 -24.87 16.19
C MET C 677 15.43 -25.89 15.07
N TYR C 678 15.92 -25.50 13.91
CA TYR C 678 16.01 -26.37 12.76
C TYR C 678 17.46 -26.71 12.49
N VAL C 679 17.79 -28.00 12.59
CA VAL C 679 19.08 -28.54 12.20
C VAL C 679 19.02 -28.93 10.72
N GLN C 680 19.81 -28.24 9.90
CA GLN C 680 19.67 -28.28 8.45
C GLN C 680 20.95 -28.83 7.82
N ASN C 681 20.79 -29.76 6.89
CA ASN C 681 21.90 -30.40 6.21
C ASN C 681 22.22 -29.65 4.92
N LYS C 682 23.51 -29.64 4.56
CA LYS C 682 23.96 -28.89 3.40
C LYS C 682 24.83 -29.73 2.46
N SER C 683 24.75 -31.05 2.57
CA SER C 683 25.40 -31.95 1.63
C SER C 683 24.40 -32.95 1.05
N GLY C 684 23.14 -32.55 0.95
CA GLY C 684 22.12 -33.32 0.27
C GLY C 684 21.92 -34.75 0.75
N LYS C 685 22.34 -35.06 1.98
CA LYS C 685 22.11 -36.39 2.51
C LYS C 685 20.61 -36.68 2.64
N SER C 686 20.28 -37.96 2.64
CA SER C 686 18.88 -38.36 2.73
C SER C 686 18.36 -38.11 4.15
N TYR C 687 17.04 -38.00 4.25
CA TYR C 687 16.43 -37.86 5.56
C TYR C 687 16.67 -39.08 6.44
N ASP C 688 16.99 -40.22 5.83
CA ASP C 688 17.45 -41.36 6.61
C ASP C 688 18.82 -41.10 7.23
N GLU C 689 19.66 -40.30 6.57
CA GLU C 689 20.91 -39.88 7.17
C GLU C 689 20.67 -38.78 8.21
N ILE C 690 19.91 -37.76 7.84
CA ILE C 690 19.62 -36.65 8.76
C ILE C 690 19.05 -37.18 10.06
N GLN C 691 18.12 -38.14 9.96
CA GLN C 691 17.45 -38.68 11.14
C GLN C 691 18.47 -39.22 12.14
N LYS C 692 19.45 -39.98 11.66
CA LYS C 692 20.46 -40.56 12.55
C LYS C 692 21.28 -39.47 13.23
N ASP C 693 21.73 -38.47 12.46
CA ASP C 693 22.59 -37.44 13.02
C ASP C 693 21.85 -36.53 13.98
N VAL C 694 20.56 -36.29 13.72
CA VAL C 694 19.77 -35.45 14.60
C VAL C 694 19.51 -36.16 15.92
N ASN C 695 19.18 -37.45 15.85
CA ASN C 695 18.99 -38.26 17.05
C ASN C 695 20.23 -38.23 17.94
N LYS C 696 21.42 -38.09 17.34
CA LYS C 696 22.63 -37.89 18.12
C LYS C 696 22.55 -36.62 18.95
N LEU C 697 22.26 -35.49 18.30
CA LEU C 697 22.11 -34.22 18.99
C LEU C 697 21.08 -34.31 20.11
N VAL C 698 19.92 -34.88 19.82
CA VAL C 698 18.83 -34.95 20.81
C VAL C 698 19.28 -35.72 22.05
N ALA C 699 19.97 -36.85 21.85
CA ALA C 699 20.40 -37.65 22.98
C ALA C 699 21.43 -36.90 23.82
N ALA C 700 22.38 -36.22 23.17
CA ALA C 700 23.32 -35.39 23.90
C ALA C 700 22.63 -34.17 24.52
N ALA C 701 21.62 -33.63 23.85
CA ALA C 701 20.92 -32.46 24.37
C ALA C 701 20.15 -32.78 25.65
N ASN C 702 19.67 -34.02 25.81
CA ASN C 702 18.89 -34.37 26.99
C ASN C 702 19.76 -34.74 28.17
N GLN C 703 21.01 -35.15 27.93
CA GLN C 703 21.97 -35.29 29.02
C GLN C 703 22.39 -33.94 29.59
N ARG C 704 22.03 -32.85 28.94
CA ARG C 704 22.38 -31.52 29.41
C ARG C 704 21.57 -31.14 30.64
N LYS C 705 22.24 -30.54 31.63
CA LYS C 705 21.55 -30.15 32.85
C LYS C 705 20.64 -28.95 32.63
N GLU C 706 20.88 -28.17 31.59
CA GLU C 706 20.10 -26.96 31.33
C GLU C 706 18.82 -27.23 30.55
N LEU C 707 18.63 -28.42 30.00
CA LEU C 707 17.60 -28.68 29.02
C LEU C 707 16.62 -29.74 29.53
N SER C 708 15.42 -29.73 28.95
CA SER C 708 14.35 -30.64 29.35
C SER C 708 13.53 -31.04 28.13
N ARG C 709 13.31 -32.35 27.98
CA ARG C 709 12.43 -32.91 26.96
C ARG C 709 12.75 -32.38 25.56
N VAL C 710 13.99 -32.60 25.14
CA VAL C 710 14.37 -32.34 23.76
C VAL C 710 13.95 -33.51 22.90
N ARG C 711 13.28 -33.21 21.78
CA ARG C 711 12.88 -34.21 20.81
C ARG C 711 13.05 -33.63 19.42
N THR C 712 12.97 -34.48 18.42
CA THR C 712 12.83 -34.04 17.05
C THR C 712 11.51 -34.55 16.49
N THR C 713 11.01 -33.86 15.48
CA THR C 713 9.78 -34.27 14.83
C THR C 713 10.02 -35.20 13.65
N LEU C 714 11.25 -35.23 13.13
CA LEU C 714 11.58 -36.12 12.03
C LEU C 714 11.41 -37.58 12.45
N ASP C 715 10.55 -38.29 11.73
CA ASP C 715 10.31 -39.72 11.97
C ASP C 715 10.32 -40.41 10.60
N THR C 716 11.44 -41.06 10.28
CA THR C 716 11.59 -41.78 9.03
C THR C 716 11.19 -43.25 9.16
N THR C 717 10.63 -43.64 10.30
CA THR C 717 10.36 -45.04 10.60
C THR C 717 8.90 -45.43 10.44
N PHE C 718 8.15 -44.69 9.62
CA PHE C 718 6.78 -45.10 9.31
C PHE C 718 6.81 -46.25 8.31
N PRO C 719 6.13 -47.37 8.60
CA PRO C 719 6.09 -48.47 7.64
C PRO C 719 5.16 -48.14 6.48
N GLN C 720 5.71 -48.14 5.26
CA GLN C 720 4.98 -47.75 4.06
C GLN C 720 5.13 -48.85 3.01
N TYR C 721 4.10 -49.68 2.86
CA TYR C 721 4.08 -50.67 1.80
C TYR C 721 3.79 -49.98 0.47
N LYS C 722 4.28 -50.59 -0.61
CA LYS C 722 4.00 -50.04 -1.94
C LYS C 722 3.80 -51.18 -2.92
N LEU C 723 2.78 -51.04 -3.76
CA LEU C 723 2.46 -52.03 -4.78
C LEU C 723 3.30 -51.76 -6.01
N ILE C 724 4.32 -52.59 -6.24
CA ILE C 724 5.04 -52.54 -7.50
C ILE C 724 4.15 -53.09 -8.59
N ILE C 725 4.31 -52.57 -9.82
CA ILE C 725 3.43 -52.93 -10.93
C ILE C 725 4.24 -53.60 -12.04
N ASP C 726 3.72 -54.70 -12.55
CA ASP C 726 4.35 -55.44 -13.64
C ASP C 726 3.91 -54.79 -14.95
N ARG C 727 4.81 -53.97 -15.53
CA ARG C 727 4.50 -53.32 -16.79
C ARG C 727 4.26 -54.33 -17.90
N ASP C 728 4.92 -55.49 -17.83
CA ASP C 728 4.78 -56.50 -18.89
C ASP C 728 3.51 -57.31 -18.71
N LYS C 729 3.19 -57.69 -17.47
CA LYS C 729 1.93 -58.38 -17.23
C LYS C 729 0.72 -57.47 -17.37
N LEU C 730 0.90 -56.15 -17.21
CA LEU C 730 -0.24 -55.25 -17.35
C LEU C 730 -0.73 -55.20 -18.80
N LYS C 731 0.18 -55.30 -19.78
CA LYS C 731 -0.20 -55.32 -21.19
C LYS C 731 -0.52 -56.74 -21.66
N HIS C 732 0.24 -57.73 -21.18
CA HIS C 732 -0.09 -59.13 -21.41
C HIS C 732 -1.57 -59.39 -21.15
N TYR C 733 -2.04 -58.96 -19.98
CA TYR C 733 -3.43 -59.11 -19.59
C TYR C 733 -4.35 -58.12 -20.31
N ASN C 734 -3.79 -57.25 -21.16
CA ASN C 734 -4.56 -56.26 -21.93
C ASN C 734 -5.41 -55.39 -21.00
N LEU C 735 -4.76 -54.81 -20.01
CA LEU C 735 -5.44 -54.02 -18.99
C LEU C 735 -5.19 -52.53 -19.21
N ASN C 736 -6.25 -51.74 -19.09
CA ASN C 736 -6.15 -50.30 -19.23
C ASN C 736 -5.70 -49.68 -17.91
N MET C 737 -4.60 -48.94 -17.96
CA MET C 737 -3.90 -48.53 -16.75
C MET C 737 -4.72 -47.57 -15.90
N GLN C 738 -5.28 -46.53 -16.53
CA GLN C 738 -6.08 -45.57 -15.78
C GLN C 738 -7.21 -46.27 -15.02
N ASP C 739 -7.81 -47.28 -15.64
CA ASP C 739 -8.82 -48.07 -14.96
C ASP C 739 -8.25 -48.83 -13.77
N VAL C 740 -6.95 -49.13 -13.81
CA VAL C 740 -6.33 -49.86 -12.70
C VAL C 740 -6.22 -48.97 -11.48
N PHE C 741 -5.80 -47.72 -11.67
CA PHE C 741 -5.61 -46.81 -10.54
C PHE C 741 -6.93 -46.37 -9.94
N ASN C 742 -7.94 -46.15 -10.78
CA ASN C 742 -9.28 -45.86 -10.26
C ASN C 742 -9.79 -46.98 -9.38
N THR C 743 -9.75 -48.23 -9.89
CA THR C 743 -10.14 -49.38 -9.09
C THR C 743 -9.34 -49.45 -7.79
N MET C 744 -8.07 -49.05 -7.83
CA MET C 744 -7.28 -48.98 -6.61
C MET C 744 -7.86 -47.97 -5.63
N ASN C 745 -7.97 -46.71 -6.06
CA ASN C 745 -8.45 -45.65 -5.19
C ASN C 745 -9.91 -45.84 -4.78
N ALA C 746 -10.72 -46.54 -5.58
CA ALA C 746 -12.10 -46.81 -5.21
C ALA C 746 -12.23 -47.91 -4.16
N THR C 747 -11.15 -48.62 -3.85
CA THR C 747 -11.20 -49.72 -2.89
C THR C 747 -10.35 -49.42 -1.66
N ILE C 748 -9.02 -49.38 -1.79
CA ILE C 748 -8.16 -49.25 -0.63
C ILE C 748 -8.14 -47.81 -0.13
N GLY C 749 -7.96 -46.85 -1.03
CA GLY C 749 -8.08 -45.45 -0.72
C GLY C 749 -9.49 -44.96 -0.96
N THR C 750 -9.60 -43.65 -1.17
CA THR C 750 -10.88 -43.02 -1.48
C THR C 750 -10.81 -42.43 -2.87
N TYR C 751 -11.87 -42.63 -3.65
CA TYR C 751 -11.99 -42.06 -4.98
C TYR C 751 -13.01 -40.93 -4.97
N TYR C 752 -12.65 -39.78 -5.55
CA TYR C 752 -13.55 -38.65 -5.67
C TYR C 752 -14.17 -38.66 -7.06
N VAL C 753 -15.50 -38.75 -7.11
CA VAL C 753 -16.22 -38.70 -8.38
C VAL C 753 -16.60 -37.25 -8.69
N ASN C 754 -17.71 -36.80 -8.10
CA ASN C 754 -18.26 -35.47 -8.35
C ASN C 754 -18.95 -35.02 -7.08
N ASP C 755 -19.82 -34.01 -7.18
CA ASP C 755 -20.49 -33.46 -6.01
C ASP C 755 -21.95 -33.19 -6.32
N PHE C 756 -22.71 -32.90 -5.25
CA PHE C 756 -24.14 -32.62 -5.35
C PHE C 756 -24.53 -31.70 -4.19
N SER C 757 -25.68 -31.05 -4.34
CA SER C 757 -26.17 -30.09 -3.36
C SER C 757 -27.38 -30.65 -2.64
N MET C 758 -27.42 -30.46 -1.33
CA MET C 758 -28.49 -30.97 -0.48
C MET C 758 -28.46 -30.22 0.84
N LEU C 759 -29.64 -30.05 1.44
CA LEU C 759 -29.83 -29.36 2.72
C LEU C 759 -29.38 -27.90 2.68
N GLY C 760 -29.18 -27.34 1.49
CA GLY C 760 -28.59 -26.03 1.36
C GLY C 760 -27.06 -26.02 1.30
N LYS C 761 -26.43 -27.18 1.43
CA LYS C 761 -24.98 -27.28 1.38
C LYS C 761 -24.55 -28.15 0.21
N ASN C 762 -23.26 -28.05 -0.14
CA ASN C 762 -22.67 -28.78 -1.25
C ASN C 762 -21.77 -29.88 -0.71
N PHE C 763 -21.87 -31.08 -1.28
CA PHE C 763 -21.26 -32.27 -0.70
C PHE C 763 -20.48 -33.05 -1.75
N GLN C 764 -19.33 -33.57 -1.32
CA GLN C 764 -18.54 -34.48 -2.15
C GLN C 764 -19.16 -35.87 -2.16
N VAL C 765 -18.89 -36.61 -3.23
CA VAL C 765 -19.35 -37.99 -3.38
C VAL C 765 -18.11 -38.87 -3.52
N ASN C 766 -17.93 -39.79 -2.57
CA ASN C 766 -16.73 -40.61 -2.52
C ASN C 766 -17.07 -42.09 -2.54
N ILE C 767 -16.32 -42.84 -3.34
CA ILE C 767 -16.42 -44.29 -3.43
C ILE C 767 -15.31 -44.90 -2.59
N ARG C 768 -15.63 -45.92 -1.82
CA ARG C 768 -14.63 -46.65 -1.04
C ARG C 768 -15.17 -48.04 -0.74
N ALA C 769 -14.30 -49.05 -0.87
CA ALA C 769 -14.70 -50.42 -0.59
C ALA C 769 -14.64 -50.68 0.91
N LYS C 770 -15.65 -51.38 1.41
CA LYS C 770 -15.77 -51.71 2.82
C LYS C 770 -15.41 -53.17 3.11
N GLY C 771 -14.71 -53.82 2.18
CA GLY C 771 -14.34 -55.21 2.36
C GLY C 771 -13.46 -55.46 3.57
N ASP C 772 -13.69 -56.60 4.21
CA ASP C 772 -12.91 -57.03 5.36
C ASP C 772 -11.49 -57.37 4.90
N PHE C 773 -10.50 -56.60 5.33
CA PHE C 773 -9.12 -56.87 4.95
C PHE C 773 -8.53 -57.88 5.94
N ARG C 774 -8.57 -59.17 5.57
CA ARG C 774 -7.79 -60.17 6.28
C ARG C 774 -6.32 -59.81 6.29
N ASN C 775 -5.85 -59.19 5.21
CA ASN C 775 -4.55 -58.58 5.05
C ASN C 775 -4.60 -57.83 3.72
N THR C 776 -3.46 -57.59 3.09
CA THR C 776 -3.49 -56.95 1.79
C THR C 776 -3.22 -57.89 0.63
N GLN C 777 -2.37 -58.90 0.83
CA GLN C 777 -2.06 -59.85 -0.23
C GLN C 777 -3.22 -60.78 -0.56
N ASP C 778 -4.27 -60.81 0.25
CA ASP C 778 -5.52 -61.48 -0.11
C ASP C 778 -6.63 -60.51 -0.48
N ALA C 779 -6.61 -59.29 0.07
CA ALA C 779 -7.48 -58.24 -0.44
C ALA C 779 -7.18 -57.95 -1.90
N LEU C 780 -5.94 -58.19 -2.34
CA LEU C 780 -5.57 -58.10 -3.75
C LEU C 780 -6.18 -59.20 -4.60
N LYS C 781 -7.01 -60.07 -4.03
CA LYS C 781 -7.60 -61.18 -4.77
C LYS C 781 -9.09 -61.03 -5.02
N ASN C 782 -9.81 -60.26 -4.21
CA ASN C 782 -11.22 -60.01 -4.42
C ASN C 782 -11.49 -58.75 -5.24
N ILE C 783 -10.47 -57.96 -5.54
CA ILE C 783 -10.62 -56.70 -6.26
C ILE C 783 -10.22 -56.94 -7.70
N PHE C 784 -11.19 -56.96 -8.60
CA PHE C 784 -10.95 -57.22 -10.01
C PHE C 784 -11.13 -55.95 -10.83
N VAL C 785 -10.53 -55.96 -12.02
CA VAL C 785 -10.70 -54.89 -13.00
C VAL C 785 -10.57 -55.50 -14.40
N ARG C 786 -11.60 -55.31 -15.22
CA ARG C 786 -11.70 -56.05 -16.47
C ARG C 786 -10.76 -55.50 -17.53
N SER C 787 -10.25 -56.41 -18.35
CA SER C 787 -9.33 -56.05 -19.42
C SER C 787 -10.08 -55.44 -20.59
N ASN C 788 -9.31 -54.95 -21.56
CA ASN C 788 -9.92 -54.41 -22.78
C ASN C 788 -10.65 -55.48 -23.58
N ASP C 789 -10.33 -56.76 -23.37
CA ASP C 789 -11.00 -57.88 -24.03
C ASP C 789 -11.86 -58.67 -23.06
N GLY C 790 -12.58 -57.98 -22.17
CA GLY C 790 -13.65 -58.56 -21.40
C GLY C 790 -13.26 -59.41 -20.22
N LYS C 791 -12.00 -59.80 -20.10
CA LYS C 791 -11.59 -60.72 -19.04
C LYS C 791 -11.25 -59.95 -17.76
N MET C 792 -11.71 -60.48 -16.63
CA MET C 792 -11.62 -59.79 -15.34
C MET C 792 -10.40 -60.31 -14.57
N ILE C 793 -9.48 -59.40 -14.26
CA ILE C 793 -8.15 -59.74 -13.79
C ILE C 793 -7.99 -59.24 -12.36
N PRO C 794 -7.63 -60.10 -11.42
CA PRO C 794 -7.37 -59.63 -10.06
C PRO C 794 -6.11 -58.78 -10.00
N LEU C 795 -6.05 -57.93 -8.97
CA LEU C 795 -4.94 -56.98 -8.88
C LEU C 795 -3.61 -57.68 -8.60
N ASP C 796 -3.62 -58.78 -7.87
CA ASP C 796 -2.37 -59.49 -7.58
C ASP C 796 -1.88 -60.33 -8.75
N SER C 797 -2.56 -60.30 -9.90
CA SER C 797 -1.99 -60.90 -11.10
C SER C 797 -0.79 -60.11 -11.59
N PHE C 798 -0.79 -58.80 -11.36
CA PHE C 798 0.21 -57.90 -11.91
C PHE C 798 0.80 -56.94 -10.88
N LEU C 799 0.25 -56.87 -9.67
CA LEU C 799 0.73 -55.97 -8.64
C LEU C 799 1.36 -56.80 -7.52
N THR C 800 2.62 -56.52 -7.21
CA THR C 800 3.33 -57.18 -6.14
C THR C 800 3.56 -56.20 -5.00
N LEU C 801 3.44 -56.70 -3.78
CA LEU C 801 3.39 -55.88 -2.57
C LEU C 801 4.74 -55.90 -1.89
N GLN C 802 5.38 -54.74 -1.81
CA GLN C 802 6.77 -54.62 -1.36
C GLN C 802 6.83 -53.69 -0.14
N ARG C 803 7.45 -54.18 0.93
CA ARG C 803 7.51 -53.44 2.18
C ARG C 803 8.62 -52.41 2.16
N SER C 804 8.33 -51.24 2.73
CA SER C 804 9.30 -50.15 2.80
C SER C 804 8.96 -49.29 4.00
N SER C 805 9.94 -48.48 4.43
CA SER C 805 9.79 -47.61 5.59
C SER C 805 10.20 -46.19 5.21
N GLY C 806 9.33 -45.23 5.47
CA GLY C 806 9.57 -43.88 5.03
C GLY C 806 9.12 -42.79 5.98
N PRO C 807 9.61 -41.57 5.74
CA PRO C 807 9.15 -40.42 6.52
C PRO C 807 7.69 -40.12 6.24
N ASP C 808 7.00 -39.61 7.28
CA ASP C 808 5.63 -39.13 7.09
C ASP C 808 5.65 -37.75 6.45
N ASP C 809 6.30 -36.79 7.09
CA ASP C 809 6.51 -35.45 6.53
C ASP C 809 8.00 -35.27 6.26
N VAL C 810 8.33 -34.07 5.81
CA VAL C 810 9.68 -33.66 5.41
C VAL C 810 9.72 -32.15 5.45
N LYS C 811 10.72 -31.58 6.09
CA LYS C 811 10.79 -30.14 6.28
C LYS C 811 12.04 -29.57 5.64
N ARG C 812 11.88 -28.46 4.95
CA ARG C 812 12.98 -27.61 4.52
C ARG C 812 12.89 -26.28 5.25
N PHE C 813 14.05 -25.79 5.71
CA PHE C 813 14.13 -24.53 6.43
C PHE C 813 15.26 -23.72 5.81
N ASN C 814 14.91 -22.56 5.25
CA ASN C 814 15.88 -21.68 4.59
C ASN C 814 16.61 -22.42 3.47
N LEU C 815 15.84 -23.05 2.59
CA LEU C 815 16.31 -23.70 1.36
C LEU C 815 17.10 -24.97 1.61
N PHE C 816 17.04 -25.56 2.81
CA PHE C 816 17.79 -26.78 3.06
C PHE C 816 16.90 -27.84 3.69
N PRO C 817 17.09 -29.12 3.36
CA PRO C 817 16.44 -30.19 4.12
C PRO C 817 16.88 -30.15 5.57
N ALA C 818 15.93 -30.30 6.49
CA ALA C 818 16.23 -29.98 7.87
C ALA C 818 15.28 -30.71 8.80
N ALA C 819 15.79 -31.11 9.96
CA ALA C 819 14.96 -31.66 11.02
C ALA C 819 14.61 -30.57 12.02
N GLN C 820 13.37 -30.64 12.53
CA GLN C 820 12.87 -29.70 13.52
C GLN C 820 13.17 -30.23 14.91
N VAL C 821 13.79 -29.40 15.75
CA VAL C 821 14.20 -29.79 17.09
C VAL C 821 13.55 -28.84 18.09
N GLN C 822 12.91 -29.40 19.12
CA GLN C 822 12.22 -28.62 20.12
C GLN C 822 12.69 -29.05 21.51
N GLY C 823 12.49 -28.16 22.48
CA GLY C 823 12.86 -28.46 23.85
C GLY C 823 12.58 -27.25 24.73
N GLN C 824 12.81 -27.43 26.01
CA GLN C 824 12.63 -26.40 27.03
C GLN C 824 13.89 -26.32 27.88
N PRO C 825 14.14 -25.15 28.49
CA PRO C 825 15.15 -25.10 29.54
C PRO C 825 14.71 -25.95 30.72
N ALA C 826 15.68 -26.54 31.40
CA ALA C 826 15.38 -27.27 32.62
C ALA C 826 14.79 -26.33 33.64
N PRO C 827 14.00 -26.83 34.59
CA PRO C 827 13.52 -25.98 35.69
C PRO C 827 14.67 -25.24 36.36
N GLY C 828 14.49 -23.92 36.51
CA GLY C 828 15.50 -23.09 37.11
C GLY C 828 16.50 -22.49 36.15
N TYR C 829 16.48 -22.88 34.88
CA TYR C 829 17.37 -22.36 33.85
C TYR C 829 16.58 -21.47 32.91
N THR C 830 17.30 -20.61 32.19
CA THR C 830 16.65 -19.57 31.40
C THR C 830 16.69 -19.89 29.91
N SER C 831 15.84 -19.20 29.16
CA SER C 831 15.80 -19.34 27.70
C SER C 831 17.16 -19.16 27.07
N GLY C 832 18.00 -18.26 27.60
CA GLY C 832 19.34 -18.11 27.04
C GLY C 832 20.26 -19.28 27.41
N GLN C 833 20.12 -19.80 28.63
CA GLN C 833 20.89 -20.99 29.01
C GLN C 833 20.52 -22.18 28.14
N ALA C 834 19.23 -22.38 27.88
CA ALA C 834 18.79 -23.43 26.97
C ALA C 834 19.40 -23.25 25.59
N ILE C 835 19.32 -22.03 25.05
CA ILE C 835 19.89 -21.74 23.73
C ILE C 835 21.39 -21.99 23.73
N GLU C 836 22.10 -21.51 24.75
CA GLU C 836 23.53 -21.75 24.84
C GLU C 836 23.84 -23.23 24.93
N ALA C 837 23.07 -23.98 25.71
CA ALA C 837 23.28 -25.41 25.84
C ALA C 837 23.10 -26.13 24.51
N ILE C 838 21.95 -25.91 23.85
CA ILE C 838 21.67 -26.53 22.56
C ILE C 838 22.78 -26.23 21.56
N ALA C 839 23.22 -24.96 21.51
CA ALA C 839 24.25 -24.59 20.54
C ALA C 839 25.59 -25.25 20.85
N GLN C 840 25.89 -25.45 22.13
CA GLN C 840 27.08 -26.21 22.51
C GLN C 840 26.96 -27.65 22.08
N VAL C 841 25.77 -28.24 22.24
CA VAL C 841 25.57 -29.66 21.96
C VAL C 841 25.79 -29.95 20.48
N ALA C 842 25.22 -29.12 19.60
CA ALA C 842 25.39 -29.31 18.17
C ALA C 842 26.84 -29.13 17.76
N LYS C 843 27.51 -28.11 18.31
CA LYS C 843 28.94 -27.93 18.09
C LYS C 843 29.70 -29.21 18.40
N GLU C 844 29.25 -29.95 19.42
CA GLU C 844 29.82 -31.25 19.72
C GLU C 844 29.24 -32.35 18.83
N THR C 845 27.91 -32.38 18.70
CA THR C 845 27.25 -33.55 18.14
C THR C 845 27.28 -33.60 16.62
N LEU C 846 27.41 -32.46 15.95
CA LEU C 846 27.07 -32.36 14.54
C LEU C 846 28.28 -32.10 13.67
N GLY C 847 28.32 -32.78 12.52
CA GLY C 847 29.33 -32.49 11.52
C GLY C 847 29.04 -31.21 10.76
N ASP C 848 30.10 -30.54 10.30
CA ASP C 848 29.98 -29.18 9.83
C ASP C 848 29.33 -29.05 8.45
N ASP C 849 28.86 -30.14 7.84
CA ASP C 849 27.95 -29.99 6.72
C ASP C 849 26.52 -29.75 7.19
N TYR C 850 26.34 -29.48 8.48
CA TYR C 850 25.06 -29.13 9.08
C TYR C 850 25.13 -27.72 9.65
N SER C 851 23.98 -27.08 9.73
CA SER C 851 23.84 -25.81 10.43
C SER C 851 22.56 -25.86 11.26
N ILE C 852 22.33 -24.79 12.01
CA ILE C 852 21.37 -24.82 13.10
C ILE C 852 20.69 -23.46 13.18
N ALA C 853 19.50 -23.36 12.56
CA ALA C 853 18.78 -22.10 12.46
C ALA C 853 17.68 -22.03 13.52
N TRP C 854 17.56 -20.86 14.14
CA TRP C 854 16.57 -20.64 15.17
C TRP C 854 15.29 -20.05 14.58
N SER C 855 14.17 -20.33 15.26
CA SER C 855 12.89 -19.73 14.92
C SER C 855 12.20 -19.34 16.21
N GLY C 856 11.09 -18.62 16.08
CA GLY C 856 10.27 -18.28 17.22
C GLY C 856 10.99 -17.39 18.24
N SER C 857 10.67 -17.66 19.52
CA SER C 857 11.22 -16.85 20.60
C SER C 857 12.74 -16.90 20.64
N ALA C 858 13.33 -18.04 20.28
CA ALA C 858 14.78 -18.16 20.32
C ALA C 858 15.44 -17.31 19.24
N TYR C 859 14.83 -17.23 18.06
CA TYR C 859 15.31 -16.33 17.01
C TYR C 859 15.42 -14.90 17.54
N GLN C 860 14.31 -14.37 18.05
CA GLN C 860 14.31 -13.02 18.62
C GLN C 860 15.44 -12.84 19.63
N GLU C 861 15.62 -13.83 20.50
CA GLU C 861 16.60 -13.70 21.57
C GLU C 861 18.03 -13.82 21.03
N VAL C 862 18.28 -14.80 20.17
CA VAL C 862 19.61 -14.96 19.59
C VAL C 862 19.99 -13.73 18.77
N SER C 863 19.05 -13.24 17.95
CA SER C 863 19.38 -12.16 17.02
C SER C 863 19.61 -10.83 17.73
N SER C 864 18.91 -10.59 18.83
CA SER C 864 19.08 -9.35 19.59
C SER C 864 20.22 -9.44 20.60
N LYS C 865 21.15 -10.38 20.41
CA LYS C 865 22.15 -10.67 21.41
C LYS C 865 23.07 -9.47 21.64
N GLY C 866 23.13 -9.01 22.88
CA GLY C 866 24.09 -7.97 23.26
C GLY C 866 23.88 -6.64 22.59
N THR C 867 22.63 -6.27 22.33
CA THR C 867 22.32 -4.95 21.79
C THR C 867 21.96 -3.94 22.86
N ALA C 868 21.85 -4.36 24.12
CA ALA C 868 21.57 -3.42 25.21
C ALA C 868 22.74 -2.48 25.45
N SER C 869 23.96 -2.90 25.13
CA SER C 869 25.12 -2.02 25.26
C SER C 869 24.95 -0.74 24.45
N TYR C 870 24.26 -0.82 23.31
CA TYR C 870 24.16 0.32 22.40
C TYR C 870 23.19 1.37 22.92
N ALA C 871 22.01 0.95 23.37
CA ALA C 871 21.02 1.91 23.87
C ALA C 871 21.50 2.59 25.13
N PHE C 872 22.17 1.84 26.01
CA PHE C 872 22.67 2.42 27.27
C PHE C 872 23.73 3.47 26.99
N ALA C 873 24.78 3.10 26.24
CA ALA C 873 25.83 4.05 25.88
C ALA C 873 25.25 5.28 25.20
N LEU C 874 24.24 5.08 24.34
CA LEU C 874 23.60 6.20 23.66
C LEU C 874 23.03 7.19 24.66
N GLY C 875 22.19 6.72 25.59
CA GLY C 875 21.54 7.61 26.51
C GLY C 875 22.49 8.29 27.49
N MET C 876 23.58 7.61 27.85
CA MET C 876 24.58 8.23 28.71
C MET C 876 25.31 9.34 27.99
N ILE C 877 25.68 9.11 26.72
CA ILE C 877 26.33 10.15 25.93
C ILE C 877 25.43 11.38 25.82
N PHE C 878 24.13 11.17 25.64
CA PHE C 878 23.23 12.29 25.45
C PHE C 878 22.80 12.93 26.77
N VAL C 879 22.85 12.20 27.87
CA VAL C 879 22.67 12.85 29.18
C VAL C 879 23.87 13.75 29.47
N PHE C 880 25.07 13.25 29.19
CA PHE C 880 26.29 14.02 29.41
C PHE C 880 26.26 15.34 28.66
N LEU C 881 26.10 15.27 27.33
CA LEU C 881 26.19 16.48 26.52
C LEU C 881 25.09 17.47 26.86
N ILE C 882 23.86 16.98 27.04
CA ILE C 882 22.73 17.87 27.28
C ILE C 882 22.93 18.62 28.59
N LEU C 883 23.51 17.96 29.58
CA LEU C 883 23.81 18.63 30.85
C LEU C 883 24.95 19.62 30.69
N ALA C 884 26.06 19.18 30.08
CA ALA C 884 27.20 20.07 29.88
C ALA C 884 26.79 21.37 29.22
N ALA C 885 25.88 21.31 28.24
CA ALA C 885 25.37 22.52 27.63
C ALA C 885 24.61 23.37 28.65
N GLN C 886 23.64 22.76 29.33
CA GLN C 886 22.77 23.51 30.24
C GLN C 886 23.55 24.20 31.36
N TYR C 887 24.71 23.65 31.72
CA TYR C 887 25.49 24.18 32.83
C TYR C 887 26.84 24.75 32.40
N GLU C 888 27.15 24.75 31.11
CA GLU C 888 28.32 25.42 30.55
C GLU C 888 29.63 24.96 31.22
N ARG C 889 29.62 23.76 31.78
CA ARG C 889 30.83 23.13 32.29
C ARG C 889 30.88 21.68 31.83
N TRP C 890 32.07 21.24 31.42
CA TRP C 890 32.27 19.85 31.02
C TRP C 890 32.36 18.94 32.23
N LEU C 891 33.22 19.28 33.19
CA LEU C 891 33.54 18.40 34.29
C LEU C 891 32.36 18.17 35.23
N ILE C 892 31.35 19.04 35.19
CA ILE C 892 30.30 19.02 36.21
C ILE C 892 29.22 17.98 35.91
N PRO C 893 28.79 17.78 34.66
CA PRO C 893 28.00 16.58 34.38
C PRO C 893 28.79 15.30 34.48
N LEU C 894 30.12 15.37 34.44
CA LEU C 894 30.94 14.20 34.70
C LEU C 894 30.76 13.71 36.13
N ALA C 895 30.23 14.54 37.03
CA ALA C 895 29.86 14.15 38.38
C ALA C 895 28.40 13.70 38.51
N VAL C 896 27.51 14.18 37.65
CA VAL C 896 26.15 13.66 37.64
C VAL C 896 26.13 12.25 37.07
N VAL C 897 27.00 11.99 36.09
CA VAL C 897 27.07 10.68 35.44
C VAL C 897 27.66 9.62 36.36
N THR C 898 28.44 10.00 37.37
CA THR C 898 29.00 9.03 38.30
C THR C 898 27.98 8.42 39.24
N ALA C 899 26.72 8.86 39.22
CA ALA C 899 25.70 8.22 40.04
C ALA C 899 25.17 6.94 39.41
N VAL C 900 25.22 6.85 38.08
CA VAL C 900 24.56 5.74 37.39
C VAL C 900 25.12 4.38 37.77
N PRO C 901 26.43 4.18 37.95
CA PRO C 901 26.91 2.85 38.38
C PRO C 901 26.23 2.34 39.64
N PHE C 902 25.85 3.23 40.56
CA PHE C 902 25.11 2.80 41.74
C PHE C 902 23.74 2.27 41.37
N ALA C 903 23.11 2.86 40.35
CA ALA C 903 21.83 2.34 39.87
C ALA C 903 21.98 0.94 39.30
N VAL C 904 23.01 0.71 38.49
CA VAL C 904 23.15 -0.60 37.87
C VAL C 904 23.72 -1.61 38.86
N PHE C 905 24.47 -1.17 39.88
CA PHE C 905 24.87 -2.09 40.94
C PHE C 905 23.66 -2.52 41.76
N GLY C 906 22.90 -1.55 42.26
CA GLY C 906 21.72 -1.90 43.04
C GLY C 906 20.68 -2.65 42.26
N SER C 907 20.60 -2.42 40.94
CA SER C 907 19.61 -3.12 40.13
C SER C 907 20.06 -4.54 39.81
N PHE C 908 21.34 -4.72 39.50
CA PHE C 908 21.86 -6.07 39.30
C PHE C 908 21.84 -6.88 40.59
N LEU C 909 22.24 -6.25 41.69
CA LEU C 909 22.40 -6.99 42.95
C LEU C 909 21.07 -7.58 43.41
N LEU C 910 19.98 -6.83 43.26
CA LEU C 910 18.68 -7.36 43.69
C LEU C 910 18.23 -8.52 42.82
N VAL C 911 18.24 -8.34 41.50
CA VAL C 911 17.82 -9.42 40.61
C VAL C 911 18.75 -10.62 40.75
N TYR C 912 19.97 -10.42 41.23
CA TYR C 912 20.85 -11.53 41.55
C TYR C 912 20.33 -12.29 42.76
N LEU C 913 20.22 -11.60 43.90
CA LEU C 913 19.70 -12.21 45.12
C LEU C 913 18.39 -12.94 44.88
N ARG C 914 17.52 -12.37 44.05
CA ARG C 914 16.20 -12.92 43.82
C ARG C 914 16.17 -13.97 42.71
N GLY C 915 17.31 -14.31 42.12
CA GLY C 915 17.36 -15.33 41.10
C GLY C 915 16.73 -14.93 39.77
N PHE C 916 16.41 -13.66 39.58
CA PHE C 916 15.84 -13.21 38.32
C PHE C 916 16.92 -13.16 37.24
N SER C 917 16.53 -12.72 36.05
CA SER C 917 17.42 -12.77 34.89
C SER C 917 17.45 -11.44 34.18
N ASN C 918 18.50 -11.26 33.38
CA ASN C 918 18.78 -10.05 32.61
C ASN C 918 17.99 -10.11 31.30
N ASP C 919 16.72 -9.68 31.35
CA ASP C 919 15.86 -9.69 30.18
C ASP C 919 15.47 -8.27 29.79
N ILE C 920 14.72 -8.16 28.68
CA ILE C 920 14.38 -6.87 28.10
C ILE C 920 13.78 -5.93 29.14
N TYR C 921 12.92 -6.47 30.01
CA TYR C 921 12.34 -5.63 31.05
C TYR C 921 13.41 -5.15 32.03
N PHE C 922 14.41 -5.99 32.29
CA PHE C 922 15.49 -5.59 33.21
C PHE C 922 16.36 -4.50 32.60
N GLN C 923 16.61 -4.55 31.29
CA GLN C 923 17.47 -3.53 30.69
C GLN C 923 16.70 -2.26 30.35
N THR C 924 15.39 -2.35 30.11
CA THR C 924 14.60 -1.14 30.00
C THR C 924 14.59 -0.37 31.32
N GLY C 925 14.42 -1.08 32.43
CA GLY C 925 14.50 -0.44 33.73
C GLY C 925 15.86 0.15 34.02
N LEU C 926 16.92 -0.44 33.46
CA LEU C 926 18.26 0.15 33.60
C LEU C 926 18.37 1.47 32.86
N LEU C 927 17.62 1.63 31.76
CA LEU C 927 17.61 2.89 31.04
C LEU C 927 16.87 3.96 31.84
N LEU C 928 15.71 3.60 32.40
CA LEU C 928 15.00 4.52 33.28
C LEU C 928 15.87 4.93 34.47
N LEU C 929 16.82 4.08 34.86
CA LEU C 929 17.68 4.41 36.01
C LEU C 929 18.78 5.40 35.65
N ILE C 930 19.28 5.38 34.41
CA ILE C 930 20.18 6.44 33.96
C ILE C 930 19.56 7.80 34.24
N GLY C 931 18.32 7.99 33.78
CA GLY C 931 17.64 9.25 34.03
C GLY C 931 17.33 9.46 35.50
N LEU C 932 16.80 8.43 36.16
CA LEU C 932 16.36 8.59 37.54
C LEU C 932 17.54 8.86 38.48
N SER C 933 18.66 8.16 38.27
CA SER C 933 19.82 8.41 39.13
C SER C 933 20.45 9.76 38.86
N ALA C 934 20.42 10.22 37.60
CA ALA C 934 20.92 11.55 37.29
C ALA C 934 20.09 12.62 37.98
N LYS C 935 18.76 12.45 37.99
CA LYS C 935 17.89 13.34 38.74
C LYS C 935 18.38 13.52 40.17
N ASN C 936 18.72 12.42 40.82
CA ASN C 936 19.28 12.49 42.17
C ASN C 936 20.61 13.21 42.17
N ALA C 937 21.50 12.85 41.24
CA ALA C 937 22.81 13.46 41.21
C ALA C 937 22.74 14.94 40.82
N ILE C 938 21.87 15.28 39.87
CA ILE C 938 21.82 16.67 39.40
C ILE C 938 21.25 17.58 40.49
N LEU C 939 20.39 17.04 41.37
CA LEU C 939 19.84 17.88 42.42
C LEU C 939 20.92 18.32 43.41
N ILE C 940 21.96 17.51 43.61
CA ILE C 940 23.07 17.92 44.47
C ILE C 940 24.03 18.82 43.73
N VAL C 941 24.38 18.45 42.49
CA VAL C 941 25.42 19.18 41.76
C VAL C 941 25.00 20.62 41.50
N GLU C 942 23.77 20.81 40.99
CA GLU C 942 23.34 22.15 40.62
C GLU C 942 23.39 23.11 41.80
N PHE C 943 23.02 22.63 42.98
CA PHE C 943 23.05 23.49 44.15
C PHE C 943 24.49 23.71 44.65
N ALA C 944 25.31 22.66 44.63
CA ALA C 944 26.71 22.82 45.01
C ALA C 944 27.43 23.77 44.07
N MET C 945 27.00 23.84 42.81
CA MET C 945 27.61 24.75 41.84
C MET C 945 27.33 26.20 42.21
N GLU C 946 26.06 26.51 42.49
CA GLU C 946 25.69 27.89 42.78
C GLU C 946 26.31 28.37 44.09
N GLU C 947 26.43 27.48 45.08
CA GLU C 947 27.17 27.82 46.28
C GLU C 947 28.62 28.18 45.95
N ARG C 948 29.24 27.39 45.07
CA ARG C 948 30.68 27.51 44.83
C ARG C 948 31.02 28.71 43.95
N PHE C 949 30.19 28.99 42.94
CA PHE C 949 30.53 29.98 41.93
C PHE C 949 29.71 31.26 42.01
N LYS C 950 28.59 31.25 42.74
CA LYS C 950 27.75 32.44 42.87
C LYS C 950 27.82 33.06 44.27
N LYS C 951 28.29 32.31 45.26
CA LYS C 951 28.51 32.83 46.61
C LYS C 951 29.96 32.72 47.04
N GLY C 952 30.84 32.16 46.21
CA GLY C 952 32.23 32.02 46.55
C GLY C 952 32.54 31.02 47.65
N LYS C 953 31.54 30.26 48.09
CA LYS C 953 31.78 29.26 49.13
C LYS C 953 32.86 28.28 48.69
N GLY C 954 33.65 27.83 49.66
CA GLY C 954 34.66 26.82 49.38
C GLY C 954 34.04 25.50 48.96
N VAL C 955 34.82 24.74 48.18
CA VAL C 955 34.30 23.51 47.56
C VAL C 955 33.70 22.59 48.61
N PHE C 956 34.47 22.28 49.66
CA PHE C 956 33.96 21.44 50.74
C PHE C 956 32.68 22.03 51.30
N GLU C 957 32.73 23.30 51.72
CA GLU C 957 31.55 23.99 52.22
C GLU C 957 30.39 23.89 51.24
N ALA C 958 30.68 24.05 49.95
CA ALA C 958 29.63 24.04 48.94
C ALA C 958 29.00 22.66 48.80
N ALA C 959 29.82 21.62 48.74
CA ALA C 959 29.30 20.28 48.50
C ALA C 959 28.50 19.75 49.70
N VAL C 960 28.83 20.20 50.91
CA VAL C 960 28.03 19.82 52.07
C VAL C 960 26.74 20.62 52.12
N ALA C 961 26.82 21.91 51.80
CA ALA C 961 25.61 22.75 51.77
C ALA C 961 24.57 22.15 50.83
N ALA C 962 25.00 21.69 49.66
CA ALA C 962 24.10 21.05 48.72
C ALA C 962 23.45 19.81 49.34
N ALA C 963 24.28 18.89 49.83
CA ALA C 963 23.78 17.65 50.41
C ALA C 963 22.71 17.92 51.45
N LYS C 964 22.98 18.84 52.39
CA LYS C 964 22.02 19.15 53.44
C LYS C 964 20.70 19.66 52.87
N LEU C 965 20.78 20.72 52.06
CA LEU C 965 19.55 21.37 51.60
C LEU C 965 18.79 20.52 50.59
N ARG C 966 19.50 19.78 49.73
CA ARG C 966 18.87 19.04 48.66
C ARG C 966 18.57 17.59 49.01
N PHE C 967 19.01 17.11 50.18
CA PHE C 967 18.64 15.76 50.62
C PHE C 967 17.13 15.58 50.66
N ARG C 968 16.44 16.51 51.33
CA ARG C 968 15.00 16.36 51.55
C ARG C 968 14.20 16.17 50.26
N PRO C 969 14.41 16.92 49.17
CA PRO C 969 13.66 16.62 47.93
C PRO C 969 14.22 15.44 47.17
N ILE C 970 15.54 15.25 47.20
CA ILE C 970 16.14 14.06 46.60
C ILE C 970 15.48 12.80 47.15
N ILE C 971 15.18 12.79 48.45
CA ILE C 971 14.63 11.60 49.07
C ILE C 971 13.14 11.47 48.77
N MET C 972 12.39 12.56 48.87
CA MET C 972 10.94 12.43 48.76
C MET C 972 10.46 12.27 47.33
N THR C 973 11.30 12.50 46.33
CA THR C 973 10.96 12.15 44.96
C THR C 973 11.36 10.73 44.59
N SER C 974 12.24 10.11 45.38
CA SER C 974 12.66 8.73 45.15
C SER C 974 11.85 7.73 45.96
N LEU C 975 11.43 8.10 47.17
CA LEU C 975 10.43 7.30 47.87
C LEU C 975 9.09 7.34 47.16
N ALA C 976 8.77 8.46 46.51
CA ALA C 976 7.57 8.54 45.68
C ALA C 976 7.64 7.55 44.53
N PHE C 977 8.81 7.40 43.90
CA PHE C 977 8.96 6.44 42.82
C PHE C 977 9.01 5.02 43.34
N THR C 978 9.79 4.77 44.40
CA THR C 978 9.97 3.41 44.89
C THR C 978 8.67 2.83 45.43
N PHE C 979 8.00 3.56 46.31
CA PHE C 979 6.68 3.13 46.76
C PHE C 979 5.67 3.05 45.61
N GLY C 980 5.97 3.65 44.45
CA GLY C 980 5.11 3.57 43.29
C GLY C 980 5.28 2.31 42.48
N VAL C 981 6.53 1.83 42.39
CA VAL C 981 6.81 0.54 41.76
C VAL C 981 6.79 -0.60 42.76
N LEU C 982 6.49 -0.31 44.03
CA LEU C 982 6.33 -1.35 45.04
C LEU C 982 5.25 -2.37 44.68
N PRO C 983 4.06 -1.99 44.20
CA PRO C 983 3.07 -3.03 43.84
C PRO C 983 3.57 -3.97 42.77
N MET C 984 4.47 -3.51 41.89
CA MET C 984 4.95 -4.35 40.79
C MET C 984 5.73 -5.54 41.31
N ILE C 985 6.47 -5.36 42.39
CA ILE C 985 7.32 -6.45 42.89
C ILE C 985 6.58 -7.32 43.90
N PHE C 986 5.55 -6.81 44.55
CA PHE C 986 4.58 -7.62 45.28
C PHE C 986 3.39 -8.01 44.40
N ALA C 987 3.55 -7.90 43.09
CA ALA C 987 2.49 -8.30 42.16
C ALA C 987 2.10 -9.75 42.40
N THR C 988 0.83 -10.05 42.15
CA THR C 988 0.28 -11.36 42.46
C THR C 988 -0.99 -11.58 41.64
N GLY C 989 -0.91 -12.49 40.68
CA GLY C 989 -2.05 -12.81 39.85
C GLY C 989 -1.61 -13.00 38.41
N ALA C 990 -2.57 -12.90 37.51
CA ALA C 990 -2.32 -13.11 36.09
C ALA C 990 -1.27 -12.14 35.58
N GLY C 991 -0.21 -12.68 34.98
CA GLY C 991 0.82 -11.85 34.40
C GLY C 991 1.75 -11.20 35.40
N SER C 992 1.95 -11.82 36.57
CA SER C 992 2.85 -11.25 37.57
C SER C 992 4.33 -11.38 37.20
N ALA C 993 4.69 -12.37 36.38
CA ALA C 993 6.10 -12.54 36.00
C ALA C 993 6.67 -11.28 35.35
N SER C 994 5.89 -10.62 34.49
CA SER C 994 6.35 -9.40 33.83
C SER C 994 6.41 -8.22 34.77
N ARG C 995 5.39 -8.05 35.63
CA ARG C 995 5.42 -6.96 36.60
C ARG C 995 6.58 -7.14 37.58
N HIS C 996 6.87 -8.38 37.96
CA HIS C 996 8.04 -8.66 38.79
C HIS C 996 9.34 -8.32 38.06
N SER C 997 9.48 -8.83 36.83
CA SER C 997 10.73 -8.73 36.09
C SER C 997 11.21 -7.28 35.98
N LEU C 998 10.31 -6.37 35.63
CA LEU C 998 10.67 -4.97 35.45
C LEU C 998 10.66 -4.18 36.74
N GLY C 999 9.91 -4.62 37.77
CA GLY C 999 9.86 -3.90 39.02
C GLY C 999 11.00 -4.18 39.97
N THR C 1000 11.65 -5.34 39.82
CA THR C 1000 12.67 -5.77 40.78
C THR C 1000 13.93 -4.91 40.70
N GLY C 1001 14.68 -5.03 39.60
CA GLY C 1001 15.88 -4.22 39.45
C GLY C 1001 15.61 -2.73 39.56
N LEU C 1002 14.44 -2.30 39.11
CA LEU C 1002 14.03 -0.91 39.30
C LEU C 1002 14.08 -0.51 40.76
N ILE C 1003 13.50 -1.34 41.63
CA ILE C 1003 13.50 -1.04 43.07
C ILE C 1003 14.91 -1.04 43.61
N GLY C 1004 15.72 -2.04 43.25
CA GLY C 1004 17.08 -2.13 43.70
C GLY C 1004 17.89 -0.91 43.30
N GLY C 1005 17.97 -0.65 41.99
CA GLY C 1005 18.74 0.48 41.51
C GLY C 1005 18.28 1.81 42.07
N MET C 1006 16.97 1.95 42.31
CA MET C 1006 16.48 3.18 42.90
C MET C 1006 16.92 3.30 44.36
N ILE C 1007 16.79 2.21 45.13
CA ILE C 1007 17.26 2.20 46.51
C ILE C 1007 18.72 2.63 46.57
N ALA C 1008 19.54 2.10 45.66
CA ALA C 1008 20.97 2.38 45.67
C ALA C 1008 21.30 3.75 45.07
N ALA C 1009 20.46 4.26 44.18
CA ALA C 1009 20.64 5.63 43.69
C ALA C 1009 20.11 6.67 44.67
N SER C 1010 19.44 6.24 45.73
CA SER C 1010 18.89 7.12 46.75
C SER C 1010 19.61 7.02 48.08
N THR C 1011 20.62 6.16 48.19
CA THR C 1011 21.38 6.03 49.42
C THR C 1011 22.88 6.06 49.13
N LEU C 1012 23.41 5.00 48.50
CA LEU C 1012 24.84 4.93 48.23
C LEU C 1012 25.30 6.12 47.39
N ALA C 1013 24.61 6.38 46.28
CA ALA C 1013 25.09 7.36 45.32
C ALA C 1013 25.10 8.76 45.89
N ILE C 1014 24.07 9.14 46.67
CA ILE C 1014 23.99 10.51 47.14
C ILE C 1014 25.04 10.83 48.19
N PHE C 1015 25.68 9.81 48.78
CA PHE C 1015 26.88 10.06 49.56
C PHE C 1015 28.08 10.36 48.66
N PHE C 1016 28.08 9.85 47.43
CA PHE C 1016 29.23 9.91 46.53
C PHE C 1016 29.18 11.09 45.56
N VAL C 1017 27.99 11.49 45.12
CA VAL C 1017 27.89 12.67 44.26
C VAL C 1017 28.62 13.87 44.84
N PRO C 1018 28.52 14.18 46.14
CA PRO C 1018 29.38 15.26 46.68
C PRO C 1018 30.85 14.96 46.58
N LEU C 1019 31.26 13.72 46.85
CA LEU C 1019 32.67 13.33 46.73
C LEU C 1019 33.21 13.71 45.35
N PHE C 1020 32.51 13.31 44.30
CA PHE C 1020 33.02 13.53 42.95
C PHE C 1020 32.95 14.99 42.55
N PHE C 1021 31.95 15.73 43.05
CA PHE C 1021 31.94 17.18 42.88
C PHE C 1021 33.21 17.79 43.46
N TYR C 1022 33.52 17.46 44.72
CA TYR C 1022 34.76 17.85 45.35
C TYR C 1022 35.97 17.52 44.47
N LEU C 1023 36.12 16.24 44.12
CA LEU C 1023 37.30 15.79 43.40
C LEU C 1023 37.42 16.48 42.05
N LEU C 1024 36.31 16.63 41.34
CA LEU C 1024 36.34 17.18 39.99
C LEU C 1024 36.60 18.67 40.01
N GLU C 1025 36.01 19.38 40.98
CA GLU C 1025 36.19 20.82 41.06
C GLU C 1025 37.55 21.18 41.66
N ASN C 1026 38.01 20.41 42.65
CA ASN C 1026 39.36 20.63 43.17
C ASN C 1026 40.40 20.42 42.10
N PHE C 1027 40.24 19.36 41.30
CA PHE C 1027 41.12 19.12 40.16
C PHE C 1027 40.98 20.20 39.09
N ASN C 1028 39.83 20.89 39.04
CA ASN C 1028 39.59 21.89 38.02
C ASN C 1028 40.34 23.19 38.32
N GLU C 1029 40.45 23.55 39.60
CA GLU C 1029 41.20 24.75 39.96
C GLU C 1029 42.69 24.54 39.72
N TRP C 1030 43.21 23.38 40.15
CA TRP C 1030 44.55 22.92 39.77
C TRP C 1030 44.77 23.09 38.27
N LEU C 1031 43.91 22.47 37.46
CA LEU C 1031 44.02 22.56 36.01
C LEU C 1031 43.89 23.99 35.51
N ASP C 1032 43.27 24.87 36.30
CA ASP C 1032 43.16 26.28 35.93
C ASP C 1032 44.39 27.07 36.35
N LYS C 1033 44.97 26.73 37.49
CA LYS C 1033 46.14 27.42 38.04
C LYS C 1033 47.42 26.68 37.67
N LYS C 1034 47.55 26.38 36.38
CA LYS C 1034 48.74 25.79 35.81
C LYS C 1034 48.80 26.17 34.33
N ARG C 1035 47.65 26.56 33.78
CA ARG C 1035 47.53 26.96 32.38
C ARG C 1035 47.85 28.44 32.22
#